data_8WRM
#
_entry.id   8WRM
#
_cell.length_a   1.00
_cell.length_b   1.00
_cell.length_c   1.00
_cell.angle_alpha   90.00
_cell.angle_beta   90.00
_cell.angle_gamma   90.00
#
_symmetry.space_group_name_H-M   'P 1'
#
loop_
_entity.id
_entity.type
_entity.pdbx_description
1 polymer 'Spike glycoprotein'
2 polymer 'Processed angiotensin-converting enzyme 2'
#
loop_
_entity_poly.entity_id
_entity_poly.type
_entity_poly.pdbx_seq_one_letter_code
_entity_poly.pdbx_strand_id
1 'polypeptide(L)'
;MFVFLVLLPLVSSQCVNLITRTQLPQSYTNSFTRGVYYPDKVFRSSVLHSTQDLFLPFFSNVTWFHAIHVSGTNGTKRFD
NPALPFNDGVYFASTEKSNIIRGWIFGTTLDSKTQSLLIVNNATNVVIKVCEFQFCNDPFLDVYYQKNNKSWMESEFRVY
SSANNCTFEYVSQPFLMDLEGKEGNFKNLREFVFKNIDGYFKIYSKHTPINLERDLPQGFSALEPLVDLPIGINITRFQT
LLALHRSYLTPVDSSSGWTAGAAAYYVGYLQPRTFLLKYNENGTITDAVDCALDPLSETKCTLKSFTVEKGIYQTSNFRV
QPTESIVRFPNITNLCPFHEVFNATTFASVYAWNRKRISNCVADYSVIYNFAPFFAFKCYGVSPTKLNDLCFTNVYADSF
VIRGNEVSQIAPGQTGNIADYNYKLPDDFTGCVIAWNSNKLDSKPSGNYNYLYRLFRKSKLKPFERDISTEIYQAGNKPC
NGVAGPNCYSPLQSYGFRPTYGVGHQPYRVVVLSFELLHAPATVCGPKKSTNLVKNKCVNFNFNGLTGTGVLTESNKKFL
PFQQFGRDIADTTDAVRDPQTLEILDITPCSFGGVSVITPGTNTSNQVAVLYQGVNCTEVPVAIHADQLTPTWRVYSTGS
NVFQTRAGCLIGAEYVNNSYECDIPIGAGICASYQTQTNSPRRARSVASQSIIAYTMSLGAENSVAYSNNSIAIPTNFTI
SVTTEILPVSMTKTSVDCTMYICGDSTECSNLLLQYGSFCTQLKRALTGIAVEQDKNTQEVFAQVKQIYKTPPIKYFGGF
NFSQILPDPSKPSKRSPIEDLLFNKVTLADAGFIKQYGDCLGDIAARDLICAQKFNGLTVLPPLLTDEMIAQYTSALLAG
TITSGWTFGAGPALQIPFPMQMAYRFNGIGVTQNVLYENQKLIANQFNSAIGKIQDSLSSTPSALGKLQDVVNHNAQALN
TLVKQLSSKFGAISSVLNDILSRLDPPEAEVQIDRLITGRLQSLQTYVTQQLIRAAEIRASANLAATKMSECVLGQSKRV
DFCGKGYHLMSFPQSAPHGVVFLHVTYVPAQEKNFTTAPAICHDGKAHFPREGVFVSNGTHWFVTQRNFYEPQIITTDNT
FVSGNCDVVIGIVNNTVYDPGGSGGSYIPEAPRDGQAYVRKDGEWVLLSTFLGRSLEVLFQGPGWSHPQFEKGGGSGGGS
GGSSAWSHPQFEKHHHHHHHH
;
F,G,C
2 'polypeptide(L)'
;STIEEQAKTFLDKFNHEAEDLFYQSSLASWNYNTNITEENVQNMNNAGDKWSAFLKEQSTLAQMYPLQEIQNLTVKLQLQ
ALQQNGSSVLSEDKSKRLNTILNTMSTIYSTGKVCNPDNPQECLLLEPGLNEIMANSLDYNERLWAWESWRSEVGKQLRP
LYEEYVVLKNEMARANHYEDYGDYWRGDYEVNGVDGYDYSRGQLIEDVEHTFEEIKPLYEHLHAYVRAKLMNAYPSYISP
IGCLPAHLLGDMWGRFWTNLYSLTVPFGQKPNIDVTDAMVDQAWDAQRIFKEAEKFFVSVGLPNMTQGFWENSMLTDPGN
VQKAVCHPTAWDLGKGDFRILMCTKVTMDDFLTAHHEMGHIQYDMAYAAQPFLLRNGANEGFHEAVGEIMSLSAATPKHL
KSIGLLSPDFQEDNETEINFLLKQALTIVGTLPFTYMLEKWRWMVFKGEIPKDQWMKKWWEMKREIVGVVEPVPHDETYC
DPASLFHVSNDYSFIRYYTRTLYQFQFQEALCQAAKHEGPLHKCDISNSTEAGQKLFNMLRLGKSEPWTLALENVVGAKN
MNVRPLLNYFEPLFTWLKDQNKNSFVGWSTDWSP
;
D
#
# COMPACT_ATOMS: atom_id res chain seq x y z
N GLN A 14 -46.70 -57.47 -13.82
CA GLN A 14 -45.91 -58.69 -13.97
C GLN A 14 -44.45 -58.36 -14.24
N CYS A 15 -43.64 -59.40 -14.43
CA CYS A 15 -42.22 -59.23 -14.73
C CYS A 15 -41.74 -60.49 -15.42
N VAL A 16 -41.38 -60.39 -16.70
CA VAL A 16 -40.93 -61.52 -17.50
C VAL A 16 -39.41 -61.44 -17.61
N ASN A 17 -38.74 -62.50 -17.16
CA ASN A 17 -37.28 -62.58 -17.19
C ASN A 17 -36.83 -63.71 -18.10
N LEU A 18 -35.71 -63.51 -18.78
CA LEU A 18 -35.18 -64.46 -19.73
C LEU A 18 -33.99 -65.19 -19.09
N ILE A 19 -34.10 -66.51 -18.95
CA ILE A 19 -33.04 -67.29 -18.34
C ILE A 19 -31.97 -67.68 -19.37
N THR A 20 -32.28 -67.64 -20.65
CA THR A 20 -31.33 -68.02 -21.70
C THR A 20 -30.52 -66.80 -22.13
N ARG A 21 -29.64 -66.37 -21.23
CA ARG A 21 -28.75 -65.25 -21.49
C ARG A 21 -27.40 -65.76 -21.96
N THR A 22 -26.91 -65.19 -23.06
CA THR A 22 -25.63 -65.59 -23.62
C THR A 22 -24.77 -64.38 -23.96
N GLN A 26 -17.52 -55.99 -28.35
CA GLN A 26 -18.81 -56.18 -29.00
C GLN A 26 -18.86 -55.41 -30.32
N SER A 27 -18.28 -56.04 -31.36
CA SER A 27 -18.32 -55.59 -32.76
C SER A 27 -18.01 -54.11 -32.93
N TYR A 28 -16.80 -53.74 -32.53
CA TYR A 28 -16.40 -52.34 -32.51
C TYR A 28 -16.20 -51.81 -33.92
N THR A 29 -16.40 -50.50 -34.09
CA THR A 29 -16.15 -49.83 -35.36
C THR A 29 -15.70 -48.39 -35.06
N ASN A 30 -15.72 -47.55 -36.09
CA ASN A 30 -15.19 -46.20 -35.99
C ASN A 30 -16.23 -45.17 -36.47
N SER A 31 -16.16 -43.99 -35.88
CA SER A 31 -16.99 -42.85 -36.27
C SER A 31 -16.07 -41.70 -36.66
N PHE A 32 -16.38 -41.04 -37.76
CA PHE A 32 -15.42 -40.07 -38.32
C PHE A 32 -15.52 -38.70 -37.64
N THR A 33 -16.62 -37.99 -37.85
CA THR A 33 -16.78 -36.61 -37.38
C THR A 33 -18.18 -36.38 -36.81
N ARG A 34 -18.67 -37.32 -36.03
CA ARG A 34 -20.02 -37.21 -35.49
C ARG A 34 -20.01 -36.60 -34.09
N GLY A 35 -21.17 -36.07 -33.70
CA GLY A 35 -21.37 -35.57 -32.35
C GLY A 35 -20.80 -34.19 -32.07
N VAL A 36 -21.31 -33.17 -32.75
CA VAL A 36 -20.95 -31.78 -32.51
C VAL A 36 -22.23 -30.97 -32.37
N TYR A 37 -22.41 -30.32 -31.22
CA TYR A 37 -23.58 -29.49 -30.97
C TYR A 37 -23.16 -28.06 -30.68
N TYR A 38 -24.16 -27.19 -30.63
CA TYR A 38 -23.93 -25.79 -30.29
C TYR A 38 -23.67 -25.67 -28.80
N PRO A 39 -22.51 -25.15 -28.38
CA PRO A 39 -22.17 -25.16 -26.95
C PRO A 39 -22.83 -24.06 -26.14
N ASP A 40 -23.65 -23.21 -26.76
CA ASP A 40 -24.24 -22.08 -26.07
C ASP A 40 -25.50 -21.65 -26.82
N LYS A 41 -26.11 -20.56 -26.34
CA LYS A 41 -27.36 -20.08 -26.91
C LYS A 41 -27.18 -18.67 -27.48
N VAL A 42 -26.09 -18.44 -28.19
CA VAL A 42 -25.84 -17.17 -28.87
C VAL A 42 -25.72 -17.43 -30.36
N PHE A 43 -25.86 -16.35 -31.13
CA PHE A 43 -25.77 -16.40 -32.58
C PHE A 43 -24.53 -15.67 -33.03
N ARG A 44 -23.69 -16.36 -33.79
CA ARG A 44 -22.48 -15.79 -34.35
C ARG A 44 -22.50 -15.99 -35.87
N SER A 45 -21.93 -15.01 -36.59
CA SER A 45 -22.02 -14.97 -38.04
C SER A 45 -20.62 -14.99 -38.63
N SER A 46 -20.22 -16.15 -39.18
CA SER A 46 -18.98 -16.32 -39.94
C SER A 46 -17.74 -15.96 -39.14
N VAL A 47 -17.73 -16.35 -37.87
CA VAL A 47 -16.58 -16.16 -37.00
C VAL A 47 -16.08 -17.53 -36.53
N LEU A 48 -14.91 -17.53 -35.91
CA LEU A 48 -14.31 -18.74 -35.35
C LEU A 48 -14.15 -18.56 -33.85
N HIS A 49 -14.64 -19.53 -33.09
CA HIS A 49 -14.64 -19.46 -31.64
C HIS A 49 -14.18 -20.79 -31.06
N SER A 50 -13.36 -20.73 -30.02
CA SER A 50 -12.83 -21.91 -29.36
C SER A 50 -13.61 -22.18 -28.08
N THR A 51 -13.82 -23.46 -27.77
CA THR A 51 -14.61 -23.86 -26.62
C THR A 51 -14.04 -25.13 -25.99
N GLN A 52 -13.85 -25.08 -24.67
CA GLN A 52 -13.58 -26.24 -23.85
C GLN A 52 -14.91 -26.89 -23.50
N ASP A 53 -15.12 -28.12 -23.97
CA ASP A 53 -16.39 -28.79 -23.75
C ASP A 53 -16.19 -30.30 -23.75
N LEU A 54 -17.18 -30.99 -23.20
CA LEU A 54 -17.25 -32.44 -23.17
C LEU A 54 -17.86 -32.91 -24.49
N PHE A 55 -16.99 -33.30 -25.43
CA PHE A 55 -17.44 -33.72 -26.76
C PHE A 55 -17.01 -35.16 -27.03
N LEU A 56 -17.42 -35.65 -28.19
CA LEU A 56 -16.87 -36.91 -28.69
C LEU A 56 -15.48 -36.68 -29.24
N PRO A 57 -14.47 -37.43 -28.79
CA PRO A 57 -13.17 -37.39 -29.46
C PRO A 57 -13.27 -37.91 -30.88
N PHE A 58 -12.49 -37.31 -31.77
CA PHE A 58 -12.52 -37.68 -33.18
C PHE A 58 -11.88 -39.04 -33.40
N PHE A 59 -12.49 -39.82 -34.31
CA PHE A 59 -12.05 -41.16 -34.68
C PHE A 59 -11.94 -42.08 -33.47
N SER A 60 -12.99 -42.04 -32.64
CA SER A 60 -13.04 -42.85 -31.43
C SER A 60 -13.57 -44.23 -31.73
N ASN A 61 -13.18 -45.19 -30.91
CA ASN A 61 -13.60 -46.58 -31.08
C ASN A 61 -15.02 -46.71 -30.54
N VAL A 62 -15.99 -46.74 -31.45
CA VAL A 62 -17.41 -46.72 -31.08
C VAL A 62 -17.93 -48.16 -31.06
N THR A 63 -18.87 -48.42 -30.16
CA THR A 63 -19.42 -49.76 -29.96
C THR A 63 -20.72 -49.92 -30.74
N TRP A 64 -20.70 -50.79 -31.75
CA TRP A 64 -21.90 -51.20 -32.46
C TRP A 64 -22.35 -52.55 -31.92
N PHE A 65 -23.61 -52.65 -31.51
CA PHE A 65 -24.10 -53.89 -30.94
C PHE A 65 -24.47 -54.87 -32.07
N HIS A 66 -25.10 -55.98 -31.69
CA HIS A 66 -25.40 -57.07 -32.60
C HIS A 66 -26.38 -56.62 -33.68
N ALA A 67 -26.15 -57.02 -34.93
CA ALA A 67 -26.67 -56.30 -36.10
C ALA A 67 -27.94 -56.91 -36.68
N ILE A 68 -28.82 -57.45 -35.83
CA ILE A 68 -30.14 -57.91 -36.28
C ILE A 68 -31.19 -57.30 -35.35
N HIS A 69 -32.24 -56.73 -35.94
CA HIS A 69 -33.37 -56.13 -35.24
C HIS A 69 -32.94 -54.98 -34.32
N LYS A 77 -36.90 -64.16 -31.83
CA LYS A 77 -35.84 -63.26 -32.27
C LYS A 77 -34.79 -62.99 -31.15
N ARG A 78 -34.55 -61.75 -30.74
CA ARG A 78 -33.42 -61.41 -29.90
C ARG A 78 -33.78 -60.35 -28.86
N PHE A 79 -33.31 -60.55 -27.63
CA PHE A 79 -33.64 -59.68 -26.51
C PHE A 79 -32.54 -59.80 -25.46
N ASP A 80 -31.79 -58.72 -25.26
CA ASP A 80 -30.63 -58.70 -24.38
C ASP A 80 -30.90 -57.86 -23.15
N ASN A 81 -30.14 -58.13 -22.08
CA ASN A 81 -30.10 -57.29 -20.89
C ASN A 81 -28.64 -57.03 -20.49
N PRO A 82 -27.92 -56.17 -21.24
CA PRO A 82 -26.53 -55.89 -20.88
C PRO A 82 -26.43 -54.87 -19.76
N ALA A 83 -25.20 -54.46 -19.42
CA ALA A 83 -24.94 -53.47 -18.37
C ALA A 83 -24.08 -52.37 -18.98
N LEU A 84 -24.72 -51.31 -19.45
CA LEU A 84 -23.99 -50.20 -20.06
C LEU A 84 -23.70 -49.13 -19.02
N PRO A 85 -22.43 -48.85 -18.70
CA PRO A 85 -22.13 -47.81 -17.72
C PRO A 85 -22.12 -46.43 -18.37
N PHE A 86 -22.51 -45.43 -17.57
CA PHE A 86 -22.53 -44.04 -18.01
C PHE A 86 -21.37 -43.29 -17.36
N ASN A 87 -20.64 -42.53 -18.17
CA ASN A 87 -19.53 -41.73 -17.65
C ASN A 87 -19.29 -40.50 -18.53
N ASP A 88 -19.63 -39.32 -17.98
CA ASP A 88 -19.31 -38.01 -18.55
C ASP A 88 -19.91 -37.84 -19.96
N GLY A 89 -21.24 -37.87 -20.02
CA GLY A 89 -21.95 -37.62 -21.26
C GLY A 89 -21.99 -38.84 -22.18
N VAL A 90 -23.13 -39.04 -22.85
CA VAL A 90 -23.29 -40.20 -23.71
C VAL A 90 -23.87 -39.78 -25.05
N TYR A 91 -23.40 -40.44 -26.11
CA TYR A 91 -23.84 -40.23 -27.48
C TYR A 91 -24.50 -41.50 -27.98
N PHE A 92 -25.74 -41.38 -28.48
CA PHE A 92 -26.51 -42.51 -28.97
C PHE A 92 -26.89 -42.28 -30.42
N ALA A 93 -26.79 -43.34 -31.22
CA ALA A 93 -27.14 -43.24 -32.63
C ALA A 93 -27.58 -44.60 -33.15
N SER A 94 -28.82 -44.68 -33.63
CA SER A 94 -29.36 -45.92 -34.18
C SER A 94 -30.55 -45.58 -35.06
N THR A 95 -30.45 -45.91 -36.35
CA THR A 95 -31.60 -45.81 -37.22
C THR A 95 -32.46 -47.07 -37.13
N GLU A 96 -33.78 -46.88 -37.12
CA GLU A 96 -34.71 -48.00 -36.98
C GLU A 96 -36.09 -47.57 -37.46
N LYS A 97 -36.63 -48.30 -38.42
CA LYS A 97 -37.99 -48.05 -38.86
C LYS A 97 -38.99 -48.62 -37.85
N SER A 98 -40.23 -48.16 -37.96
CA SER A 98 -41.42 -48.57 -37.21
C SER A 98 -41.36 -48.24 -35.72
N ASN A 99 -40.26 -47.62 -35.24
CA ASN A 99 -40.15 -47.09 -33.88
C ASN A 99 -40.40 -48.15 -32.80
N ILE A 100 -39.86 -49.35 -33.01
CA ILE A 100 -39.92 -50.37 -31.98
C ILE A 100 -39.07 -49.95 -30.79
N ILE A 101 -37.96 -49.26 -31.05
CA ILE A 101 -37.14 -48.72 -29.97
C ILE A 101 -37.83 -47.49 -29.38
N ARG A 102 -38.18 -47.58 -28.10
CA ARG A 102 -38.94 -46.50 -27.46
C ARG A 102 -38.44 -46.09 -26.08
N GLY A 103 -37.77 -46.96 -25.33
CA GLY A 103 -37.55 -46.75 -23.91
C GLY A 103 -36.11 -46.41 -23.57
N TRP A 104 -35.95 -45.60 -22.52
CA TRP A 104 -34.65 -45.24 -21.97
C TRP A 104 -34.75 -45.31 -20.46
N ILE A 105 -33.80 -45.99 -19.82
CA ILE A 105 -33.77 -46.08 -18.36
C ILE A 105 -32.37 -45.69 -17.88
N PHE A 106 -32.34 -44.83 -16.86
CA PHE A 106 -31.11 -44.29 -16.30
C PHE A 106 -31.18 -44.41 -14.79
N GLY A 107 -30.04 -44.63 -14.15
CA GLY A 107 -30.01 -44.66 -12.70
C GLY A 107 -28.67 -45.13 -12.19
N THR A 108 -28.67 -45.53 -10.92
CA THR A 108 -27.48 -46.08 -10.28
C THR A 108 -27.69 -47.51 -9.81
N THR A 109 -28.77 -47.77 -9.04
CA THR A 109 -29.05 -49.09 -8.53
C THR A 109 -30.23 -49.78 -9.21
N LEU A 110 -31.26 -49.02 -9.61
CA LEU A 110 -32.45 -49.51 -10.31
C LEU A 110 -33.18 -50.61 -9.51
N ASP A 111 -33.23 -50.47 -8.20
CA ASP A 111 -33.98 -51.40 -7.35
C ASP A 111 -34.75 -50.64 -6.27
N SER A 112 -35.28 -49.46 -6.63
CA SER A 112 -36.22 -48.66 -5.85
C SER A 112 -35.65 -48.17 -4.52
N LYS A 113 -34.33 -48.01 -4.41
CA LYS A 113 -33.79 -47.42 -3.19
C LYS A 113 -33.31 -45.99 -3.43
N THR A 114 -32.96 -45.66 -4.66
CA THR A 114 -32.45 -44.33 -5.01
C THR A 114 -33.24 -43.81 -6.20
N GLN A 115 -32.89 -42.60 -6.64
CA GLN A 115 -33.60 -41.94 -7.71
C GLN A 115 -33.24 -42.57 -9.06
N SER A 116 -34.21 -42.57 -9.97
CA SER A 116 -34.04 -43.18 -11.29
C SER A 116 -34.88 -42.41 -12.29
N LEU A 117 -34.54 -42.56 -13.57
CA LEU A 117 -35.19 -41.82 -14.64
C LEU A 117 -35.67 -42.76 -15.74
N LEU A 118 -36.90 -42.52 -16.20
CA LEU A 118 -37.55 -43.34 -17.22
C LEU A 118 -38.12 -42.43 -18.31
N ILE A 119 -37.70 -42.68 -19.55
CA ILE A 119 -38.10 -41.91 -20.72
C ILE A 119 -38.76 -42.85 -21.71
N VAL A 120 -39.93 -42.46 -22.20
CA VAL A 120 -40.67 -43.24 -23.21
C VAL A 120 -40.99 -42.32 -24.37
N ASN A 121 -40.72 -42.78 -25.60
CA ASN A 121 -40.97 -41.98 -26.78
C ASN A 121 -41.96 -42.63 -27.71
N ASN A 122 -43.08 -43.10 -27.16
CA ASN A 122 -44.11 -43.75 -27.96
C ASN A 122 -44.80 -42.75 -28.89
N ALA A 123 -45.60 -43.28 -29.82
CA ALA A 123 -46.17 -42.45 -30.86
C ALA A 123 -47.23 -41.48 -30.34
N THR A 124 -47.96 -41.87 -29.30
CA THR A 124 -49.03 -41.01 -28.79
C THR A 124 -48.47 -39.80 -28.08
N ASN A 125 -47.45 -39.99 -27.24
CA ASN A 125 -46.91 -38.91 -26.43
C ASN A 125 -45.52 -39.29 -25.97
N VAL A 126 -44.83 -38.31 -25.38
CA VAL A 126 -43.53 -38.54 -24.76
C VAL A 126 -43.70 -38.51 -23.24
N VAL A 127 -43.13 -39.51 -22.58
CA VAL A 127 -43.34 -39.74 -21.15
C VAL A 127 -41.99 -39.59 -20.43
N ILE A 128 -41.99 -38.81 -19.37
CA ILE A 128 -40.81 -38.63 -18.51
C ILE A 128 -41.25 -38.80 -17.07
N LYS A 129 -40.78 -39.84 -16.40
CA LYS A 129 -40.90 -39.96 -14.95
C LYS A 129 -39.53 -40.08 -14.31
N VAL A 130 -39.22 -39.20 -13.39
CA VAL A 130 -38.11 -39.38 -12.48
C VAL A 130 -38.70 -39.88 -11.16
N CYS A 131 -38.44 -41.14 -10.86
CA CYS A 131 -39.14 -41.81 -9.77
C CYS A 131 -38.22 -42.83 -9.10
N GLU A 132 -38.80 -43.61 -8.18
CA GLU A 132 -38.10 -44.62 -7.40
C GLU A 132 -38.72 -45.99 -7.68
N PHE A 133 -38.90 -46.30 -8.96
CA PHE A 133 -39.60 -47.51 -9.38
C PHE A 133 -38.77 -48.76 -9.07
N GLN A 134 -39.48 -49.86 -8.83
CA GLN A 134 -38.86 -51.16 -8.56
C GLN A 134 -38.67 -51.88 -9.89
N PHE A 135 -37.48 -51.71 -10.47
CA PHE A 135 -37.21 -52.15 -11.83
C PHE A 135 -36.86 -53.63 -11.87
N CYS A 136 -37.10 -54.25 -13.02
CA CYS A 136 -36.75 -55.64 -13.25
C CYS A 136 -35.37 -55.74 -13.90
N ASN A 137 -34.83 -56.96 -13.94
CA ASN A 137 -33.55 -57.21 -14.58
C ASN A 137 -33.61 -56.99 -16.08
N ASP A 138 -34.66 -57.45 -16.73
CA ASP A 138 -34.87 -57.22 -18.16
C ASP A 138 -36.33 -56.83 -18.43
N PRO A 139 -36.67 -55.54 -18.27
CA PRO A 139 -38.04 -55.11 -18.54
C PRO A 139 -38.36 -55.18 -20.03
N PHE A 140 -39.66 -55.21 -20.32
CA PHE A 140 -40.12 -55.20 -21.72
C PHE A 140 -41.58 -54.73 -21.74
N LEU A 141 -41.80 -53.55 -22.32
CA LEU A 141 -43.16 -53.12 -22.61
C LEU A 141 -43.63 -53.75 -23.91
N ASP A 142 -44.89 -54.16 -23.93
CA ASP A 142 -45.52 -54.69 -25.14
C ASP A 142 -46.63 -53.76 -25.61
N VAL A 143 -46.67 -53.52 -26.92
CA VAL A 143 -47.63 -52.60 -27.52
C VAL A 143 -48.91 -53.34 -27.89
N TYR A 145 -52.23 -54.10 -28.85
CA TYR A 145 -52.02 -55.53 -28.62
C TYR A 145 -53.27 -56.31 -29.02
N GLN A 146 -53.50 -56.43 -30.32
CA GLN A 146 -54.65 -57.16 -30.83
C GLN A 146 -54.25 -57.83 -32.15
N LYS A 147 -54.52 -59.14 -32.24
CA LYS A 147 -54.27 -59.90 -33.45
C LYS A 147 -55.21 -59.52 -34.59
N ASN A 148 -56.45 -59.18 -34.30
CA ASN A 148 -57.39 -58.72 -35.31
C ASN A 148 -57.79 -57.29 -34.95
N ASN A 149 -58.79 -56.77 -35.67
CA ASN A 149 -59.42 -55.46 -35.45
C ASN A 149 -58.47 -54.28 -35.70
N LYS A 150 -57.27 -54.57 -36.20
CA LYS A 150 -56.29 -53.63 -36.79
C LYS A 150 -55.90 -52.46 -35.88
N SER A 151 -56.18 -52.54 -34.58
CA SER A 151 -55.89 -51.46 -33.65
C SER A 151 -55.22 -52.01 -32.39
N TRP A 152 -54.23 -51.27 -31.88
CA TRP A 152 -53.53 -51.63 -30.66
C TRP A 152 -54.02 -50.78 -29.50
N MET A 153 -54.22 -51.42 -28.34
CA MET A 153 -54.79 -50.70 -27.20
C MET A 153 -53.91 -50.74 -25.95
N GLU A 154 -52.65 -51.19 -26.07
CA GLU A 154 -51.67 -51.22 -24.98
C GLU A 154 -52.19 -52.06 -23.80
N SER A 155 -52.30 -53.36 -24.06
CA SER A 155 -52.92 -54.28 -23.10
C SER A 155 -52.10 -54.41 -21.82
N GLU A 156 -50.83 -54.76 -21.94
CA GLU A 156 -50.00 -55.12 -20.79
C GLU A 156 -48.91 -54.07 -20.58
N PHE A 157 -48.38 -54.03 -19.36
CA PHE A 157 -47.37 -53.05 -18.94
C PHE A 157 -46.55 -53.68 -17.83
N ARG A 158 -45.37 -54.21 -18.19
CA ARG A 158 -44.49 -54.89 -17.23
C ARG A 158 -43.06 -54.33 -17.34
N VAL A 159 -42.80 -53.21 -16.65
CA VAL A 159 -41.46 -52.69 -16.48
C VAL A 159 -41.08 -52.49 -15.01
N TYR A 160 -41.98 -51.95 -14.19
CA TYR A 160 -41.70 -51.84 -12.76
C TYR A 160 -42.74 -52.52 -11.88
N SER A 161 -44.03 -52.37 -12.22
CA SER A 161 -45.17 -53.01 -11.56
C SER A 161 -45.37 -52.66 -10.08
N SER A 162 -44.53 -51.80 -9.51
CA SER A 162 -44.61 -51.46 -8.08
C SER A 162 -43.75 -50.23 -7.81
N ALA A 163 -43.74 -49.81 -6.54
CA ALA A 163 -42.90 -48.75 -5.99
C ALA A 163 -43.13 -47.42 -6.70
N ASN A 164 -44.35 -46.91 -6.55
CA ASN A 164 -44.77 -45.70 -7.25
C ASN A 164 -44.68 -44.46 -6.37
N ASN A 165 -43.67 -44.42 -5.50
CA ASN A 165 -43.53 -43.31 -4.54
C ASN A 165 -42.71 -42.19 -5.18
N CYS A 166 -43.38 -41.36 -5.98
CA CYS A 166 -42.72 -40.24 -6.62
C CYS A 166 -43.77 -39.19 -6.97
N THR A 167 -43.29 -37.97 -7.23
CA THR A 167 -44.14 -36.83 -7.59
C THR A 167 -43.46 -36.06 -8.73
N PHE A 168 -43.75 -36.46 -9.97
CA PHE A 168 -43.26 -35.74 -11.14
C PHE A 168 -44.13 -36.10 -12.35
N GLU A 169 -44.23 -35.14 -13.27
CA GLU A 169 -44.97 -35.32 -14.51
C GLU A 169 -44.41 -34.38 -15.55
N TYR A 170 -44.16 -34.90 -16.75
CA TYR A 170 -43.63 -34.09 -17.85
C TYR A 170 -44.24 -34.57 -19.16
N VAL A 171 -44.84 -33.63 -19.89
CA VAL A 171 -45.51 -33.92 -21.16
C VAL A 171 -45.11 -32.86 -22.17
N SER A 172 -44.68 -33.29 -23.35
CA SER A 172 -44.29 -32.38 -24.43
C SER A 172 -44.60 -33.07 -25.76
N GLN A 173 -43.99 -32.56 -26.83
CA GLN A 173 -44.08 -33.24 -28.13
C GLN A 173 -43.06 -34.37 -28.20
N PRO A 174 -43.44 -35.52 -28.76
CA PRO A 174 -42.48 -36.63 -28.90
C PRO A 174 -41.31 -36.26 -29.81
N PHE A 175 -40.12 -36.74 -29.45
CA PHE A 175 -38.91 -36.40 -30.18
C PHE A 175 -38.90 -37.06 -31.55
N LEU A 176 -39.35 -38.30 -31.62
CA LEU A 176 -39.15 -39.13 -32.79
C LEU A 176 -40.14 -38.79 -33.91
N MET A 177 -39.78 -39.19 -35.12
CA MET A 177 -40.65 -39.07 -36.27
C MET A 177 -41.63 -40.24 -36.30
N ASP A 178 -42.55 -40.23 -37.28
CA ASP A 178 -43.62 -41.21 -37.30
C ASP A 178 -43.09 -42.60 -37.69
N LEU A 179 -43.95 -43.60 -37.54
CA LEU A 179 -43.50 -44.98 -37.67
C LEU A 179 -44.21 -45.74 -38.79
N GLU A 180 -43.91 -47.04 -38.87
CA GLU A 180 -44.40 -47.94 -39.92
C GLU A 180 -44.03 -47.45 -41.32
N GLY A 181 -42.74 -47.17 -41.51
CA GLY A 181 -42.19 -46.88 -42.82
C GLY A 181 -41.38 -48.04 -43.33
N LYS A 182 -41.88 -48.72 -44.37
CA LYS A 182 -41.31 -49.98 -44.83
C LYS A 182 -40.63 -49.86 -46.19
N GLU A 183 -39.89 -48.79 -46.40
CA GLU A 183 -39.06 -48.67 -47.59
C GLU A 183 -37.92 -49.69 -47.54
N GLY A 184 -37.54 -50.19 -48.71
CA GLY A 184 -36.45 -51.15 -48.78
C GLY A 184 -35.10 -50.56 -48.38
N ASN A 185 -34.87 -49.30 -48.73
CA ASN A 185 -33.63 -48.62 -48.38
C ASN A 185 -33.79 -47.85 -47.07
N PHE A 186 -32.67 -47.72 -46.36
CA PHE A 186 -32.65 -46.91 -45.14
C PHE A 186 -32.85 -45.44 -45.50
N LYS A 187 -33.69 -44.76 -44.73
CA LYS A 187 -34.06 -43.38 -45.04
C LYS A 187 -33.64 -42.40 -43.95
N ASN A 188 -34.01 -42.65 -42.70
CA ASN A 188 -33.86 -41.67 -41.63
C ASN A 188 -32.98 -42.22 -40.53
N LEU A 189 -32.01 -41.41 -40.09
CA LEU A 189 -31.16 -41.72 -38.95
C LEU A 189 -31.47 -40.77 -37.82
N ARG A 190 -31.44 -41.29 -36.58
CA ARG A 190 -31.79 -40.53 -35.39
C ARG A 190 -30.58 -40.49 -34.47
N GLU A 191 -30.28 -39.31 -33.94
CA GLU A 191 -29.05 -39.07 -33.20
C GLU A 191 -29.35 -38.28 -31.94
N PHE A 192 -29.03 -38.88 -30.78
CA PHE A 192 -29.30 -38.28 -29.48
C PHE A 192 -28.00 -38.09 -28.73
N VAL A 193 -27.95 -37.05 -27.89
CA VAL A 193 -26.87 -36.84 -26.94
C VAL A 193 -27.48 -36.52 -25.58
N PHE A 194 -27.10 -37.28 -24.56
CA PHE A 194 -27.57 -37.04 -23.21
C PHE A 194 -26.40 -36.56 -22.36
N LYS A 195 -26.56 -35.42 -21.70
CA LYS A 195 -25.49 -34.88 -20.86
C LYS A 195 -26.08 -34.39 -19.55
N ASN A 196 -25.61 -34.96 -18.44
CA ASN A 196 -26.04 -34.55 -17.10
C ASN A 196 -24.88 -33.80 -16.45
N ILE A 197 -24.98 -32.48 -16.40
CA ILE A 197 -24.01 -31.63 -15.71
C ILE A 197 -24.75 -30.75 -14.71
N ASP A 198 -24.24 -30.72 -13.48
CA ASP A 198 -24.74 -29.97 -12.31
C ASP A 198 -26.27 -29.97 -12.21
N GLY A 199 -26.85 -31.16 -12.36
CA GLY A 199 -28.28 -31.33 -12.18
C GLY A 199 -29.16 -30.68 -13.23
N TYR A 200 -28.64 -30.46 -14.43
CA TYR A 200 -29.32 -29.72 -15.49
C TYR A 200 -29.41 -30.57 -16.76
N PHE A 201 -29.99 -31.77 -16.63
CA PHE A 201 -29.85 -32.81 -17.65
C PHE A 201 -30.39 -32.34 -19.00
N LYS A 202 -29.52 -32.34 -20.00
CA LYS A 202 -29.82 -31.82 -21.32
C LYS A 202 -29.85 -32.95 -22.34
N ILE A 203 -30.83 -32.89 -23.24
CA ILE A 203 -30.96 -33.86 -24.33
C ILE A 203 -30.92 -33.10 -25.64
N TYR A 204 -30.05 -33.55 -26.55
CA TYR A 204 -29.88 -32.94 -27.86
C TYR A 204 -30.30 -33.95 -28.92
N SER A 205 -31.07 -33.51 -29.91
CA SER A 205 -31.66 -34.41 -30.88
C SER A 205 -31.33 -33.98 -32.30
N LYS A 206 -31.31 -34.96 -33.20
CA LYS A 206 -31.11 -34.71 -34.62
C LYS A 206 -31.76 -35.83 -35.42
N HIS A 207 -32.52 -35.45 -36.44
CA HIS A 207 -33.07 -36.37 -37.42
C HIS A 207 -32.48 -36.02 -38.79
N THR A 208 -31.86 -37.01 -39.43
CA THR A 208 -31.19 -36.71 -40.69
C THR A 208 -31.58 -37.72 -41.76
N PRO A 209 -31.64 -37.28 -43.03
CA PRO A 209 -31.86 -38.23 -44.12
C PRO A 209 -30.57 -38.76 -44.71
N ILE A 210 -30.46 -40.07 -44.83
CA ILE A 210 -29.31 -40.72 -45.47
C ILE A 210 -29.83 -41.82 -46.39
N ASN A 211 -29.25 -41.91 -47.58
CA ASN A 211 -29.50 -43.04 -48.50
C ASN A 211 -28.14 -43.57 -48.95
N LEU A 212 -27.51 -44.38 -48.11
CA LEU A 212 -26.36 -45.17 -48.52
C LEU A 212 -26.31 -46.56 -47.91
N GLU A 213 -27.09 -46.84 -46.86
CA GLU A 213 -27.32 -48.18 -46.31
C GLU A 213 -26.02 -48.84 -45.84
N ARG A 214 -25.22 -48.08 -45.09
CA ARG A 214 -23.97 -48.63 -44.54
C ARG A 214 -23.61 -47.87 -43.27
N ASP A 215 -23.97 -48.46 -42.12
CA ASP A 215 -23.51 -48.06 -40.79
C ASP A 215 -23.63 -46.58 -40.49
N LEU A 216 -22.60 -46.02 -39.83
CA LEU A 216 -22.51 -44.57 -39.68
C LEU A 216 -21.96 -43.96 -40.96
N PRO A 217 -22.68 -43.06 -41.61
CA PRO A 217 -22.19 -42.48 -42.86
C PRO A 217 -21.01 -41.54 -42.61
N GLN A 218 -20.21 -41.36 -43.65
CA GLN A 218 -19.09 -40.42 -43.61
C GLN A 218 -19.62 -39.03 -43.94
N GLY A 219 -19.41 -38.09 -43.03
CA GLY A 219 -19.90 -36.74 -43.24
C GLY A 219 -19.88 -35.97 -41.94
N PHE A 220 -20.60 -34.85 -41.95
CA PHE A 220 -20.68 -33.97 -40.79
C PHE A 220 -22.07 -33.37 -40.71
N SER A 221 -22.57 -33.21 -39.48
CA SER A 221 -23.88 -32.61 -39.26
C SER A 221 -23.87 -31.86 -37.95
N ALA A 222 -24.84 -30.97 -37.79
CA ALA A 222 -25.00 -30.19 -36.58
C ALA A 222 -25.95 -30.88 -35.60
N LEU A 223 -26.05 -30.32 -34.41
CA LEU A 223 -26.89 -30.88 -33.35
C LEU A 223 -27.39 -29.75 -32.47
N GLU A 224 -28.67 -29.82 -32.10
CA GLU A 224 -29.30 -28.70 -31.43
C GLU A 224 -29.96 -29.13 -30.13
N PRO A 225 -29.88 -28.30 -29.09
CA PRO A 225 -30.62 -28.58 -27.86
C PRO A 225 -32.10 -28.27 -28.00
N LEU A 226 -32.94 -29.11 -27.38
CA LEU A 226 -34.36 -28.85 -27.37
C LEU A 226 -34.94 -28.89 -25.96
N VAL A 227 -34.45 -29.79 -25.10
CA VAL A 227 -34.95 -29.92 -23.74
C VAL A 227 -33.77 -29.95 -22.76
N ASP A 228 -33.89 -29.13 -21.71
CA ASP A 228 -32.89 -29.00 -20.64
C ASP A 228 -33.66 -29.05 -19.32
N LEU A 229 -33.81 -30.25 -18.75
CA LEU A 229 -34.62 -30.42 -17.55
C LEU A 229 -33.74 -30.38 -16.31
N PRO A 230 -33.94 -29.42 -15.42
CA PRO A 230 -33.20 -29.42 -14.14
C PRO A 230 -33.86 -30.26 -13.06
N ILE A 231 -33.24 -31.39 -12.70
CA ILE A 231 -33.74 -32.21 -11.59
C ILE A 231 -32.64 -32.43 -10.56
N GLY A 232 -31.51 -32.99 -11.00
CA GLY A 232 -30.47 -33.42 -10.09
C GLY A 232 -30.56 -34.91 -9.81
N ILE A 233 -29.67 -35.69 -10.42
CA ILE A 233 -29.75 -37.15 -10.37
C ILE A 233 -28.39 -37.72 -10.75
N ASN A 234 -28.00 -38.79 -10.05
CA ASN A 234 -26.74 -39.49 -10.31
C ASN A 234 -27.02 -40.73 -11.16
N ILE A 235 -26.32 -40.85 -12.29
CA ILE A 235 -26.46 -42.01 -13.16
C ILE A 235 -25.11 -42.71 -13.28
N THR A 236 -25.08 -44.00 -12.97
CA THR A 236 -23.95 -44.85 -13.28
C THR A 236 -24.26 -45.94 -14.29
N ARG A 237 -25.53 -46.30 -14.43
CA ARG A 237 -25.96 -47.36 -15.34
C ARG A 237 -27.16 -46.89 -16.14
N PHE A 238 -27.26 -47.38 -17.37
CA PHE A 238 -28.39 -47.03 -18.23
C PHE A 238 -28.54 -48.12 -19.28
N GLN A 239 -29.75 -48.24 -19.81
CA GLN A 239 -29.96 -49.02 -21.02
C GLN A 239 -31.23 -48.54 -21.72
N THR A 240 -31.60 -49.24 -22.79
CA THR A 240 -32.73 -48.86 -23.60
C THR A 240 -33.69 -50.04 -23.77
N LEU A 241 -34.93 -49.70 -24.11
CA LEU A 241 -36.04 -50.64 -24.05
C LEU A 241 -36.76 -50.66 -25.40
N LEU A 242 -37.30 -51.82 -25.74
CA LEU A 242 -38.01 -52.04 -26.98
C LEU A 242 -39.51 -52.18 -26.68
N ALA A 243 -40.31 -52.29 -27.74
CA ALA A 243 -41.76 -52.35 -27.58
C ALA A 243 -42.33 -53.24 -28.68
N LEU A 244 -42.66 -54.49 -28.32
CA LEU A 244 -43.21 -55.43 -29.28
C LEU A 244 -44.05 -56.45 -28.51
N HIS A 245 -44.96 -57.09 -29.23
CA HIS A 245 -45.76 -58.17 -28.66
C HIS A 245 -44.90 -59.41 -28.45
N ARG A 246 -45.20 -60.14 -27.38
CA ARG A 246 -44.44 -61.35 -27.07
C ARG A 246 -44.65 -62.41 -28.15
N SER A 247 -45.86 -62.99 -28.18
CA SER A 247 -46.31 -63.80 -29.30
C SER A 247 -47.81 -63.61 -29.49
N TYR A 248 -48.29 -62.40 -29.17
CA TYR A 248 -49.71 -62.05 -29.06
C TYR A 248 -50.44 -62.96 -28.09
N LEU A 249 -50.74 -64.19 -28.53
CA LEU A 249 -51.60 -65.08 -27.75
C LEU A 249 -50.87 -65.56 -26.49
N THR A 250 -51.55 -65.46 -25.34
CA THR A 250 -50.88 -65.68 -24.06
C THR A 250 -50.70 -67.15 -23.70
N PRO A 251 -51.71 -68.04 -23.76
CA PRO A 251 -51.48 -69.42 -23.25
C PRO A 251 -50.47 -70.21 -24.04
N VAL A 252 -50.65 -70.35 -25.36
CA VAL A 252 -49.62 -70.98 -26.17
C VAL A 252 -48.46 -70.00 -26.37
N ASP A 253 -47.25 -70.56 -26.45
CA ASP A 253 -45.96 -69.92 -26.69
C ASP A 253 -45.80 -68.52 -26.09
N SER A 254 -45.95 -68.41 -24.76
CA SER A 254 -46.06 -67.14 -24.07
C SER A 254 -44.82 -66.26 -24.24
N SER A 255 -43.68 -66.69 -23.69
CA SER A 255 -42.43 -65.97 -23.95
C SER A 255 -41.27 -66.96 -23.87
N SER A 256 -40.94 -67.56 -25.02
CA SER A 256 -39.63 -68.18 -25.23
C SER A 256 -39.36 -68.13 -26.74
N GLY A 257 -38.73 -67.04 -27.16
CA GLY A 257 -38.38 -66.90 -28.57
C GLY A 257 -37.11 -66.10 -28.79
N TRP A 258 -36.46 -65.67 -27.71
CA TRP A 258 -35.46 -64.63 -27.78
C TRP A 258 -34.15 -65.10 -27.14
N THR A 259 -33.09 -64.34 -27.43
CA THR A 259 -31.79 -64.54 -26.80
C THR A 259 -31.12 -63.18 -26.70
N ALA A 260 -29.96 -63.15 -26.03
CA ALA A 260 -29.32 -61.90 -25.61
C ALA A 260 -28.71 -61.14 -26.79
N GLY A 261 -29.59 -60.59 -27.63
CA GLY A 261 -29.18 -59.90 -28.84
C GLY A 261 -30.01 -58.70 -29.24
N ALA A 262 -30.50 -57.92 -28.27
CA ALA A 262 -31.66 -57.04 -28.40
C ALA A 262 -31.78 -56.25 -29.71
N ALA A 263 -30.78 -55.43 -30.03
CA ALA A 263 -30.87 -54.59 -31.22
C ALA A 263 -29.48 -54.16 -31.65
N ALA A 264 -29.45 -53.32 -32.70
CA ALA A 264 -28.22 -52.74 -33.22
C ALA A 264 -28.24 -51.25 -32.95
N TYR A 265 -27.22 -50.75 -32.25
CA TYR A 265 -27.15 -49.35 -31.88
C TYR A 265 -25.71 -48.96 -31.62
N TYR A 266 -25.46 -47.65 -31.63
CA TYR A 266 -24.13 -47.09 -31.48
C TYR A 266 -24.10 -46.20 -30.25
N VAL A 267 -23.14 -46.46 -29.36
CA VAL A 267 -22.98 -45.73 -28.11
C VAL A 267 -21.55 -45.20 -28.02
N GLY A 268 -21.40 -43.96 -27.61
CA GLY A 268 -20.10 -43.33 -27.53
C GLY A 268 -19.95 -42.55 -26.23
N TYR A 269 -18.75 -42.66 -25.66
CA TYR A 269 -18.38 -41.91 -24.46
C TYR A 269 -17.70 -40.60 -24.87
N LEU A 270 -17.74 -39.64 -23.96
CA LEU A 270 -17.32 -38.28 -24.26
C LEU A 270 -16.19 -37.86 -23.32
N GLN A 271 -15.28 -37.05 -23.86
CA GLN A 271 -14.14 -36.52 -23.14
C GLN A 271 -14.14 -35.01 -23.24
N PRO A 272 -13.70 -34.30 -22.19
CA PRO A 272 -13.63 -32.84 -22.23
C PRO A 272 -12.33 -32.34 -22.81
N ARG A 273 -12.41 -31.75 -24.01
CA ARG A 273 -11.24 -31.14 -24.66
C ARG A 273 -11.72 -29.87 -25.38
N THR A 274 -10.84 -29.30 -26.20
CA THR A 274 -11.17 -28.10 -26.98
C THR A 274 -11.38 -28.48 -28.44
N PHE A 275 -12.50 -28.00 -29.00
CA PHE A 275 -13.02 -28.45 -30.29
C PHE A 275 -13.44 -27.25 -31.14
N LEU A 276 -12.51 -26.31 -31.33
CA LEU A 276 -12.66 -25.05 -32.07
C LEU A 276 -13.51 -25.18 -33.33
N LEU A 277 -14.53 -24.33 -33.43
CA LEU A 277 -15.61 -24.45 -34.39
C LEU A 277 -15.43 -23.42 -35.51
N LYS A 278 -16.30 -23.51 -36.52
CA LYS A 278 -16.40 -22.49 -37.55
C LYS A 278 -17.87 -22.15 -37.77
N TYR A 279 -18.18 -20.86 -37.78
CA TYR A 279 -19.51 -20.38 -38.12
C TYR A 279 -19.52 -19.87 -39.56
N ASN A 280 -20.73 -19.74 -40.10
CA ASN A 280 -20.91 -19.26 -41.47
C ASN A 280 -21.79 -18.01 -41.47
N GLU A 281 -22.16 -17.58 -42.67
CA GLU A 281 -23.04 -16.42 -42.80
C GLU A 281 -24.45 -16.72 -42.30
N ASN A 282 -24.85 -17.99 -42.29
CA ASN A 282 -26.16 -18.37 -41.80
C ASN A 282 -26.15 -18.77 -40.33
N GLY A 283 -24.98 -18.75 -39.68
CA GLY A 283 -24.89 -19.09 -38.27
C GLY A 283 -24.83 -20.57 -37.98
N THR A 284 -24.68 -21.41 -38.99
CA THR A 284 -24.62 -22.85 -38.78
C THR A 284 -23.17 -23.29 -38.66
N ILE A 285 -22.91 -24.18 -37.71
CA ILE A 285 -21.59 -24.76 -37.56
C ILE A 285 -21.32 -25.66 -38.75
N THR A 286 -20.42 -25.22 -39.64
CA THR A 286 -20.14 -25.95 -40.86
C THR A 286 -18.92 -26.86 -40.77
N ASP A 287 -17.97 -26.56 -39.89
CA ASP A 287 -16.79 -27.40 -39.73
C ASP A 287 -16.19 -27.20 -38.34
N ALA A 288 -15.34 -28.14 -37.95
CA ALA A 288 -14.72 -28.11 -36.64
C ALA A 288 -13.37 -28.82 -36.73
N VAL A 289 -12.52 -28.54 -35.74
CA VAL A 289 -11.20 -29.18 -35.64
C VAL A 289 -10.99 -29.64 -34.20
N ASP A 290 -10.12 -30.63 -34.05
CA ASP A 290 -9.72 -31.15 -32.75
C ASP A 290 -8.33 -30.65 -32.41
N CYS A 291 -8.17 -30.15 -31.18
CA CYS A 291 -6.89 -29.62 -30.74
C CYS A 291 -5.96 -30.67 -30.15
N ALA A 292 -6.46 -31.89 -29.92
CA ALA A 292 -5.65 -32.97 -29.38
C ALA A 292 -5.37 -34.06 -30.40
N LEU A 293 -5.71 -33.83 -31.67
CA LEU A 293 -5.41 -34.76 -32.75
C LEU A 293 -4.00 -34.46 -33.25
N ASP A 294 -3.64 -34.97 -34.44
CA ASP A 294 -2.35 -34.79 -35.12
C ASP A 294 -1.88 -33.34 -35.12
N PRO A 295 -0.56 -33.10 -35.12
CA PRO A 295 -0.05 -31.74 -34.92
C PRO A 295 -0.45 -30.72 -35.98
N LEU A 296 -0.90 -31.16 -37.17
CA LEU A 296 -1.49 -30.21 -38.11
C LEU A 296 -2.77 -29.62 -37.55
N SER A 297 -3.58 -30.45 -36.88
CA SER A 297 -4.80 -29.96 -36.26
C SER A 297 -4.50 -29.08 -35.06
N GLU A 298 -3.43 -29.40 -34.32
CA GLU A 298 -2.98 -28.51 -33.25
C GLU A 298 -2.50 -27.18 -33.79
N THR A 299 -1.87 -27.19 -34.97
CA THR A 299 -1.46 -25.95 -35.62
C THR A 299 -2.66 -25.12 -36.03
N LYS A 300 -3.68 -25.77 -36.58
CA LYS A 300 -4.93 -25.08 -36.91
C LYS A 300 -5.58 -24.51 -35.66
N CYS A 301 -5.53 -25.27 -34.56
CA CYS A 301 -6.06 -24.81 -33.28
C CYS A 301 -5.33 -23.59 -32.76
N THR A 302 -4.00 -23.58 -32.90
CA THR A 302 -3.20 -22.46 -32.40
C THR A 302 -3.38 -21.22 -33.27
N LEU A 303 -3.36 -21.39 -34.58
CA LEU A 303 -3.43 -20.25 -35.50
C LEU A 303 -4.85 -19.79 -35.79
N LYS A 304 -5.85 -20.41 -35.14
CA LYS A 304 -7.29 -20.11 -35.26
C LYS A 304 -7.74 -19.92 -36.72
N SER A 305 -7.24 -20.77 -37.60
CA SER A 305 -7.62 -20.76 -39.00
C SER A 305 -7.62 -22.19 -39.52
N PHE A 306 -8.28 -22.40 -40.65
CA PHE A 306 -8.37 -23.73 -41.25
C PHE A 306 -7.28 -23.99 -42.27
N THR A 307 -6.54 -22.97 -42.69
CA THR A 307 -5.46 -23.13 -43.65
C THR A 307 -4.20 -22.46 -43.12
N VAL A 308 -3.09 -23.16 -43.23
CA VAL A 308 -1.76 -22.63 -42.94
C VAL A 308 -0.89 -22.83 -44.18
N GLU A 309 -0.04 -21.84 -44.47
CA GLU A 309 0.64 -21.87 -45.75
C GLU A 309 2.00 -22.56 -45.68
N LYS A 310 2.86 -22.19 -44.73
CA LYS A 310 4.19 -22.77 -44.59
C LYS A 310 4.85 -22.28 -43.32
N GLY A 311 6.12 -22.66 -43.12
CA GLY A 311 6.93 -22.08 -42.08
C GLY A 311 6.89 -22.87 -40.79
N ILE A 312 7.66 -22.38 -39.83
CA ILE A 312 7.79 -23.01 -38.53
C ILE A 312 6.78 -22.37 -37.58
N TYR A 313 6.37 -23.11 -36.55
CA TYR A 313 5.35 -22.61 -35.63
C TYR A 313 5.74 -23.03 -34.21
N GLN A 314 4.83 -22.76 -33.26
CA GLN A 314 5.09 -23.03 -31.86
C GLN A 314 3.88 -23.72 -31.23
N THR A 315 4.16 -24.58 -30.26
CA THR A 315 3.13 -25.31 -29.50
C THR A 315 3.70 -25.39 -28.06
N SER A 316 3.10 -26.23 -27.21
CA SER A 316 3.57 -26.37 -25.84
C SER A 316 4.81 -27.27 -25.80
N ASN A 317 5.18 -27.71 -24.60
CA ASN A 317 6.38 -28.50 -24.41
C ASN A 317 6.03 -29.96 -24.15
N PHE A 318 7.06 -30.80 -23.99
CA PHE A 318 6.84 -32.18 -23.59
C PHE A 318 6.37 -32.25 -22.14
N ARG A 319 7.22 -31.82 -21.21
CA ARG A 319 6.94 -31.77 -19.77
C ARG A 319 6.55 -33.17 -19.27
N VAL A 320 7.57 -34.04 -19.20
CA VAL A 320 7.34 -35.41 -18.70
C VAL A 320 6.89 -35.35 -17.24
N GLN A 321 6.01 -36.29 -16.88
CA GLN A 321 5.41 -36.36 -15.56
C GLN A 321 6.26 -37.19 -14.61
N PRO A 322 6.24 -36.88 -13.33
CA PRO A 322 6.94 -37.74 -12.35
C PRO A 322 6.26 -39.09 -12.22
N THR A 323 7.09 -40.11 -11.94
CA THR A 323 6.57 -41.47 -11.82
C THR A 323 5.83 -41.68 -10.51
N GLU A 324 6.47 -41.33 -9.39
CA GLU A 324 5.86 -41.50 -8.07
C GLU A 324 6.30 -40.34 -7.18
N SER A 325 6.07 -40.48 -5.88
CA SER A 325 6.49 -39.50 -4.89
C SER A 325 7.23 -40.21 -3.77
N ILE A 326 8.31 -39.60 -3.30
CA ILE A 326 9.16 -40.17 -2.26
C ILE A 326 9.12 -39.26 -1.04
N VAL A 327 8.81 -39.83 0.12
CA VAL A 327 8.82 -39.13 1.40
C VAL A 327 9.83 -39.81 2.30
N ARG A 328 10.74 -39.03 2.87
CA ARG A 328 11.81 -39.55 3.72
C ARG A 328 11.76 -38.88 5.07
N PHE A 329 11.60 -39.68 6.13
CA PHE A 329 11.56 -39.22 7.50
C PHE A 329 12.63 -39.93 8.32
N PRO A 330 13.21 -39.27 9.32
CA PRO A 330 14.13 -39.97 10.24
C PRO A 330 13.39 -41.00 11.08
N ASN A 331 14.11 -42.05 11.45
CA ASN A 331 13.52 -43.18 12.16
C ASN A 331 13.20 -42.88 13.63
N ILE A 332 13.66 -41.75 14.16
CA ILE A 332 13.42 -41.40 15.57
C ILE A 332 11.98 -40.90 15.67
N THR A 333 11.07 -41.77 16.10
CA THR A 333 9.66 -41.44 16.26
C THR A 333 9.21 -41.92 17.63
N ASN A 334 8.99 -40.97 18.54
CA ASN A 334 8.55 -41.25 19.89
C ASN A 334 7.14 -40.71 20.09
N LEU A 335 6.63 -40.84 21.32
CA LEU A 335 5.34 -40.28 21.70
C LEU A 335 5.58 -38.93 22.37
N CYS A 336 5.07 -37.87 21.76
CA CYS A 336 5.29 -36.53 22.27
C CYS A 336 4.20 -36.15 23.26
N PRO A 337 4.56 -35.73 24.47
CA PRO A 337 3.54 -35.47 25.51
C PRO A 337 2.84 -34.14 25.27
N PHE A 338 1.54 -34.21 24.99
CA PHE A 338 0.69 -33.03 24.91
C PHE A 338 -0.44 -33.02 25.93
N HIS A 339 -0.63 -34.11 26.68
CA HIS A 339 -1.71 -34.18 27.65
C HIS A 339 -1.44 -33.31 28.86
N GLU A 340 -0.17 -33.07 29.19
CA GLU A 340 0.16 -32.28 30.37
C GLU A 340 -0.23 -30.81 30.24
N VAL A 341 -0.43 -30.32 29.02
CA VAL A 341 -0.93 -28.96 28.81
C VAL A 341 -2.42 -28.96 28.48
N PHE A 342 -2.98 -30.11 28.10
CA PHE A 342 -4.39 -30.20 27.73
C PHE A 342 -5.27 -30.57 28.92
N ASN A 343 -5.04 -31.74 29.51
CA ASN A 343 -5.82 -32.21 30.66
C ASN A 343 -4.90 -32.38 31.86
N ALA A 344 -5.17 -31.59 32.90
CA ALA A 344 -4.34 -31.53 34.10
C ALA A 344 -5.18 -30.90 35.20
N THR A 345 -4.54 -30.48 36.28
CA THR A 345 -5.21 -29.77 37.37
C THR A 345 -5.54 -28.35 36.91
N THR A 346 -6.06 -27.54 37.83
CA THR A 346 -6.47 -26.18 37.52
C THR A 346 -5.25 -25.33 37.17
N PHE A 347 -5.22 -24.81 35.94
CA PHE A 347 -4.08 -24.03 35.46
C PHE A 347 -4.09 -22.65 36.10
N ALA A 348 -3.03 -21.89 35.83
CA ALA A 348 -2.90 -20.54 36.37
C ALA A 348 -3.79 -19.58 35.58
N SER A 349 -3.82 -18.33 36.05
CA SER A 349 -4.61 -17.29 35.41
C SER A 349 -3.86 -16.76 34.19
N VAL A 350 -4.36 -15.67 33.60
CA VAL A 350 -3.73 -15.12 32.41
C VAL A 350 -2.46 -14.36 32.77
N TYR A 351 -2.33 -13.91 34.03
CA TYR A 351 -1.16 -13.12 34.41
C TYR A 351 0.10 -13.97 34.50
N ALA A 352 -0.04 -15.28 34.74
CA ALA A 352 1.08 -16.20 34.78
C ALA A 352 1.03 -17.09 33.55
N TRP A 353 2.07 -17.05 32.74
CA TRP A 353 2.14 -17.80 31.50
C TRP A 353 3.02 -19.03 31.68
N ASN A 354 2.49 -20.20 31.33
CA ASN A 354 3.28 -21.43 31.31
C ASN A 354 3.77 -21.68 29.89
N ARG A 355 4.65 -20.78 29.45
CA ARG A 355 5.25 -20.86 28.12
C ARG A 355 6.19 -22.06 28.08
N LYS A 356 5.77 -23.12 27.39
CA LYS A 356 6.45 -24.40 27.42
C LYS A 356 7.21 -24.63 26.12
N ARG A 357 8.48 -24.99 26.24
CA ARG A 357 9.29 -25.38 25.10
C ARG A 357 9.17 -26.88 24.87
N ILE A 358 8.58 -27.28 23.75
CA ILE A 358 8.38 -28.67 23.41
C ILE A 358 9.55 -29.13 22.55
N SER A 359 10.30 -30.11 23.05
CA SER A 359 11.55 -30.54 22.42
C SER A 359 11.26 -31.45 21.23
N ASN A 360 12.30 -32.13 20.74
CA ASN A 360 12.16 -33.04 19.61
C ASN A 360 11.30 -34.23 20.00
N CYS A 361 10.19 -34.42 19.28
CA CYS A 361 9.24 -35.49 19.54
C CYS A 361 8.43 -35.71 18.28
N VAL A 362 7.48 -36.65 18.35
CA VAL A 362 6.57 -36.92 17.24
C VAL A 362 5.16 -36.91 17.79
N ALA A 363 4.32 -36.03 17.25
CA ALA A 363 2.93 -35.90 17.65
C ALA A 363 2.06 -35.67 16.41
N ASP A 364 0.77 -35.93 16.57
CA ASP A 364 -0.20 -35.71 15.51
C ASP A 364 -1.39 -34.96 16.11
N TYR A 365 -2.44 -34.83 15.32
CA TYR A 365 -3.63 -34.13 15.81
C TYR A 365 -4.57 -35.04 16.58
N SER A 366 -4.24 -36.33 16.69
CA SER A 366 -5.10 -37.26 17.43
C SER A 366 -5.08 -36.96 18.92
N VAL A 367 -3.94 -36.50 19.44
CA VAL A 367 -3.86 -36.14 20.85
C VAL A 367 -4.67 -34.86 21.12
N ILE A 368 -4.61 -33.91 20.18
CA ILE A 368 -5.40 -32.68 20.30
C ILE A 368 -6.88 -32.98 20.20
N TYR A 369 -7.26 -33.95 19.37
CA TYR A 369 -8.65 -34.25 19.03
C TYR A 369 -9.45 -34.80 20.22
N ASN A 370 -8.82 -35.05 21.36
CA ASN A 370 -9.50 -35.67 22.50
C ASN A 370 -10.57 -34.77 23.13
N PHE A 371 -10.62 -33.49 22.79
CA PHE A 371 -11.55 -32.55 23.42
C PHE A 371 -12.61 -32.11 22.41
N ALA A 372 -13.80 -32.69 22.54
CA ALA A 372 -14.99 -32.17 21.85
C ALA A 372 -15.36 -30.73 22.20
N PRO A 373 -15.26 -30.22 23.47
CA PRO A 373 -15.76 -28.85 23.73
C PRO A 373 -14.90 -27.70 23.20
N PHE A 374 -14.02 -27.97 22.24
CA PHE A 374 -13.30 -26.94 21.50
C PHE A 374 -14.25 -25.86 21.00
N PHE A 375 -14.04 -24.63 21.47
CA PHE A 375 -14.87 -23.49 21.10
C PHE A 375 -14.18 -22.56 20.09
N ALA A 376 -12.99 -22.08 20.42
CA ALA A 376 -12.25 -21.19 19.52
C ALA A 376 -11.31 -22.04 18.67
N PHE A 377 -11.86 -22.54 17.56
CA PHE A 377 -11.09 -23.35 16.62
C PHE A 377 -10.46 -22.51 15.52
N LYS A 378 -10.58 -21.19 15.59
CA LYS A 378 -10.03 -20.31 14.57
C LYS A 378 -8.50 -20.31 14.63
N CYS A 379 -7.88 -20.41 13.47
CA CYS A 379 -6.43 -20.53 13.35
C CYS A 379 -5.91 -19.60 12.28
N TYR A 380 -4.63 -19.26 12.38
CA TYR A 380 -3.93 -18.43 11.39
C TYR A 380 -2.69 -19.17 10.91
N GLY A 381 -2.14 -18.67 9.81
CA GLY A 381 -0.93 -19.23 9.24
C GLY A 381 -1.17 -20.48 8.43
N VAL A 382 -1.58 -21.56 9.10
CA VAL A 382 -1.93 -22.82 8.45
C VAL A 382 -3.38 -23.13 8.75
N SER A 383 -4.13 -23.53 7.72
CA SER A 383 -5.53 -23.91 7.91
C SER A 383 -5.61 -25.17 8.76
N PRO A 384 -6.63 -25.30 9.61
CA PRO A 384 -6.66 -26.40 10.58
C PRO A 384 -6.78 -27.79 9.97
N THR A 385 -7.14 -27.91 8.70
CA THR A 385 -7.25 -29.23 8.08
C THR A 385 -5.90 -29.85 7.73
N LYS A 386 -4.81 -29.08 7.77
CA LYS A 386 -3.49 -29.58 7.37
C LYS A 386 -2.41 -29.15 8.36
N LEU A 387 -2.64 -29.43 9.65
CA LEU A 387 -1.57 -29.41 10.64
C LEU A 387 -0.92 -30.79 10.81
N ASN A 388 -1.00 -31.64 9.79
CA ASN A 388 -0.37 -32.96 9.81
C ASN A 388 0.51 -33.12 8.58
N ASP A 389 1.52 -33.99 8.72
CA ASP A 389 2.47 -34.33 7.66
C ASP A 389 3.26 -33.11 7.18
N LEU A 390 3.53 -32.18 8.09
CA LEU A 390 4.46 -31.09 7.86
C LEU A 390 5.15 -30.81 9.20
N CYS A 391 6.45 -30.57 9.15
CA CYS A 391 7.26 -30.52 10.36
C CYS A 391 7.74 -29.10 10.62
N PHE A 392 7.47 -28.61 11.83
CA PHE A 392 7.85 -27.27 12.24
C PHE A 392 9.28 -27.27 12.74
N THR A 393 9.72 -26.18 13.35
CA THR A 393 11.06 -26.08 13.90
C THR A 393 11.09 -25.65 15.36
N ASN A 394 10.14 -24.82 15.81
CA ASN A 394 10.09 -24.43 17.22
C ASN A 394 8.66 -24.05 17.58
N VAL A 395 7.93 -24.99 18.17
CA VAL A 395 6.57 -24.72 18.60
C VAL A 395 6.59 -24.09 19.99
N TYR A 396 5.82 -23.01 20.15
CA TYR A 396 5.75 -22.25 21.39
C TYR A 396 4.35 -22.43 21.97
N ALA A 397 4.24 -23.21 23.03
CA ALA A 397 2.96 -23.51 23.67
C ALA A 397 2.85 -22.73 24.97
N ASP A 398 1.77 -21.95 25.10
CA ASP A 398 1.50 -21.18 26.30
C ASP A 398 0.04 -21.36 26.70
N SER A 399 -0.19 -21.74 27.95
CA SER A 399 -1.53 -22.07 28.42
C SER A 399 -1.95 -21.12 29.54
N PHE A 400 -3.21 -20.71 29.49
CA PHE A 400 -3.78 -19.88 30.55
C PHE A 400 -5.27 -20.14 30.63
N VAL A 401 -5.91 -19.47 31.59
CA VAL A 401 -7.34 -19.60 31.85
C VAL A 401 -7.94 -18.22 31.77
N ILE A 402 -8.93 -18.04 30.88
CA ILE A 402 -9.60 -16.74 30.74
C ILE A 402 -11.10 -16.95 30.70
N ARG A 403 -11.82 -15.84 30.76
CA ARG A 403 -13.28 -15.86 30.72
C ARG A 403 -13.78 -16.13 29.31
N GLY A 404 -15.10 -16.28 29.18
CA GLY A 404 -15.69 -16.52 27.88
C GLY A 404 -15.57 -15.33 26.93
N ASN A 405 -15.79 -14.12 27.45
CA ASN A 405 -15.71 -12.93 26.62
C ASN A 405 -14.28 -12.53 26.31
N GLU A 406 -13.30 -13.01 27.08
CA GLU A 406 -11.89 -12.75 26.80
C GLU A 406 -11.32 -13.69 25.75
N VAL A 407 -12.07 -14.70 25.33
CA VAL A 407 -11.59 -15.63 24.31
C VAL A 407 -11.43 -14.93 22.97
N SER A 408 -12.39 -14.08 22.59
CA SER A 408 -12.30 -13.34 21.35
C SER A 408 -11.25 -12.23 21.38
N GLN A 409 -10.73 -11.89 22.56
CA GLN A 409 -9.71 -10.85 22.67
C GLN A 409 -8.31 -11.35 22.34
N ILE A 410 -8.12 -12.67 22.18
CA ILE A 410 -6.81 -13.23 21.86
C ILE A 410 -6.49 -13.06 20.38
N ALA A 411 -7.45 -12.62 19.57
CA ALA A 411 -7.19 -12.33 18.16
C ALA A 411 -6.20 -11.18 18.04
N PRO A 412 -5.30 -11.23 17.06
CA PRO A 412 -4.28 -10.19 16.93
C PRO A 412 -4.83 -8.92 16.31
N GLY A 413 -4.06 -7.84 16.48
CA GLY A 413 -4.40 -6.54 15.91
C GLY A 413 -5.63 -5.89 16.49
N GLN A 414 -5.84 -6.02 17.80
CA GLN A 414 -6.97 -5.37 18.45
C GLN A 414 -6.57 -4.99 19.88
N THR A 415 -7.49 -4.31 20.55
CA THR A 415 -7.30 -3.87 21.93
C THR A 415 -8.48 -4.34 22.77
N GLY A 416 -8.19 -4.87 23.95
CA GLY A 416 -9.22 -5.36 24.86
C GLY A 416 -8.75 -5.44 26.29
N ASN A 417 -9.42 -6.25 27.12
CA ASN A 417 -8.98 -6.42 28.49
C ASN A 417 -7.63 -7.12 28.57
N ILE A 418 -7.39 -8.08 27.67
CA ILE A 418 -6.12 -8.79 27.64
C ILE A 418 -5.10 -8.08 26.76
N ALA A 419 -5.53 -7.49 25.65
CA ALA A 419 -4.63 -6.84 24.69
C ALA A 419 -4.13 -5.48 25.17
N ASP A 420 -4.53 -5.05 26.37
CA ASP A 420 -3.96 -3.90 27.05
C ASP A 420 -2.65 -4.25 27.73
N TYR A 421 -2.27 -3.43 28.72
CA TYR A 421 -0.97 -3.52 29.37
C TYR A 421 -0.70 -4.88 30.00
N ASN A 422 -1.75 -5.68 30.23
CA ASN A 422 -1.61 -7.03 30.75
C ASN A 422 -0.84 -7.92 29.79
N TYR A 423 -1.16 -7.87 28.50
CA TYR A 423 -0.56 -8.78 27.53
C TYR A 423 -0.42 -8.10 26.18
N LYS A 424 0.78 -8.19 25.60
CA LYS A 424 1.05 -7.78 24.24
C LYS A 424 1.55 -8.98 23.46
N LEU A 425 1.06 -9.14 22.24
CA LEU A 425 1.33 -10.32 21.44
C LEU A 425 1.78 -9.93 20.03
N PRO A 426 2.58 -10.77 19.38
CA PRO A 426 2.96 -10.50 17.98
C PRO A 426 1.76 -10.62 17.06
N ASP A 427 1.55 -9.60 16.23
CA ASP A 427 0.36 -9.53 15.40
C ASP A 427 0.45 -10.39 14.15
N ASP A 428 1.65 -10.82 13.74
CA ASP A 428 1.76 -11.69 12.58
C ASP A 428 1.15 -13.07 12.86
N PHE A 429 1.55 -13.69 13.98
CA PHE A 429 0.88 -14.83 14.59
C PHE A 429 0.77 -16.02 13.65
N THR A 430 1.93 -16.61 13.34
CA THR A 430 1.96 -17.86 12.59
C THR A 430 1.29 -18.99 13.35
N GLY A 431 1.26 -18.92 14.68
CA GLY A 431 0.61 -19.93 15.49
C GLY A 431 -0.90 -19.75 15.52
N CYS A 432 -1.53 -20.50 16.44
CA CYS A 432 -2.97 -20.57 16.52
C CYS A 432 -3.42 -20.49 17.98
N VAL A 433 -4.73 -20.36 18.17
CA VAL A 433 -5.35 -20.32 19.49
C VAL A 433 -6.38 -21.43 19.56
N ILE A 434 -6.30 -22.26 20.61
CA ILE A 434 -7.24 -23.35 20.83
C ILE A 434 -7.82 -23.19 22.24
N ALA A 435 -9.14 -23.05 22.34
CA ALA A 435 -9.82 -22.81 23.60
C ALA A 435 -10.91 -23.84 23.82
N TRP A 436 -11.06 -24.26 25.06
CA TRP A 436 -12.15 -25.17 25.43
C TRP A 436 -12.66 -24.84 26.82
N ASN A 437 -13.97 -25.00 27.00
CA ASN A 437 -14.61 -24.67 28.26
C ASN A 437 -14.22 -25.67 29.35
N SER A 438 -14.02 -25.16 30.55
CA SER A 438 -13.67 -25.99 31.71
C SER A 438 -14.51 -25.58 32.92
N ASN A 439 -15.83 -25.45 32.70
CA ASN A 439 -16.72 -25.02 33.76
C ASN A 439 -16.95 -26.10 34.80
N LYS A 440 -16.71 -27.37 34.46
CA LYS A 440 -16.92 -28.47 35.39
C LYS A 440 -15.69 -28.79 36.23
N LEU A 441 -14.54 -28.20 35.93
CA LEU A 441 -13.31 -28.46 36.66
C LEU A 441 -12.72 -27.21 37.30
N ASP A 442 -12.59 -26.11 36.55
CA ASP A 442 -11.96 -24.92 37.09
C ASP A 442 -12.87 -24.16 38.04
N SER A 443 -14.18 -24.18 37.82
CA SER A 443 -15.10 -23.44 38.66
C SER A 443 -15.20 -24.08 40.05
N LYS A 444 -15.43 -23.26 41.06
CA LYS A 444 -15.46 -23.69 42.45
C LYS A 444 -16.75 -23.22 43.09
N PRO A 445 -17.36 -24.05 43.96
CA PRO A 445 -18.54 -23.58 44.71
C PRO A 445 -18.27 -22.39 45.61
N SER A 446 -17.05 -22.25 46.13
CA SER A 446 -16.71 -21.13 47.00
C SER A 446 -16.22 -19.91 46.24
N GLY A 447 -16.05 -19.99 44.92
CA GLY A 447 -15.60 -18.86 44.14
C GLY A 447 -14.10 -18.83 43.95
N ASN A 448 -13.65 -18.67 42.71
CA ASN A 448 -12.23 -18.65 42.39
C ASN A 448 -11.75 -17.20 42.35
N TYR A 449 -11.55 -16.64 43.54
CA TYR A 449 -11.07 -15.27 43.68
C TYR A 449 -9.54 -15.18 43.70
N ASN A 450 -8.85 -16.31 43.70
CA ASN A 450 -7.39 -16.28 43.80
C ASN A 450 -6.74 -15.85 42.49
N TYR A 451 -7.41 -16.11 41.37
CA TYR A 451 -6.84 -15.78 40.06
C TYR A 451 -6.87 -14.27 39.83
N LEU A 452 -5.76 -13.73 39.32
CA LEU A 452 -5.57 -12.29 39.18
C LEU A 452 -5.11 -11.96 37.76
N TYR A 453 -5.03 -10.67 37.47
CA TYR A 453 -4.62 -10.18 36.16
C TYR A 453 -4.13 -8.74 36.31
N ARG A 454 -3.04 -8.42 35.60
CA ARG A 454 -2.35 -7.13 35.77
C ARG A 454 -2.77 -6.13 34.68
N LEU A 455 -4.01 -5.66 34.79
CA LEU A 455 -4.55 -4.76 33.77
C LEU A 455 -3.93 -3.36 33.84
N PHE A 456 -3.61 -2.88 35.04
CA PHE A 456 -3.31 -1.47 35.27
C PHE A 456 -1.83 -1.18 35.40
N ARG A 457 -0.99 -1.85 34.59
CA ARG A 457 0.42 -1.54 34.60
C ARG A 457 0.68 -0.24 33.83
N LYS A 458 1.69 0.51 34.28
CA LYS A 458 1.90 1.87 33.78
C LYS A 458 2.37 1.88 32.33
N SER A 459 3.61 1.47 32.09
CA SER A 459 4.21 1.60 30.78
C SER A 459 3.82 0.44 29.86
N LYS A 460 4.17 0.59 28.59
CA LYS A 460 3.75 -0.32 27.53
C LYS A 460 4.48 -1.67 27.62
N LEU A 461 3.83 -2.69 27.10
CA LEU A 461 4.41 -4.03 26.93
C LEU A 461 4.75 -4.26 25.46
N LYS A 462 5.79 -5.01 25.26
CA LYS A 462 6.26 -5.49 23.97
C LYS A 462 5.85 -6.94 23.77
N PRO A 463 5.67 -7.37 22.52
CA PRO A 463 5.27 -8.76 22.27
C PRO A 463 6.31 -9.76 22.77
N PHE A 464 5.81 -10.84 23.38
CA PHE A 464 6.61 -11.91 23.96
C PHE A 464 7.59 -11.39 25.02
N GLU A 465 7.00 -10.84 26.09
CA GLU A 465 7.76 -10.37 27.23
C GLU A 465 7.15 -10.92 28.51
N ARG A 466 8.00 -11.05 29.52
CA ARG A 466 7.60 -11.58 30.83
C ARG A 466 7.58 -10.43 31.83
N ASP A 467 6.44 -10.23 32.48
CA ASP A 467 6.27 -9.14 33.45
C ASP A 467 5.49 -9.68 34.66
N ILE A 468 6.21 -10.18 35.66
CA ILE A 468 5.64 -10.60 36.93
C ILE A 468 6.51 -10.03 38.03
N SER A 469 5.98 -9.08 38.81
CA SER A 469 6.72 -8.45 39.89
C SER A 469 5.71 -7.88 40.88
N THR A 470 6.20 -7.03 41.79
CA THR A 470 5.31 -6.37 42.75
C THR A 470 4.38 -5.39 42.05
N GLU A 471 4.91 -4.64 41.07
CA GLU A 471 4.16 -3.70 40.24
C GLU A 471 3.46 -2.63 41.08
N ILE A 472 4.28 -1.81 41.75
CA ILE A 472 3.76 -0.72 42.54
C ILE A 472 3.16 0.34 41.62
N TYR A 473 2.07 0.95 42.06
CA TYR A 473 1.32 1.91 41.25
C TYR A 473 1.68 3.32 41.72
N GLN A 474 2.26 4.11 40.82
CA GLN A 474 2.68 5.49 41.09
C GLN A 474 2.13 6.38 39.98
N ALA A 475 0.94 6.93 40.19
CA ALA A 475 0.31 7.80 39.19
C ALA A 475 -0.19 9.05 39.89
N GLY A 476 -0.92 9.88 39.15
CA GLY A 476 -1.41 11.14 39.68
C GLY A 476 -0.31 12.19 39.71
N ASN A 477 -0.70 13.41 40.09
CA ASN A 477 0.26 14.50 40.25
C ASN A 477 0.77 14.59 41.68
N LYS A 478 1.16 13.43 42.24
CA LYS A 478 1.65 13.26 43.60
C LYS A 478 2.48 11.98 43.68
N PRO A 479 3.53 11.94 44.50
CA PRO A 479 4.25 10.68 44.73
C PRO A 479 3.42 9.77 45.64
N CYS A 480 2.99 8.63 45.09
CA CYS A 480 2.10 7.74 45.85
C CYS A 480 2.86 6.96 46.92
N ASN A 481 4.08 6.51 46.61
CA ASN A 481 4.97 5.74 47.50
C ASN A 481 4.38 4.39 47.92
N GLY A 482 3.23 4.02 47.37
CA GLY A 482 2.58 2.77 47.69
C GLY A 482 1.80 2.75 48.99
N VAL A 483 1.89 3.79 49.81
CA VAL A 483 1.23 3.81 51.11
C VAL A 483 0.40 5.06 51.36
N ALA A 484 0.27 5.96 50.39
CA ALA A 484 -0.44 7.24 50.61
C ALA A 484 -1.91 7.05 50.91
N GLY A 485 -2.68 6.55 49.95
CA GLY A 485 -4.10 6.39 50.14
C GLY A 485 -5.01 6.99 49.06
N PRO A 486 -4.70 8.21 48.56
CA PRO A 486 -5.47 8.74 47.42
C PRO A 486 -5.44 7.91 46.15
N ASN A 487 -4.24 7.60 45.64
CA ASN A 487 -4.10 6.97 44.34
C ASN A 487 -3.28 5.68 44.43
N CYS A 488 -3.62 4.84 45.41
CA CYS A 488 -2.97 3.53 45.55
C CYS A 488 -3.84 2.45 44.90
N TYR A 489 -3.98 2.58 43.58
CA TYR A 489 -4.78 1.63 42.82
C TYR A 489 -4.10 0.27 42.78
N SER A 490 -4.92 -0.78 42.68
CA SER A 490 -4.44 -2.15 42.65
C SER A 490 -4.47 -2.67 41.21
N PRO A 491 -3.32 -2.96 40.61
CA PRO A 491 -3.34 -3.51 39.24
C PRO A 491 -3.90 -4.93 39.16
N LEU A 492 -3.97 -5.65 40.27
CA LEU A 492 -4.43 -7.04 40.28
C LEU A 492 -5.82 -7.12 40.89
N GLN A 493 -6.75 -7.72 40.16
CA GLN A 493 -8.13 -7.87 40.60
C GLN A 493 -8.55 -9.33 40.46
N SER A 494 -9.55 -9.72 41.26
CA SER A 494 -10.02 -11.09 41.28
C SER A 494 -11.00 -11.35 40.13
N TYR A 495 -11.29 -12.62 39.90
CA TYR A 495 -12.18 -13.03 38.80
C TYR A 495 -13.59 -13.34 39.28
N GLY A 496 -13.75 -14.32 40.15
CA GLY A 496 -15.08 -14.76 40.55
C GLY A 496 -15.58 -15.90 39.67
N PHE A 497 -15.65 -17.11 40.21
CA PHE A 497 -16.12 -18.28 39.44
C PHE A 497 -17.02 -19.12 40.33
N ARG A 498 -18.34 -18.95 40.15
CA ARG A 498 -19.36 -19.82 40.69
C ARG A 498 -20.23 -20.31 39.54
N PRO A 499 -20.67 -21.57 39.55
CA PRO A 499 -21.33 -22.12 38.37
C PRO A 499 -22.82 -21.80 38.26
N THR A 500 -23.21 -20.55 38.57
CA THR A 500 -24.52 -19.99 38.16
C THR A 500 -24.24 -18.58 37.64
N TYR A 501 -23.81 -18.51 36.38
CA TYR A 501 -23.47 -17.25 35.71
C TYR A 501 -24.13 -17.17 34.34
N GLY A 502 -23.72 -16.17 33.55
CA GLY A 502 -24.04 -16.13 32.15
C GLY A 502 -23.04 -16.91 31.33
N VAL A 503 -23.15 -16.76 30.01
CA VAL A 503 -22.25 -17.49 29.11
C VAL A 503 -20.88 -16.83 28.99
N GLY A 504 -20.77 -15.54 29.31
CA GLY A 504 -19.52 -14.82 29.15
C GLY A 504 -18.60 -14.79 30.36
N HIS A 505 -18.93 -15.54 31.42
CA HIS A 505 -18.15 -15.53 32.65
C HIS A 505 -17.78 -16.95 33.07
N GLN A 506 -17.44 -17.80 32.09
CA GLN A 506 -17.10 -19.18 32.37
C GLN A 506 -15.61 -19.41 32.20
N PRO A 507 -15.01 -20.31 32.99
CA PRO A 507 -13.57 -20.54 32.86
C PRO A 507 -13.23 -21.36 31.62
N TYR A 508 -12.31 -20.83 30.82
CA TYR A 508 -11.92 -21.42 29.55
C TYR A 508 -10.42 -21.65 29.55
N ARG A 509 -10.00 -22.88 29.26
CA ARG A 509 -8.59 -23.19 29.05
C ARG A 509 -8.21 -22.78 27.63
N VAL A 510 -7.17 -21.96 27.50
CA VAL A 510 -6.70 -21.50 26.21
C VAL A 510 -5.22 -21.87 26.08
N VAL A 511 -4.88 -22.58 25.01
CA VAL A 511 -3.50 -22.85 24.65
C VAL A 511 -3.21 -22.12 23.33
N VAL A 512 -2.09 -21.40 23.31
CA VAL A 512 -1.68 -20.62 22.16
C VAL A 512 -0.33 -21.14 21.68
N LEU A 513 -0.22 -21.32 20.37
CA LEU A 513 0.99 -21.82 19.73
C LEU A 513 1.57 -20.75 18.82
N SER A 514 2.88 -20.56 18.91
CA SER A 514 3.59 -19.59 18.09
C SER A 514 4.86 -20.24 17.54
N PHE A 515 5.04 -20.18 16.24
CA PHE A 515 6.17 -20.84 15.59
C PHE A 515 6.53 -20.06 14.33
N GLU A 516 7.41 -20.65 13.51
CA GLU A 516 7.74 -20.14 12.20
C GLU A 516 8.13 -21.32 11.32
N LEU A 517 8.53 -21.02 10.09
CA LEU A 517 8.88 -22.09 9.15
C LEU A 517 10.16 -21.77 8.38
N LEU A 518 10.45 -22.60 7.37
CA LEU A 518 11.64 -22.51 6.52
C LEU A 518 12.92 -22.56 7.36
N HIS A 519 13.09 -23.68 8.06
CA HIS A 519 14.28 -23.92 8.87
C HIS A 519 14.68 -25.37 8.68
N ALA A 520 16.00 -25.61 8.55
CA ALA A 520 16.48 -26.93 8.14
C ALA A 520 16.19 -28.05 9.16
N PRO A 521 16.42 -27.91 10.47
CA PRO A 521 15.99 -28.98 11.37
C PRO A 521 14.48 -29.05 11.52
N ALA A 522 14.00 -30.23 11.88
CA ALA A 522 12.59 -30.48 12.11
C ALA A 522 12.38 -30.97 13.54
N THR A 523 11.33 -30.48 14.18
CA THR A 523 11.09 -30.74 15.59
C THR A 523 9.99 -31.77 15.82
N VAL A 524 8.78 -31.52 15.32
CA VAL A 524 7.65 -32.41 15.60
C VAL A 524 6.68 -32.39 14.42
N CYS A 525 6.21 -33.58 14.04
CA CYS A 525 5.21 -33.79 13.00
C CYS A 525 4.70 -35.22 13.08
N GLY A 526 3.62 -35.48 12.36
CA GLY A 526 2.93 -36.74 12.43
C GLY A 526 3.68 -37.89 11.78
N PRO A 527 3.24 -39.12 12.06
CA PRO A 527 3.94 -40.29 11.51
C PRO A 527 3.67 -40.45 10.02
N LYS A 528 4.73 -40.82 9.29
CA LYS A 528 4.64 -41.13 7.87
C LYS A 528 5.67 -42.19 7.54
N LYS A 529 5.24 -43.24 6.86
CA LYS A 529 6.13 -44.34 6.49
C LYS A 529 7.10 -43.86 5.41
N SER A 530 8.39 -43.81 5.75
CA SER A 530 9.39 -43.42 4.79
C SER A 530 9.59 -44.49 3.73
N THR A 531 9.96 -44.06 2.53
CA THR A 531 10.16 -44.96 1.40
C THR A 531 11.53 -44.71 0.78
N ASN A 532 12.02 -45.73 0.09
CA ASN A 532 13.34 -45.68 -0.51
C ASN A 532 13.37 -44.69 -1.68
N LEU A 533 14.55 -44.15 -1.95
CA LEU A 533 14.72 -43.22 -3.06
C LEU A 533 14.86 -44.00 -4.37
N VAL A 534 14.90 -43.28 -5.49
CA VAL A 534 15.05 -43.87 -6.81
C VAL A 534 16.14 -43.12 -7.56
N LYS A 535 16.68 -43.79 -8.58
CA LYS A 535 17.79 -43.27 -9.36
C LYS A 535 17.37 -43.11 -10.82
N ASN A 536 17.73 -41.96 -11.40
CA ASN A 536 17.54 -41.66 -12.81
C ASN A 536 16.08 -41.71 -13.24
N LYS A 537 15.16 -41.36 -12.35
CA LYS A 537 13.74 -41.43 -12.64
C LYS A 537 13.08 -40.11 -12.26
N CYS A 538 12.20 -39.62 -13.13
CA CYS A 538 11.42 -38.42 -12.86
C CYS A 538 10.47 -38.73 -11.71
N VAL A 539 10.64 -38.01 -10.59
CA VAL A 539 9.98 -38.38 -9.35
C VAL A 539 9.77 -37.15 -8.49
N ASN A 540 8.68 -37.14 -7.74
CA ASN A 540 8.51 -36.17 -6.68
C ASN A 540 9.23 -36.62 -5.42
N PHE A 541 9.76 -35.66 -4.67
CA PHE A 541 10.42 -35.96 -3.42
C PHE A 541 9.99 -34.95 -2.36
N ASN A 542 9.93 -35.42 -1.11
CA ASN A 542 9.62 -34.60 0.05
C ASN A 542 10.60 -34.96 1.14
N PHE A 543 11.45 -34.02 1.52
CA PHE A 543 12.50 -34.26 2.51
C PHE A 543 12.23 -33.40 3.73
N ASN A 544 11.35 -33.89 4.61
CA ASN A 544 11.06 -33.30 5.92
C ASN A 544 10.67 -31.82 5.81
N GLY A 545 9.52 -31.59 5.18
CA GLY A 545 9.14 -30.23 4.86
C GLY A 545 9.19 -29.91 3.38
N LEU A 546 10.27 -29.25 2.95
CA LEU A 546 10.40 -28.79 1.57
C LEU A 546 10.35 -29.97 0.59
N THR A 547 9.70 -29.74 -0.55
CA THR A 547 9.47 -30.76 -1.54
C THR A 547 10.12 -30.36 -2.86
N GLY A 548 9.89 -31.18 -3.88
CA GLY A 548 10.38 -30.87 -5.22
C GLY A 548 10.06 -32.01 -6.17
N THR A 549 10.45 -31.80 -7.42
CA THR A 549 10.20 -32.79 -8.46
C THR A 549 11.35 -32.77 -9.46
N GLY A 550 11.94 -33.94 -9.69
CA GLY A 550 13.05 -34.04 -10.63
C GLY A 550 13.66 -35.42 -10.60
N VAL A 551 14.90 -35.49 -11.07
CA VAL A 551 15.69 -36.71 -11.02
C VAL A 551 16.88 -36.47 -10.10
N LEU A 552 17.45 -37.57 -9.63
CA LEU A 552 18.44 -37.56 -8.56
C LEU A 552 19.75 -38.14 -9.09
N THR A 553 20.87 -37.66 -8.57
CA THR A 553 22.20 -38.06 -9.01
C THR A 553 23.08 -38.29 -7.78
N GLU A 554 24.07 -39.17 -7.92
CA GLU A 554 24.97 -39.49 -6.83
C GLU A 554 25.87 -38.28 -6.49
N SER A 555 26.68 -38.46 -5.45
CA SER A 555 27.53 -37.39 -4.96
C SER A 555 28.70 -37.13 -5.90
N ASN A 556 29.08 -35.87 -6.04
CA ASN A 556 30.29 -35.47 -6.74
C ASN A 556 31.13 -34.45 -6.00
N LYS A 557 30.60 -33.84 -4.94
CA LYS A 557 31.28 -32.79 -4.20
C LYS A 557 31.44 -33.18 -2.73
N LYS A 558 32.22 -32.38 -2.01
CA LYS A 558 32.70 -32.74 -0.69
C LYS A 558 31.79 -32.31 0.45
N PHE A 559 31.15 -31.14 0.33
CA PHE A 559 30.47 -30.47 1.44
C PHE A 559 31.34 -30.28 2.68
N LEU A 560 30.68 -30.31 3.84
CA LEU A 560 31.17 -29.93 5.14
C LEU A 560 30.20 -30.54 6.15
N PRO A 561 30.69 -31.14 7.24
CA PRO A 561 29.86 -32.13 7.94
C PRO A 561 28.66 -31.62 8.71
N PHE A 562 28.38 -30.32 8.73
CA PHE A 562 27.06 -29.83 9.07
C PHE A 562 26.41 -29.06 7.91
N GLN A 563 27.03 -29.08 6.73
CA GLN A 563 26.54 -28.38 5.55
C GLN A 563 25.82 -29.39 4.67
N GLN A 564 24.49 -29.26 4.57
CA GLN A 564 23.68 -30.25 3.88
C GLN A 564 22.91 -29.72 2.68
N PHE A 565 22.63 -28.42 2.61
CA PHE A 565 21.90 -27.84 1.49
C PHE A 565 22.85 -27.46 0.37
N GLY A 566 22.31 -27.35 -0.84
CA GLY A 566 23.11 -27.14 -2.03
C GLY A 566 22.63 -26.04 -2.96
N ARG A 567 22.19 -24.92 -2.40
CA ARG A 567 21.63 -23.84 -3.20
C ARG A 567 22.66 -23.26 -4.16
N ASP A 568 22.25 -23.06 -5.42
CA ASP A 568 23.16 -22.69 -6.48
C ASP A 568 23.25 -21.17 -6.61
N ILE A 569 23.86 -20.71 -7.71
CA ILE A 569 23.87 -19.29 -8.04
C ILE A 569 22.48 -18.80 -8.44
N ALA A 570 21.60 -19.71 -8.87
CA ALA A 570 20.24 -19.37 -9.24
C ALA A 570 19.28 -19.39 -8.04
N ASP A 571 19.81 -19.59 -6.83
CA ASP A 571 19.04 -19.61 -5.59
C ASP A 571 17.95 -20.68 -5.60
N THR A 572 18.27 -21.82 -6.20
CA THR A 572 17.37 -22.97 -6.24
C THR A 572 18.03 -24.16 -5.56
N THR A 573 17.22 -24.97 -4.88
CA THR A 573 17.76 -26.15 -4.23
C THR A 573 18.07 -27.22 -5.28
N ASP A 574 19.30 -27.74 -5.24
CA ASP A 574 19.72 -28.78 -6.17
C ASP A 574 20.57 -29.87 -5.55
N ALA A 575 21.01 -29.74 -4.30
CA ALA A 575 21.79 -30.77 -3.62
C ALA A 575 21.36 -30.84 -2.16
N VAL A 576 21.17 -32.06 -1.66
CA VAL A 576 20.75 -32.27 -0.28
C VAL A 576 21.22 -33.63 0.17
N ARG A 577 21.25 -33.85 1.47
CA ARG A 577 21.65 -35.11 2.05
C ARG A 577 20.44 -35.82 2.65
N ASP A 578 20.55 -37.14 2.76
CA ASP A 578 19.45 -37.96 3.23
C ASP A 578 19.16 -37.68 4.71
N PRO A 579 17.89 -37.57 5.09
CA PRO A 579 17.57 -37.46 6.52
C PRO A 579 17.96 -38.68 7.34
N GLN A 580 18.13 -39.85 6.72
CA GLN A 580 18.45 -41.07 7.45
C GLN A 580 19.90 -41.52 7.30
N THR A 581 20.57 -41.17 6.20
CA THR A 581 21.95 -41.55 5.95
C THR A 581 22.76 -40.34 5.50
N LEU A 582 24.08 -40.46 5.56
CA LEU A 582 24.97 -39.37 5.19
C LEU A 582 25.39 -39.57 3.73
N GLU A 583 24.44 -39.36 2.82
CA GLU A 583 24.69 -39.49 1.39
C GLU A 583 24.29 -38.20 0.69
N ILE A 584 25.25 -37.56 0.04
CA ILE A 584 24.98 -36.39 -0.78
C ILE A 584 24.29 -36.83 -2.06
N LEU A 585 23.19 -36.17 -2.41
CA LEU A 585 22.48 -36.42 -3.64
C LEU A 585 22.15 -35.10 -4.31
N ASP A 586 22.15 -35.11 -5.64
CA ASP A 586 21.98 -33.91 -6.43
C ASP A 586 20.63 -33.94 -7.14
N ILE A 587 19.92 -32.82 -7.09
CA ILE A 587 18.60 -32.70 -7.69
C ILE A 587 18.73 -31.93 -8.99
N THR A 588 18.30 -32.54 -10.10
CA THR A 588 18.17 -31.80 -11.36
C THR A 588 16.75 -32.06 -11.86
N PRO A 589 15.96 -31.03 -12.15
CA PRO A 589 14.57 -31.25 -12.53
C PRO A 589 14.45 -31.93 -13.88
N CYS A 590 13.31 -32.62 -14.06
CA CYS A 590 13.07 -33.34 -15.30
C CYS A 590 13.02 -32.38 -16.47
N SER A 591 13.63 -32.81 -17.59
CA SER A 591 13.86 -31.92 -18.71
C SER A 591 12.55 -31.51 -19.37
N PHE A 592 12.46 -30.24 -19.75
CA PHE A 592 11.31 -29.76 -20.49
C PHE A 592 11.41 -30.20 -21.95
N GLY A 593 10.44 -29.77 -22.74
CA GLY A 593 10.42 -30.09 -24.15
C GLY A 593 10.66 -28.89 -25.04
N GLY A 594 9.56 -28.36 -25.57
CA GLY A 594 9.61 -27.34 -26.59
C GLY A 594 9.32 -28.01 -27.92
N VAL A 595 8.07 -27.94 -28.35
CA VAL A 595 7.59 -28.71 -29.50
C VAL A 595 7.26 -27.73 -30.61
N SER A 596 7.82 -27.97 -31.78
CA SER A 596 7.49 -27.13 -32.93
C SER A 596 7.11 -28.04 -34.09
N VAL A 597 6.31 -27.48 -35.00
CA VAL A 597 5.71 -28.24 -36.09
C VAL A 597 6.17 -27.64 -37.42
N ILE A 598 6.42 -28.50 -38.39
CA ILE A 598 6.76 -28.10 -39.75
C ILE A 598 5.85 -28.83 -40.71
N THR A 599 5.37 -28.11 -41.72
CA THR A 599 4.40 -28.64 -42.66
C THR A 599 4.56 -27.94 -43.99
N PRO A 600 4.23 -28.61 -45.10
CA PRO A 600 4.03 -27.90 -46.37
C PRO A 600 2.65 -27.25 -46.42
N GLY A 601 2.27 -26.75 -47.60
CA GLY A 601 0.99 -26.09 -47.73
C GLY A 601 -0.17 -27.04 -47.48
N THR A 602 -1.20 -26.53 -46.80
CA THR A 602 -2.44 -27.29 -46.63
C THR A 602 -3.10 -27.52 -47.98
N ASN A 603 -2.99 -26.54 -48.89
CA ASN A 603 -3.39 -26.76 -50.27
C ASN A 603 -2.50 -27.80 -50.95
N THR A 604 -1.26 -27.92 -50.51
CA THR A 604 -0.34 -28.87 -51.13
C THR A 604 -0.53 -30.28 -50.59
N SER A 605 -0.33 -30.47 -49.28
CA SER A 605 -0.38 -31.80 -48.69
C SER A 605 -0.75 -31.67 -47.21
N ASN A 606 -0.60 -32.79 -46.49
CA ASN A 606 -0.86 -32.80 -45.05
C ASN A 606 0.17 -33.62 -44.27
N GLN A 607 1.25 -34.07 -44.90
CA GLN A 607 2.27 -34.84 -44.21
C GLN A 607 3.19 -33.89 -43.46
N VAL A 608 3.13 -33.94 -42.13
CA VAL A 608 3.81 -32.97 -41.29
C VAL A 608 4.95 -33.64 -40.52
N ALA A 609 5.73 -32.84 -39.79
CA ALA A 609 6.78 -33.36 -38.93
C ALA A 609 6.90 -32.45 -37.72
N VAL A 610 7.47 -32.99 -36.64
CA VAL A 610 7.64 -32.21 -35.42
C VAL A 610 9.09 -32.30 -34.96
N LEU A 611 9.49 -31.30 -34.16
CA LEU A 611 10.83 -31.23 -33.63
C LEU A 611 10.76 -30.85 -32.16
N TYR A 612 11.73 -31.35 -31.40
CA TYR A 612 11.83 -31.16 -29.96
C TYR A 612 13.15 -30.45 -29.68
N GLN A 613 13.08 -29.26 -29.11
CA GLN A 613 14.27 -28.44 -28.93
C GLN A 613 15.00 -28.85 -27.65
N GLY A 614 16.27 -29.25 -27.80
CA GLY A 614 17.09 -29.55 -26.65
C GLY A 614 17.03 -30.98 -26.17
N VAL A 615 15.92 -31.67 -26.44
CA VAL A 615 15.74 -33.02 -25.94
C VAL A 615 16.52 -34.00 -26.79
N ASN A 616 17.37 -34.80 -26.14
CA ASN A 616 18.13 -35.83 -26.82
C ASN A 616 17.26 -37.07 -27.01
N CYS A 617 17.38 -37.68 -28.19
CA CYS A 617 16.68 -38.91 -28.50
C CYS A 617 17.62 -40.09 -28.70
N THR A 618 18.69 -39.90 -29.46
CA THR A 618 19.72 -40.91 -29.74
C THR A 618 19.15 -42.20 -30.32
N TRP A 633 15.18 -41.27 -26.61
CA TRP A 633 15.19 -41.10 -25.15
C TRP A 633 13.98 -40.32 -24.67
N ARG A 634 13.17 -40.98 -23.82
CA ARG A 634 11.98 -40.46 -23.14
C ARG A 634 11.12 -39.56 -24.04
N VAL A 635 10.77 -40.09 -25.21
CA VAL A 635 9.89 -39.40 -26.15
C VAL A 635 8.66 -40.25 -26.42
N TYR A 636 8.26 -41.05 -25.42
CA TYR A 636 7.13 -41.97 -25.48
C TYR A 636 7.29 -42.97 -26.63
N SER A 637 6.59 -42.72 -27.73
CA SER A 637 6.65 -43.57 -28.91
C SER A 637 7.41 -42.87 -30.02
N THR A 638 7.82 -43.65 -31.00
CA THR A 638 8.60 -43.16 -32.13
C THR A 638 7.75 -43.21 -33.40
N GLY A 639 8.35 -42.79 -34.51
CA GLY A 639 7.69 -42.83 -35.79
C GLY A 639 8.48 -43.57 -36.84
N SER A 640 8.46 -43.07 -38.08
CA SER A 640 9.20 -43.73 -39.16
C SER A 640 10.70 -43.52 -38.99
N ASN A 641 11.11 -42.29 -38.69
CA ASN A 641 12.54 -41.98 -38.56
C ASN A 641 12.74 -40.94 -37.47
N VAL A 642 13.89 -41.02 -36.81
CA VAL A 642 14.30 -40.09 -35.78
C VAL A 642 15.65 -39.52 -36.17
N PHE A 643 15.80 -38.19 -36.06
CA PHE A 643 17.06 -37.54 -36.36
C PHE A 643 17.45 -36.63 -35.20
N GLN A 644 18.76 -36.41 -35.06
CA GLN A 644 19.35 -35.83 -33.85
C GLN A 644 20.22 -34.63 -34.20
N THR A 645 19.62 -33.66 -34.89
CA THR A 645 20.29 -32.40 -35.17
C THR A 645 20.70 -31.71 -33.86
N ARG A 646 21.74 -30.86 -33.96
CA ARG A 646 22.18 -30.10 -32.81
C ARG A 646 21.15 -29.08 -32.34
N ALA A 647 20.24 -28.67 -33.23
CA ALA A 647 19.10 -27.87 -32.79
C ALA A 647 18.18 -28.69 -31.89
N GLY A 648 18.02 -29.97 -32.19
CA GLY A 648 17.23 -30.83 -31.33
C GLY A 648 16.79 -32.07 -32.08
N CYS A 649 15.91 -32.82 -31.45
CA CYS A 649 15.35 -34.03 -32.02
C CYS A 649 14.34 -33.68 -33.10
N LEU A 650 14.19 -34.55 -34.09
CA LEU A 650 13.26 -34.32 -35.18
C LEU A 650 12.66 -35.64 -35.63
N ILE A 651 11.33 -35.70 -35.68
CA ILE A 651 10.64 -36.90 -36.16
C ILE A 651 9.58 -36.49 -37.16
N GLY A 652 9.17 -37.47 -37.98
CA GLY A 652 8.26 -37.22 -39.08
C GLY A 652 8.92 -36.81 -40.37
N ALA A 653 10.24 -36.87 -40.46
CA ALA A 653 10.96 -36.45 -41.65
C ALA A 653 12.16 -37.34 -41.88
N GLU A 654 12.60 -37.40 -43.12
CA GLU A 654 13.76 -38.18 -43.52
C GLU A 654 14.96 -37.26 -43.75
N TYR A 655 16.12 -37.88 -43.94
CA TYR A 655 17.38 -37.19 -44.09
C TYR A 655 18.11 -37.69 -45.32
N VAL A 656 18.75 -36.77 -46.05
CA VAL A 656 19.52 -37.11 -47.24
C VAL A 656 20.91 -36.51 -47.11
N ASN A 657 21.83 -37.06 -47.91
CA ASN A 657 23.18 -36.51 -48.06
C ASN A 657 23.24 -35.45 -49.14
N ASN A 658 22.13 -35.18 -49.82
CA ASN A 658 22.09 -34.23 -50.92
C ASN A 658 22.01 -32.81 -50.38
N SER A 659 21.96 -31.83 -51.27
CA SER A 659 21.88 -30.42 -50.88
C SER A 659 20.98 -29.69 -51.86
N TYR A 660 19.96 -29.02 -51.33
CA TYR A 660 19.04 -28.23 -52.13
C TYR A 660 18.82 -26.89 -51.44
N GLU A 661 18.27 -25.95 -52.20
CA GLU A 661 18.03 -24.61 -51.67
C GLU A 661 16.93 -24.64 -50.61
N CYS A 662 17.17 -23.90 -49.53
CA CYS A 662 16.30 -23.97 -48.36
C CYS A 662 15.02 -23.17 -48.57
N ASP A 663 13.89 -23.77 -48.19
CA ASP A 663 12.61 -23.07 -48.20
C ASP A 663 12.16 -22.64 -46.80
N ILE A 664 12.29 -23.50 -45.81
CA ILE A 664 11.96 -23.14 -44.43
C ILE A 664 13.17 -23.44 -43.54
N PRO A 665 13.65 -22.48 -42.75
CA PRO A 665 14.74 -22.77 -41.82
C PRO A 665 14.25 -23.58 -40.63
N ILE A 666 15.19 -24.32 -40.04
CA ILE A 666 14.96 -25.09 -38.82
C ILE A 666 15.94 -24.71 -37.72
N GLY A 667 17.22 -24.75 -38.02
CA GLY A 667 18.26 -24.40 -37.06
C GLY A 667 19.53 -25.17 -37.36
N ALA A 668 20.67 -24.51 -37.11
CA ALA A 668 22.02 -25.07 -37.32
C ALA A 668 22.22 -25.54 -38.76
N GLY A 669 21.73 -24.75 -39.71
CA GLY A 669 21.89 -25.08 -41.12
C GLY A 669 21.12 -26.29 -41.59
N ILE A 670 19.92 -26.51 -41.06
CA ILE A 670 19.06 -27.62 -41.45
C ILE A 670 17.76 -27.04 -42.00
N CYS A 671 17.31 -27.60 -43.12
CA CYS A 671 16.08 -27.13 -43.74
C CYS A 671 15.27 -28.32 -44.25
N ALA A 672 13.95 -28.23 -44.12
CA ALA A 672 13.03 -29.28 -44.54
C ALA A 672 12.21 -28.80 -45.71
N SER A 673 12.08 -29.65 -46.73
CA SER A 673 11.32 -29.33 -47.93
C SER A 673 10.43 -30.51 -48.28
N TYR A 674 9.64 -30.32 -49.34
CA TYR A 674 8.71 -31.33 -49.83
C TYR A 674 9.16 -31.81 -51.21
N GLN A 675 9.27 -33.13 -51.38
CA GLN A 675 9.72 -33.69 -52.64
C GLN A 675 8.65 -33.59 -53.71
N GLN A 690 6.22 -35.99 -52.30
CA GLN A 690 5.38 -36.95 -51.59
C GLN A 690 5.97 -37.29 -50.23
N SER A 691 7.07 -36.63 -49.88
CA SER A 691 7.71 -36.87 -48.59
C SER A 691 8.43 -35.60 -48.15
N ILE A 692 8.63 -35.49 -46.84
CA ILE A 692 9.32 -34.35 -46.23
C ILE A 692 10.77 -34.74 -46.02
N ILE A 693 11.68 -33.94 -46.56
CA ILE A 693 13.10 -34.25 -46.56
C ILE A 693 13.85 -33.15 -45.83
N ALA A 694 14.62 -33.53 -44.81
CA ALA A 694 15.49 -32.62 -44.09
C ALA A 694 16.91 -32.76 -44.62
N TYR A 695 17.58 -31.62 -44.79
CA TYR A 695 18.89 -31.59 -45.44
C TYR A 695 19.72 -30.45 -44.87
N THR A 696 21.03 -30.56 -45.08
CA THR A 696 21.95 -29.52 -44.65
C THR A 696 21.88 -28.32 -45.58
N MET A 697 22.54 -27.24 -45.15
CA MET A 697 22.55 -25.99 -45.90
C MET A 697 23.26 -26.13 -47.24
N SER A 698 22.63 -25.60 -48.28
CA SER A 698 23.24 -25.47 -49.60
C SER A 698 23.53 -23.99 -49.82
N LEU A 699 24.82 -23.66 -49.97
CA LEU A 699 25.22 -22.27 -50.04
C LEU A 699 25.03 -21.66 -51.42
N GLY A 700 24.73 -22.48 -52.42
CA GLY A 700 24.59 -22.04 -53.78
C GLY A 700 25.42 -22.89 -54.72
N ALA A 701 25.50 -22.44 -55.96
CA ALA A 701 26.30 -23.12 -56.95
C ALA A 701 27.79 -22.93 -56.67
N GLU A 702 28.52 -24.03 -56.57
CA GLU A 702 29.96 -23.97 -56.36
C GLU A 702 30.64 -23.46 -57.62
N ASN A 703 31.50 -22.45 -57.46
CA ASN A 703 32.14 -21.82 -58.60
C ASN A 703 33.60 -21.56 -58.30
N SER A 704 34.41 -21.62 -59.36
CA SER A 704 35.82 -21.25 -59.29
C SER A 704 36.18 -20.54 -60.58
N VAL A 705 37.09 -19.59 -60.48
CA VAL A 705 37.58 -18.85 -61.64
C VAL A 705 39.08 -19.01 -61.73
N ALA A 706 39.57 -19.31 -62.93
CA ALA A 706 41.00 -19.46 -63.14
C ALA A 706 41.68 -18.11 -63.01
N TYR A 707 42.87 -18.11 -62.41
CA TYR A 707 43.61 -16.88 -62.19
C TYR A 707 44.98 -16.98 -62.84
N SER A 708 45.34 -15.95 -63.60
CA SER A 708 46.62 -15.93 -64.29
C SER A 708 47.25 -14.56 -64.12
N ASN A 709 48.57 -14.52 -64.26
CA ASN A 709 49.30 -13.27 -64.09
C ASN A 709 49.10 -12.31 -65.25
N ASN A 710 48.59 -12.79 -66.40
CA ASN A 710 48.53 -11.96 -67.60
C ASN A 710 47.21 -12.16 -68.35
N SER A 711 46.13 -12.47 -67.65
CA SER A 711 44.83 -12.72 -68.28
C SER A 711 43.79 -11.76 -67.74
N ILE A 712 43.01 -11.16 -68.64
CA ILE A 712 41.91 -10.27 -68.30
C ILE A 712 40.63 -10.83 -68.90
N ALA A 713 39.58 -10.92 -68.09
CA ALA A 713 38.24 -11.19 -68.59
C ALA A 713 37.63 -9.87 -69.01
N ILE A 714 37.10 -9.82 -70.23
CA ILE A 714 36.50 -8.61 -70.79
C ILE A 714 35.16 -9.00 -71.42
N PRO A 715 34.07 -8.36 -71.05
CA PRO A 715 32.77 -8.73 -71.61
C PRO A 715 32.43 -7.91 -72.85
N THR A 716 31.69 -8.55 -73.74
CA THR A 716 31.32 -7.97 -75.03
C THR A 716 29.85 -7.68 -75.18
N ASN A 717 28.96 -8.55 -74.71
CA ASN A 717 27.52 -8.30 -74.76
C ASN A 717 27.02 -8.06 -73.34
N PHE A 718 25.89 -7.36 -73.25
CA PHE A 718 25.35 -6.95 -71.97
C PHE A 718 23.83 -6.93 -72.05
N THR A 719 23.20 -6.82 -70.88
CA THR A 719 21.76 -6.64 -70.79
C THR A 719 21.46 -5.54 -69.78
N ILE A 720 20.29 -4.93 -69.95
CA ILE A 720 19.72 -4.03 -68.96
C ILE A 720 18.64 -4.79 -68.22
N SER A 721 18.52 -4.55 -66.92
CA SER A 721 17.59 -5.29 -66.09
C SER A 721 16.80 -4.33 -65.22
N VAL A 722 15.55 -4.69 -64.96
CA VAL A 722 14.68 -3.95 -64.07
C VAL A 722 14.42 -4.79 -62.83
N THR A 723 14.58 -4.17 -61.66
CA THR A 723 14.35 -4.84 -60.39
C THR A 723 13.39 -4.01 -59.56
N THR A 724 12.70 -4.69 -58.64
CA THR A 724 11.70 -4.05 -57.80
C THR A 724 12.19 -3.97 -56.37
N GLU A 725 11.82 -2.88 -55.69
CA GLU A 725 12.07 -2.70 -54.27
C GLU A 725 10.82 -2.13 -53.63
N ILE A 726 10.41 -2.68 -52.50
CA ILE A 726 9.18 -2.29 -51.82
C ILE A 726 9.55 -1.74 -50.45
N LEU A 727 9.18 -0.48 -50.20
CA LEU A 727 9.51 0.17 -48.93
C LEU A 727 8.25 0.72 -48.30
N PRO A 728 7.95 0.36 -47.04
CA PRO A 728 6.85 1.00 -46.33
C PRO A 728 7.17 2.46 -46.04
N VAL A 729 6.13 3.27 -45.98
CA VAL A 729 6.33 4.71 -45.76
C VAL A 729 5.62 5.17 -44.49
N SER A 730 4.40 4.71 -44.25
CA SER A 730 3.62 5.16 -43.10
C SER A 730 2.50 4.16 -42.87
N MET A 731 2.15 3.97 -41.60
CA MET A 731 1.03 3.13 -41.22
C MET A 731 -0.14 4.02 -40.82
N THR A 732 -1.27 3.38 -40.56
CA THR A 732 -2.53 4.11 -40.40
C THR A 732 -2.54 4.92 -39.11
N LYS A 733 -2.87 6.21 -39.23
CA LYS A 733 -2.99 7.06 -38.06
C LYS A 733 -4.17 6.61 -37.20
N THR A 734 -3.97 6.61 -35.89
CA THR A 734 -4.99 6.15 -34.97
C THR A 734 -5.05 7.08 -33.77
N SER A 735 -6.21 7.07 -33.11
CA SER A 735 -6.40 7.82 -31.88
C SER A 735 -7.40 7.08 -31.02
N VAL A 736 -7.33 7.35 -29.72
CA VAL A 736 -8.14 6.66 -28.72
C VAL A 736 -8.88 7.71 -27.89
N ASP A 737 -9.70 7.23 -26.97
CA ASP A 737 -10.30 8.06 -25.94
C ASP A 737 -10.03 7.45 -24.56
N CYS A 738 -9.56 8.29 -23.64
CA CYS A 738 -9.05 7.75 -22.38
C CYS A 738 -10.17 7.53 -21.36
N THR A 739 -11.37 8.05 -21.65
CA THR A 739 -12.48 7.88 -20.71
C THR A 739 -13.43 6.79 -21.16
N MET A 740 -13.95 6.90 -22.38
CA MET A 740 -15.00 6.01 -22.84
C MET A 740 -14.48 4.62 -23.19
N TYR A 741 -13.18 4.47 -23.42
CA TYR A 741 -12.65 3.13 -23.68
C TYR A 741 -12.61 2.29 -22.42
N ILE A 742 -12.13 2.88 -21.31
CA ILE A 742 -12.03 2.12 -20.06
C ILE A 742 -13.29 2.20 -19.22
N CYS A 743 -14.16 3.18 -19.46
CA CYS A 743 -15.37 3.36 -18.67
C CYS A 743 -16.57 3.59 -19.58
N GLY A 744 -17.74 3.25 -19.10
CA GLY A 744 -18.97 3.50 -19.84
C GLY A 744 -19.39 4.95 -19.76
N ASP A 745 -20.68 5.19 -19.87
CA ASP A 745 -21.22 6.53 -19.67
C ASP A 745 -21.61 6.75 -18.21
N SER A 746 -20.65 6.48 -17.32
CA SER A 746 -20.86 6.59 -15.88
C SER A 746 -19.93 7.65 -15.31
N THR A 747 -20.48 8.55 -14.50
CA THR A 747 -19.69 9.61 -13.90
C THR A 747 -18.67 9.07 -12.90
N GLU A 748 -19.03 8.03 -12.13
CA GLU A 748 -18.16 7.54 -11.07
C GLU A 748 -16.87 6.93 -11.61
N CYS A 749 -16.90 6.31 -12.79
CA CYS A 749 -15.66 5.81 -13.36
C CYS A 749 -14.77 6.95 -13.82
N SER A 750 -15.36 8.04 -14.31
CA SER A 750 -14.57 9.23 -14.62
C SER A 750 -13.99 9.85 -13.37
N ASN A 751 -14.73 9.81 -12.25
CA ASN A 751 -14.21 10.29 -10.98
C ASN A 751 -13.03 9.44 -10.53
N LEU A 752 -13.12 8.12 -10.68
CA LEU A 752 -12.00 7.25 -10.35
C LEU A 752 -10.82 7.48 -11.29
N LEU A 753 -11.08 7.86 -12.54
CA LEU A 753 -9.99 8.15 -13.47
C LEU A 753 -9.27 9.42 -13.08
N LEU A 754 -10.03 10.49 -12.79
CA LEU A 754 -9.42 11.74 -12.36
C LEU A 754 -8.81 11.64 -10.96
N GLN A 755 -9.18 10.60 -10.20
CA GLN A 755 -8.44 10.27 -8.99
C GLN A 755 -7.00 9.91 -9.33
N TYR A 756 -6.80 9.12 -10.39
CA TYR A 756 -5.46 8.92 -10.93
C TYR A 756 -4.95 10.20 -11.58
N GLY A 757 -5.83 10.94 -12.25
CA GLY A 757 -5.56 12.30 -12.67
C GLY A 757 -4.95 12.50 -14.05
N SER A 758 -3.66 12.22 -14.19
CA SER A 758 -2.89 12.62 -15.37
C SER A 758 -2.29 11.43 -16.11
N PHE A 759 -3.10 10.42 -16.39
CA PHE A 759 -2.63 9.28 -17.15
C PHE A 759 -3.24 9.15 -18.53
N CYS A 760 -3.78 10.22 -19.11
CA CYS A 760 -4.12 10.19 -20.53
C CYS A 760 -3.77 11.47 -21.26
N THR A 761 -3.32 12.51 -20.56
CA THR A 761 -2.85 13.71 -21.23
C THR A 761 -1.59 13.44 -22.04
N GLN A 762 -0.60 12.81 -21.41
CA GLN A 762 0.62 12.42 -22.11
C GLN A 762 0.34 11.35 -23.16
N LEU A 763 -0.71 10.56 -22.94
CA LEU A 763 -1.12 9.56 -23.93
C LEU A 763 -1.66 10.23 -25.18
N LYS A 764 -2.51 11.25 -25.00
CA LYS A 764 -3.02 12.00 -26.13
C LYS A 764 -1.89 12.72 -26.85
N ARG A 765 -0.95 13.28 -26.08
CA ARG A 765 0.21 13.93 -26.68
C ARG A 765 1.04 12.95 -27.51
N ALA A 766 1.26 11.75 -26.99
CA ALA A 766 2.06 10.75 -27.70
C ALA A 766 1.35 10.26 -28.96
N LEU A 767 0.05 9.96 -28.87
CA LEU A 767 -0.66 9.48 -30.05
C LEU A 767 -0.79 10.57 -31.11
N THR A 768 -1.01 11.82 -30.69
CA THR A 768 -1.03 12.91 -31.67
C THR A 768 0.34 13.14 -32.29
N GLY A 769 1.41 12.95 -31.50
CA GLY A 769 2.74 13.05 -32.06
C GLY A 769 3.03 11.98 -33.09
N ILE A 770 2.62 10.74 -32.81
CA ILE A 770 2.77 9.67 -33.78
C ILE A 770 1.95 9.94 -35.03
N ALA A 771 0.71 10.43 -34.86
CA ALA A 771 -0.14 10.72 -36.00
C ALA A 771 0.47 11.81 -36.89
N VAL A 772 0.92 12.91 -36.27
CA VAL A 772 1.45 14.01 -37.06
C VAL A 772 2.80 13.65 -37.67
N GLU A 773 3.58 12.78 -37.01
CA GLU A 773 4.88 12.43 -37.56
C GLU A 773 4.75 11.43 -38.71
N GLN A 774 3.84 10.47 -38.58
CA GLN A 774 3.56 9.57 -39.71
C GLN A 774 2.94 10.31 -40.88
N ASP A 775 2.12 11.33 -40.61
CA ASP A 775 1.59 12.14 -41.70
C ASP A 775 2.69 13.00 -42.31
N LYS A 776 3.65 13.46 -41.49
CA LYS A 776 4.78 14.22 -41.99
C LYS A 776 5.66 13.40 -42.91
N ASN A 777 5.80 12.09 -42.62
CA ASN A 777 6.70 11.22 -43.36
C ASN A 777 6.42 11.20 -44.86
N THR A 778 5.17 11.42 -45.26
CA THR A 778 4.84 11.37 -46.68
C THR A 778 5.33 12.60 -47.44
N GLN A 779 5.46 13.75 -46.76
CA GLN A 779 5.79 14.98 -47.47
C GLN A 779 7.23 14.99 -47.98
N GLU A 780 8.20 14.63 -47.13
CA GLU A 780 9.57 14.66 -47.59
C GLU A 780 9.92 13.48 -48.48
N VAL A 781 9.04 12.48 -48.59
CA VAL A 781 9.28 11.37 -49.50
C VAL A 781 8.52 11.52 -50.82
N PHE A 782 7.47 12.34 -50.87
CA PHE A 782 6.71 12.54 -52.10
C PHE A 782 6.80 13.96 -52.64
N ALA A 783 6.75 14.97 -51.77
CA ALA A 783 6.79 16.36 -52.22
C ALA A 783 8.22 16.91 -52.14
N GLN A 784 9.10 16.31 -52.94
CA GLN A 784 10.47 16.81 -53.03
C GLN A 784 10.55 18.06 -53.90
N VAL A 785 9.76 18.12 -54.96
CA VAL A 785 9.79 19.22 -55.91
C VAL A 785 8.49 20.00 -55.80
N LYS A 786 8.58 21.32 -55.91
CA LYS A 786 7.42 22.21 -55.85
C LYS A 786 7.05 22.72 -57.23
N GLN A 787 7.23 21.90 -58.26
CA GLN A 787 6.89 22.26 -59.63
C GLN A 787 6.30 21.02 -60.29
N ILE A 788 4.97 20.92 -60.25
CA ILE A 788 4.29 19.76 -60.82
C ILE A 788 4.34 19.85 -62.35
N TYR A 789 4.70 18.74 -62.99
CA TYR A 789 4.85 18.68 -64.43
C TYR A 789 3.85 17.70 -65.01
N LYS A 790 3.63 17.83 -66.33
CA LYS A 790 2.76 16.92 -67.06
C LYS A 790 3.46 16.46 -68.33
N THR A 791 3.08 15.30 -68.81
CA THR A 791 3.69 14.74 -70.01
C THR A 791 3.18 15.45 -71.27
N PRO A 792 4.02 15.59 -72.28
CA PRO A 792 3.56 16.09 -73.58
C PRO A 792 2.65 15.07 -74.23
N PRO A 793 1.73 15.51 -75.11
CA PRO A 793 0.81 14.54 -75.74
C PRO A 793 1.50 13.60 -76.70
N ILE A 794 2.50 14.07 -77.46
CA ILE A 794 3.22 13.21 -78.38
C ILE A 794 4.37 12.55 -77.65
N LYS A 795 4.74 11.35 -78.10
CA LYS A 795 5.79 10.55 -77.47
C LYS A 795 6.77 10.08 -78.54
N TYR A 796 7.73 10.93 -78.88
CA TYR A 796 8.85 10.54 -79.74
C TYR A 796 10.06 10.14 -78.89
N PHE A 797 9.86 9.13 -78.04
CA PHE A 797 10.89 8.73 -77.09
C PHE A 797 11.84 7.69 -77.67
N GLY A 798 12.32 7.93 -78.89
CA GLY A 798 13.27 7.02 -79.53
C GLY A 798 12.80 5.59 -79.69
N GLY A 799 11.49 5.37 -79.76
CA GLY A 799 10.94 4.04 -79.82
C GLY A 799 10.70 3.38 -78.48
N PHE A 800 11.07 4.03 -77.37
CA PHE A 800 10.83 3.47 -76.05
C PHE A 800 9.34 3.53 -75.72
N ASN A 801 8.81 2.43 -75.21
CA ASN A 801 7.42 2.39 -74.79
C ASN A 801 7.32 2.67 -73.30
N PHE A 802 6.46 3.61 -72.93
CA PHE A 802 6.30 3.98 -71.54
C PHE A 802 4.83 4.04 -71.13
N SER A 803 3.95 3.31 -71.81
CA SER A 803 2.54 3.35 -71.50
C SER A 803 2.22 2.70 -70.16
N GLN A 804 3.12 1.89 -69.61
CA GLN A 804 2.84 1.20 -68.37
C GLN A 804 3.04 2.07 -67.14
N ILE A 805 3.75 3.19 -67.27
CA ILE A 805 4.05 4.04 -66.12
C ILE A 805 3.28 5.35 -66.16
N LEU A 806 2.98 5.88 -67.34
CA LEU A 806 2.24 7.13 -67.42
C LEU A 806 0.77 6.86 -67.12
N PRO A 807 0.14 7.71 -66.32
CA PRO A 807 -1.28 7.50 -65.99
C PRO A 807 -2.17 7.56 -67.21
N ASP A 808 -3.17 6.68 -67.25
CA ASP A 808 -4.01 6.55 -68.41
C ASP A 808 -5.15 7.56 -68.35
N PRO A 809 -5.24 8.50 -69.30
CA PRO A 809 -6.35 9.46 -69.27
C PRO A 809 -7.71 8.83 -69.47
N SER A 810 -7.79 7.73 -70.23
CA SER A 810 -9.07 7.04 -70.40
C SER A 810 -9.51 6.36 -69.11
N LYS A 811 -8.56 5.98 -68.26
CA LYS A 811 -8.89 5.46 -66.94
C LYS A 811 -9.50 6.58 -66.09
N PRO A 812 -10.63 6.32 -65.43
CA PRO A 812 -11.21 7.36 -64.55
C PRO A 812 -10.31 7.76 -63.40
N SER A 813 -9.47 6.84 -62.91
CA SER A 813 -8.44 7.19 -61.95
C SER A 813 -7.16 7.57 -62.68
N LYS A 814 -6.47 8.57 -62.16
CA LYS A 814 -5.25 9.08 -62.79
C LYS A 814 -4.03 8.28 -62.29
N ARG A 815 -4.02 7.00 -62.63
CA ARG A 815 -2.99 6.07 -62.18
C ARG A 815 -2.49 5.25 -63.35
N SER A 816 -1.26 4.76 -63.25
CA SER A 816 -0.71 3.87 -64.24
C SER A 816 -1.36 2.48 -64.12
N PRO A 817 -1.28 1.67 -65.18
CA PRO A 817 -1.69 0.26 -65.02
C PRO A 817 -0.88 -0.49 -63.99
N ILE A 818 0.40 -0.16 -63.82
CA ILE A 818 1.18 -0.72 -62.71
C ILE A 818 0.58 -0.27 -61.38
N GLU A 819 0.22 1.01 -61.28
CA GLU A 819 -0.45 1.49 -60.07
C GLU A 819 -1.80 0.81 -59.89
N ASP A 820 -2.50 0.51 -60.98
CA ASP A 820 -3.78 -0.18 -60.90
C ASP A 820 -3.61 -1.60 -60.35
N LEU A 821 -2.61 -2.34 -60.85
CA LEU A 821 -2.35 -3.67 -60.33
C LEU A 821 -1.90 -3.64 -58.88
N LEU A 822 -1.02 -2.71 -58.51
CA LEU A 822 -0.58 -2.62 -57.12
C LEU A 822 -1.71 -2.21 -56.19
N PHE A 823 -2.65 -1.40 -56.68
CA PHE A 823 -3.82 -1.06 -55.86
C PHE A 823 -4.75 -2.26 -55.75
N ASN A 824 -4.86 -3.07 -56.80
CA ASN A 824 -5.78 -4.20 -56.79
C ASN A 824 -5.26 -5.37 -55.95
N LYS A 825 -3.95 -5.59 -55.91
CA LYS A 825 -3.41 -6.69 -55.12
C LYS A 825 -3.58 -6.48 -53.62
N VAL A 826 -3.71 -5.23 -53.17
CA VAL A 826 -3.93 -4.96 -51.76
C VAL A 826 -5.18 -4.12 -51.59
N LEU A 849 -16.32 -5.81 -39.09
CA LEU A 849 -15.39 -5.74 -37.97
C LEU A 849 -14.82 -4.32 -37.83
N ILE A 850 -14.78 -3.60 -38.94
CA ILE A 850 -14.25 -2.24 -38.93
C ILE A 850 -15.16 -1.31 -38.14
N CYS A 851 -16.47 -1.42 -38.36
CA CYS A 851 -17.42 -0.60 -37.60
C CYS A 851 -17.47 -1.03 -36.14
N ALA A 852 -17.36 -2.33 -35.88
CA ALA A 852 -17.37 -2.83 -34.50
C ALA A 852 -16.15 -2.36 -33.72
N GLN A 853 -14.97 -2.39 -34.34
CA GLN A 853 -13.78 -1.88 -33.67
C GLN A 853 -13.79 -0.37 -33.61
N LYS A 854 -14.50 0.29 -34.54
CA LYS A 854 -14.63 1.74 -34.48
C LYS A 854 -15.50 2.17 -33.30
N PHE A 855 -16.60 1.45 -33.05
CA PHE A 855 -17.60 1.84 -32.07
C PHE A 855 -17.15 1.69 -30.61
N ASN A 856 -15.87 1.40 -30.35
CA ASN A 856 -15.36 1.30 -28.99
C ASN A 856 -14.33 2.38 -28.70
N GLY A 857 -14.50 3.56 -29.31
CA GLY A 857 -13.58 4.66 -29.09
C GLY A 857 -12.27 4.54 -29.83
N LEU A 858 -12.14 3.60 -30.74
CA LEU A 858 -10.92 3.37 -31.50
C LEU A 858 -11.13 3.96 -32.89
N THR A 859 -10.85 5.25 -33.03
CA THR A 859 -11.01 5.93 -34.31
C THR A 859 -9.73 5.81 -35.14
N VAL A 860 -9.89 6.00 -36.45
CA VAL A 860 -8.78 6.03 -37.38
C VAL A 860 -8.78 7.38 -38.08
N LEU A 861 -7.60 7.90 -38.33
CA LEU A 861 -7.53 9.22 -38.94
C LEU A 861 -7.12 9.10 -40.39
N PRO A 862 -7.84 9.75 -41.30
CA PRO A 862 -7.44 9.71 -42.71
C PRO A 862 -6.16 10.53 -42.93
N PRO A 863 -5.30 10.09 -43.83
CA PRO A 863 -4.11 10.89 -44.15
C PRO A 863 -4.48 12.14 -44.90
N LEU A 864 -3.59 13.14 -44.84
CA LEU A 864 -3.80 14.38 -45.57
C LEU A 864 -3.83 14.16 -47.07
N LEU A 865 -2.82 13.50 -47.61
CA LEU A 865 -2.67 13.33 -49.04
C LEU A 865 -3.33 12.02 -49.45
N THR A 866 -4.49 12.13 -50.11
CA THR A 866 -5.11 10.93 -50.65
C THR A 866 -4.36 10.47 -51.90
N ASP A 867 -4.81 9.34 -52.45
CA ASP A 867 -4.10 8.70 -53.55
C ASP A 867 -4.07 9.55 -54.82
N GLU A 868 -4.99 10.51 -54.95
CA GLU A 868 -4.96 11.40 -56.11
C GLU A 868 -3.75 12.33 -56.08
N MET A 869 -3.49 12.96 -54.93
CA MET A 869 -2.34 13.84 -54.83
C MET A 869 -1.02 13.07 -54.88
N ILE A 870 -0.98 11.88 -54.30
CA ILE A 870 0.20 11.04 -54.40
C ILE A 870 0.45 10.63 -55.85
N ALA A 871 -0.63 10.29 -56.56
CA ALA A 871 -0.51 9.95 -57.98
C ALA A 871 -0.03 11.14 -58.79
N GLN A 872 -0.49 12.35 -58.46
CA GLN A 872 -0.05 13.52 -59.21
C GLN A 872 1.40 13.87 -58.90
N TYR A 873 1.84 13.68 -57.65
CA TYR A 873 3.27 13.80 -57.33
C TYR A 873 4.11 12.81 -58.09
N THR A 874 3.68 11.55 -58.17
CA THR A 874 4.45 10.55 -58.91
C THR A 874 4.47 10.86 -60.40
N SER A 875 3.33 11.33 -60.94
CA SER A 875 3.29 11.69 -62.35
C SER A 875 4.21 12.87 -62.65
N ALA A 876 4.25 13.85 -61.74
CA ALA A 876 5.17 14.97 -61.89
C ALA A 876 6.63 14.51 -61.82
N LEU A 877 6.93 13.57 -60.92
CA LEU A 877 8.29 13.06 -60.80
C LEU A 877 8.72 12.31 -62.07
N LEU A 878 7.84 11.45 -62.60
CA LEU A 878 8.16 10.76 -63.84
C LEU A 878 8.29 11.73 -65.02
N ALA A 879 7.43 12.75 -65.08
CA ALA A 879 7.53 13.73 -66.15
C ALA A 879 8.84 14.49 -66.08
N GLY A 880 9.22 14.94 -64.88
CA GLY A 880 10.47 15.65 -64.72
C GLY A 880 11.69 14.80 -65.01
N THR A 881 11.64 13.52 -64.65
CA THR A 881 12.77 12.65 -64.94
C THR A 881 12.77 12.10 -66.35
N ILE A 882 11.67 12.26 -67.10
CA ILE A 882 11.63 11.75 -68.45
C ILE A 882 11.81 12.83 -69.52
N THR A 883 11.51 14.10 -69.21
CA THR A 883 11.71 15.15 -70.19
C THR A 883 12.71 16.22 -69.76
N SER A 884 13.00 16.34 -68.47
CA SER A 884 14.03 17.26 -68.00
C SER A 884 15.25 16.54 -67.47
N GLY A 885 15.27 15.22 -67.51
CA GLY A 885 16.41 14.45 -67.06
C GLY A 885 16.59 14.47 -65.55
N TRP A 886 17.62 15.16 -65.09
CA TRP A 886 17.93 15.22 -63.67
C TRP A 886 18.30 16.60 -63.18
N THR A 887 18.34 17.62 -64.03
CA THR A 887 18.72 18.95 -63.61
C THR A 887 17.62 19.66 -62.82
N PHE A 888 16.38 19.17 -62.90
CA PHE A 888 15.28 19.83 -62.21
C PHE A 888 15.37 19.68 -60.70
N GLY A 889 16.13 18.71 -60.20
CA GLY A 889 16.32 18.58 -58.77
C GLY A 889 17.17 19.69 -58.17
N ALA A 890 17.95 20.39 -58.99
CA ALA A 890 18.79 21.49 -58.51
C ALA A 890 18.03 22.81 -58.55
N GLY A 891 17.56 23.21 -59.73
CA GLY A 891 16.86 24.45 -59.88
C GLY A 891 15.71 24.33 -60.87
N PRO A 892 15.65 25.25 -61.83
CA PRO A 892 14.62 25.15 -62.87
C PRO A 892 14.88 23.96 -63.78
N ALA A 893 13.78 23.38 -64.28
CA ALA A 893 13.88 22.21 -65.13
C ALA A 893 14.45 22.58 -66.49
N LEU A 894 15.42 21.82 -66.96
CA LEU A 894 16.03 22.02 -68.27
C LEU A 894 15.70 20.81 -69.13
N GLN A 895 14.96 21.05 -70.21
CA GLN A 895 14.48 19.95 -71.04
C GLN A 895 15.63 19.32 -71.82
N ILE A 896 15.57 18.01 -71.95
CA ILE A 896 16.61 17.22 -72.61
C ILE A 896 15.96 15.99 -73.24
N PRO A 897 16.32 15.63 -74.46
CA PRO A 897 15.78 14.40 -75.04
C PRO A 897 16.38 13.16 -74.38
N PHE A 898 15.66 12.05 -74.55
CA PHE A 898 16.07 10.78 -73.93
C PHE A 898 17.39 10.20 -74.44
N PRO A 899 17.71 10.16 -75.75
CA PRO A 899 18.90 9.38 -76.16
C PRO A 899 20.24 9.91 -75.65
N MET A 900 20.54 11.21 -75.81
CA MET A 900 21.79 11.68 -75.26
C MET A 900 21.76 11.81 -73.74
N GLN A 901 20.58 11.82 -73.13
CA GLN A 901 20.51 11.70 -71.68
C GLN A 901 20.99 10.32 -71.23
N MET A 902 20.53 9.26 -71.91
CA MET A 902 21.03 7.92 -71.60
C MET A 902 22.49 7.78 -71.99
N ALA A 903 22.94 8.53 -73.00
CA ALA A 903 24.35 8.56 -73.33
C ALA A 903 25.17 9.16 -72.19
N TYR A 904 24.65 10.22 -71.56
CA TYR A 904 25.30 10.77 -70.38
C TYR A 904 25.30 9.76 -69.23
N ARG A 905 24.20 9.02 -69.07
CA ARG A 905 24.13 8.02 -68.01
C ARG A 905 25.16 6.91 -68.23
N PHE A 906 25.36 6.51 -69.48
CA PHE A 906 26.45 5.58 -69.80
C PHE A 906 27.81 6.20 -69.53
N ASN A 907 27.98 7.48 -69.87
CA ASN A 907 29.23 8.19 -69.61
C ASN A 907 29.54 8.22 -68.11
N GLY A 908 28.50 8.26 -67.29
CA GLY A 908 28.69 8.23 -65.84
C GLY A 908 29.21 6.91 -65.32
N ILE A 909 29.08 5.83 -66.09
CA ILE A 909 29.52 4.51 -65.65
C ILE A 909 30.70 4.12 -66.54
N GLY A 910 31.38 5.13 -67.08
CA GLY A 910 32.58 4.88 -67.87
C GLY A 910 32.33 4.24 -69.22
N VAL A 911 31.11 4.31 -69.73
CA VAL A 911 30.75 3.76 -71.03
C VAL A 911 30.68 4.88 -72.04
N THR A 912 31.47 4.77 -73.11
CA THR A 912 31.46 5.78 -74.15
C THR A 912 30.12 5.74 -74.89
N GLN A 913 29.60 6.93 -75.20
CA GLN A 913 28.27 7.04 -75.79
C GLN A 913 28.16 6.40 -77.17
N ASN A 914 29.30 6.20 -77.86
CA ASN A 914 29.30 5.67 -79.21
C ASN A 914 28.67 4.29 -79.32
N VAL A 915 28.70 3.51 -78.23
CA VAL A 915 28.03 2.21 -78.23
C VAL A 915 26.53 2.38 -78.28
N LEU A 916 25.99 3.30 -77.46
CA LEU A 916 24.55 3.41 -77.30
C LEU A 916 23.86 3.81 -78.60
N TYR A 917 24.43 4.77 -79.32
CA TYR A 917 23.89 5.15 -80.62
C TYR A 917 24.08 4.05 -81.66
N GLU A 918 24.99 3.11 -81.43
CA GLU A 918 25.15 1.98 -82.33
C GLU A 918 24.04 0.94 -82.14
N ASN A 919 23.48 0.82 -80.94
CA ASN A 919 22.49 -0.22 -80.70
C ASN A 919 21.30 0.27 -79.89
N GLN A 920 20.89 1.53 -80.07
CA GLN A 920 19.77 2.07 -79.29
C GLN A 920 18.46 1.38 -79.60
N LYS A 921 18.32 0.81 -80.81
CA LYS A 921 17.15 -0.01 -81.10
C LYS A 921 17.11 -1.25 -80.21
N LEU A 922 18.27 -1.89 -80.03
CA LEU A 922 18.36 -3.02 -79.13
C LEU A 922 18.10 -2.61 -77.68
N ILE A 923 18.54 -1.39 -77.31
CA ILE A 923 18.26 -0.88 -75.97
C ILE A 923 16.77 -0.71 -75.76
N ALA A 924 16.09 -0.14 -76.76
CA ALA A 924 14.63 0.04 -76.68
C ALA A 924 13.91 -1.29 -76.60
N ASN A 925 14.34 -2.27 -77.42
CA ASN A 925 13.70 -3.59 -77.38
C ASN A 925 13.92 -4.28 -76.04
N GLN A 926 15.13 -4.20 -75.49
CA GLN A 926 15.40 -4.81 -74.20
C GLN A 926 14.63 -4.14 -73.08
N PHE A 927 14.52 -2.80 -73.13
CA PHE A 927 13.76 -2.07 -72.13
C PHE A 927 12.27 -2.44 -72.18
N ASN A 928 11.73 -2.53 -73.40
CA ASN A 928 10.32 -2.88 -73.53
C ASN A 928 10.06 -4.32 -73.08
N SER A 929 11.00 -5.23 -73.39
CA SER A 929 10.87 -6.61 -72.93
C SER A 929 10.93 -6.70 -71.40
N ALA A 930 11.82 -5.91 -70.78
CA ALA A 930 11.91 -5.92 -69.33
C ALA A 930 10.67 -5.32 -68.68
N ILE A 931 10.12 -4.27 -69.28
CA ILE A 931 8.91 -3.65 -68.73
C ILE A 931 7.71 -4.60 -68.88
N GLY A 932 7.62 -5.29 -70.02
CA GLY A 932 6.60 -6.31 -70.16
C GLY A 932 6.78 -7.48 -69.22
N LYS A 933 8.04 -7.80 -68.89
CA LYS A 933 8.32 -8.92 -67.99
C LYS A 933 7.98 -8.58 -66.54
N ILE A 934 8.19 -7.33 -66.14
CA ILE A 934 7.98 -6.97 -64.73
C ILE A 934 6.49 -7.03 -64.36
N GLN A 935 5.59 -6.88 -65.35
CA GLN A 935 4.17 -6.91 -65.07
C GLN A 935 3.72 -8.28 -64.58
N ASP A 936 3.91 -9.32 -65.39
CA ASP A 936 3.54 -10.64 -64.93
C ASP A 936 4.57 -11.21 -63.95
N SER A 937 5.72 -10.54 -63.79
CA SER A 937 6.61 -10.90 -62.69
C SER A 937 6.02 -10.54 -61.35
N LEU A 938 5.48 -9.32 -61.22
CA LEU A 938 4.83 -8.94 -59.98
C LEU A 938 3.47 -9.60 -59.84
N SER A 939 2.79 -9.87 -60.96
CA SER A 939 1.49 -10.52 -60.92
C SER A 939 1.58 -12.03 -60.77
N SER A 940 2.78 -12.62 -60.89
CA SER A 940 2.90 -14.06 -60.79
C SER A 940 2.68 -14.53 -59.35
N THR A 941 3.30 -13.86 -58.39
CA THR A 941 3.18 -14.24 -56.99
C THR A 941 2.84 -13.01 -56.15
N PRO A 942 2.05 -13.19 -55.09
CA PRO A 942 1.78 -12.08 -54.17
C PRO A 942 2.72 -12.02 -52.98
N SER A 943 3.79 -12.82 -52.97
CA SER A 943 4.74 -12.78 -51.86
C SER A 943 5.55 -11.49 -51.87
N ALA A 944 5.73 -10.86 -53.04
CA ALA A 944 6.50 -9.63 -53.14
C ALA A 944 5.85 -8.46 -52.43
N LEU A 945 4.54 -8.53 -52.20
CA LEU A 945 3.84 -7.51 -51.41
C LEU A 945 3.90 -7.80 -49.93
N GLY A 946 4.60 -8.86 -49.51
CA GLY A 946 4.71 -9.19 -48.10
C GLY A 946 5.45 -8.15 -47.28
N LYS A 947 6.21 -7.27 -47.93
CA LYS A 947 6.84 -6.15 -47.24
C LYS A 947 5.85 -5.06 -46.87
N LEU A 948 4.61 -5.12 -47.34
CA LEU A 948 3.60 -4.13 -46.99
C LEU A 948 2.48 -4.69 -46.14
N GLN A 949 2.04 -5.93 -46.42
CA GLN A 949 0.95 -6.54 -45.66
C GLN A 949 1.31 -6.71 -44.19
N ASP A 950 2.59 -6.96 -43.89
CA ASP A 950 3.04 -7.03 -42.51
C ASP A 950 2.84 -5.70 -41.78
N VAL A 951 2.90 -4.59 -42.51
CA VAL A 951 2.58 -3.30 -41.91
C VAL A 951 1.09 -3.24 -41.56
N VAL A 952 0.24 -3.80 -42.42
CA VAL A 952 -1.20 -3.63 -42.25
C VAL A 952 -1.71 -4.51 -41.12
N ASN A 953 -1.52 -5.83 -41.23
CA ASN A 953 -2.16 -6.78 -40.32
C ASN A 953 -1.67 -6.60 -38.89
N HIS A 954 -0.35 -6.36 -38.72
CA HIS A 954 0.22 -6.13 -37.40
C HIS A 954 -0.38 -4.89 -36.74
N ASN A 955 -0.90 -3.95 -37.53
CA ASN A 955 -1.71 -2.89 -36.98
C ASN A 955 -3.02 -3.46 -36.44
N ALA A 956 -3.80 -4.08 -37.33
CA ALA A 956 -5.20 -4.38 -37.04
C ALA A 956 -5.35 -5.37 -35.89
N GLN A 957 -4.55 -6.44 -35.89
CA GLN A 957 -4.62 -7.41 -34.81
C GLN A 957 -4.17 -6.79 -33.48
N ALA A 958 -3.25 -5.81 -33.53
CA ALA A 958 -2.88 -5.08 -32.32
C ALA A 958 -4.07 -4.30 -31.79
N LEU A 959 -4.90 -3.76 -32.68
CA LEU A 959 -6.19 -3.23 -32.25
C LEU A 959 -7.11 -4.34 -31.77
N ASN A 960 -7.12 -5.47 -32.48
CA ASN A 960 -8.07 -6.53 -32.19
C ASN A 960 -7.78 -7.16 -30.85
N THR A 961 -6.52 -7.48 -30.57
CA THR A 961 -6.16 -7.98 -29.25
C THR A 961 -6.34 -6.92 -28.18
N LEU A 962 -6.44 -5.64 -28.57
CA LEU A 962 -6.85 -4.61 -27.62
C LEU A 962 -8.33 -4.77 -27.30
N VAL A 963 -9.18 -4.94 -28.32
CA VAL A 963 -10.62 -4.91 -28.06
C VAL A 963 -11.11 -6.23 -27.49
N LYS A 964 -10.31 -7.29 -27.56
CA LYS A 964 -10.63 -8.50 -26.80
C LYS A 964 -10.32 -8.33 -25.32
N GLN A 965 -9.54 -7.30 -24.96
CA GLN A 965 -9.17 -7.09 -23.57
C GLN A 965 -10.31 -6.51 -22.74
N LEU A 966 -11.38 -6.04 -23.37
CA LEU A 966 -12.53 -5.56 -22.61
C LEU A 966 -13.25 -6.72 -21.90
N SER A 967 -13.41 -7.84 -22.60
CA SER A 967 -14.04 -9.02 -22.01
C SER A 967 -12.98 -9.85 -21.30
N SER A 968 -12.49 -9.30 -20.20
CA SER A 968 -11.41 -9.90 -19.43
C SER A 968 -11.77 -9.91 -17.95
N LYS A 969 -11.32 -10.95 -17.26
CA LYS A 969 -11.57 -11.11 -15.82
C LYS A 969 -10.35 -10.57 -15.07
N PHE A 970 -10.30 -9.24 -14.92
CA PHE A 970 -9.22 -8.62 -14.15
C PHE A 970 -9.57 -8.58 -12.65
N GLY A 971 -9.67 -9.78 -12.08
CA GLY A 971 -9.96 -9.92 -10.67
C GLY A 971 -11.36 -9.47 -10.25
N ALA A 972 -12.27 -9.30 -11.19
CA ALA A 972 -13.61 -8.81 -10.90
C ALA A 972 -14.64 -9.89 -11.17
N ILE A 973 -15.80 -9.74 -10.54
CA ILE A 973 -16.89 -10.70 -10.75
C ILE A 973 -17.57 -10.51 -12.09
N SER A 974 -17.34 -9.40 -12.77
CA SER A 974 -17.96 -9.14 -14.06
C SER A 974 -17.10 -8.16 -14.84
N SER A 975 -16.90 -8.45 -16.13
CA SER A 975 -16.21 -7.52 -17.01
C SER A 975 -17.13 -6.40 -17.50
N VAL A 976 -18.44 -6.58 -17.38
CA VAL A 976 -19.38 -5.53 -17.75
C VAL A 976 -19.36 -4.45 -16.68
N LEU A 977 -19.49 -3.20 -17.10
CA LEU A 977 -19.45 -2.10 -16.14
C LEU A 977 -20.85 -1.70 -15.71
N ASN A 978 -21.86 -1.93 -16.55
CA ASN A 978 -23.22 -1.51 -16.21
C ASN A 978 -23.83 -2.41 -15.14
N ASP A 979 -23.60 -3.73 -15.23
CA ASP A 979 -24.24 -4.65 -14.29
C ASP A 979 -23.63 -4.55 -12.89
N ILE A 980 -22.33 -4.26 -12.79
CA ILE A 980 -21.68 -4.22 -11.49
C ILE A 980 -22.13 -3.02 -10.66
N LEU A 981 -22.55 -1.93 -11.31
CA LEU A 981 -23.18 -0.84 -10.56
C LEU A 981 -24.60 -1.20 -10.14
N SER A 982 -25.27 -2.04 -10.91
CA SER A 982 -26.55 -2.59 -10.50
C SER A 982 -26.41 -3.75 -9.53
N ARG A 983 -25.18 -4.20 -9.27
CA ARG A 983 -24.94 -5.34 -8.40
C ARG A 983 -24.49 -4.98 -7.01
N LEU A 984 -23.72 -3.89 -6.84
CA LEU A 984 -23.02 -3.65 -5.58
C LEU A 984 -23.29 -2.25 -5.05
N ASP A 985 -23.35 -2.16 -3.73
CA ASP A 985 -23.49 -0.89 -3.04
C ASP A 985 -22.17 -0.12 -3.23
N PRO A 986 -22.24 1.14 -3.68
CA PRO A 986 -21.01 1.87 -4.11
C PRO A 986 -19.91 2.01 -3.05
N PRO A 987 -20.18 1.90 -1.75
CA PRO A 987 -19.05 1.73 -0.82
C PRO A 987 -18.19 0.49 -1.07
N GLU A 988 -18.75 -0.62 -1.54
CA GLU A 988 -17.92 -1.76 -1.92
C GLU A 988 -17.65 -1.83 -3.41
N ALA A 989 -18.11 -0.85 -4.20
CA ALA A 989 -17.75 -0.79 -5.60
C ALA A 989 -16.25 -0.58 -5.77
N GLU A 990 -15.69 0.43 -5.10
CA GLU A 990 -14.25 0.64 -5.16
C GLU A 990 -13.47 -0.49 -4.52
N VAL A 991 -14.11 -1.30 -3.67
CA VAL A 991 -13.52 -2.57 -3.26
C VAL A 991 -13.51 -3.55 -4.44
N GLN A 992 -14.53 -3.50 -5.29
CA GLN A 992 -14.60 -4.43 -6.41
C GLN A 992 -14.13 -3.82 -7.73
N ILE A 993 -14.77 -2.75 -8.20
CA ILE A 993 -14.42 -2.13 -9.50
C ILE A 993 -13.33 -1.10 -9.18
N ASP A 994 -12.12 -1.60 -9.03
CA ASP A 994 -10.92 -0.77 -8.92
C ASP A 994 -9.80 -1.24 -9.84
N ARG A 995 -9.64 -2.56 -10.02
CA ARG A 995 -8.43 -3.13 -10.60
C ARG A 995 -8.53 -3.39 -12.09
N LEU A 996 -9.73 -3.58 -12.63
CA LEU A 996 -9.86 -3.74 -14.07
C LEU A 996 -9.56 -2.44 -14.80
N ILE A 997 -9.80 -1.29 -14.15
CA ILE A 997 -9.36 -0.01 -14.69
C ILE A 997 -7.84 0.00 -14.82
N THR A 998 -7.15 -0.47 -13.78
CA THR A 998 -5.69 -0.55 -13.82
C THR A 998 -5.22 -1.52 -14.90
N GLY A 999 -5.88 -2.67 -15.02
CA GLY A 999 -5.48 -3.65 -16.02
C GLY A 999 -5.67 -3.15 -17.44
N ARG A 1000 -6.79 -2.46 -17.69
CA ARG A 1000 -6.97 -1.81 -18.99
C ARG A 1000 -5.93 -0.72 -19.21
N LEU A 1001 -5.54 -0.03 -18.14
CA LEU A 1001 -4.48 0.98 -18.26
C LEU A 1001 -3.16 0.36 -18.68
N GLN A 1002 -2.75 -0.75 -18.05
CA GLN A 1002 -1.49 -1.37 -18.47
C GLN A 1002 -1.60 -1.99 -19.86
N SER A 1003 -2.77 -2.51 -20.23
CA SER A 1003 -2.95 -3.05 -21.58
C SER A 1003 -2.79 -1.95 -22.62
N LEU A 1004 -3.39 -0.79 -22.37
CA LEU A 1004 -3.26 0.31 -23.32
C LEU A 1004 -1.86 0.89 -23.30
N GLN A 1005 -1.18 0.83 -22.14
CA GLN A 1005 0.22 1.25 -22.08
C GLN A 1005 1.10 0.35 -22.93
N THR A 1006 0.84 -0.97 -22.89
CA THR A 1006 1.56 -1.90 -23.75
C THR A 1006 1.28 -1.62 -25.22
N TYR A 1007 0.02 -1.33 -25.55
CA TYR A 1007 -0.33 -0.98 -26.92
C TYR A 1007 0.40 0.28 -27.37
N VAL A 1008 0.47 1.30 -26.50
CA VAL A 1008 1.15 2.54 -26.82
C VAL A 1008 2.64 2.31 -27.02
N THR A 1009 3.27 1.51 -26.15
CA THR A 1009 4.69 1.25 -26.27
C THR A 1009 5.01 0.49 -27.56
N GLN A 1010 4.17 -0.49 -27.91
CA GLN A 1010 4.35 -1.20 -29.17
C GLN A 1010 4.15 -0.27 -30.36
N GLN A 1011 3.20 0.65 -30.25
CA GLN A 1011 2.99 1.63 -31.32
C GLN A 1011 4.19 2.55 -31.49
N LEU A 1012 4.80 2.98 -30.38
CA LEU A 1012 6.03 3.76 -30.46
C LEU A 1012 7.16 2.98 -31.10
N ILE A 1013 7.30 1.70 -30.77
CA ILE A 1013 8.36 0.87 -31.35
C ILE A 1013 8.16 0.73 -32.86
N ARG A 1014 6.95 0.38 -33.27
CA ARG A 1014 6.67 0.22 -34.69
C ARG A 1014 6.76 1.55 -35.43
N ALA A 1015 6.36 2.64 -34.79
CA ALA A 1015 6.45 3.96 -35.41
C ALA A 1015 7.91 4.38 -35.61
N ALA A 1016 8.77 4.07 -34.64
CA ALA A 1016 10.19 4.36 -34.80
C ALA A 1016 10.80 3.54 -35.93
N GLU A 1017 10.41 2.25 -36.01
CA GLU A 1017 10.93 1.39 -37.07
C GLU A 1017 10.49 1.88 -38.45
N ILE A 1018 9.21 2.22 -38.60
CA ILE A 1018 8.72 2.66 -39.90
C ILE A 1018 9.18 4.09 -40.18
N ARG A 1019 9.54 4.85 -39.14
CA ARG A 1019 10.13 6.17 -39.34
C ARG A 1019 11.54 6.05 -39.93
N ALA A 1020 12.32 5.10 -39.41
CA ALA A 1020 13.63 4.82 -40.01
C ALA A 1020 13.48 4.30 -41.44
N SER A 1021 12.47 3.45 -41.67
CA SER A 1021 12.19 2.97 -43.02
C SER A 1021 11.82 4.12 -43.95
N ALA A 1022 11.04 5.08 -43.45
CA ALA A 1022 10.66 6.23 -44.27
C ALA A 1022 11.86 7.12 -44.55
N ASN A 1023 12.78 7.25 -43.60
CA ASN A 1023 14.01 8.00 -43.86
C ASN A 1023 14.83 7.33 -44.95
N LEU A 1024 14.94 6.00 -44.89
CA LEU A 1024 15.64 5.26 -45.94
C LEU A 1024 14.96 5.43 -47.29
N ALA A 1025 13.63 5.38 -47.31
CA ALA A 1025 12.88 5.54 -48.55
C ALA A 1025 13.05 6.94 -49.12
N ALA A 1026 13.05 7.96 -48.26
CA ALA A 1026 13.25 9.33 -48.72
C ALA A 1026 14.67 9.53 -49.25
N THR A 1027 15.65 8.92 -48.59
CA THR A 1027 17.03 8.99 -49.07
C THR A 1027 17.18 8.35 -50.43
N LYS A 1028 16.56 7.17 -50.62
CA LYS A 1028 16.66 6.51 -51.92
C LYS A 1028 15.83 7.22 -52.98
N MET A 1029 14.74 7.89 -52.58
CA MET A 1029 14.00 8.75 -53.50
C MET A 1029 14.86 9.90 -53.98
N SER A 1030 15.61 10.52 -53.06
CA SER A 1030 16.48 11.62 -53.44
C SER A 1030 17.67 11.17 -54.27
N GLU A 1031 18.20 9.96 -54.01
CA GLU A 1031 19.41 9.52 -54.68
C GLU A 1031 19.13 8.86 -56.02
N CYS A 1032 18.31 7.81 -56.01
CA CYS A 1032 18.10 6.97 -57.19
C CYS A 1032 17.33 7.69 -58.30
N VAL A 1033 16.55 8.70 -57.98
CA VAL A 1033 15.66 9.35 -58.94
C VAL A 1033 16.26 10.65 -59.46
N LEU A 1034 16.61 11.56 -58.54
CA LEU A 1034 17.07 12.89 -58.93
C LEU A 1034 18.48 12.90 -59.49
N GLY A 1035 19.22 11.79 -59.38
CA GLY A 1035 20.56 11.73 -59.94
C GLY A 1035 20.99 10.31 -60.23
N GLN A 1036 22.16 10.15 -60.84
CA GLN A 1036 22.72 8.84 -61.14
C GLN A 1036 23.66 8.48 -60.00
N SER A 1037 23.11 7.93 -58.92
CA SER A 1037 23.92 7.57 -57.77
C SER A 1037 24.83 6.39 -58.11
N LYS A 1038 26.13 6.64 -58.11
CA LYS A 1038 27.10 5.64 -58.53
C LYS A 1038 27.57 4.77 -57.38
N ARG A 1039 26.95 4.89 -56.21
CA ARG A 1039 27.11 3.90 -55.15
C ARG A 1039 26.59 2.55 -55.63
N VAL A 1040 27.33 1.49 -55.32
CA VAL A 1040 26.99 0.15 -55.74
C VAL A 1040 25.99 -0.45 -54.75
N ASP A 1041 24.96 -1.10 -55.29
CA ASP A 1041 23.88 -1.81 -54.59
C ASP A 1041 22.96 -0.88 -53.80
N PHE A 1042 23.25 0.42 -53.74
CA PHE A 1042 22.35 1.36 -53.09
C PHE A 1042 21.12 1.67 -53.93
N CYS A 1043 21.21 1.55 -55.25
CA CYS A 1043 20.10 1.84 -56.14
C CYS A 1043 19.80 0.68 -57.07
N GLY A 1044 19.94 -0.55 -56.60
CA GLY A 1044 19.64 -1.71 -57.42
C GLY A 1044 20.71 -2.80 -57.35
N LYS A 1045 20.90 -3.52 -58.45
CA LYS A 1045 21.92 -4.55 -58.54
C LYS A 1045 22.92 -4.20 -59.64
N GLY A 1046 24.19 -4.24 -59.29
CA GLY A 1046 25.21 -3.90 -60.27
C GLY A 1046 25.30 -2.40 -60.50
N TYR A 1047 25.83 -2.05 -61.66
CA TYR A 1047 25.95 -0.65 -62.05
C TYR A 1047 24.57 -0.06 -62.29
N HIS A 1048 24.19 0.89 -61.45
CA HIS A 1048 22.88 1.51 -61.55
C HIS A 1048 22.85 2.58 -62.64
N LEU A 1049 21.79 2.56 -63.45
CA LEU A 1049 21.53 3.65 -64.38
C LEU A 1049 20.48 4.62 -63.84
N MET A 1050 19.25 4.17 -63.64
CA MET A 1050 18.15 5.11 -63.45
C MET A 1050 16.98 4.37 -62.81
N SER A 1051 16.02 5.13 -62.30
CA SER A 1051 14.98 4.51 -61.51
C SER A 1051 13.63 5.18 -61.74
N PHE A 1052 12.59 4.43 -61.44
CA PHE A 1052 11.17 4.71 -61.56
C PHE A 1052 10.54 4.64 -60.18
N PRO A 1053 10.01 5.73 -59.66
CA PRO A 1053 9.23 5.66 -58.43
C PRO A 1053 7.76 5.43 -58.70
N GLN A 1054 7.09 4.64 -57.86
CA GLN A 1054 5.66 4.40 -58.03
C GLN A 1054 5.03 4.30 -56.64
N SER A 1055 3.81 4.82 -56.53
CA SER A 1055 3.08 4.79 -55.27
C SER A 1055 2.53 3.40 -54.99
N ALA A 1056 2.09 3.19 -53.76
CA ALA A 1056 1.45 1.96 -53.33
C ALA A 1056 0.67 2.26 -52.07
N PRO A 1057 -0.39 1.49 -51.75
CA PRO A 1057 -1.13 1.73 -50.51
C PRO A 1057 -0.24 1.59 -49.28
N HIS A 1058 0.00 2.72 -48.62
CA HIS A 1058 0.93 2.84 -47.50
C HIS A 1058 2.33 2.36 -47.87
N GLY A 1059 2.79 2.69 -49.07
CA GLY A 1059 4.13 2.27 -49.44
C GLY A 1059 4.59 2.89 -50.74
N VAL A 1060 5.86 2.65 -51.05
CA VAL A 1060 6.45 3.08 -52.30
C VAL A 1060 7.19 1.89 -52.90
N VAL A 1061 7.26 1.87 -54.24
CA VAL A 1061 7.94 0.79 -54.95
C VAL A 1061 8.86 1.41 -56.01
N PHE A 1062 10.08 0.91 -56.06
CA PHE A 1062 11.12 1.42 -56.97
C PHE A 1062 11.38 0.39 -58.05
N LEU A 1063 11.40 0.85 -59.29
CA LEU A 1063 11.78 0.06 -60.45
C LEU A 1063 13.14 0.57 -60.89
N HIS A 1064 14.19 -0.21 -60.59
CA HIS A 1064 15.55 0.17 -60.92
C HIS A 1064 15.93 -0.44 -62.26
N VAL A 1065 16.37 0.40 -63.20
CA VAL A 1065 16.98 -0.09 -64.44
C VAL A 1065 18.49 0.06 -64.32
N THR A 1066 19.17 -1.08 -64.44
CA THR A 1066 20.60 -1.22 -64.21
C THR A 1066 21.23 -2.01 -65.36
N TYR A 1067 22.56 -2.06 -65.33
CA TYR A 1067 23.38 -2.73 -66.35
C TYR A 1067 23.97 -4.00 -65.77
N VAL A 1068 24.11 -5.01 -66.62
CA VAL A 1068 24.85 -6.22 -66.23
C VAL A 1068 25.47 -6.87 -67.46
N PRO A 1069 26.78 -7.18 -67.43
CA PRO A 1069 27.40 -7.87 -68.56
C PRO A 1069 26.89 -9.29 -68.71
N ALA A 1070 26.91 -9.78 -69.95
CA ALA A 1070 26.36 -11.10 -70.26
C ALA A 1070 27.42 -12.08 -70.74
N GLN A 1071 28.17 -11.75 -71.79
CA GLN A 1071 29.15 -12.66 -72.38
C GLN A 1071 30.54 -12.05 -72.22
N GLU A 1072 31.53 -12.91 -71.98
CA GLU A 1072 32.88 -12.42 -71.75
C GLU A 1072 33.91 -13.37 -72.34
N LYS A 1073 35.07 -12.81 -72.68
CA LYS A 1073 36.19 -13.56 -73.22
C LYS A 1073 37.45 -13.23 -72.43
N ASN A 1074 38.36 -14.20 -72.35
CA ASN A 1074 39.61 -14.04 -71.62
C ASN A 1074 40.75 -13.79 -72.59
N PHE A 1075 41.49 -12.70 -72.34
CA PHE A 1075 42.51 -12.20 -73.26
C PHE A 1075 43.81 -12.00 -72.50
N THR A 1076 44.88 -11.75 -73.25
CA THR A 1076 46.23 -11.60 -72.71
C THR A 1076 46.58 -10.11 -72.60
N THR A 1077 47.15 -9.72 -71.47
CA THR A 1077 47.37 -8.32 -71.14
C THR A 1077 48.84 -8.04 -70.86
N ALA A 1078 49.12 -6.75 -70.67
CA ALA A 1078 50.42 -6.24 -70.21
C ALA A 1078 50.18 -4.83 -69.69
N PRO A 1079 50.89 -4.42 -68.63
CA PRO A 1079 50.61 -3.11 -68.03
C PRO A 1079 51.19 -1.93 -68.81
N ALA A 1080 52.22 -2.19 -69.62
CA ALA A 1080 52.95 -1.12 -70.31
C ALA A 1080 53.56 -1.67 -71.58
N ILE A 1081 54.03 -0.77 -72.44
CA ILE A 1081 54.56 -1.12 -73.76
C ILE A 1081 55.95 -0.53 -73.92
N CYS A 1082 56.92 -1.35 -74.32
CA CYS A 1082 58.21 -0.83 -74.75
C CYS A 1082 58.13 -0.33 -76.19
N HIS A 1083 58.66 0.86 -76.44
CA HIS A 1083 58.84 1.35 -77.80
C HIS A 1083 60.00 2.33 -77.79
N ASP A 1084 61.01 2.07 -78.63
CA ASP A 1084 62.20 2.90 -78.76
C ASP A 1084 62.90 3.12 -77.42
N GLY A 1085 62.82 2.13 -76.53
CA GLY A 1085 63.44 2.23 -75.22
C GLY A 1085 62.64 2.95 -74.17
N LYS A 1086 61.42 3.41 -74.48
CA LYS A 1086 60.61 4.11 -73.49
C LYS A 1086 59.30 3.37 -73.25
N ALA A 1087 58.68 3.66 -72.10
CA ALA A 1087 57.50 2.91 -71.66
C ALA A 1087 56.22 3.69 -71.95
N HIS A 1088 55.20 2.95 -72.34
CA HIS A 1088 53.88 3.50 -72.68
C HIS A 1088 52.87 2.95 -71.68
N PHE A 1089 52.09 3.85 -71.08
CA PHE A 1089 51.05 3.55 -70.11
C PHE A 1089 49.69 3.98 -70.65
N PRO A 1090 48.63 3.22 -70.36
CA PRO A 1090 47.30 3.59 -70.87
C PRO A 1090 46.76 4.82 -70.17
N ARG A 1091 46.33 5.79 -70.98
CA ARG A 1091 45.62 6.94 -70.43
C ARG A 1091 44.31 6.50 -69.78
N GLU A 1092 43.59 5.61 -70.45
CA GLU A 1092 42.38 5.00 -69.89
C GLU A 1092 42.09 3.74 -70.69
N GLY A 1093 42.04 2.60 -70.01
CA GLY A 1093 41.68 1.34 -70.62
C GLY A 1093 42.58 0.20 -70.20
N VAL A 1094 42.32 -0.96 -70.79
CA VAL A 1094 43.05 -2.19 -70.53
C VAL A 1094 43.73 -2.62 -71.82
N PHE A 1095 45.01 -2.98 -71.73
CA PHE A 1095 45.72 -3.55 -72.87
C PHE A 1095 45.31 -5.01 -73.04
N VAL A 1096 44.97 -5.38 -74.28
CA VAL A 1096 44.59 -6.75 -74.62
C VAL A 1096 45.29 -7.13 -75.92
N SER A 1097 45.26 -8.43 -76.23
CA SER A 1097 45.85 -8.93 -77.46
C SER A 1097 45.10 -10.16 -77.94
N ASN A 1098 44.97 -10.29 -79.26
CA ASN A 1098 44.39 -11.49 -79.84
C ASN A 1098 45.41 -12.58 -80.06
N GLY A 1099 46.70 -12.28 -79.83
CA GLY A 1099 47.74 -13.27 -80.05
C GLY A 1099 48.77 -12.80 -81.04
N THR A 1100 48.34 -12.05 -82.05
CA THR A 1100 49.22 -11.51 -83.09
C THR A 1100 49.36 -10.00 -82.98
N HIS A 1101 48.25 -9.27 -83.01
CA HIS A 1101 48.27 -7.83 -82.83
C HIS A 1101 48.04 -7.49 -81.36
N TRP A 1102 48.10 -6.20 -81.06
CA TRP A 1102 47.86 -5.71 -79.71
C TRP A 1102 46.92 -4.52 -79.79
N PHE A 1103 46.03 -4.42 -78.80
CA PHE A 1103 45.02 -3.36 -78.78
C PHE A 1103 44.77 -2.90 -77.36
N VAL A 1104 43.93 -1.88 -77.24
CA VAL A 1104 43.51 -1.34 -75.95
C VAL A 1104 41.99 -1.17 -75.99
N THR A 1105 41.34 -1.44 -74.87
CA THR A 1105 39.91 -1.21 -74.69
C THR A 1105 39.69 -0.37 -73.44
N GLN A 1106 38.43 -0.24 -73.05
CA GLN A 1106 38.11 0.24 -71.72
C GLN A 1106 37.77 -0.96 -70.83
N ARG A 1107 37.32 -0.70 -69.61
CA ARG A 1107 37.20 -1.76 -68.61
C ARG A 1107 35.89 -2.51 -68.68
N ASN A 1108 35.03 -2.23 -69.65
CA ASN A 1108 33.73 -2.89 -69.68
C ASN A 1108 33.35 -3.47 -71.05
N PHE A 1109 33.87 -2.95 -72.14
CA PHE A 1109 33.56 -3.44 -73.48
C PHE A 1109 34.84 -3.76 -74.22
N TYR A 1110 34.70 -4.56 -75.26
CA TYR A 1110 35.81 -4.93 -76.14
C TYR A 1110 35.67 -4.19 -77.45
N GLU A 1111 36.32 -3.03 -77.54
CA GLU A 1111 36.50 -2.31 -78.80
C GLU A 1111 38.00 -2.11 -79.01
N PRO A 1112 38.61 -2.88 -79.91
CA PRO A 1112 40.05 -2.73 -80.13
C PRO A 1112 40.39 -1.43 -80.83
N GLN A 1113 41.29 -0.65 -80.22
CA GLN A 1113 41.82 0.53 -80.85
C GLN A 1113 43.32 0.35 -81.07
N ILE A 1114 43.79 0.94 -82.18
CA ILE A 1114 45.20 0.88 -82.54
C ILE A 1114 46.00 1.70 -81.53
N ILE A 1115 47.10 1.13 -81.05
CA ILE A 1115 47.94 1.82 -80.08
C ILE A 1115 48.63 3.01 -80.76
N THR A 1116 48.17 4.21 -80.43
CA THR A 1116 48.69 5.44 -80.99
C THR A 1116 49.14 6.31 -79.84
N THR A 1117 50.08 7.22 -80.11
CA THR A 1117 50.65 8.07 -79.07
C THR A 1117 49.60 8.97 -78.43
N ASP A 1118 48.52 9.28 -79.14
CA ASP A 1118 47.43 10.03 -78.53
C ASP A 1118 46.44 9.15 -77.79
N ASN A 1119 46.58 7.82 -77.87
CA ASN A 1119 45.75 6.90 -77.11
C ASN A 1119 46.39 6.49 -75.79
N THR A 1120 47.59 6.99 -75.49
CA THR A 1120 48.37 6.53 -74.35
C THR A 1120 49.23 7.70 -73.87
N PHE A 1121 50.12 7.44 -72.93
CA PHE A 1121 51.10 8.44 -72.53
C PHE A 1121 52.40 7.76 -72.16
N VAL A 1122 53.46 8.55 -72.04
CA VAL A 1122 54.80 8.05 -71.79
C VAL A 1122 55.30 8.60 -70.46
N SER A 1123 55.92 7.72 -69.66
CA SER A 1123 56.57 8.15 -68.43
C SER A 1123 57.67 7.15 -68.11
N GLY A 1124 58.90 7.47 -68.49
CA GLY A 1124 60.05 6.67 -68.15
C GLY A 1124 60.44 5.68 -69.22
N ASN A 1125 61.17 4.64 -68.78
CA ASN A 1125 61.70 3.63 -69.67
C ASN A 1125 61.40 2.20 -69.19
N CYS A 1126 62.09 1.21 -69.77
CA CYS A 1126 61.69 -0.19 -69.71
C CYS A 1126 62.44 -1.02 -68.68
N ASP A 1127 62.78 -0.49 -67.50
CA ASP A 1127 63.46 -1.31 -66.52
C ASP A 1127 62.67 -1.47 -65.23
N VAL A 1128 62.01 -0.42 -64.77
CA VAL A 1128 61.36 -0.46 -63.46
C VAL A 1128 60.02 -1.20 -63.53
N VAL A 1129 59.44 -1.33 -64.72
CA VAL A 1129 58.09 -1.88 -64.86
C VAL A 1129 58.16 -3.34 -65.25
N ILE A 1130 57.43 -4.20 -64.53
CA ILE A 1130 57.39 -5.63 -64.81
C ILE A 1130 56.22 -5.89 -65.76
N GLY A 1131 56.28 -7.01 -66.48
CA GLY A 1131 55.21 -7.38 -67.38
C GLY A 1131 55.17 -6.61 -68.68
N ILE A 1132 56.11 -5.68 -68.88
CA ILE A 1132 56.12 -4.88 -70.10
C ILE A 1132 56.61 -5.72 -71.28
N VAL A 1133 56.07 -5.43 -72.46
CA VAL A 1133 56.39 -6.17 -73.68
C VAL A 1133 56.88 -5.21 -74.75
N ASN A 1134 57.84 -5.65 -75.55
CA ASN A 1134 58.31 -4.86 -76.67
C ASN A 1134 57.28 -4.88 -77.78
N ASN A 1135 56.95 -3.69 -78.30
CA ASN A 1135 55.92 -3.56 -79.33
C ASN A 1135 56.17 -2.25 -80.08
N THR A 1136 55.25 -1.93 -80.99
CA THR A 1136 55.35 -0.72 -81.80
C THR A 1136 54.17 0.20 -81.53
N VAL A 1137 54.41 1.49 -81.75
CA VAL A 1137 53.37 2.51 -81.67
C VAL A 1137 53.45 3.34 -82.94
N TYR A 1138 52.34 3.96 -83.31
CA TYR A 1138 52.23 4.67 -84.56
C TYR A 1138 52.03 6.16 -84.32
N ASP A 1139 52.64 6.97 -85.20
CA ASP A 1139 52.60 8.43 -85.08
C ASP A 1139 51.87 9.02 -86.27
N PRO A 1140 50.78 9.75 -86.07
CA PRO A 1140 50.03 10.37 -87.17
C PRO A 1140 50.77 11.54 -87.81
N GLN B 14 31.63 -21.53 50.44
CA GLN B 14 32.70 -20.58 50.69
C GLN B 14 32.73 -19.49 49.63
N CYS B 15 33.44 -18.40 49.94
CA CYS B 15 33.62 -17.30 49.00
C CYS B 15 34.81 -16.47 49.44
N VAL B 16 35.79 -16.31 48.56
CA VAL B 16 36.97 -15.49 48.81
C VAL B 16 36.94 -14.32 47.84
N ASN B 17 36.94 -13.10 48.38
CA ASN B 17 36.92 -11.87 47.59
C ASN B 17 38.22 -11.11 47.81
N LEU B 18 38.76 -10.57 46.73
CA LEU B 18 40.00 -9.80 46.78
C LEU B 18 39.67 -8.35 47.10
N ILE B 19 39.98 -7.92 48.33
CA ILE B 19 39.66 -6.56 48.74
C ILE B 19 40.53 -5.54 48.02
N THR B 20 41.84 -5.81 47.94
CA THR B 20 42.77 -4.88 47.29
C THR B 20 42.64 -4.95 45.78
N ARG B 21 41.69 -4.21 45.22
CA ARG B 21 41.46 -4.18 43.79
C ARG B 21 42.12 -2.95 43.17
N THR B 22 42.75 -3.14 42.01
CA THR B 22 43.43 -2.05 41.33
C THR B 22 43.12 -2.07 39.83
N GLN B 26 42.61 0.12 28.38
CA GLN B 26 43.03 -1.19 28.86
C GLN B 26 43.81 -1.87 27.72
N SER B 27 44.92 -1.22 27.33
CA SER B 27 45.88 -1.72 26.33
C SER B 27 45.18 -2.10 25.02
N TYR B 28 44.60 -1.10 24.38
CA TYR B 28 43.85 -1.31 23.15
C TYR B 28 44.77 -1.73 22.01
N THR B 29 44.37 -2.76 21.27
CA THR B 29 45.10 -3.22 20.10
C THR B 29 44.11 -3.38 18.95
N ASN B 30 44.58 -3.97 17.85
CA ASN B 30 43.82 -4.00 16.61
C ASN B 30 43.54 -5.44 16.17
N SER B 31 42.33 -5.65 15.65
CA SER B 31 41.97 -6.89 14.99
C SER B 31 41.76 -6.59 13.50
N PHE B 32 42.49 -7.31 12.64
CA PHE B 32 42.53 -6.94 11.23
C PHE B 32 41.32 -7.45 10.46
N THR B 33 41.21 -8.78 10.32
CA THR B 33 40.17 -9.40 9.49
C THR B 33 39.60 -10.64 10.17
N ARG B 34 39.32 -10.56 11.48
CA ARG B 34 38.82 -11.70 12.22
C ARG B 34 37.30 -11.64 12.35
N GLY B 35 36.72 -12.78 12.71
CA GLY B 35 35.30 -12.87 12.97
C GLY B 35 34.43 -12.98 11.74
N VAL B 36 34.63 -14.04 10.96
CA VAL B 36 33.82 -14.32 9.79
C VAL B 36 33.28 -15.74 9.91
N TYR B 37 31.96 -15.88 9.86
CA TYR B 37 31.31 -17.18 10.01
C TYR B 37 30.27 -17.36 8.91
N TYR B 38 29.89 -18.63 8.70
CA TYR B 38 28.92 -18.97 7.68
C TYR B 38 27.54 -18.46 8.08
N PRO B 39 26.95 -17.53 7.32
CA PRO B 39 25.72 -16.87 7.78
C PRO B 39 24.48 -17.76 7.77
N ASP B 40 24.54 -18.93 7.14
CA ASP B 40 23.41 -19.85 7.11
C ASP B 40 23.97 -21.26 6.89
N LYS B 41 23.07 -22.19 6.56
CA LYS B 41 23.43 -23.59 6.38
C LYS B 41 23.23 -24.03 4.93
N VAL B 42 23.62 -23.18 3.99
CA VAL B 42 23.58 -23.52 2.57
C VAL B 42 25.00 -23.53 2.04
N PHE B 43 25.19 -24.24 0.93
CA PHE B 43 26.49 -24.38 0.28
C PHE B 43 26.45 -23.71 -1.09
N ARG B 44 27.35 -22.77 -1.31
CA ARG B 44 27.53 -22.12 -2.60
C ARG B 44 28.97 -22.28 -3.04
N SER B 45 29.19 -22.57 -4.32
CA SER B 45 30.50 -22.87 -4.84
C SER B 45 30.94 -21.78 -5.81
N SER B 46 32.04 -21.10 -5.47
CA SER B 46 32.75 -20.18 -6.36
C SER B 46 31.87 -19.03 -6.85
N VAL B 47 30.98 -18.54 -5.98
CA VAL B 47 30.15 -17.39 -6.32
C VAL B 47 30.36 -16.31 -5.27
N LEU B 48 29.65 -15.19 -5.42
CA LEU B 48 29.71 -14.09 -4.46
C LEU B 48 28.31 -13.77 -3.99
N HIS B 49 28.17 -13.53 -2.69
CA HIS B 49 26.86 -13.25 -2.09
C HIS B 49 27.06 -12.36 -0.87
N SER B 50 26.07 -11.52 -0.60
CA SER B 50 26.12 -10.57 0.51
C SER B 50 24.91 -10.73 1.40
N THR B 51 25.13 -10.67 2.72
CA THR B 51 24.07 -10.69 3.72
C THR B 51 24.30 -9.55 4.69
N GLN B 52 23.24 -9.20 5.42
CA GLN B 52 23.30 -8.16 6.44
C GLN B 52 23.10 -8.80 7.80
N ASP B 53 24.10 -8.66 8.67
CA ASP B 53 24.07 -9.29 9.98
C ASP B 53 25.09 -8.62 10.90
N LEU B 54 25.35 -9.27 12.03
CA LEU B 54 26.22 -8.74 13.08
C LEU B 54 27.60 -9.37 12.95
N PHE B 55 28.57 -8.60 12.46
CA PHE B 55 29.96 -9.06 12.41
C PHE B 55 30.84 -8.17 13.26
N LEU B 56 32.14 -8.45 13.20
CA LEU B 56 33.14 -7.54 13.72
C LEU B 56 33.46 -6.48 12.67
N PRO B 57 33.36 -5.21 12.99
CA PRO B 57 33.87 -4.18 12.07
C PRO B 57 35.37 -4.32 11.89
N PHE B 58 35.81 -4.12 10.65
CA PHE B 58 37.22 -4.29 10.32
C PHE B 58 38.05 -3.16 10.89
N PHE B 59 39.20 -3.53 11.46
CA PHE B 59 40.19 -2.60 12.03
C PHE B 59 39.57 -1.74 13.14
N SER B 60 39.13 -2.43 14.19
CA SER B 60 38.51 -1.79 15.34
C SER B 60 39.37 -1.99 16.58
N ASN B 61 39.19 -1.09 17.54
CA ASN B 61 39.93 -1.17 18.80
C ASN B 61 39.38 -2.33 19.63
N VAL B 62 40.21 -3.35 19.84
CA VAL B 62 39.86 -4.51 20.65
C VAL B 62 40.66 -4.47 21.94
N THR B 63 40.02 -4.83 23.04
CA THR B 63 40.59 -4.66 24.37
C THR B 63 41.37 -5.92 24.76
N TRP B 64 42.70 -5.81 24.72
CA TRP B 64 43.58 -6.85 25.22
C TRP B 64 43.79 -6.62 26.71
N PHE B 65 43.40 -7.59 27.53
CA PHE B 65 43.42 -7.40 28.97
C PHE B 65 44.84 -7.58 29.52
N HIS B 66 44.93 -7.67 30.85
CA HIS B 66 46.21 -7.60 31.57
C HIS B 66 47.07 -8.80 31.20
N ALA B 67 48.19 -8.55 30.52
CA ALA B 67 49.01 -9.63 29.99
C ALA B 67 49.97 -10.20 31.04
N ILE B 68 49.45 -10.55 32.21
CA ILE B 68 50.20 -11.27 33.24
C ILE B 68 49.32 -12.40 33.74
N HIS B 69 49.81 -13.63 33.61
CA HIS B 69 49.16 -14.84 34.10
C HIS B 69 47.73 -15.02 33.57
N LYS B 77 49.29 -14.87 41.90
CA LYS B 77 50.09 -13.70 41.57
C LYS B 77 49.26 -12.53 41.05
N ARG B 78 48.17 -12.81 40.33
CA ARG B 78 47.42 -11.80 39.60
C ARG B 78 46.01 -12.29 39.30
N PHE B 79 45.00 -11.71 39.95
CA PHE B 79 43.62 -12.15 39.77
C PHE B 79 42.66 -10.98 39.90
N ASP B 80 41.79 -10.82 38.91
CA ASP B 80 40.90 -9.67 38.79
C ASP B 80 39.45 -10.08 38.93
N ASN B 81 38.60 -9.08 39.18
CA ASN B 81 37.15 -9.19 39.10
C ASN B 81 36.60 -8.03 38.28
N PRO B 82 36.75 -8.08 36.96
CA PRO B 82 36.35 -6.95 36.12
C PRO B 82 34.84 -6.90 35.92
N ALA B 83 34.41 -5.94 35.10
CA ALA B 83 33.00 -5.77 34.75
C ALA B 83 32.91 -5.63 33.23
N LEU B 84 32.63 -6.73 32.56
CA LEU B 84 32.55 -6.74 31.10
C LEU B 84 31.08 -6.69 30.68
N PRO B 85 30.62 -5.60 30.08
CA PRO B 85 29.22 -5.53 29.67
C PRO B 85 28.97 -6.32 28.39
N PHE B 86 27.84 -7.00 28.34
CA PHE B 86 27.43 -7.75 27.15
C PHE B 86 26.45 -6.90 26.36
N ASN B 87 26.71 -6.76 25.06
CA ASN B 87 25.82 -6.01 24.17
C ASN B 87 25.92 -6.50 22.73
N ASP B 88 24.89 -7.23 22.28
CA ASP B 88 24.71 -7.65 20.89
C ASP B 88 25.87 -8.52 20.40
N GLY B 89 26.09 -9.65 21.07
CA GLY B 89 27.10 -10.59 20.64
C GLY B 89 28.51 -10.22 21.04
N VAL B 90 29.33 -11.21 21.38
CA VAL B 90 30.69 -10.99 21.86
C VAL B 90 31.63 -11.96 21.14
N TYR B 91 32.71 -11.44 20.57
CA TYR B 91 33.78 -12.26 20.03
C TYR B 91 34.88 -12.38 21.08
N PHE B 92 35.15 -13.61 21.51
CA PHE B 92 36.18 -13.90 22.50
C PHE B 92 37.34 -14.60 21.80
N ALA B 93 38.56 -14.22 22.15
CA ALA B 93 39.73 -14.84 21.57
C ALA B 93 40.88 -14.76 22.57
N SER B 94 41.39 -15.91 23.00
CA SER B 94 42.50 -15.93 23.95
C SER B 94 43.23 -17.26 23.80
N THR B 95 44.37 -17.23 23.13
CA THR B 95 45.25 -18.40 23.12
C THR B 95 45.83 -18.61 24.51
N GLU B 96 45.92 -19.87 24.92
CA GLU B 96 46.33 -20.17 26.29
C GLU B 96 46.84 -21.61 26.33
N LYS B 97 48.12 -21.79 26.66
CA LYS B 97 48.66 -23.12 26.85
C LYS B 97 48.12 -23.74 28.13
N SER B 98 47.99 -25.06 28.12
CA SER B 98 47.55 -25.92 29.23
C SER B 98 46.09 -25.70 29.61
N ASN B 99 45.37 -24.82 28.91
CA ASN B 99 43.92 -24.61 29.05
C ASN B 99 43.53 -24.23 30.48
N ILE B 100 44.12 -23.14 30.97
CA ILE B 100 43.77 -22.68 32.32
C ILE B 100 42.40 -22.01 32.31
N ILE B 101 41.96 -21.50 31.15
CA ILE B 101 40.64 -20.91 31.03
C ILE B 101 39.60 -22.03 30.91
N ARG B 102 38.56 -21.97 31.74
CA ARG B 102 37.69 -23.13 31.86
C ARG B 102 36.18 -22.84 31.83
N GLY B 103 35.72 -21.61 31.98
CA GLY B 103 34.30 -21.40 32.09
C GLY B 103 33.85 -20.03 31.61
N TRP B 104 32.55 -19.82 31.69
CA TRP B 104 31.91 -18.61 31.20
C TRP B 104 30.68 -18.27 32.04
N ILE B 105 30.47 -16.96 32.25
CA ILE B 105 29.32 -16.43 32.98
C ILE B 105 28.56 -15.51 32.03
N PHE B 106 27.23 -15.66 32.00
CA PHE B 106 26.39 -14.73 31.27
C PHE B 106 25.16 -14.41 32.11
N GLY B 107 24.87 -13.12 32.27
CA GLY B 107 23.74 -12.73 33.09
C GLY B 107 23.70 -11.23 33.28
N THR B 108 22.72 -10.81 34.09
CA THR B 108 22.50 -9.39 34.34
C THR B 108 22.64 -9.02 35.81
N THR B 109 22.00 -9.78 36.70
CA THR B 109 21.93 -9.39 38.11
C THR B 109 22.84 -10.22 39.02
N LEU B 110 23.00 -11.52 38.75
CA LEU B 110 23.97 -12.40 39.42
C LEU B 110 23.78 -12.47 40.94
N ASP B 111 22.55 -12.30 41.42
CA ASP B 111 22.26 -12.39 42.85
C ASP B 111 20.99 -13.17 43.11
N SER B 112 20.83 -14.28 42.38
CA SER B 112 19.71 -15.23 42.52
C SER B 112 18.35 -14.56 42.29
N LYS B 113 18.30 -13.52 41.46
CA LYS B 113 17.04 -12.85 41.16
C LYS B 113 16.35 -13.47 39.95
N THR B 114 17.09 -13.69 38.86
CA THR B 114 16.56 -14.24 37.63
C THR B 114 17.50 -15.32 37.10
N GLN B 115 17.23 -15.75 35.87
CA GLN B 115 18.03 -16.79 35.23
C GLN B 115 19.36 -16.23 34.73
N SER B 116 20.36 -17.11 34.68
CA SER B 116 21.67 -16.78 34.15
C SER B 116 22.29 -18.07 33.62
N LEU B 117 23.31 -17.93 32.77
CA LEU B 117 23.92 -19.06 32.10
C LEU B 117 25.38 -19.22 32.53
N LEU B 118 25.79 -20.48 32.69
CA LEU B 118 27.12 -20.84 33.16
C LEU B 118 27.66 -21.96 32.27
N ILE B 119 28.94 -21.85 31.90
CA ILE B 119 29.61 -22.82 31.04
C ILE B 119 30.85 -23.34 31.76
N VAL B 120 30.99 -24.66 31.84
CA VAL B 120 32.18 -25.31 32.37
C VAL B 120 32.81 -26.14 31.25
N ASN B 121 34.09 -25.89 30.99
CA ASN B 121 34.80 -26.55 29.90
C ASN B 121 36.01 -27.34 30.40
N ASN B 122 35.84 -28.13 31.46
CA ASN B 122 36.97 -28.87 32.00
C ASN B 122 37.36 -30.03 31.08
N ALA B 123 38.40 -30.76 31.49
CA ALA B 123 38.96 -31.80 30.65
C ALA B 123 38.02 -32.99 30.52
N THR B 124 37.22 -33.25 31.56
CA THR B 124 36.36 -34.44 31.56
C THR B 124 35.20 -34.29 30.59
N ASN B 125 34.53 -33.14 30.61
CA ASN B 125 33.27 -32.97 29.89
C ASN B 125 33.01 -31.49 29.68
N VAL B 126 31.78 -31.17 29.26
CA VAL B 126 31.29 -29.80 29.22
C VAL B 126 29.98 -29.75 29.98
N VAL B 127 29.82 -28.72 30.81
CA VAL B 127 28.62 -28.54 31.63
C VAL B 127 27.98 -27.23 31.23
N ILE B 128 26.73 -27.29 30.78
CA ILE B 128 25.98 -26.12 30.34
C ILE B 128 24.80 -25.96 31.29
N LYS B 129 24.82 -24.91 32.10
CA LYS B 129 23.79 -24.66 33.09
C LYS B 129 23.06 -23.36 32.78
N VAL B 130 21.75 -23.36 33.02
CA VAL B 130 21.00 -22.14 33.23
C VAL B 130 20.41 -22.23 34.65
N CYS B 131 20.90 -21.37 35.53
CA CYS B 131 20.61 -21.47 36.95
C CYS B 131 20.37 -20.08 37.52
N GLU B 132 20.25 -20.02 38.84
CA GLU B 132 19.92 -18.81 39.58
C GLU B 132 20.91 -18.64 40.72
N PHE B 133 22.20 -18.76 40.39
CA PHE B 133 23.25 -18.93 41.38
C PHE B 133 23.52 -17.64 42.16
N GLN B 134 24.07 -17.82 43.37
CA GLN B 134 24.61 -16.73 44.17
C GLN B 134 26.09 -16.59 43.81
N PHE B 135 26.34 -15.96 42.66
CA PHE B 135 27.71 -15.76 42.19
C PHE B 135 28.48 -14.84 43.11
N CYS B 136 29.74 -15.19 43.37
CA CYS B 136 30.62 -14.32 44.13
C CYS B 136 31.01 -13.11 43.28
N ASN B 137 31.55 -12.09 43.95
CA ASN B 137 32.08 -10.94 43.23
C ASN B 137 33.29 -11.30 42.37
N ASP B 138 34.00 -12.36 42.75
CA ASP B 138 35.10 -12.90 41.94
C ASP B 138 35.05 -14.42 41.98
N PRO B 139 34.20 -15.03 41.15
CA PRO B 139 34.05 -16.50 41.19
C PRO B 139 35.27 -17.21 40.65
N PHE B 140 35.94 -17.97 41.52
CA PHE B 140 37.20 -18.63 41.22
C PHE B 140 37.51 -19.64 42.31
N LEU B 141 38.13 -20.76 41.93
CA LEU B 141 38.48 -21.79 42.88
C LEU B 141 39.91 -21.60 43.37
N ASP B 142 40.10 -21.69 44.68
CA ASP B 142 41.39 -21.42 45.31
C ASP B 142 42.02 -22.70 45.82
N VAL B 143 43.31 -22.59 46.15
CA VAL B 143 44.14 -23.65 46.72
C VAL B 143 44.15 -24.91 45.86
N TYR B 145 42.70 -30.51 45.49
CA TYR B 145 43.48 -29.31 45.73
C TYR B 145 44.43 -29.41 46.92
N GLN B 146 44.36 -30.49 47.69
CA GLN B 146 45.21 -30.54 48.87
C GLN B 146 46.32 -31.58 48.73
N LYS B 147 45.96 -32.86 48.61
CA LYS B 147 46.90 -33.94 48.32
C LYS B 147 46.10 -35.20 48.04
N ASN B 148 46.30 -35.82 46.87
CA ASN B 148 45.95 -37.23 46.72
C ASN B 148 47.17 -38.05 46.31
N ASN B 149 47.68 -37.87 45.10
CA ASN B 149 49.02 -38.29 44.66
C ASN B 149 49.47 -37.54 43.40
N LYS B 150 50.21 -36.44 43.61
CA LYS B 150 50.81 -35.59 42.55
C LYS B 150 49.84 -35.21 41.41
N SER B 151 48.53 -35.26 41.68
CA SER B 151 47.53 -35.20 40.62
C SER B 151 46.51 -34.11 40.90
N TRP B 152 45.73 -33.77 39.87
CA TRP B 152 44.72 -32.72 39.96
C TRP B 152 43.35 -33.38 40.12
N MET B 153 42.89 -33.42 41.37
CA MET B 153 41.48 -33.61 41.68
C MET B 153 41.04 -32.54 42.67
N GLU B 154 39.94 -31.87 42.32
CA GLU B 154 39.54 -30.66 43.02
C GLU B 154 39.01 -30.96 44.42
N SER B 155 39.41 -30.13 45.39
CA SER B 155 38.97 -30.27 46.77
C SER B 155 38.19 -29.06 47.29
N GLU B 156 38.44 -27.86 46.78
CA GLU B 156 37.77 -26.65 47.23
C GLU B 156 36.94 -26.06 46.10
N PHE B 157 35.83 -25.44 46.46
CA PHE B 157 34.84 -25.01 45.47
C PHE B 157 34.14 -23.75 45.99
N ARG B 158 34.47 -22.60 45.41
CA ARG B 158 33.84 -21.32 45.77
C ARG B 158 33.55 -20.50 44.50
N VAL B 159 32.40 -20.75 43.88
CA VAL B 159 31.87 -19.88 42.84
C VAL B 159 30.43 -19.45 43.13
N TYR B 160 29.57 -20.38 43.54
CA TYR B 160 28.21 -20.02 43.96
C TYR B 160 27.91 -20.45 45.39
N SER B 161 28.24 -21.69 45.75
CA SER B 161 28.10 -22.27 47.09
C SER B 161 26.66 -22.34 47.61
N SER B 162 25.68 -21.94 46.80
CA SER B 162 24.28 -21.88 47.21
C SER B 162 23.44 -21.65 45.96
N ALA B 163 22.13 -21.48 46.18
CA ALA B 163 21.15 -21.02 45.18
C ALA B 163 21.09 -21.97 43.98
N ASN B 164 20.59 -23.17 44.25
CA ASN B 164 20.61 -24.26 43.28
C ASN B 164 19.20 -24.60 42.81
N ASN B 165 18.44 -23.57 42.44
CA ASN B 165 17.03 -23.68 42.06
C ASN B 165 16.86 -24.03 40.56
N CYS B 166 17.82 -24.73 39.97
CA CYS B 166 17.76 -25.09 38.56
C CYS B 166 17.69 -26.61 38.38
N THR B 167 17.00 -27.03 37.32
CA THR B 167 16.87 -28.43 36.93
C THR B 167 17.24 -28.61 35.47
N PHE B 168 18.24 -27.87 35.00
CA PHE B 168 18.70 -27.95 33.62
C PHE B 168 20.02 -28.71 33.56
N GLU B 169 20.23 -29.43 32.45
CA GLU B 169 21.41 -30.26 32.32
C GLU B 169 21.71 -30.45 30.84
N TYR B 170 23.00 -30.54 30.51
CA TYR B 170 23.42 -30.67 29.11
C TYR B 170 24.81 -31.27 29.07
N VAL B 171 25.00 -32.32 28.28
CA VAL B 171 26.28 -32.99 28.12
C VAL B 171 26.59 -33.09 26.63
N SER B 172 27.78 -32.65 26.25
CA SER B 172 28.26 -32.81 24.87
C SER B 172 29.78 -32.98 24.92
N GLN B 173 30.42 -32.87 23.77
CA GLN B 173 31.87 -32.95 23.72
C GLN B 173 32.47 -31.63 24.22
N PRO B 174 33.52 -31.69 25.05
CA PRO B 174 34.20 -30.45 25.47
C PRO B 174 34.85 -29.75 24.29
N PHE B 175 34.55 -28.46 24.15
CA PHE B 175 34.94 -27.72 22.95
C PHE B 175 36.44 -27.51 22.89
N LEU B 176 37.07 -27.27 24.04
CA LEU B 176 38.48 -26.93 24.08
C LEU B 176 39.35 -28.14 23.78
N MET B 177 40.45 -27.90 23.06
CA MET B 177 41.45 -28.94 22.85
C MET B 177 42.18 -29.25 24.14
N ASP B 178 42.87 -30.39 24.17
CA ASP B 178 43.37 -30.95 25.42
C ASP B 178 44.52 -30.10 25.98
N LEU B 179 45.00 -30.51 27.16
CA LEU B 179 45.83 -29.70 28.03
C LEU B 179 47.28 -30.18 28.00
N GLU B 180 48.09 -29.59 28.90
CA GLU B 180 49.51 -29.92 29.10
C GLU B 180 50.33 -29.66 27.83
N GLY B 181 50.12 -28.49 27.24
CA GLY B 181 50.99 -28.03 26.18
C GLY B 181 52.10 -27.16 26.73
N LYS B 182 53.29 -27.75 26.92
CA LYS B 182 54.41 -27.06 27.54
C LYS B 182 55.47 -26.65 26.52
N GLU B 183 55.06 -26.34 25.30
CA GLU B 183 56.00 -25.83 24.30
C GLU B 183 56.40 -24.40 24.63
N GLY B 184 57.64 -24.05 24.26
CA GLY B 184 58.11 -22.70 24.48
C GLY B 184 57.37 -21.67 23.64
N ASN B 185 57.05 -22.02 22.40
CA ASN B 185 56.33 -21.13 21.50
C ASN B 185 54.83 -21.38 21.59
N PHE B 186 54.06 -20.35 21.24
CA PHE B 186 52.62 -20.51 21.13
C PHE B 186 52.30 -21.43 19.95
N LYS B 187 51.38 -22.36 20.16
CA LYS B 187 51.04 -23.35 19.14
C LYS B 187 49.58 -23.29 18.71
N ASN B 188 48.65 -23.13 19.64
CA ASN B 188 47.23 -23.21 19.34
C ASN B 188 46.53 -21.92 19.73
N LEU B 189 45.52 -21.55 18.94
CA LEU B 189 44.72 -20.36 19.17
C LEU B 189 43.24 -20.76 19.10
N ARG B 190 42.47 -20.29 20.08
CA ARG B 190 41.06 -20.65 20.22
C ARG B 190 40.24 -19.39 20.13
N GLU B 191 39.31 -19.35 19.17
CA GLU B 191 38.45 -18.18 19.01
C GLU B 191 36.99 -18.62 18.97
N PHE B 192 36.14 -17.86 19.67
CA PHE B 192 34.73 -18.15 19.79
C PHE B 192 33.92 -16.89 19.56
N VAL B 193 32.69 -17.06 19.09
CA VAL B 193 31.72 -15.98 18.92
C VAL B 193 30.43 -16.43 19.57
N PHE B 194 29.91 -15.61 20.48
CA PHE B 194 28.63 -15.87 21.14
C PHE B 194 27.63 -14.85 20.63
N LYS B 195 26.52 -15.34 20.06
CA LYS B 195 25.48 -14.47 19.53
C LYS B 195 24.14 -14.80 20.18
N ASN B 196 23.42 -13.75 20.59
CA ASN B 196 22.10 -13.85 21.23
C ASN B 196 21.02 -13.20 20.36
N ILE B 197 20.45 -13.99 19.46
CA ILE B 197 19.33 -13.55 18.64
C ILE B 197 18.14 -14.46 18.89
N ASP B 198 17.00 -13.84 19.27
CA ASP B 198 15.71 -14.51 19.49
C ASP B 198 15.82 -15.62 20.55
N GLY B 199 16.71 -15.45 21.52
CA GLY B 199 16.93 -16.47 22.54
C GLY B 199 17.45 -17.78 22.00
N TYR B 200 18.30 -17.72 20.97
CA TYR B 200 18.76 -18.87 20.21
C TYR B 200 20.29 -18.90 20.19
N PHE B 201 20.89 -18.93 21.39
CA PHE B 201 22.33 -18.77 21.59
C PHE B 201 23.16 -19.58 20.60
N LYS B 202 23.95 -18.87 19.80
CA LYS B 202 24.74 -19.47 18.72
C LYS B 202 26.21 -19.29 19.07
N ILE B 203 26.96 -20.40 19.04
CA ILE B 203 28.37 -20.40 19.39
C ILE B 203 29.16 -20.82 18.16
N TYR B 204 30.16 -20.02 17.80
CA TYR B 204 31.01 -20.25 16.65
C TYR B 204 32.44 -20.46 17.13
N SER B 205 33.07 -21.56 16.72
CA SER B 205 34.37 -21.93 17.26
C SER B 205 35.38 -22.13 16.15
N LYS B 206 36.65 -21.88 16.50
CA LYS B 206 37.75 -22.24 15.64
C LYS B 206 38.99 -22.48 16.50
N HIS B 207 39.52 -23.69 16.41
CA HIS B 207 40.81 -24.05 16.97
C HIS B 207 41.81 -24.09 15.82
N THR B 208 42.81 -23.21 15.87
CA THR B 208 43.71 -23.06 14.74
C THR B 208 45.16 -23.16 15.21
N PRO B 209 46.04 -23.73 14.37
CA PRO B 209 47.46 -23.73 14.70
C PRO B 209 48.17 -22.47 14.24
N ILE B 210 48.80 -21.76 15.17
CA ILE B 210 49.60 -20.58 14.86
C ILE B 210 50.98 -20.74 15.49
N ASN B 211 52.02 -20.35 14.76
CA ASN B 211 53.36 -20.21 15.32
C ASN B 211 53.92 -18.87 14.87
N LEU B 212 53.50 -17.81 15.56
CA LEU B 212 54.12 -16.50 15.42
C LEU B 212 54.30 -15.74 16.72
N GLU B 213 53.61 -16.14 17.81
CA GLU B 213 53.82 -15.65 19.17
C GLU B 213 53.69 -14.13 19.30
N ARG B 214 52.75 -13.51 18.59
CA ARG B 214 52.59 -12.06 18.64
C ARG B 214 51.11 -11.71 18.47
N ASP B 215 50.42 -11.55 19.60
CA ASP B 215 49.05 -11.03 19.69
C ASP B 215 48.06 -11.74 18.77
N LEU B 216 47.15 -10.98 18.19
CA LEU B 216 46.27 -11.53 17.17
C LEU B 216 47.04 -11.75 15.88
N PRO B 217 47.00 -12.95 15.30
CA PRO B 217 47.69 -13.18 14.02
C PRO B 217 47.02 -12.44 12.88
N GLN B 218 47.82 -12.14 11.85
CA GLN B 218 47.30 -11.54 10.63
C GLN B 218 47.00 -12.66 9.65
N GLY B 219 45.72 -12.98 9.49
CA GLY B 219 45.31 -14.05 8.61
C GLY B 219 43.81 -14.08 8.48
N PHE B 220 43.33 -14.96 7.60
CA PHE B 220 41.91 -15.07 7.31
C PHE B 220 41.46 -16.51 7.49
N SER B 221 40.37 -16.71 8.23
CA SER B 221 39.81 -18.02 8.47
C SER B 221 38.31 -17.87 8.72
N ALA B 222 37.62 -19.01 8.72
CA ALA B 222 36.18 -19.03 8.92
C ALA B 222 35.84 -19.60 10.29
N LEU B 223 34.62 -19.30 10.74
CA LEU B 223 34.07 -19.81 11.99
C LEU B 223 32.85 -20.66 11.68
N GLU B 224 32.62 -21.68 12.50
CA GLU B 224 31.59 -22.66 12.20
C GLU B 224 30.55 -22.75 13.31
N PRO B 225 29.27 -22.82 12.96
CA PRO B 225 28.24 -23.08 13.98
C PRO B 225 28.24 -24.54 14.40
N LEU B 226 28.35 -24.76 15.72
CA LEU B 226 28.36 -26.12 16.24
C LEU B 226 27.43 -26.25 17.45
N VAL B 227 27.16 -25.13 18.13
CA VAL B 227 26.35 -25.13 19.35
C VAL B 227 25.22 -24.13 19.19
N ASP B 228 23.99 -24.61 19.24
CA ASP B 228 22.79 -23.78 19.18
C ASP B 228 21.86 -24.17 20.31
N LEU B 229 21.67 -23.27 21.26
CA LEU B 229 20.77 -23.51 22.40
C LEU B 229 19.60 -22.53 22.39
N PRO B 230 18.38 -22.98 22.11
CA PRO B 230 17.20 -22.13 22.27
C PRO B 230 16.72 -22.09 23.72
N ILE B 231 16.91 -20.95 24.38
CA ILE B 231 16.45 -20.80 25.75
C ILE B 231 15.61 -19.54 25.94
N GLY B 232 16.17 -18.38 25.63
CA GLY B 232 15.48 -17.11 25.85
C GLY B 232 15.83 -16.50 27.19
N ILE B 233 16.63 -15.42 27.17
CA ILE B 233 17.13 -14.80 28.40
C ILE B 233 17.64 -13.41 28.04
N ASN B 234 17.75 -12.54 29.03
CA ASN B 234 18.31 -11.21 28.88
C ASN B 234 19.72 -11.19 29.47
N ILE B 235 20.70 -10.79 28.66
CA ILE B 235 22.10 -10.74 29.08
C ILE B 235 22.61 -9.32 28.88
N THR B 236 23.29 -8.79 29.90
CA THR B 236 23.84 -7.44 29.84
C THR B 236 25.30 -7.45 30.26
N ARG B 237 25.71 -8.48 30.99
CA ARG B 237 27.06 -8.58 31.54
C ARG B 237 27.57 -10.00 31.36
N PHE B 238 28.89 -10.17 31.36
CA PHE B 238 29.48 -11.49 31.17
C PHE B 238 30.88 -11.52 31.77
N GLN B 239 31.29 -12.72 32.17
CA GLN B 239 32.63 -12.98 32.71
C GLN B 239 33.07 -14.37 32.25
N THR B 240 34.10 -14.90 32.92
CA THR B 240 34.67 -16.19 32.58
C THR B 240 35.38 -16.78 33.81
N LEU B 241 35.73 -18.06 33.74
CA LEU B 241 36.24 -18.81 34.88
C LEU B 241 37.65 -19.30 34.62
N LEU B 242 38.45 -19.32 35.69
CA LEU B 242 39.77 -19.93 35.70
C LEU B 242 39.80 -21.04 36.75
N ALA B 243 40.83 -21.88 36.69
CA ALA B 243 40.97 -22.98 37.63
C ALA B 243 42.44 -23.38 37.73
N LEU B 244 42.96 -23.42 38.96
CA LEU B 244 44.37 -23.70 39.20
C LEU B 244 44.58 -24.01 40.68
N HIS B 245 45.84 -24.15 41.08
CA HIS B 245 46.24 -24.36 42.46
C HIS B 245 47.11 -23.18 42.87
N ARG B 246 46.61 -22.34 43.76
CA ARG B 246 47.41 -21.19 44.19
C ARG B 246 48.34 -21.53 45.34
N SER B 247 47.96 -22.48 46.20
CA SER B 247 48.79 -22.79 47.36
C SER B 247 49.01 -24.29 47.54
N TYR B 248 48.06 -25.10 47.07
CA TYR B 248 48.00 -26.56 47.15
C TYR B 248 47.84 -27.07 48.58
N LEU B 249 47.79 -26.20 49.59
CA LEU B 249 47.63 -26.60 50.98
C LEU B 249 46.81 -25.55 51.72
N THR B 250 45.90 -26.04 52.57
CA THR B 250 45.05 -25.13 53.34
C THR B 250 45.80 -24.27 54.36
N PRO B 251 46.67 -24.83 55.27
CA PRO B 251 47.19 -23.97 56.36
C PRO B 251 48.13 -22.86 55.92
N VAL B 252 49.14 -23.16 55.12
CA VAL B 252 50.08 -22.14 54.67
C VAL B 252 49.48 -21.39 53.49
N ASP B 253 49.63 -20.05 53.53
CA ASP B 253 49.29 -19.05 52.51
C ASP B 253 48.01 -19.36 51.71
N SER B 254 46.88 -19.46 52.40
CA SER B 254 45.62 -19.92 51.82
C SER B 254 45.16 -19.05 50.66
N SER B 255 44.79 -17.79 50.93
CA SER B 255 44.50 -16.84 49.85
C SER B 255 44.93 -15.43 50.25
N SER B 256 46.19 -15.10 49.99
CA SER B 256 46.61 -13.71 49.82
C SER B 256 47.88 -13.73 48.94
N GLY B 257 47.66 -13.68 47.63
CA GLY B 257 48.79 -13.56 46.72
C GLY B 257 48.50 -12.80 45.44
N TRP B 258 47.27 -12.33 45.27
CA TRP B 258 46.76 -11.99 43.96
C TRP B 258 46.20 -10.57 43.96
N THR B 259 46.23 -9.93 42.78
CA THR B 259 45.70 -8.59 42.61
C THR B 259 45.11 -8.47 41.20
N ALA B 260 44.41 -7.35 40.97
CA ALA B 260 43.42 -7.26 39.90
C ALA B 260 43.98 -7.17 38.49
N GLY B 261 44.59 -8.24 38.00
CA GLY B 261 45.06 -8.31 36.63
C GLY B 261 44.95 -9.67 35.96
N ALA B 262 43.90 -10.44 36.26
CA ALA B 262 43.80 -11.90 36.12
C ALA B 262 44.50 -12.56 34.94
N ALA B 263 44.09 -12.22 33.73
CA ALA B 263 44.60 -12.92 32.55
C ALA B 263 44.46 -12.00 31.34
N ALA B 264 44.97 -12.48 30.21
CA ALA B 264 44.97 -11.73 28.96
C ALA B 264 44.00 -12.37 27.99
N TYR B 265 43.06 -11.57 27.46
CA TYR B 265 42.05 -12.08 26.54
C TYR B 265 41.53 -10.93 25.70
N TYR B 266 40.98 -11.27 24.54
CA TYR B 266 40.51 -10.30 23.55
C TYR B 266 39.00 -10.39 23.43
N VAL B 267 38.32 -9.26 23.64
CA VAL B 267 36.86 -9.17 23.55
C VAL B 267 36.50 -8.12 22.53
N GLY B 268 35.66 -8.49 21.56
CA GLY B 268 35.20 -7.55 20.56
C GLY B 268 33.68 -7.53 20.49
N TYR B 269 33.16 -6.32 20.26
CA TYR B 269 31.73 -6.12 20.10
C TYR B 269 31.35 -6.26 18.63
N LEU B 270 30.05 -6.40 18.38
CA LEU B 270 29.54 -6.72 17.05
C LEU B 270 28.61 -5.62 16.56
N GLN B 271 28.65 -5.37 15.25
CA GLN B 271 27.85 -4.34 14.61
C GLN B 271 27.13 -4.92 13.39
N PRO B 272 25.89 -4.47 13.12
CA PRO B 272 25.15 -4.98 11.96
C PRO B 272 25.38 -4.17 10.68
N ARG B 273 25.98 -4.81 9.67
CA ARG B 273 26.17 -4.22 8.35
C ARG B 273 26.14 -5.33 7.31
N THR B 274 26.64 -5.03 6.11
CA THR B 274 26.72 -5.97 5.00
C THR B 274 28.18 -6.32 4.71
N PHE B 275 28.44 -7.61 4.54
CA PHE B 275 29.80 -8.19 4.54
C PHE B 275 29.96 -9.18 3.39
N LEU B 276 29.71 -8.70 2.17
CA LEU B 276 29.80 -9.47 0.91
C LEU B 276 31.01 -10.39 0.86
N LEU B 277 30.75 -11.65 0.52
CA LEU B 277 31.68 -12.75 0.70
C LEU B 277 31.89 -13.49 -0.63
N LYS B 278 33.04 -14.15 -0.74
CA LYS B 278 33.38 -14.96 -1.90
C LYS B 278 33.63 -16.40 -1.48
N TYR B 279 33.05 -17.34 -2.21
CA TYR B 279 33.27 -18.75 -2.00
C TYR B 279 34.28 -19.30 -2.99
N ASN B 280 34.84 -20.45 -2.66
CA ASN B 280 35.69 -21.20 -3.59
C ASN B 280 34.90 -22.37 -4.15
N GLU B 281 35.59 -23.26 -4.88
CA GLU B 281 34.95 -24.47 -5.37
C GLU B 281 34.67 -25.45 -4.24
N ASN B 282 35.42 -25.36 -3.14
CA ASN B 282 35.22 -26.23 -2.00
C ASN B 282 34.13 -25.72 -1.06
N GLY B 283 33.67 -24.49 -1.24
CA GLY B 283 32.70 -23.89 -0.36
C GLY B 283 33.26 -23.25 0.88
N THR B 284 34.57 -23.34 1.10
CA THR B 284 35.19 -22.69 2.25
C THR B 284 35.19 -21.18 2.06
N ILE B 285 35.10 -20.45 3.17
CA ILE B 285 35.15 -19.00 3.12
C ILE B 285 36.56 -18.57 2.75
N THR B 286 36.69 -17.80 1.68
CA THR B 286 37.99 -17.39 1.19
C THR B 286 38.28 -15.91 1.40
N ASP B 287 37.31 -15.04 1.16
CA ASP B 287 37.51 -13.60 1.36
C ASP B 287 36.16 -12.95 1.61
N ALA B 288 36.20 -11.83 2.33
CA ALA B 288 35.02 -11.05 2.63
C ALA B 288 35.39 -9.58 2.67
N VAL B 289 34.49 -8.73 2.18
CA VAL B 289 34.70 -7.30 2.17
C VAL B 289 33.55 -6.61 2.90
N ASP B 290 33.89 -5.62 3.71
CA ASP B 290 32.89 -4.83 4.42
C ASP B 290 32.46 -3.67 3.52
N CYS B 291 31.14 -3.50 3.39
CA CYS B 291 30.61 -2.55 2.42
C CYS B 291 30.88 -1.11 2.86
N ALA B 292 30.57 -0.78 4.11
CA ALA B 292 30.74 0.58 4.63
C ALA B 292 32.06 0.70 5.38
N LEU B 293 33.15 0.40 4.67
CA LEU B 293 34.48 0.54 5.26
C LEU B 293 35.24 1.67 4.58
N ASP B 294 35.39 1.58 3.27
CA ASP B 294 36.08 2.55 2.44
C ASP B 294 35.27 2.73 1.17
N PRO B 295 35.44 3.87 0.47
CA PRO B 295 34.81 4.00 -0.85
C PRO B 295 35.25 2.94 -1.85
N LEU B 296 36.51 2.49 -1.79
CA LEU B 296 36.94 1.40 -2.65
C LEU B 296 36.25 0.09 -2.25
N SER B 297 36.12 -0.15 -0.94
CA SER B 297 35.42 -1.34 -0.49
C SER B 297 33.93 -1.26 -0.81
N GLU B 298 33.36 -0.05 -0.76
CA GLU B 298 31.97 0.12 -1.17
C GLU B 298 31.80 -0.13 -2.66
N THR B 299 32.78 0.28 -3.46
CA THR B 299 32.74 0.02 -4.90
C THR B 299 32.79 -1.48 -5.19
N LYS B 300 33.69 -2.20 -4.48
CA LYS B 300 33.71 -3.66 -4.61
C LYS B 300 32.41 -4.28 -4.12
N CYS B 301 31.79 -3.67 -3.11
CA CYS B 301 30.51 -4.15 -2.60
C CYS B 301 29.40 -4.01 -3.63
N THR B 302 29.34 -2.86 -4.32
CA THR B 302 28.23 -2.60 -5.21
C THR B 302 28.44 -3.11 -6.64
N LEU B 303 29.68 -3.40 -7.03
CA LEU B 303 29.92 -3.99 -8.34
C LEU B 303 29.92 -5.52 -8.31
N LYS B 304 29.79 -6.13 -7.13
CA LYS B 304 29.76 -7.58 -6.94
C LYS B 304 31.02 -8.25 -7.50
N SER B 305 32.16 -7.60 -7.31
CA SER B 305 33.44 -8.15 -7.72
C SER B 305 34.53 -7.55 -6.84
N PHE B 306 35.63 -8.29 -6.70
CA PHE B 306 36.75 -7.83 -5.89
C PHE B 306 37.71 -6.95 -6.67
N THR B 307 37.57 -6.87 -7.98
CA THR B 307 38.40 -6.03 -8.82
C THR B 307 37.52 -5.15 -9.69
N VAL B 308 37.81 -3.85 -9.68
CA VAL B 308 37.13 -2.89 -10.54
C VAL B 308 38.14 -2.34 -11.52
N GLU B 309 37.66 -1.95 -12.70
CA GLU B 309 38.60 -1.56 -13.77
C GLU B 309 39.07 -0.12 -13.60
N LYS B 310 38.16 0.83 -13.77
CA LYS B 310 38.48 2.26 -13.79
C LYS B 310 37.20 3.04 -13.97
N GLY B 311 37.28 4.34 -13.71
CA GLY B 311 36.24 5.26 -14.12
C GLY B 311 35.16 5.53 -13.08
N ILE B 312 34.06 6.06 -13.59
CA ILE B 312 32.94 6.48 -12.76
C ILE B 312 32.18 5.26 -12.25
N TYR B 313 31.89 5.23 -10.95
CA TYR B 313 30.96 4.28 -10.38
C TYR B 313 30.02 5.04 -9.45
N GLN B 314 28.96 4.38 -9.02
CA GLN B 314 27.84 5.06 -8.36
C GLN B 314 27.54 4.43 -7.01
N THR B 315 27.03 5.26 -6.10
CA THR B 315 26.60 4.83 -4.78
C THR B 315 25.51 5.79 -4.29
N SER B 316 25.24 5.79 -2.99
CA SER B 316 24.16 6.57 -2.42
C SER B 316 24.57 8.04 -2.30
N ASN B 317 23.76 8.83 -1.59
CA ASN B 317 23.92 10.27 -1.52
C ASN B 317 24.37 10.69 -0.12
N PHE B 318 24.55 12.00 0.05
CA PHE B 318 24.93 12.53 1.36
C PHE B 318 23.76 12.44 2.34
N ARG B 319 22.64 13.09 2.01
CA ARG B 319 21.39 13.05 2.77
C ARG B 319 21.63 13.53 4.22
N VAL B 320 21.93 14.82 4.33
CA VAL B 320 22.25 15.42 5.61
C VAL B 320 21.04 15.34 6.54
N GLN B 321 21.29 14.97 7.79
CA GLN B 321 20.22 14.75 8.76
C GLN B 321 19.75 16.09 9.34
N PRO B 322 18.46 16.18 9.70
CA PRO B 322 18.00 17.37 10.43
C PRO B 322 18.62 17.44 11.82
N THR B 323 18.85 18.67 12.27
CA THR B 323 19.50 18.88 13.55
C THR B 323 18.53 18.82 14.72
N GLU B 324 17.34 19.41 14.57
CA GLU B 324 16.29 19.28 15.57
C GLU B 324 14.94 19.34 14.87
N SER B 325 13.88 19.49 15.66
CA SER B 325 12.53 19.68 15.14
C SER B 325 11.91 20.90 15.83
N ILE B 326 11.24 21.74 15.04
CA ILE B 326 10.60 22.95 15.53
C ILE B 326 9.11 22.83 15.25
N VAL B 327 8.32 22.74 16.31
CA VAL B 327 6.88 22.89 16.18
C VAL B 327 6.54 24.37 16.28
N ARG B 328 5.39 24.76 15.73
CA ARG B 328 4.97 26.16 15.82
C ARG B 328 3.45 26.23 15.83
N PHE B 329 2.90 26.76 16.92
CA PHE B 329 1.48 26.86 17.20
C PHE B 329 1.15 28.29 17.59
N PRO B 330 -0.09 28.75 17.37
CA PRO B 330 -0.40 30.17 17.61
C PRO B 330 -0.42 30.51 19.09
N ASN B 331 -0.54 31.81 19.35
CA ASN B 331 -0.57 32.33 20.71
C ASN B 331 -1.91 32.00 21.37
N ILE B 332 -2.02 32.28 22.67
CA ILE B 332 -3.27 32.12 23.38
C ILE B 332 -4.16 33.32 23.05
N THR B 333 -5.35 33.04 22.53
CA THR B 333 -6.29 34.09 22.14
C THR B 333 -7.46 34.19 23.12
N ASN B 334 -8.17 33.08 23.32
CA ASN B 334 -9.31 33.02 24.22
C ASN B 334 -9.19 31.78 25.08
N LEU B 335 -9.42 31.93 26.38
CA LEU B 335 -9.29 30.84 27.33
C LEU B 335 -10.52 30.78 28.21
N CYS B 336 -10.85 29.57 28.65
CA CYS B 336 -12.00 29.39 29.52
C CYS B 336 -11.66 29.90 30.93
N PRO B 337 -12.56 30.67 31.55
CA PRO B 337 -12.24 31.27 32.86
C PRO B 337 -12.02 30.24 33.95
N PHE B 338 -13.03 29.39 34.17
CA PHE B 338 -13.04 28.38 35.24
C PHE B 338 -12.79 28.99 36.62
N HIS B 339 -13.16 30.25 36.78
CA HIS B 339 -12.97 31.02 38.01
C HIS B 339 -14.27 31.46 38.62
N GLU B 340 -15.26 31.85 37.80
CA GLU B 340 -16.61 32.03 38.29
C GLU B 340 -17.21 30.69 38.72
N VAL B 341 -16.76 29.59 38.11
CA VAL B 341 -17.16 28.27 38.55
C VAL B 341 -16.56 27.94 39.91
N PHE B 342 -15.32 28.35 40.15
CA PHE B 342 -14.59 27.98 41.35
C PHE B 342 -14.59 29.08 42.42
N ASN B 343 -14.12 30.28 42.08
CA ASN B 343 -14.01 31.37 43.05
C ASN B 343 -15.20 32.32 42.94
N ALA B 344 -16.38 31.81 43.31
CA ALA B 344 -17.59 32.60 43.38
C ALA B 344 -18.09 32.64 44.82
N THR B 345 -18.64 33.78 45.21
CA THR B 345 -19.17 33.93 46.56
C THR B 345 -20.37 33.02 46.80
N THR B 346 -21.24 32.89 45.81
CA THR B 346 -22.47 32.11 45.94
C THR B 346 -22.44 30.93 44.98
N PHE B 347 -22.72 29.74 45.49
CA PHE B 347 -22.93 28.54 44.70
C PHE B 347 -24.39 28.12 44.74
N ALA B 348 -24.68 26.98 44.14
CA ALA B 348 -26.02 26.43 44.07
C ALA B 348 -26.23 25.36 45.13
N SER B 349 -27.49 24.96 45.30
CA SER B 349 -27.83 23.92 46.25
C SER B 349 -27.68 22.55 45.60
N VAL B 350 -27.85 21.50 46.40
CA VAL B 350 -27.70 20.14 45.89
C VAL B 350 -28.86 19.76 44.95
N TYR B 351 -30.09 20.17 45.28
CA TYR B 351 -31.21 19.86 44.39
C TYR B 351 -31.22 20.76 43.15
N ALA B 352 -30.95 22.05 43.34
CA ALA B 352 -30.93 23.00 42.23
C ALA B 352 -29.50 23.26 41.75
N TRP B 353 -28.84 22.18 41.35
CA TRP B 353 -27.46 22.26 40.89
C TRP B 353 -27.38 23.04 39.58
N ASN B 354 -26.39 23.93 39.49
CA ASN B 354 -26.31 24.85 38.37
C ASN B 354 -25.72 24.18 37.13
N ARG B 355 -25.98 24.81 35.98
CA ARG B 355 -25.38 24.39 34.71
C ARG B 355 -24.67 25.59 34.11
N LYS B 356 -23.43 25.40 33.68
CA LYS B 356 -22.66 26.44 33.01
C LYS B 356 -21.95 25.83 31.80
N ARG B 357 -22.31 26.31 30.62
CA ARG B 357 -21.68 25.89 29.37
C ARG B 357 -20.69 26.96 28.94
N ILE B 358 -19.41 26.59 28.84
CA ILE B 358 -18.37 27.49 28.38
C ILE B 358 -17.46 26.71 27.43
N SER B 359 -17.15 27.32 26.29
CA SER B 359 -16.38 26.64 25.25
C SER B 359 -15.77 27.68 24.32
N ASN B 360 -15.21 27.19 23.21
CA ASN B 360 -14.49 27.99 22.22
C ASN B 360 -13.36 28.78 22.89
N CYS B 361 -12.39 28.05 23.42
CA CYS B 361 -11.45 28.63 24.35
C CYS B 361 -10.18 27.78 24.38
N VAL B 362 -9.18 28.25 25.12
CA VAL B 362 -8.02 27.45 25.50
C VAL B 362 -8.38 26.69 26.77
N ALA B 363 -8.10 25.38 26.77
CA ALA B 363 -8.62 24.48 27.79
C ALA B 363 -8.16 24.84 29.20
N ASP B 364 -6.87 25.14 29.37
CA ASP B 364 -6.29 25.75 30.57
C ASP B 364 -6.53 24.89 31.81
N TYR B 365 -5.90 23.72 31.81
CA TYR B 365 -6.00 22.79 32.93
C TYR B 365 -4.96 23.06 34.01
N SER B 366 -4.28 24.21 33.97
CA SER B 366 -3.25 24.52 34.95
C SER B 366 -3.75 25.40 36.09
N VAL B 367 -4.75 26.25 35.85
CA VAL B 367 -5.21 27.15 36.90
C VAL B 367 -6.09 26.38 37.90
N ILE B 368 -6.65 25.25 37.48
CA ILE B 368 -7.54 24.47 38.33
C ILE B 368 -6.80 23.83 39.49
N TYR B 369 -5.47 23.71 39.39
CA TYR B 369 -4.64 23.25 40.49
C TYR B 369 -4.17 24.40 41.38
N ASN B 370 -4.83 25.55 41.31
CA ASN B 370 -4.46 26.68 42.15
C ASN B 370 -4.73 26.41 43.63
N PHE B 371 -5.81 25.69 43.94
CA PHE B 371 -6.22 25.46 45.32
C PHE B 371 -5.55 24.21 45.89
N ALA B 372 -4.98 24.35 47.08
CA ALA B 372 -4.38 23.28 47.86
C ALA B 372 -5.36 22.35 48.61
N PRO B 373 -6.41 22.85 49.34
CA PRO B 373 -7.13 21.95 50.25
C PRO B 373 -8.14 21.02 49.61
N PHE B 374 -8.02 20.77 48.30
CA PHE B 374 -8.87 19.84 47.57
C PHE B 374 -9.03 18.49 48.27
N PHE B 375 -10.25 18.18 48.70
CA PHE B 375 -10.52 16.91 49.37
C PHE B 375 -10.54 15.76 48.38
N ALA B 376 -11.12 15.97 47.20
CA ALA B 376 -11.21 14.94 46.17
C ALA B 376 -10.95 15.57 44.81
N PHE B 377 -10.19 14.84 43.99
CA PHE B 377 -9.90 15.24 42.61
C PHE B 377 -10.08 14.04 41.70
N LYS B 378 -11.24 13.39 41.81
CA LYS B 378 -11.52 12.15 41.10
C LYS B 378 -11.51 12.35 39.59
N CYS B 379 -10.81 11.45 38.90
CA CYS B 379 -10.55 11.58 37.46
C CYS B 379 -10.83 10.26 36.77
N TYR B 380 -12.02 9.70 37.00
CA TYR B 380 -12.41 8.46 36.33
C TYR B 380 -12.54 8.69 34.82
N GLY B 381 -12.04 7.71 34.06
CA GLY B 381 -12.12 7.75 32.62
C GLY B 381 -10.90 8.34 31.93
N VAL B 382 -10.40 9.47 32.42
CA VAL B 382 -9.27 10.15 31.81
C VAL B 382 -8.22 10.37 32.90
N SER B 383 -6.98 9.97 32.63
CA SER B 383 -5.90 10.14 33.58
C SER B 383 -5.66 11.63 33.86
N PRO B 384 -5.40 12.01 35.11
CA PRO B 384 -5.41 13.44 35.48
C PRO B 384 -4.30 14.27 34.85
N THR B 385 -3.27 13.66 34.26
CA THR B 385 -2.18 14.39 33.64
C THR B 385 -2.24 14.43 32.11
N LYS B 386 -3.19 13.71 31.50
CA LYS B 386 -3.29 13.63 30.04
C LYS B 386 -4.44 14.46 29.49
N LEU B 387 -4.90 15.47 30.24
CA LEU B 387 -5.99 16.31 29.74
C LEU B 387 -5.51 17.33 28.72
N ASN B 388 -4.29 17.84 28.87
CA ASN B 388 -3.83 19.05 28.18
C ASN B 388 -3.56 18.85 26.70
N ASP B 389 -3.78 17.67 26.14
CA ASP B 389 -3.60 17.44 24.71
C ASP B 389 -4.84 16.86 24.04
N LEU B 390 -6.00 16.95 24.68
CA LEU B 390 -7.24 16.39 24.17
C LEU B 390 -8.19 17.50 23.76
N CYS B 391 -8.97 17.24 22.71
CA CYS B 391 -9.92 18.20 22.18
C CYS B 391 -11.34 17.66 22.36
N PHE B 392 -12.23 18.51 22.87
CA PHE B 392 -13.61 18.14 23.13
C PHE B 392 -14.54 19.23 22.59
N THR B 393 -15.80 18.84 22.35
CA THR B 393 -16.78 19.77 21.80
C THR B 393 -17.15 20.84 22.80
N ASN B 394 -17.63 20.44 23.98
CA ASN B 394 -18.00 21.36 25.03
C ASN B 394 -17.65 20.73 26.37
N VAL B 395 -18.01 21.41 27.45
CA VAL B 395 -17.87 20.91 28.81
C VAL B 395 -19.09 21.34 29.61
N TYR B 396 -19.40 20.58 30.65
CA TYR B 396 -20.43 20.93 31.62
C TYR B 396 -19.77 21.16 32.96
N ALA B 397 -20.15 22.24 33.64
CA ALA B 397 -19.55 22.63 34.92
C ALA B 397 -20.68 22.86 35.92
N ASP B 398 -20.88 21.89 36.82
CA ASP B 398 -21.86 22.05 37.88
C ASP B 398 -21.15 22.35 39.20
N SER B 399 -21.87 23.00 40.11
CA SER B 399 -21.26 23.41 41.38
C SER B 399 -22.33 23.41 42.46
N PHE B 400 -21.99 22.85 43.62
CA PHE B 400 -22.94 22.78 44.72
C PHE B 400 -22.18 22.66 46.04
N VAL B 401 -22.92 22.58 47.15
CA VAL B 401 -22.37 22.42 48.49
C VAL B 401 -23.09 21.26 49.14
N ILE B 402 -22.34 20.27 49.63
CA ILE B 402 -22.94 19.08 50.24
C ILE B 402 -22.24 18.77 51.55
N ARG B 403 -22.71 17.72 52.21
CA ARG B 403 -22.18 17.28 53.50
C ARG B 403 -20.83 16.59 53.31
N GLY B 404 -20.22 16.23 54.45
CA GLY B 404 -18.96 15.52 54.42
C GLY B 404 -19.12 14.04 54.09
N ASN B 405 -20.24 13.44 54.46
CA ASN B 405 -20.50 12.04 54.11
C ASN B 405 -21.24 11.89 52.79
N GLU B 406 -21.67 12.99 52.18
CA GLU B 406 -22.35 12.97 50.89
C GLU B 406 -21.40 13.20 49.73
N VAL B 407 -20.11 13.38 49.99
CA VAL B 407 -19.15 13.61 48.93
C VAL B 407 -18.82 12.33 48.18
N SER B 408 -18.96 11.17 48.82
CA SER B 408 -18.68 9.89 48.17
C SER B 408 -19.83 9.39 47.32
N GLN B 409 -20.98 10.07 47.34
CA GLN B 409 -22.14 9.62 46.61
C GLN B 409 -22.06 9.87 45.12
N ILE B 410 -21.17 10.75 44.67
CA ILE B 410 -20.99 11.03 43.25
C ILE B 410 -19.97 10.02 42.73
N ALA B 411 -20.46 8.83 42.43
CA ALA B 411 -19.62 7.72 42.01
C ALA B 411 -20.38 6.89 40.97
N PRO B 412 -19.68 6.25 40.04
CA PRO B 412 -20.37 5.41 39.05
C PRO B 412 -21.02 4.20 39.71
N GLY B 413 -22.32 4.05 39.48
CA GLY B 413 -23.06 2.95 40.07
C GLY B 413 -23.43 3.15 41.53
N GLN B 414 -23.20 4.35 42.08
CA GLN B 414 -23.47 4.61 43.48
C GLN B 414 -24.98 4.73 43.72
N THR B 415 -25.44 4.20 44.86
CA THR B 415 -26.82 4.31 45.28
C THR B 415 -26.88 4.90 46.68
N GLY B 416 -27.96 5.62 46.97
CA GLY B 416 -28.07 6.34 48.21
C GLY B 416 -29.21 7.34 48.23
N ASN B 417 -28.90 8.58 48.59
CA ASN B 417 -29.89 9.66 48.59
C ASN B 417 -29.51 10.85 47.73
N ILE B 418 -28.22 11.06 47.43
CA ILE B 418 -27.81 12.16 46.58
C ILE B 418 -27.83 11.76 45.11
N ALA B 419 -27.41 10.54 44.80
CA ALA B 419 -27.22 10.10 43.43
C ALA B 419 -28.49 9.61 42.77
N ASP B 420 -29.63 9.62 43.45
CA ASP B 420 -30.87 9.16 42.84
C ASP B 420 -32.08 10.04 43.11
N TYR B 421 -32.00 10.98 44.04
CA TYR B 421 -33.10 11.93 44.27
C TYR B 421 -32.70 13.38 44.05
N ASN B 422 -31.45 13.75 44.28
CA ASN B 422 -30.99 15.12 44.12
C ASN B 422 -30.23 15.35 42.81
N TYR B 423 -29.25 14.48 42.51
CA TYR B 423 -28.42 14.69 41.32
C TYR B 423 -27.87 13.33 40.90
N LYS B 424 -28.45 12.77 39.84
CA LYS B 424 -27.98 11.51 39.28
C LYS B 424 -26.90 11.77 38.24
N LEU B 425 -25.93 10.86 38.18
CA LEU B 425 -24.78 10.93 37.29
C LEU B 425 -24.85 9.82 36.24
N PRO B 426 -24.31 10.06 35.05
CA PRO B 426 -24.25 9.00 34.03
C PRO B 426 -23.16 7.99 34.38
N ASP B 427 -23.17 6.87 33.65
CA ASP B 427 -22.28 5.76 33.95
C ASP B 427 -21.03 5.72 33.08
N ASP B 428 -21.04 6.38 31.91
CA ASP B 428 -19.80 6.50 31.13
C ASP B 428 -18.79 7.37 31.87
N PHE B 429 -19.24 8.53 32.36
CA PHE B 429 -18.56 9.35 33.37
C PHE B 429 -17.16 9.78 32.92
N THR B 430 -17.15 10.58 31.86
CA THR B 430 -15.92 11.17 31.34
C THR B 430 -15.79 12.59 31.88
N GLY B 431 -14.90 12.78 32.85
CA GLY B 431 -14.71 14.09 33.44
C GLY B 431 -13.90 14.10 34.72
N CYS B 432 -14.25 15.00 35.64
CA CYS B 432 -13.51 15.18 36.87
C CYS B 432 -14.37 15.78 37.97
N VAL B 433 -14.33 15.19 39.15
CA VAL B 433 -15.07 15.68 40.31
C VAL B 433 -14.07 16.27 41.30
N ILE B 434 -14.20 17.55 41.59
CA ILE B 434 -13.32 18.26 42.50
C ILE B 434 -14.17 18.68 43.70
N ALA B 435 -13.64 18.43 44.90
CA ALA B 435 -14.38 18.72 46.11
C ALA B 435 -13.40 19.19 47.18
N TRP B 436 -13.81 20.19 47.96
CA TRP B 436 -12.95 20.73 49.00
C TRP B 436 -13.81 21.31 50.11
N ASN B 437 -13.16 21.69 51.20
CA ASN B 437 -13.86 22.20 52.38
C ASN B 437 -14.02 23.71 52.33
N SER B 438 -15.18 24.18 52.81
CA SER B 438 -15.48 25.60 52.86
C SER B 438 -16.21 25.95 54.16
N ASN B 439 -15.74 25.38 55.28
CA ASN B 439 -16.31 25.71 56.57
C ASN B 439 -16.00 27.15 56.98
N LYS B 440 -14.93 27.73 56.44
CA LYS B 440 -14.63 29.13 56.66
C LYS B 440 -15.53 30.05 55.84
N LEU B 441 -15.88 29.64 54.62
CA LEU B 441 -16.74 30.45 53.75
C LEU B 441 -18.22 30.19 54.04
N ASP B 442 -18.65 28.93 53.90
CA ASP B 442 -20.01 28.57 54.23
C ASP B 442 -20.18 28.42 55.75
N SER B 443 -21.39 28.04 56.16
CA SER B 443 -21.82 27.74 57.53
C SER B 443 -21.90 29.00 58.40
N LYS B 444 -22.91 29.07 59.25
CA LYS B 444 -23.15 30.27 60.03
C LYS B 444 -23.33 29.91 61.49
N PRO B 445 -22.94 30.81 62.41
CA PRO B 445 -23.26 30.59 63.83
C PRO B 445 -24.75 30.58 64.12
N SER B 446 -25.53 31.39 63.40
CA SER B 446 -26.97 31.44 63.55
C SER B 446 -27.69 30.37 62.73
N GLY B 447 -26.98 29.57 61.96
CA GLY B 447 -27.60 28.53 61.17
C GLY B 447 -27.73 28.87 59.70
N ASN B 448 -27.12 28.03 58.86
CA ASN B 448 -27.16 28.24 57.41
C ASN B 448 -28.36 27.49 56.85
N TYR B 449 -29.54 28.04 57.11
CA TYR B 449 -30.78 27.46 56.58
C TYR B 449 -31.14 28.10 55.24
N ASN B 450 -30.19 28.11 54.32
CA ASN B 450 -30.36 28.67 52.99
C ASN B 450 -30.15 27.64 51.90
N TYR B 451 -29.14 26.79 52.02
CA TYR B 451 -28.98 25.64 51.13
C TYR B 451 -29.82 24.50 51.68
N LEU B 452 -30.86 24.12 50.95
CA LEU B 452 -31.76 23.07 51.38
C LEU B 452 -31.36 21.75 50.73
N TYR B 453 -32.23 20.75 50.86
CA TYR B 453 -31.86 19.35 50.71
C TYR B 453 -33.10 18.54 50.38
N ARG B 454 -33.08 17.84 49.26
CA ARG B 454 -34.22 17.03 48.82
C ARG B 454 -34.02 15.60 49.31
N LEU B 455 -34.96 15.12 50.11
CA LEU B 455 -34.92 13.76 50.65
C LEU B 455 -35.96 12.85 50.01
N PHE B 456 -37.09 13.40 49.55
CA PHE B 456 -38.22 12.61 49.12
C PHE B 456 -38.52 12.86 47.65
N ARG B 457 -38.73 11.77 46.91
CA ARG B 457 -39.18 11.85 45.53
C ARG B 457 -39.94 10.56 45.20
N LYS B 458 -40.94 10.68 44.33
CA LYS B 458 -41.80 9.55 44.01
C LYS B 458 -41.09 8.49 43.17
N SER B 459 -40.00 8.85 42.50
CA SER B 459 -39.23 7.90 41.72
C SER B 459 -37.79 8.38 41.64
N LYS B 460 -36.89 7.46 41.29
CA LYS B 460 -35.49 7.82 41.15
C LYS B 460 -35.28 8.67 39.90
N LEU B 461 -34.17 9.41 39.89
CA LEU B 461 -33.91 10.41 38.86
C LEU B 461 -33.33 9.77 37.61
N LYS B 462 -32.87 10.63 36.71
CA LYS B 462 -32.13 10.32 35.49
C LYS B 462 -30.87 11.17 35.52
N PRO B 463 -29.77 10.70 34.91
CA PRO B 463 -28.54 11.52 34.89
C PRO B 463 -28.74 12.86 34.21
N PHE B 464 -28.13 13.89 34.82
CA PHE B 464 -28.22 15.29 34.37
C PHE B 464 -29.66 15.78 34.29
N GLU B 465 -30.46 15.44 35.31
CA GLU B 465 -31.83 15.91 35.42
C GLU B 465 -31.96 16.71 36.71
N ARG B 466 -32.46 17.94 36.60
CA ARG B 466 -32.71 18.79 37.76
C ARG B 466 -34.22 18.89 37.99
N ASP B 467 -34.62 18.74 39.26
CA ASP B 467 -36.02 18.77 39.64
C ASP B 467 -36.22 19.93 40.61
N ILE B 468 -36.83 21.02 40.13
CA ILE B 468 -37.17 22.16 40.96
C ILE B 468 -38.64 21.99 41.31
N SER B 469 -38.91 21.32 42.43
CA SER B 469 -40.28 21.05 42.84
C SER B 469 -40.32 20.87 44.35
N THR B 470 -41.00 21.78 45.03
CA THR B 470 -41.30 21.65 46.45
C THR B 470 -42.70 21.10 46.69
N GLU B 471 -43.21 20.32 45.74
CA GLU B 471 -44.58 19.81 45.83
C GLU B 471 -44.70 18.76 46.92
N ILE B 472 -45.92 18.59 47.41
CA ILE B 472 -46.16 17.80 48.60
C ILE B 472 -45.97 16.31 48.33
N TYR B 473 -45.53 15.58 49.34
CA TYR B 473 -45.43 14.13 49.28
C TYR B 473 -46.71 13.50 49.82
N GLN B 474 -47.08 12.37 49.23
CA GLN B 474 -48.31 11.65 49.57
C GLN B 474 -47.92 10.33 50.22
N ALA B 475 -47.67 10.37 51.53
CA ALA B 475 -47.32 9.15 52.26
C ALA B 475 -48.53 8.26 52.43
N GLY B 476 -49.67 8.83 52.82
CA GLY B 476 -50.87 8.06 52.99
C GLY B 476 -51.59 7.80 51.67
N ASN B 477 -52.48 6.81 51.70
CA ASN B 477 -53.31 6.52 50.55
C ASN B 477 -54.37 7.57 50.31
N LYS B 478 -54.76 8.32 51.33
CA LYS B 478 -55.72 9.42 51.33
C LYS B 478 -55.13 10.65 50.65
N PRO B 479 -55.90 11.34 49.81
CA PRO B 479 -55.40 12.57 49.20
C PRO B 479 -55.23 13.67 50.24
N CYS B 480 -54.19 14.48 50.04
CA CYS B 480 -53.91 15.58 50.97
C CYS B 480 -54.87 16.74 50.80
N ASN B 481 -55.36 16.96 49.56
CA ASN B 481 -56.23 18.08 49.20
C ASN B 481 -55.57 19.42 49.52
N GLY B 482 -54.42 19.65 48.88
CA GLY B 482 -53.64 20.84 49.14
C GLY B 482 -52.57 20.60 50.19
N VAL B 483 -52.08 21.70 50.77
CA VAL B 483 -51.08 21.63 51.82
C VAL B 483 -51.74 21.10 53.09
N ALA B 484 -51.41 19.87 53.48
CA ALA B 484 -52.04 19.22 54.61
C ALA B 484 -50.99 18.80 55.62
N GLY B 485 -51.46 18.42 56.81
CA GLY B 485 -50.61 18.06 57.92
C GLY B 485 -50.28 16.58 58.09
N PRO B 486 -51.27 15.70 58.20
CA PRO B 486 -50.95 14.28 58.44
C PRO B 486 -50.62 13.57 57.13
N ASN B 487 -49.49 12.85 57.13
CA ASN B 487 -49.01 12.04 56.00
C ASN B 487 -48.78 12.87 54.74
N CYS B 488 -48.51 14.17 54.91
CA CYS B 488 -48.22 15.07 53.79
C CYS B 488 -47.05 15.95 54.25
N TYR B 489 -45.83 15.52 53.92
CA TYR B 489 -44.62 16.19 54.38
C TYR B 489 -43.88 16.79 53.19
N SER B 490 -43.23 17.92 53.44
CA SER B 490 -42.45 18.59 52.40
C SER B 490 -41.19 17.78 52.08
N PRO B 491 -40.80 17.66 50.81
CA PRO B 491 -39.60 16.87 50.48
C PRO B 491 -38.30 17.64 50.66
N LEU B 492 -38.36 18.93 50.99
CA LEU B 492 -37.18 19.78 51.06
C LEU B 492 -36.98 20.23 52.50
N GLN B 493 -35.77 20.02 53.04
CA GLN B 493 -35.43 20.42 54.39
C GLN B 493 -34.07 21.11 54.39
N SER B 494 -33.85 21.98 55.36
CA SER B 494 -32.65 22.80 55.38
C SER B 494 -31.48 22.06 56.01
N TYR B 495 -30.28 22.30 55.45
CA TYR B 495 -29.06 21.74 56.03
C TYR B 495 -28.78 22.33 57.41
N GLY B 496 -28.77 23.66 57.51
CA GLY B 496 -28.44 24.31 58.75
C GLY B 496 -26.98 24.16 59.14
N PHE B 497 -26.08 24.73 58.35
CA PHE B 497 -24.65 24.51 58.55
C PHE B 497 -24.07 25.47 59.59
N ARG B 498 -23.22 24.92 60.47
CA ARG B 498 -22.52 25.67 61.51
C ARG B 498 -21.03 25.40 61.35
N PRO B 499 -20.19 26.36 61.75
CA PRO B 499 -18.73 26.12 61.70
C PRO B 499 -18.27 24.96 62.56
N THR B 500 -18.96 24.70 63.67
CA THR B 500 -18.52 23.69 64.61
C THR B 500 -19.20 22.35 64.31
N TYR B 501 -18.85 21.80 63.14
CA TYR B 501 -19.16 20.42 62.75
C TYR B 501 -17.88 19.61 62.64
N GLY B 502 -18.07 18.29 62.51
CA GLY B 502 -16.98 17.38 62.21
C GLY B 502 -16.74 17.26 60.71
N VAL B 503 -15.86 16.32 60.36
CA VAL B 503 -15.49 16.09 58.97
C VAL B 503 -16.69 15.62 58.15
N GLY B 504 -17.53 14.77 58.73
CA GLY B 504 -18.63 14.18 58.00
C GLY B 504 -19.86 15.04 57.80
N HIS B 505 -19.90 16.25 58.36
CA HIS B 505 -21.06 17.12 58.22
C HIS B 505 -20.69 18.55 57.82
N GLN B 506 -19.41 18.86 57.66
CA GLN B 506 -19.00 20.20 57.28
C GLN B 506 -19.39 20.50 55.83
N PRO B 507 -19.70 21.76 55.53
CA PRO B 507 -20.04 22.12 54.15
C PRO B 507 -18.86 22.00 53.22
N TYR B 508 -19.01 21.19 52.17
CA TYR B 508 -17.98 21.01 51.15
C TYR B 508 -18.47 21.57 49.84
N ARG B 509 -17.64 22.40 49.21
CA ARG B 509 -17.90 22.94 47.88
C ARG B 509 -17.39 21.94 46.85
N VAL B 510 -18.26 21.54 45.94
CA VAL B 510 -17.97 20.53 44.93
C VAL B 510 -18.25 21.11 43.56
N VAL B 511 -17.29 20.98 42.65
CA VAL B 511 -17.43 21.36 41.26
C VAL B 511 -17.19 20.11 40.40
N VAL B 512 -18.14 19.80 39.53
CA VAL B 512 -18.10 18.62 38.68
C VAL B 512 -17.95 19.11 37.24
N LEU B 513 -16.87 18.68 36.58
CA LEU B 513 -16.68 18.89 35.15
C LEU B 513 -17.00 17.61 34.40
N SER B 514 -17.77 17.74 33.33
CA SER B 514 -18.12 16.60 32.49
C SER B 514 -17.76 16.92 31.05
N PHE B 515 -16.90 16.08 30.47
CA PHE B 515 -16.54 16.22 29.07
C PHE B 515 -17.51 15.45 28.20
N GLU B 516 -17.93 16.08 27.10
CA GLU B 516 -18.73 15.38 26.10
C GLU B 516 -17.84 15.04 24.91
N LEU B 517 -18.19 13.95 24.22
CA LEU B 517 -17.43 13.46 23.08
C LEU B 517 -18.31 13.39 21.84
N LEU B 518 -19.07 14.45 21.57
CA LEU B 518 -19.95 14.49 20.42
C LEU B 518 -19.15 14.54 19.12
N HIS B 519 -19.75 14.01 18.05
CA HIS B 519 -19.14 14.01 16.72
C HIS B 519 -19.40 15.36 16.05
N ALA B 520 -18.77 16.39 16.61
CA ALA B 520 -18.91 17.77 16.19
C ALA B 520 -17.53 18.40 16.14
N PRO B 521 -17.36 19.50 15.40
CA PRO B 521 -16.11 20.25 15.46
C PRO B 521 -15.82 20.74 16.86
N ALA B 522 -14.71 20.27 17.42
CA ALA B 522 -14.36 20.57 18.81
C ALA B 522 -13.98 22.03 18.96
N THR B 523 -14.55 22.68 19.97
CA THR B 523 -14.29 24.09 20.23
C THR B 523 -13.23 24.31 21.30
N VAL B 524 -13.03 23.34 22.20
CA VAL B 524 -12.03 23.44 23.26
C VAL B 524 -10.89 22.48 22.91
N CYS B 525 -9.67 23.01 22.85
CA CYS B 525 -8.49 22.21 22.57
C CYS B 525 -7.38 22.61 23.54
N GLY B 526 -6.44 21.68 23.74
CA GLY B 526 -5.35 21.88 24.66
C GLY B 526 -4.39 22.96 24.23
N PRO B 527 -3.71 23.58 25.19
CA PRO B 527 -2.77 24.67 24.87
C PRO B 527 -1.41 24.16 24.43
N LYS B 528 -1.37 23.57 23.23
CA LYS B 528 -0.11 23.12 22.66
C LYS B 528 0.74 24.32 22.27
N LYS B 529 2.00 24.31 22.69
CA LYS B 529 2.86 25.49 22.61
C LYS B 529 4.14 25.07 21.88
N SER B 530 4.94 26.06 21.48
CA SER B 530 6.10 25.86 20.63
C SER B 530 7.36 26.29 21.36
N THR B 531 8.49 26.11 20.68
CA THR B 531 9.81 26.56 21.13
C THR B 531 10.37 27.54 20.12
N ASN B 532 11.52 28.13 20.45
CA ASN B 532 12.11 29.16 19.61
C ASN B 532 12.61 28.58 18.29
N LEU B 533 12.40 29.33 17.21
CA LEU B 533 12.74 28.88 15.87
C LEU B 533 14.23 29.06 15.60
N VAL B 534 14.70 28.41 14.53
CA VAL B 534 16.11 28.34 14.20
C VAL B 534 16.28 28.83 12.75
N LYS B 535 17.47 29.34 12.45
CA LYS B 535 17.75 29.99 11.18
C LYS B 535 18.80 29.22 10.39
N ASN B 536 18.48 28.96 9.13
CA ASN B 536 19.41 28.42 8.13
C ASN B 536 20.03 27.09 8.58
N LYS B 537 19.22 26.24 9.20
CA LYS B 537 19.68 24.96 9.72
C LYS B 537 18.79 23.85 9.17
N CYS B 538 19.38 22.69 8.94
CA CYS B 538 18.61 21.51 8.55
C CYS B 538 17.77 21.08 9.74
N VAL B 539 16.45 21.27 9.64
CA VAL B 539 15.56 21.15 10.78
C VAL B 539 14.20 20.66 10.29
N ASN B 540 13.56 19.80 11.08
CA ASN B 540 12.17 19.47 10.83
C ASN B 540 11.28 20.61 11.31
N PHE B 541 10.13 20.77 10.68
CA PHE B 541 9.18 21.79 11.10
C PHE B 541 7.77 21.21 11.06
N ASN B 542 7.00 21.51 12.10
CA ASN B 542 5.60 21.11 12.21
C ASN B 542 4.80 22.39 12.45
N PHE B 543 4.11 22.86 11.40
CA PHE B 543 3.39 24.13 11.48
C PHE B 543 1.90 23.85 11.45
N ASN B 544 1.34 23.53 12.61
CA ASN B 544 -0.10 23.36 12.86
C ASN B 544 -0.73 22.39 11.87
N GLY B 545 -0.31 21.13 11.99
CA GLY B 545 -0.75 20.14 11.02
C GLY B 545 0.36 19.68 10.09
N LEU B 546 0.40 20.24 8.89
CA LEU B 546 1.37 19.84 7.87
C LEU B 546 2.80 20.05 8.37
N THR B 547 3.68 19.15 7.97
CA THR B 547 5.06 19.11 8.44
C THR B 547 6.02 19.06 7.26
N GLY B 548 7.31 19.06 7.58
CA GLY B 548 8.33 18.97 6.57
C GLY B 548 9.70 19.01 7.20
N THR B 549 10.72 19.05 6.34
CA THR B 549 12.09 19.09 6.81
C THR B 549 12.93 19.88 5.81
N GLY B 550 13.62 20.91 6.31
CA GLY B 550 14.46 21.71 5.45
C GLY B 550 15.14 22.81 6.22
N VAL B 551 15.61 23.82 5.49
CA VAL B 551 16.24 24.98 6.08
C VAL B 551 15.36 26.20 5.83
N LEU B 552 15.54 27.21 6.66
CA LEU B 552 14.66 28.37 6.72
C LEU B 552 15.34 29.58 6.09
N THR B 553 14.51 30.47 5.55
CA THR B 553 14.98 31.72 4.98
C THR B 553 14.01 32.83 5.38
N GLU B 554 14.56 34.03 5.58
CA GLU B 554 13.73 35.17 5.95
C GLU B 554 12.84 35.60 4.78
N SER B 555 11.99 36.59 5.04
CA SER B 555 10.95 36.98 4.11
C SER B 555 11.53 37.59 2.84
N ASN B 556 10.84 37.33 1.72
CA ASN B 556 11.18 37.94 0.44
C ASN B 556 10.01 38.55 -0.29
N LYS B 557 8.77 38.12 -0.01
CA LYS B 557 7.59 38.70 -0.61
C LYS B 557 6.55 38.97 0.47
N LYS B 558 5.72 39.99 0.24
CA LYS B 558 4.83 40.53 1.25
C LYS B 558 3.58 39.69 1.50
N PHE B 559 3.31 38.69 0.66
CA PHE B 559 2.08 37.89 0.64
C PHE B 559 0.87 38.82 0.48
N LEU B 560 -0.25 38.41 1.04
CA LEU B 560 -1.46 39.20 1.16
C LEU B 560 -1.80 39.31 2.64
N PRO B 561 -2.55 40.35 3.03
CA PRO B 561 -2.96 40.45 4.45
C PRO B 561 -3.78 39.27 4.95
N PHE B 562 -4.55 38.62 4.08
CA PHE B 562 -5.33 37.46 4.46
C PHE B 562 -4.64 36.14 4.18
N GLN B 563 -3.52 36.16 3.47
CA GLN B 563 -2.91 34.94 2.96
C GLN B 563 -1.64 34.62 3.73
N GLN B 564 -1.43 33.33 4.02
CA GLN B 564 -0.30 32.89 4.81
C GLN B 564 0.36 31.61 4.29
N PHE B 565 -0.07 31.07 3.16
CA PHE B 565 0.41 29.80 2.65
C PHE B 565 0.86 29.98 1.21
N GLY B 566 2.11 29.62 0.91
CA GLY B 566 2.83 30.17 -0.23
C GLY B 566 3.29 29.19 -1.30
N ARG B 567 2.39 28.28 -1.68
CA ARG B 567 2.70 27.12 -2.52
C ARG B 567 3.20 27.58 -3.90
N ASP B 568 4.19 26.86 -4.44
CA ASP B 568 4.85 27.29 -5.67
C ASP B 568 4.23 26.61 -6.89
N ILE B 569 4.98 26.62 -8.00
CA ILE B 569 4.53 26.00 -9.25
C ILE B 569 4.74 24.49 -9.24
N ALA B 570 5.81 24.01 -8.61
CA ALA B 570 6.17 22.60 -8.69
C ALA B 570 5.44 21.74 -7.66
N ASP B 571 4.43 22.30 -7.00
CA ASP B 571 3.66 21.63 -5.93
C ASP B 571 4.58 21.19 -4.79
N THR B 572 5.41 22.12 -4.32
CA THR B 572 6.27 21.91 -3.17
C THR B 572 5.99 22.96 -2.10
N THR B 573 6.42 22.67 -0.88
CA THR B 573 6.26 23.59 0.24
C THR B 573 7.50 24.47 0.31
N ASP B 574 7.32 25.78 0.09
CA ASP B 574 8.46 26.69 0.19
C ASP B 574 8.18 28.02 0.88
N ALA B 575 6.97 28.24 1.41
CA ALA B 575 6.67 29.51 2.06
C ALA B 575 5.56 29.29 3.07
N VAL B 576 5.75 29.84 4.27
CA VAL B 576 4.86 29.60 5.40
C VAL B 576 4.84 30.88 6.25
N ARG B 577 3.95 30.91 7.24
CA ARG B 577 3.80 32.04 8.13
C ARG B 577 4.09 31.59 9.56
N ASP B 578 4.19 32.57 10.46
CA ASP B 578 4.25 32.25 11.89
C ASP B 578 2.84 32.28 12.47
N PRO B 579 2.35 31.16 13.01
CA PRO B 579 1.08 31.19 13.76
C PRO B 579 1.10 32.11 14.97
N GLN B 580 2.25 32.31 15.61
CA GLN B 580 2.31 33.18 16.78
C GLN B 580 2.15 34.64 16.40
N THR B 581 3.12 35.17 15.64
CA THR B 581 3.15 36.59 15.29
C THR B 581 3.32 36.78 13.78
N LEU B 582 3.60 38.01 13.38
CA LEU B 582 3.58 38.39 11.95
C LEU B 582 4.99 38.22 11.39
N GLU B 583 5.27 37.02 10.85
CA GLU B 583 6.53 36.73 10.17
C GLU B 583 6.28 35.85 8.97
N ILE B 584 6.90 36.20 7.84
CA ILE B 584 6.92 35.37 6.64
C ILE B 584 8.20 34.55 6.63
N LEU B 585 8.08 33.24 6.42
CA LEU B 585 9.21 32.34 6.39
C LEU B 585 9.24 31.59 5.07
N ASP B 586 10.44 31.20 4.64
CA ASP B 586 10.63 30.48 3.39
C ASP B 586 11.30 29.14 3.68
N ILE B 587 10.84 28.09 3.00
CA ILE B 587 11.32 26.73 3.18
C ILE B 587 12.14 26.35 1.96
N THR B 588 13.37 25.86 2.17
CA THR B 588 14.09 25.17 1.11
C THR B 588 14.65 23.87 1.69
N PRO B 589 14.25 22.71 1.18
CA PRO B 589 14.64 21.44 1.79
C PRO B 589 16.14 21.20 1.69
N CYS B 590 16.66 20.43 2.65
CA CYS B 590 18.09 20.23 2.78
C CYS B 590 18.67 19.53 1.56
N SER B 591 19.85 19.97 1.15
CA SER B 591 20.44 19.49 -0.10
C SER B 591 20.88 18.04 0.02
N PHE B 592 20.69 17.30 -1.06
CA PHE B 592 21.05 15.89 -1.12
C PHE B 592 22.52 15.77 -1.52
N GLY B 593 22.94 14.56 -1.87
CA GLY B 593 24.30 14.35 -2.31
C GLY B 593 24.44 13.88 -3.74
N GLY B 594 24.76 12.60 -3.92
CA GLY B 594 25.15 12.07 -5.20
C GLY B 594 26.66 11.89 -5.19
N VAL B 595 27.10 10.66 -4.96
CA VAL B 595 28.49 10.37 -4.67
C VAL B 595 29.05 9.45 -5.74
N SER B 596 30.20 9.81 -6.30
CA SER B 596 30.87 9.02 -7.31
C SER B 596 32.30 8.74 -6.86
N VAL B 597 32.82 7.60 -7.31
CA VAL B 597 34.12 7.11 -6.91
C VAL B 597 35.04 7.14 -8.13
N ILE B 598 36.19 7.78 -7.99
CA ILE B 598 37.21 7.81 -9.03
C ILE B 598 38.31 6.86 -8.62
N THR B 599 38.56 5.85 -9.44
CA THR B 599 39.58 4.87 -9.11
C THR B 599 40.43 4.51 -10.33
N PRO B 600 41.71 4.25 -10.12
CA PRO B 600 42.52 3.60 -11.15
C PRO B 600 42.34 2.10 -11.12
N GLY B 601 43.16 1.37 -11.89
CA GLY B 601 43.14 -0.08 -11.86
C GLY B 601 43.41 -0.67 -10.50
N THR B 602 42.59 -1.67 -10.12
CA THR B 602 42.79 -2.35 -8.84
C THR B 602 44.13 -3.08 -8.82
N ASN B 603 44.52 -3.65 -9.96
CA ASN B 603 45.85 -4.22 -10.11
C ASN B 603 46.95 -3.17 -10.01
N THR B 604 46.64 -1.91 -10.31
CA THR B 604 47.64 -0.85 -10.27
C THR B 604 47.85 -0.35 -8.84
N SER B 605 46.81 0.20 -8.22
CA SER B 605 46.93 0.81 -6.89
C SER B 605 45.55 0.82 -6.24
N ASN B 606 45.43 1.55 -5.14
CA ASN B 606 44.18 1.64 -4.41
C ASN B 606 43.83 3.05 -3.98
N GLN B 607 44.61 4.07 -4.34
CA GLN B 607 44.28 5.44 -3.97
C GLN B 607 43.11 5.93 -4.82
N VAL B 608 42.01 6.30 -4.16
CA VAL B 608 40.78 6.66 -4.84
C VAL B 608 40.45 8.12 -4.52
N ALA B 609 39.39 8.61 -5.17
CA ALA B 609 38.89 9.95 -4.95
C ALA B 609 37.37 9.90 -4.89
N VAL B 610 36.79 10.88 -4.19
CA VAL B 610 35.35 10.93 -3.98
C VAL B 610 34.81 12.27 -4.48
N LEU B 611 33.79 12.18 -5.32
CA LEU B 611 33.13 13.37 -5.86
C LEU B 611 31.71 13.45 -5.32
N TYR B 612 31.37 14.57 -4.70
CA TYR B 612 30.00 14.87 -4.29
C TYR B 612 29.37 15.74 -5.37
N GLN B 613 28.29 15.28 -5.96
CA GLN B 613 27.67 15.99 -7.07
C GLN B 613 26.73 17.07 -6.56
N GLY B 614 26.87 18.28 -7.11
CA GLY B 614 25.98 19.37 -6.76
C GLY B 614 26.17 19.91 -5.37
N VAL B 615 27.34 19.74 -4.77
CA VAL B 615 27.62 20.17 -3.41
C VAL B 615 28.75 21.19 -3.45
N ASN B 616 28.55 22.32 -2.79
CA ASN B 616 29.57 23.34 -2.65
C ASN B 616 30.33 23.11 -1.34
N CYS B 617 31.61 23.47 -1.33
CA CYS B 617 32.41 23.40 -0.10
C CYS B 617 33.04 24.74 0.25
N THR B 618 33.55 25.46 -0.75
CA THR B 618 34.15 26.80 -0.60
C THR B 618 35.28 26.86 0.44
N TRP B 633 31.89 22.94 3.21
CA TRP B 633 30.52 23.30 3.55
C TRP B 633 29.64 22.07 3.71
N ARG B 634 29.29 21.76 4.96
CA ARG B 634 28.51 20.59 5.41
C ARG B 634 28.84 19.32 4.62
N VAL B 635 30.12 18.97 4.63
CA VAL B 635 30.59 17.76 3.98
C VAL B 635 31.32 16.88 4.98
N TYR B 636 30.89 16.93 6.24
CA TYR B 636 31.44 16.16 7.35
C TYR B 636 32.92 16.48 7.58
N SER B 637 33.80 15.67 7.00
CA SER B 637 35.23 15.84 7.18
C SER B 637 35.91 15.90 5.82
N THR B 638 37.06 16.56 5.78
CA THR B 638 37.82 16.76 4.55
C THR B 638 39.05 15.85 4.56
N GLY B 639 39.86 15.97 3.52
CA GLY B 639 41.06 15.15 3.40
C GLY B 639 42.29 15.97 3.08
N SER B 640 43.09 15.49 2.13
CA SER B 640 44.32 16.20 1.77
C SER B 640 44.02 17.49 1.03
N ASN B 641 43.13 17.44 0.04
CA ASN B 641 42.82 18.61 -0.76
C ASN B 641 41.35 18.58 -1.17
N VAL B 642 40.80 19.77 -1.37
CA VAL B 642 39.40 19.96 -1.73
C VAL B 642 39.34 20.80 -2.99
N PHE B 643 38.58 20.34 -3.99
CA PHE B 643 38.42 21.06 -5.24
C PHE B 643 36.94 21.37 -5.45
N GLN B 644 36.68 22.48 -6.12
CA GLN B 644 35.37 23.11 -6.20
C GLN B 644 34.94 23.31 -7.64
N THR B 645 34.99 22.23 -8.43
CA THR B 645 34.55 22.26 -9.81
C THR B 645 33.05 22.59 -9.93
N ARG B 646 32.63 22.87 -11.15
CA ARG B 646 31.21 23.11 -11.42
C ARG B 646 30.39 21.84 -11.27
N ALA B 647 31.02 20.68 -11.40
CA ALA B 647 30.30 19.42 -11.22
C ALA B 647 29.94 19.19 -9.75
N GLY B 648 30.81 19.61 -8.84
CA GLY B 648 30.52 19.42 -7.42
C GLY B 648 31.76 19.70 -6.60
N CYS B 649 31.89 18.94 -5.51
CA CYS B 649 33.02 19.06 -4.60
C CYS B 649 33.81 17.77 -4.62
N LEU B 650 35.11 17.86 -4.92
CA LEU B 650 35.94 16.69 -5.11
C LEU B 650 36.98 16.63 -3.99
N ILE B 651 37.21 15.43 -3.46
CA ILE B 651 38.23 15.20 -2.45
C ILE B 651 39.01 13.94 -2.83
N GLY B 652 40.19 13.82 -2.25
CA GLY B 652 41.06 12.70 -2.54
C GLY B 652 41.94 12.86 -3.76
N ALA B 653 41.95 14.04 -4.37
CA ALA B 653 42.81 14.29 -5.53
C ALA B 653 43.12 15.77 -5.58
N GLU B 654 44.33 16.07 -6.05
CA GLU B 654 44.79 17.44 -6.22
C GLU B 654 44.58 17.89 -7.66
N TYR B 655 44.72 19.19 -7.87
CA TYR B 655 44.52 19.81 -9.17
C TYR B 655 45.84 20.37 -9.67
N VAL B 656 46.10 20.18 -10.97
CA VAL B 656 47.29 20.72 -11.60
C VAL B 656 46.86 21.75 -12.64
N ASN B 657 47.76 22.69 -12.91
CA ASN B 657 47.54 23.69 -13.96
C ASN B 657 48.03 23.22 -15.32
N ASN B 658 48.59 22.02 -15.39
CA ASN B 658 49.04 21.44 -16.65
C ASN B 658 47.83 20.82 -17.36
N SER B 659 48.00 20.42 -18.61
CA SER B 659 46.90 19.86 -19.38
C SER B 659 47.35 18.56 -20.03
N TYR B 660 46.55 17.51 -19.86
CA TYR B 660 46.81 16.21 -20.45
C TYR B 660 45.54 15.71 -21.12
N GLU B 661 45.64 14.55 -21.77
CA GLU B 661 44.48 13.91 -22.34
C GLU B 661 43.61 13.30 -21.25
N CYS B 662 42.34 13.10 -21.58
CA CYS B 662 41.36 12.62 -20.61
C CYS B 662 41.21 11.10 -20.73
N ASP B 663 41.16 10.43 -19.58
CA ASP B 663 40.91 9.00 -19.51
C ASP B 663 39.82 8.59 -18.52
N ILE B 664 39.58 9.37 -17.47
CA ILE B 664 38.41 9.22 -16.62
C ILE B 664 37.62 10.53 -16.65
N PRO B 665 36.37 10.53 -17.08
CA PRO B 665 35.59 11.76 -17.13
C PRO B 665 35.06 12.19 -15.76
N ILE B 666 34.97 13.50 -15.59
CA ILE B 666 34.31 14.11 -14.43
C ILE B 666 33.10 14.93 -14.84
N GLY B 667 33.28 15.83 -15.79
CA GLY B 667 32.21 16.72 -16.24
C GLY B 667 32.72 18.15 -16.37
N ALA B 668 32.15 18.88 -17.33
CA ALA B 668 32.41 20.30 -17.56
C ALA B 668 33.89 20.58 -17.84
N GLY B 669 34.55 19.65 -18.54
CA GLY B 669 35.93 19.86 -18.93
C GLY B 669 36.96 19.60 -17.85
N ILE B 670 36.69 18.64 -16.96
CA ILE B 670 37.64 18.20 -15.95
C ILE B 670 37.80 16.69 -16.08
N CYS B 671 39.04 16.22 -16.05
CA CYS B 671 39.31 14.79 -16.09
C CYS B 671 40.45 14.48 -15.12
N ALA B 672 40.42 13.28 -14.55
CA ALA B 672 41.38 12.85 -13.56
C ALA B 672 42.14 11.63 -14.06
N SER B 673 43.42 11.58 -13.72
CA SER B 673 44.29 10.47 -14.12
C SER B 673 45.23 10.15 -12.96
N TYR B 674 46.19 9.27 -13.21
CA TYR B 674 47.14 8.80 -12.21
C TYR B 674 48.54 9.27 -12.59
N GLN B 675 49.25 9.84 -11.62
CA GLN B 675 50.60 10.33 -11.85
C GLN B 675 51.61 9.20 -11.67
N GLN B 690 52.01 8.38 -8.53
CA GLN B 690 51.77 7.81 -7.20
C GLN B 690 50.56 8.45 -6.55
N SER B 691 49.94 9.39 -7.26
CA SER B 691 48.75 10.06 -6.75
C SER B 691 47.83 10.39 -7.91
N ILE B 692 46.54 10.58 -7.58
CA ILE B 692 45.53 10.90 -8.56
C ILE B 692 45.48 12.41 -8.75
N ILE B 693 45.64 12.86 -9.99
CA ILE B 693 45.62 14.27 -10.33
C ILE B 693 44.37 14.57 -11.13
N ALA B 694 43.95 15.83 -11.08
CA ALA B 694 42.81 16.32 -11.84
C ALA B 694 43.25 17.53 -12.65
N TYR B 695 42.69 17.67 -13.85
CA TYR B 695 43.15 18.71 -14.76
C TYR B 695 42.05 19.01 -15.78
N THR B 696 42.24 20.09 -16.52
CA THR B 696 41.32 20.45 -17.59
C THR B 696 41.73 19.75 -18.88
N MET B 697 40.75 19.59 -19.77
CA MET B 697 40.94 18.82 -21.00
C MET B 697 41.89 19.54 -21.95
N SER B 698 42.83 18.78 -22.50
CA SER B 698 43.77 19.27 -23.51
C SER B 698 43.30 18.75 -24.87
N LEU B 699 42.92 19.67 -25.75
CA LEU B 699 42.30 19.30 -27.02
C LEU B 699 43.28 18.67 -28.00
N GLY B 700 44.57 18.70 -27.71
CA GLY B 700 45.56 18.14 -28.61
C GLY B 700 46.69 19.09 -28.85
N ALA B 701 47.55 18.79 -29.81
CA ALA B 701 48.66 19.70 -30.14
C ALA B 701 48.10 20.95 -30.83
N GLU B 702 48.54 22.12 -30.38
CA GLU B 702 48.15 23.37 -30.99
C GLU B 702 48.97 23.55 -32.27
N ASN B 703 48.34 23.37 -33.42
CA ASN B 703 49.02 23.41 -34.70
C ASN B 703 48.75 24.75 -35.37
N SER B 704 49.82 25.45 -35.73
CA SER B 704 49.75 26.69 -36.47
C SER B 704 50.25 26.45 -37.89
N VAL B 705 49.41 26.77 -38.87
CA VAL B 705 49.73 26.59 -40.27
C VAL B 705 49.75 27.95 -40.96
N ALA B 706 50.83 28.21 -41.69
CA ALA B 706 50.98 29.48 -42.40
C ALA B 706 50.11 29.49 -43.65
N TYR B 707 49.59 30.67 -43.97
CA TYR B 707 48.77 30.86 -45.15
C TYR B 707 49.37 31.97 -46.01
N SER B 708 49.34 31.77 -47.32
CA SER B 708 49.84 32.76 -48.26
C SER B 708 48.96 32.73 -49.50
N ASN B 709 49.06 33.79 -50.31
CA ASN B 709 48.31 33.88 -51.55
C ASN B 709 48.94 33.10 -52.69
N ASN B 710 50.16 32.61 -52.51
CA ASN B 710 50.87 31.95 -53.60
C ASN B 710 51.58 30.67 -53.16
N SER B 711 51.52 30.31 -51.89
CA SER B 711 52.22 29.15 -51.38
C SER B 711 51.34 27.91 -51.48
N ILE B 712 51.97 26.75 -51.59
CA ILE B 712 51.28 25.47 -51.74
C ILE B 712 52.06 24.39 -51.01
N ALA B 713 51.32 23.45 -50.41
CA ALA B 713 51.91 22.29 -49.77
C ALA B 713 51.60 21.05 -50.60
N ILE B 714 52.63 20.45 -51.18
CA ILE B 714 52.49 19.30 -52.06
C ILE B 714 53.17 18.10 -51.40
N PRO B 715 52.48 16.97 -51.25
CA PRO B 715 53.13 15.79 -50.69
C PRO B 715 53.95 15.05 -51.73
N THR B 716 55.10 14.54 -51.29
CA THR B 716 55.99 13.80 -52.17
C THR B 716 56.13 12.33 -51.78
N ASN B 717 56.04 12.00 -50.50
CA ASN B 717 56.01 10.62 -50.05
C ASN B 717 54.64 10.30 -49.47
N PHE B 718 54.45 9.03 -49.13
CA PHE B 718 53.15 8.55 -48.70
C PHE B 718 53.30 7.29 -47.88
N THR B 719 52.16 6.75 -47.46
CA THR B 719 52.09 5.42 -46.88
C THR B 719 50.66 4.90 -46.99
N ILE B 720 50.58 3.57 -46.99
CA ILE B 720 49.31 2.86 -46.89
C ILE B 720 49.14 2.47 -45.42
N SER B 721 47.89 2.47 -44.98
CA SER B 721 47.62 2.15 -43.58
C SER B 721 46.45 1.20 -43.51
N VAL B 722 46.44 0.36 -42.47
CA VAL B 722 45.35 -0.55 -42.20
C VAL B 722 44.76 -0.18 -40.85
N THR B 723 43.43 -0.05 -40.80
CA THR B 723 42.71 0.24 -39.57
C THR B 723 41.66 -0.84 -39.37
N THR B 724 41.27 -1.04 -38.13
CA THR B 724 40.23 -1.99 -37.77
C THR B 724 38.95 -1.25 -37.43
N GLU B 725 37.82 -1.85 -37.78
CA GLU B 725 36.52 -1.30 -37.46
C GLU B 725 35.59 -2.44 -37.09
N ILE B 726 35.11 -2.44 -35.85
CA ILE B 726 34.42 -3.59 -35.28
C ILE B 726 32.94 -3.23 -35.13
N LEU B 727 32.06 -4.08 -35.66
CA LEU B 727 30.62 -3.81 -35.68
C LEU B 727 29.85 -5.00 -35.14
N PRO B 728 28.80 -4.76 -34.36
CA PRO B 728 27.91 -5.86 -33.96
C PRO B 728 26.98 -6.23 -35.10
N VAL B 729 26.48 -7.46 -35.04
CA VAL B 729 25.53 -7.99 -36.01
C VAL B 729 24.26 -8.51 -35.34
N SER B 730 24.42 -9.37 -34.34
CA SER B 730 23.29 -10.06 -33.75
C SER B 730 23.52 -10.26 -32.26
N MET B 731 22.45 -10.55 -31.55
CA MET B 731 22.53 -11.11 -30.21
C MET B 731 21.90 -12.50 -30.22
N THR B 732 22.10 -13.23 -29.14
CA THR B 732 21.54 -14.57 -29.03
C THR B 732 20.02 -14.52 -28.98
N LYS B 733 19.38 -15.36 -29.79
CA LYS B 733 17.94 -15.47 -29.75
C LYS B 733 17.50 -16.11 -28.44
N THR B 734 16.28 -15.81 -28.03
CA THR B 734 15.77 -16.34 -26.78
C THR B 734 14.27 -16.56 -26.91
N SER B 735 13.76 -17.44 -26.05
CA SER B 735 12.33 -17.71 -25.98
C SER B 735 11.99 -18.05 -24.54
N VAL B 736 10.78 -17.67 -24.13
CA VAL B 736 10.31 -17.88 -22.77
C VAL B 736 9.04 -18.71 -22.84
N ASP B 737 8.79 -19.50 -21.79
CA ASP B 737 7.48 -20.10 -21.66
C ASP B 737 6.71 -19.38 -20.55
N CYS B 738 5.56 -18.81 -20.92
CA CYS B 738 4.81 -17.97 -19.99
C CYS B 738 4.23 -18.80 -18.86
N THR B 739 3.74 -20.00 -19.18
CA THR B 739 3.21 -20.88 -18.15
C THR B 739 4.26 -21.38 -17.17
N MET B 740 5.45 -21.78 -17.65
CA MET B 740 6.43 -22.36 -16.75
C MET B 740 7.15 -21.31 -15.90
N TYR B 741 7.35 -20.10 -16.43
CA TYR B 741 7.99 -19.07 -15.63
C TYR B 741 7.08 -18.59 -14.52
N ILE B 742 5.83 -18.30 -14.85
CA ILE B 742 4.90 -17.76 -13.87
C ILE B 742 4.49 -18.83 -12.86
N CYS B 743 4.26 -20.05 -13.32
CA CYS B 743 3.77 -21.12 -12.47
C CYS B 743 4.60 -22.39 -12.65
N GLY B 744 4.65 -23.18 -11.59
CA GLY B 744 5.30 -24.48 -11.67
C GLY B 744 4.36 -25.55 -12.21
N ASP B 745 4.33 -26.71 -11.57
CA ASP B 745 3.40 -27.77 -11.94
C ASP B 745 2.15 -27.70 -11.07
N SER B 746 1.48 -26.54 -11.14
CA SER B 746 0.28 -26.27 -10.35
C SER B 746 -0.84 -25.85 -11.29
N THR B 747 -1.96 -26.58 -11.23
CA THR B 747 -3.10 -26.29 -12.09
C THR B 747 -3.78 -24.99 -11.71
N GLU B 748 -3.90 -24.70 -10.42
CA GLU B 748 -4.61 -23.51 -9.96
C GLU B 748 -3.91 -22.22 -10.35
N CYS B 749 -2.57 -22.23 -10.43
CA CYS B 749 -1.86 -21.06 -10.92
C CYS B 749 -2.17 -20.81 -12.39
N SER B 750 -2.29 -21.87 -13.18
CA SER B 750 -2.72 -21.70 -14.56
C SER B 750 -4.18 -21.26 -14.64
N ASN B 751 -5.01 -21.67 -13.68
CA ASN B 751 -6.39 -21.21 -13.64
C ASN B 751 -6.47 -19.71 -13.37
N LEU B 752 -5.64 -19.21 -12.45
CA LEU B 752 -5.57 -17.78 -12.22
C LEU B 752 -4.77 -17.06 -13.29
N LEU B 753 -4.06 -17.79 -14.15
CA LEU B 753 -3.42 -17.14 -15.30
C LEU B 753 -4.43 -16.96 -16.44
N LEU B 754 -5.30 -17.95 -16.65
CA LEU B 754 -6.25 -17.89 -17.75
C LEU B 754 -7.33 -16.83 -17.56
N GLN B 755 -7.58 -16.38 -16.33
CA GLN B 755 -8.51 -15.27 -16.15
C GLN B 755 -7.87 -13.94 -16.55
N TYR B 756 -6.54 -13.91 -16.65
CA TYR B 756 -5.90 -12.91 -17.50
C TYR B 756 -5.92 -13.38 -18.94
N GLY B 757 -5.27 -14.52 -19.21
CA GLY B 757 -5.45 -15.24 -20.47
C GLY B 757 -4.78 -14.65 -21.69
N SER B 758 -5.04 -13.38 -21.98
CA SER B 758 -4.67 -12.77 -23.25
C SER B 758 -3.43 -11.88 -23.14
N PHE B 759 -2.43 -12.30 -22.37
CA PHE B 759 -1.19 -11.54 -22.23
C PHE B 759 0.00 -12.27 -22.86
N CYS B 760 0.25 -13.52 -22.47
CA CYS B 760 1.51 -14.15 -22.87
C CYS B 760 1.47 -14.66 -24.31
N THR B 761 0.31 -14.68 -24.96
CA THR B 761 0.29 -14.91 -26.40
C THR B 761 0.98 -13.76 -27.13
N GLN B 762 0.77 -12.53 -26.66
CA GLN B 762 1.50 -11.40 -27.21
C GLN B 762 2.98 -11.49 -26.90
N LEU B 763 3.32 -12.03 -25.73
CA LEU B 763 4.72 -12.30 -25.39
C LEU B 763 5.32 -13.28 -26.38
N LYS B 764 4.55 -14.33 -26.73
CA LYS B 764 5.00 -15.32 -27.71
C LYS B 764 5.23 -14.69 -29.07
N ARG B 765 4.28 -13.85 -29.51
CA ARG B 765 4.43 -13.25 -30.83
C ARG B 765 5.57 -12.23 -30.84
N ALA B 766 5.83 -11.59 -29.71
CA ALA B 766 6.94 -10.65 -29.62
C ALA B 766 8.29 -11.36 -29.69
N LEU B 767 8.41 -12.48 -28.96
CA LEU B 767 9.67 -13.23 -29.00
C LEU B 767 9.90 -13.90 -30.35
N THR B 768 8.84 -14.43 -30.97
CA THR B 768 8.99 -14.95 -32.32
C THR B 768 9.32 -13.85 -33.32
N GLY B 769 8.75 -12.66 -33.15
CA GLY B 769 9.06 -11.56 -34.04
C GLY B 769 10.49 -11.08 -33.91
N ILE B 770 11.00 -10.97 -32.68
CA ILE B 770 12.39 -10.58 -32.50
C ILE B 770 13.31 -11.69 -32.98
N ALA B 771 12.88 -12.96 -32.90
CA ALA B 771 13.70 -14.04 -33.43
C ALA B 771 13.80 -13.99 -34.95
N VAL B 772 12.66 -13.82 -35.64
CA VAL B 772 12.69 -13.82 -37.10
C VAL B 772 13.35 -12.54 -37.60
N GLU B 773 13.26 -11.45 -36.84
CA GLU B 773 14.00 -10.25 -37.20
C GLU B 773 15.49 -10.44 -37.02
N GLN B 774 15.90 -11.12 -35.95
CA GLN B 774 17.33 -11.22 -35.66
C GLN B 774 18.05 -12.19 -36.58
N ASP B 775 17.45 -13.37 -36.83
CA ASP B 775 18.16 -14.34 -37.66
C ASP B 775 18.15 -13.96 -39.13
N LYS B 776 17.21 -13.11 -39.54
CA LYS B 776 17.18 -12.63 -40.92
C LYS B 776 18.21 -11.54 -41.20
N ASN B 777 18.86 -11.01 -40.16
CA ASN B 777 19.84 -9.95 -40.35
C ASN B 777 21.08 -10.46 -41.10
N THR B 778 21.44 -11.72 -40.89
CA THR B 778 22.75 -12.20 -41.32
C THR B 778 22.86 -12.40 -42.83
N GLN B 779 21.76 -12.64 -43.54
CA GLN B 779 21.85 -12.93 -44.97
C GLN B 779 22.26 -11.70 -45.76
N GLU B 780 21.62 -10.55 -45.53
CA GLU B 780 22.02 -9.36 -46.26
C GLU B 780 23.37 -8.81 -45.80
N VAL B 781 23.83 -9.20 -44.61
CA VAL B 781 25.19 -8.86 -44.20
C VAL B 781 26.19 -9.76 -44.92
N PHE B 782 25.87 -11.05 -45.06
CA PHE B 782 26.83 -12.04 -45.54
C PHE B 782 26.52 -12.55 -46.95
N ALA B 783 25.31 -13.07 -47.17
CA ALA B 783 24.98 -13.70 -48.46
C ALA B 783 24.58 -12.67 -49.50
N GLN B 784 25.44 -11.67 -49.72
CA GLN B 784 25.22 -10.70 -50.78
C GLN B 784 25.54 -11.27 -52.15
N VAL B 785 26.29 -12.36 -52.22
CA VAL B 785 26.66 -13.00 -53.47
C VAL B 785 26.07 -14.42 -53.48
N LYS B 786 25.50 -14.80 -54.62
CA LYS B 786 24.94 -16.12 -54.82
C LYS B 786 25.86 -16.98 -55.69
N GLN B 787 27.17 -16.79 -55.53
CA GLN B 787 28.15 -17.55 -56.30
C GLN B 787 29.38 -17.72 -55.40
N ILE B 788 29.43 -18.86 -54.71
CA ILE B 788 30.53 -19.12 -53.78
C ILE B 788 31.79 -19.45 -54.57
N TYR B 789 32.91 -18.87 -54.13
CA TYR B 789 34.17 -18.97 -54.84
C TYR B 789 35.22 -19.67 -53.96
N LYS B 790 36.33 -20.04 -54.60
CA LYS B 790 37.45 -20.64 -53.89
C LYS B 790 38.74 -20.03 -54.41
N THR B 791 39.76 -20.04 -53.55
CA THR B 791 41.04 -19.43 -53.89
C THR B 791 41.84 -20.33 -54.83
N PRO B 792 42.62 -19.74 -55.73
CA PRO B 792 43.58 -20.53 -56.53
C PRO B 792 44.67 -21.09 -55.66
N PRO B 793 45.24 -22.24 -56.03
CA PRO B 793 46.27 -22.86 -55.17
C PRO B 793 47.60 -22.13 -55.20
N ILE B 794 47.92 -21.39 -56.26
CA ILE B 794 49.20 -20.71 -56.39
C ILE B 794 48.95 -19.21 -56.32
N LYS B 795 49.78 -18.52 -55.52
CA LYS B 795 49.62 -17.10 -55.24
C LYS B 795 50.87 -16.35 -55.69
N TYR B 796 50.88 -15.94 -56.96
CA TYR B 796 51.91 -15.03 -57.47
C TYR B 796 51.42 -13.59 -57.39
N PHE B 797 51.07 -13.15 -56.18
CA PHE B 797 50.38 -11.88 -56.00
C PHE B 797 51.33 -10.69 -55.96
N GLY B 798 52.26 -10.62 -56.92
CA GLY B 798 53.19 -9.51 -57.01
C GLY B 798 54.06 -9.30 -55.78
N GLY B 799 54.30 -10.35 -55.01
CA GLY B 799 55.01 -10.23 -53.76
C GLY B 799 54.16 -9.96 -52.54
N PHE B 800 52.84 -9.83 -52.70
CA PHE B 800 51.97 -9.62 -51.56
C PHE B 800 51.83 -10.91 -50.75
N ASN B 801 51.47 -10.75 -49.48
CA ASN B 801 51.17 -11.87 -48.60
C ASN B 801 49.78 -11.71 -48.02
N PHE B 802 48.98 -12.78 -48.10
CA PHE B 802 47.63 -12.77 -47.55
C PHE B 802 47.35 -14.02 -46.73
N SER B 803 48.39 -14.69 -46.23
CA SER B 803 48.20 -15.95 -45.50
C SER B 803 47.50 -15.74 -44.16
N GLN B 804 47.50 -14.53 -43.63
CA GLN B 804 46.83 -14.27 -42.37
C GLN B 804 45.32 -14.21 -42.49
N ILE B 805 44.80 -13.83 -43.66
CA ILE B 805 43.36 -13.64 -43.83
C ILE B 805 42.69 -14.76 -44.62
N LEU B 806 43.39 -15.42 -45.52
CA LEU B 806 42.82 -16.59 -46.18
C LEU B 806 42.76 -17.74 -45.18
N PRO B 807 41.70 -18.55 -45.22
CA PRO B 807 41.61 -19.69 -44.30
C PRO B 807 42.71 -20.72 -44.56
N ASP B 808 43.18 -21.34 -43.49
CA ASP B 808 44.27 -22.29 -43.58
C ASP B 808 43.71 -23.70 -43.69
N PRO B 809 43.96 -24.42 -44.79
CA PRO B 809 43.51 -25.81 -44.88
C PRO B 809 44.15 -26.72 -43.83
N SER B 810 45.37 -26.45 -43.41
CA SER B 810 46.01 -27.27 -42.38
C SER B 810 45.37 -27.08 -41.01
N LYS B 811 44.72 -25.94 -40.79
CA LYS B 811 43.91 -25.76 -39.59
C LYS B 811 42.71 -26.71 -39.64
N PRO B 812 42.38 -27.36 -38.52
CA PRO B 812 41.20 -28.24 -38.51
C PRO B 812 39.90 -27.53 -38.85
N SER B 813 39.75 -26.27 -38.46
CA SER B 813 38.66 -25.45 -38.93
C SER B 813 39.08 -24.70 -40.20
N LYS B 814 38.10 -24.36 -41.03
CA LYS B 814 38.37 -23.65 -42.28
C LYS B 814 38.27 -22.15 -42.03
N ARG B 815 39.19 -21.65 -41.22
CA ARG B 815 39.21 -20.27 -40.78
C ARG B 815 40.62 -19.70 -40.90
N SER B 816 40.70 -18.38 -40.97
CA SER B 816 41.98 -17.70 -40.94
C SER B 816 42.54 -17.69 -39.53
N PRO B 817 43.85 -17.48 -39.36
CA PRO B 817 44.38 -17.23 -38.02
C PRO B 817 43.79 -15.98 -37.37
N ILE B 818 43.45 -14.96 -38.18
CA ILE B 818 42.74 -13.80 -37.64
C ILE B 818 41.39 -14.21 -37.09
N GLU B 819 40.70 -15.13 -37.78
CA GLU B 819 39.47 -15.68 -37.24
C GLU B 819 39.70 -16.43 -35.95
N ASP B 820 40.85 -17.12 -35.82
CA ASP B 820 41.16 -17.82 -34.59
C ASP B 820 41.38 -16.85 -33.43
N LEU B 821 42.10 -15.75 -33.68
CA LEU B 821 42.28 -14.74 -32.63
C LEU B 821 40.96 -14.08 -32.25
N LEU B 822 40.12 -13.77 -33.24
CA LEU B 822 38.81 -13.18 -32.95
C LEU B 822 37.92 -14.18 -32.21
N PHE B 823 38.12 -15.47 -32.44
CA PHE B 823 37.30 -16.48 -31.78
C PHE B 823 37.72 -16.69 -30.34
N ASN B 824 39.01 -16.91 -30.10
CA ASN B 824 39.43 -17.22 -28.74
C ASN B 824 39.58 -15.98 -27.87
N LYS B 825 39.65 -14.80 -28.47
CA LYS B 825 39.68 -13.57 -27.68
C LYS B 825 38.29 -13.17 -27.18
N VAL B 826 37.24 -13.81 -27.68
CA VAL B 826 35.88 -13.54 -27.26
C VAL B 826 35.37 -14.76 -26.51
N THR B 827 34.93 -14.55 -25.27
CA THR B 827 34.42 -15.64 -24.45
C THR B 827 32.90 -15.73 -24.53
N ILE B 850 24.47 -21.35 -16.90
CA ILE B 850 23.85 -21.41 -18.22
C ILE B 850 22.79 -22.51 -18.21
N CYS B 851 23.15 -23.69 -17.71
CA CYS B 851 22.19 -24.78 -17.60
C CYS B 851 21.12 -24.46 -16.57
N ALA B 852 21.50 -23.86 -15.43
CA ALA B 852 20.53 -23.43 -14.45
C ALA B 852 19.66 -22.29 -14.99
N GLN B 853 20.22 -21.45 -15.85
CA GLN B 853 19.42 -20.45 -16.55
C GLN B 853 18.42 -21.11 -17.49
N LYS B 854 18.84 -22.18 -18.18
CA LYS B 854 17.94 -22.87 -19.09
C LYS B 854 16.82 -23.58 -18.35
N PHE B 855 17.13 -24.12 -17.16
CA PHE B 855 16.23 -25.05 -16.48
C PHE B 855 15.07 -24.36 -15.74
N ASN B 856 14.77 -23.11 -16.05
CA ASN B 856 13.61 -22.42 -15.49
C ASN B 856 12.63 -22.00 -16.59
N GLY B 857 12.64 -22.73 -17.70
CA GLY B 857 11.81 -22.34 -18.84
C GLY B 857 12.36 -21.16 -19.62
N LEU B 858 13.67 -20.94 -19.57
CA LEU B 858 14.32 -19.85 -20.29
C LEU B 858 15.20 -20.49 -21.36
N THR B 859 14.65 -20.62 -22.56
CA THR B 859 15.35 -21.28 -23.65
C THR B 859 16.06 -20.27 -24.54
N VAL B 860 17.16 -20.71 -25.12
CA VAL B 860 17.89 -19.94 -26.12
C VAL B 860 17.89 -20.73 -27.41
N LEU B 861 17.74 -20.02 -28.52
CA LEU B 861 17.66 -20.73 -29.79
C LEU B 861 18.98 -20.63 -30.54
N PRO B 862 19.46 -21.74 -31.10
CA PRO B 862 20.67 -21.68 -31.91
C PRO B 862 20.39 -20.91 -33.20
N PRO B 863 21.39 -20.20 -33.72
CA PRO B 863 21.19 -19.48 -34.98
C PRO B 863 21.04 -20.43 -36.15
N LEU B 864 20.36 -19.95 -37.19
CA LEU B 864 20.25 -20.73 -38.43
C LEU B 864 21.61 -20.89 -39.08
N LEU B 865 22.43 -19.85 -39.04
CA LEU B 865 23.76 -19.86 -39.61
C LEU B 865 24.77 -20.14 -38.51
N THR B 866 25.56 -21.21 -38.67
CA THR B 866 26.63 -21.47 -37.73
C THR B 866 27.93 -20.86 -38.27
N ASP B 867 29.04 -21.16 -37.59
CA ASP B 867 30.29 -20.50 -37.94
C ASP B 867 30.87 -21.02 -39.26
N GLU B 868 30.58 -22.27 -39.63
CA GLU B 868 31.28 -22.88 -40.77
C GLU B 868 30.87 -22.24 -42.09
N MET B 869 29.57 -22.13 -42.35
CA MET B 869 29.17 -21.59 -43.65
C MET B 869 29.25 -20.06 -43.69
N ILE B 870 29.23 -19.38 -42.53
CA ILE B 870 29.52 -17.95 -42.59
C ILE B 870 31.01 -17.73 -42.82
N ALA B 871 31.86 -18.64 -42.32
CA ALA B 871 33.27 -18.60 -42.68
C ALA B 871 33.46 -18.88 -44.17
N GLN B 872 32.63 -19.77 -44.72
CA GLN B 872 32.66 -20.02 -46.16
C GLN B 872 32.21 -18.80 -46.95
N TYR B 873 31.20 -18.08 -46.44
CA TYR B 873 30.80 -16.81 -47.07
C TYR B 873 31.92 -15.79 -47.05
N THR B 874 32.61 -15.65 -45.91
CA THR B 874 33.72 -14.70 -45.84
C THR B 874 34.87 -15.11 -46.76
N SER B 875 35.15 -16.42 -46.83
CA SER B 875 36.20 -16.91 -47.72
C SER B 875 35.84 -16.67 -49.18
N ALA B 876 34.56 -16.88 -49.53
CA ALA B 876 34.13 -16.62 -50.90
C ALA B 876 34.17 -15.13 -51.22
N LEU B 877 33.85 -14.28 -50.25
CA LEU B 877 33.94 -12.84 -50.45
C LEU B 877 35.39 -12.41 -50.66
N LEU B 878 36.32 -12.98 -49.88
CA LEU B 878 37.73 -12.71 -50.09
C LEU B 878 38.20 -13.20 -51.44
N ALA B 879 37.76 -14.39 -51.85
CA ALA B 879 38.13 -14.92 -53.15
C ALA B 879 37.60 -14.04 -54.28
N GLY B 880 36.38 -13.52 -54.12
CA GLY B 880 35.85 -12.61 -55.11
C GLY B 880 36.60 -11.30 -55.17
N THR B 881 36.97 -10.75 -54.02
CA THR B 881 37.60 -9.44 -54.01
C THR B 881 39.10 -9.48 -54.31
N ILE B 882 39.74 -10.64 -54.25
CA ILE B 882 41.15 -10.69 -54.62
C ILE B 882 41.35 -10.99 -56.10
N THR B 883 40.87 -12.12 -56.60
CA THR B 883 41.21 -12.55 -57.95
C THR B 883 40.28 -11.98 -59.01
N SER B 884 39.16 -11.36 -58.65
CA SER B 884 38.22 -10.84 -59.63
C SER B 884 37.93 -9.36 -59.43
N GLY B 885 38.60 -8.69 -58.50
CA GLY B 885 38.38 -7.27 -58.31
C GLY B 885 37.04 -7.00 -57.64
N TRP B 886 36.35 -5.97 -58.11
CA TRP B 886 35.06 -5.59 -57.56
C TRP B 886 33.91 -5.77 -58.55
N THR B 887 34.19 -6.35 -59.72
CA THR B 887 33.14 -6.50 -60.72
C THR B 887 32.22 -7.67 -60.41
N PHE B 888 32.61 -8.53 -59.46
CA PHE B 888 31.80 -9.69 -59.12
C PHE B 888 30.53 -9.34 -58.35
N GLY B 889 30.43 -8.11 -57.84
CA GLY B 889 29.20 -7.67 -57.21
C GLY B 889 28.12 -7.21 -58.17
N ALA B 890 28.39 -7.27 -59.47
CA ALA B 890 27.45 -6.81 -60.48
C ALA B 890 26.88 -7.98 -61.29
N GLY B 891 27.74 -8.79 -61.89
CA GLY B 891 27.31 -9.94 -62.64
C GLY B 891 28.21 -11.13 -62.39
N PRO B 892 28.74 -11.71 -63.46
CA PRO B 892 29.75 -12.77 -63.29
C PRO B 892 31.07 -12.21 -62.82
N ALA B 893 31.87 -13.06 -62.19
CA ALA B 893 33.17 -12.63 -61.70
C ALA B 893 34.16 -12.56 -62.86
N LEU B 894 34.79 -11.40 -63.01
CA LEU B 894 35.76 -11.16 -64.07
C LEU B 894 37.15 -11.16 -63.47
N GLN B 895 37.96 -12.15 -63.83
CA GLN B 895 39.26 -12.31 -63.21
C GLN B 895 40.24 -11.26 -63.71
N ILE B 896 40.90 -10.58 -62.76
CA ILE B 896 41.87 -9.53 -63.01
C ILE B 896 43.10 -9.81 -62.14
N PRO B 897 44.31 -9.65 -62.64
CA PRO B 897 45.49 -9.69 -61.77
C PRO B 897 45.44 -8.56 -60.75
N PHE B 898 46.01 -8.83 -59.57
CA PHE B 898 45.95 -7.87 -58.47
C PHE B 898 46.69 -6.57 -58.73
N PRO B 899 47.93 -6.53 -59.26
CA PRO B 899 48.52 -5.22 -59.61
C PRO B 899 47.81 -4.52 -60.75
N MET B 900 47.09 -5.25 -61.61
CA MET B 900 46.21 -4.59 -62.57
C MET B 900 45.09 -3.85 -61.86
N GLN B 901 44.55 -4.45 -60.79
CA GLN B 901 43.43 -3.85 -60.08
C GLN B 901 43.86 -2.68 -59.21
N MET B 902 45.03 -2.78 -58.59
CA MET B 902 45.48 -1.71 -57.69
C MET B 902 45.81 -0.44 -58.45
N ALA B 903 46.25 -0.57 -59.70
CA ALA B 903 46.47 0.61 -60.53
C ALA B 903 45.17 1.34 -60.81
N TYR B 904 44.09 0.59 -61.08
CA TYR B 904 42.80 1.19 -61.31
C TYR B 904 42.22 1.77 -60.03
N ARG B 905 42.51 1.13 -58.89
CA ARG B 905 42.07 1.68 -57.61
C ARG B 905 42.80 2.97 -57.28
N PHE B 906 44.08 3.07 -57.65
CA PHE B 906 44.79 4.34 -57.55
C PHE B 906 44.19 5.38 -58.48
N ASN B 907 43.83 4.97 -59.70
CA ASN B 907 43.19 5.88 -60.66
C ASN B 907 41.85 6.38 -60.13
N GLY B 908 41.16 5.58 -59.34
CA GLY B 908 39.95 6.06 -58.68
C GLY B 908 40.15 7.11 -57.62
N ILE B 909 41.38 7.27 -57.11
CA ILE B 909 41.70 8.28 -56.11
C ILE B 909 42.62 9.36 -56.71
N GLY B 910 42.56 9.53 -58.03
CA GLY B 910 43.36 10.53 -58.70
C GLY B 910 44.85 10.28 -58.67
N VAL B 911 45.26 9.03 -58.87
CA VAL B 911 46.67 8.64 -58.91
C VAL B 911 46.94 7.95 -60.24
N THR B 912 47.92 8.46 -60.97
CA THR B 912 48.34 7.82 -62.21
C THR B 912 48.96 6.46 -61.92
N GLN B 913 48.72 5.51 -62.81
CA GLN B 913 49.12 4.13 -62.58
C GLN B 913 50.64 3.92 -62.61
N ASN B 914 51.40 4.91 -63.09
CA ASN B 914 52.85 4.77 -63.10
C ASN B 914 53.44 4.73 -61.69
N VAL B 915 52.73 5.32 -60.72
CA VAL B 915 53.20 5.32 -59.34
C VAL B 915 53.23 3.90 -58.79
N LEU B 916 52.19 3.12 -59.04
CA LEU B 916 52.16 1.72 -58.61
C LEU B 916 53.26 0.91 -59.28
N TYR B 917 53.43 1.06 -60.60
CA TYR B 917 54.42 0.26 -61.29
C TYR B 917 55.84 0.76 -61.00
N GLU B 918 55.97 1.92 -60.39
CA GLU B 918 57.27 2.38 -59.92
C GLU B 918 57.57 1.92 -58.51
N ASN B 919 56.55 1.84 -57.64
CA ASN B 919 56.79 1.59 -56.22
C ASN B 919 56.04 0.39 -55.69
N GLN B 920 55.76 -0.61 -56.54
CA GLN B 920 55.05 -1.80 -56.08
C GLN B 920 55.84 -2.62 -55.07
N LYS B 921 57.17 -2.61 -55.13
CA LYS B 921 57.96 -3.31 -54.13
C LYS B 921 57.80 -2.66 -52.75
N LEU B 922 57.85 -1.33 -52.70
CA LEU B 922 57.64 -0.62 -51.45
C LEU B 922 56.21 -0.78 -50.96
N ILE B 923 55.25 -0.81 -51.89
CA ILE B 923 53.85 -1.04 -51.52
C ILE B 923 53.69 -2.42 -50.90
N ALA B 924 54.33 -3.43 -51.50
CA ALA B 924 54.27 -4.79 -50.97
C ALA B 924 54.89 -4.88 -49.59
N ASN B 925 56.07 -4.25 -49.41
CA ASN B 925 56.72 -4.27 -48.10
C ASN B 925 55.89 -3.55 -47.05
N GLN B 926 55.32 -2.39 -47.40
CA GLN B 926 54.51 -1.62 -46.46
C GLN B 926 53.25 -2.37 -46.07
N PHE B 927 52.56 -2.97 -47.05
CA PHE B 927 51.33 -3.67 -46.75
C PHE B 927 51.58 -4.95 -45.97
N ASN B 928 52.65 -5.67 -46.30
CA ASN B 928 53.00 -6.87 -45.55
C ASN B 928 53.39 -6.53 -44.11
N SER B 929 54.14 -5.44 -43.93
CA SER B 929 54.49 -5.00 -42.58
C SER B 929 53.25 -4.57 -41.80
N ALA B 930 52.30 -3.90 -42.47
CA ALA B 930 51.08 -3.47 -41.80
C ALA B 930 50.23 -4.65 -41.37
N ILE B 931 50.13 -5.67 -42.23
CA ILE B 931 49.37 -6.87 -41.88
C ILE B 931 50.06 -7.62 -40.74
N GLY B 932 51.40 -7.64 -40.74
CA GLY B 932 52.11 -8.20 -39.60
C GLY B 932 51.91 -7.41 -38.31
N LYS B 933 51.80 -6.09 -38.43
CA LYS B 933 51.59 -5.25 -37.25
C LYS B 933 50.18 -5.45 -36.68
N ILE B 934 49.18 -5.66 -37.55
CA ILE B 934 47.80 -5.67 -37.08
C ILE B 934 47.49 -6.88 -36.20
N GLN B 935 48.23 -7.99 -36.34
CA GLN B 935 48.01 -9.14 -35.47
C GLN B 935 48.40 -8.81 -34.02
N ASP B 936 49.59 -8.26 -33.83
CA ASP B 936 50.01 -7.86 -32.50
C ASP B 936 49.21 -6.65 -32.01
N SER B 937 48.68 -5.85 -32.93
CA SER B 937 47.80 -4.74 -32.54
C SER B 937 46.50 -5.26 -31.94
N LEU B 938 45.92 -6.29 -32.56
CA LEU B 938 44.71 -6.90 -32.01
C LEU B 938 45.02 -7.66 -30.72
N SER B 939 46.14 -8.36 -30.67
CA SER B 939 46.47 -9.19 -29.51
C SER B 939 47.07 -8.39 -28.36
N SER B 940 47.39 -7.11 -28.56
CA SER B 940 48.02 -6.33 -27.51
C SER B 940 47.05 -6.01 -26.37
N THR B 941 45.84 -5.59 -26.72
CA THR B 941 44.86 -5.20 -25.72
C THR B 941 43.52 -5.84 -26.06
N PRO B 942 42.71 -6.17 -25.04
CA PRO B 942 41.33 -6.59 -25.29
C PRO B 942 40.31 -5.47 -25.24
N SER B 943 40.74 -4.21 -25.14
CA SER B 943 39.81 -3.09 -25.14
C SER B 943 39.23 -2.84 -26.52
N ALA B 944 39.93 -3.27 -27.58
CA ALA B 944 39.41 -3.12 -28.94
C ALA B 944 38.23 -4.05 -29.20
N LEU B 945 38.13 -5.17 -28.48
CA LEU B 945 37.03 -6.11 -28.62
C LEU B 945 35.86 -5.79 -27.71
N GLY B 946 35.84 -4.60 -27.11
CA GLY B 946 34.76 -4.26 -26.20
C GLY B 946 33.43 -3.99 -26.87
N LYS B 947 33.41 -3.88 -28.20
CA LYS B 947 32.18 -3.59 -28.91
C LYS B 947 31.31 -4.81 -29.13
N LEU B 948 31.77 -6.00 -28.76
CA LEU B 948 30.96 -7.21 -28.79
C LEU B 948 30.77 -7.86 -27.43
N GLN B 949 31.69 -7.63 -26.49
CA GLN B 949 31.49 -8.13 -25.13
C GLN B 949 30.31 -7.44 -24.46
N ASP B 950 30.04 -6.19 -24.85
CA ASP B 950 28.96 -5.43 -24.26
C ASP B 950 27.59 -6.05 -24.56
N VAL B 951 27.37 -6.45 -25.81
CA VAL B 951 26.10 -7.09 -26.15
C VAL B 951 25.93 -8.41 -25.41
N VAL B 952 27.00 -9.20 -25.34
CA VAL B 952 26.93 -10.52 -24.70
C VAL B 952 26.63 -10.38 -23.22
N ASN B 953 27.38 -9.54 -22.50
CA ASN B 953 27.14 -9.47 -21.07
C ASN B 953 25.90 -8.64 -20.74
N HIS B 954 25.47 -7.75 -21.64
CA HIS B 954 24.18 -7.08 -21.45
C HIS B 954 23.02 -8.05 -21.57
N ASN B 955 23.09 -8.98 -22.52
CA ASN B 955 22.08 -10.03 -22.60
C ASN B 955 22.16 -10.92 -21.36
N ALA B 956 23.37 -11.26 -20.94
CA ALA B 956 23.58 -12.18 -19.82
C ALA B 956 23.04 -11.62 -18.51
N GLN B 957 23.37 -10.37 -18.20
CA GLN B 957 22.94 -9.81 -16.92
C GLN B 957 21.46 -9.50 -16.92
N ALA B 958 20.89 -9.17 -18.09
CA ALA B 958 19.44 -9.01 -18.18
C ALA B 958 18.73 -10.32 -17.92
N LEU B 959 19.25 -11.42 -18.47
CA LEU B 959 18.66 -12.73 -18.19
C LEU B 959 18.85 -13.11 -16.73
N ASN B 960 20.00 -12.75 -16.14
CA ASN B 960 20.25 -13.06 -14.74
C ASN B 960 19.34 -12.27 -13.81
N THR B 961 19.13 -10.99 -14.09
CA THR B 961 18.22 -10.20 -13.26
C THR B 961 16.76 -10.57 -13.53
N LEU B 962 16.47 -11.21 -14.66
CA LEU B 962 15.15 -11.81 -14.83
C LEU B 962 15.00 -13.05 -13.96
N VAL B 963 16.00 -13.94 -13.96
CA VAL B 963 15.82 -15.23 -13.31
C VAL B 963 15.97 -15.12 -11.80
N LYS B 964 16.62 -14.08 -11.28
CA LYS B 964 16.69 -13.89 -9.84
C LYS B 964 15.47 -13.15 -9.30
N GLN B 965 14.53 -12.77 -10.17
CA GLN B 965 13.34 -12.05 -9.73
C GLN B 965 12.31 -12.98 -9.09
N LEU B 966 12.49 -14.30 -9.22
CA LEU B 966 11.55 -15.23 -8.61
C LEU B 966 11.59 -15.15 -7.09
N SER B 967 12.78 -15.10 -6.51
CA SER B 967 12.94 -15.02 -5.07
C SER B 967 12.69 -13.57 -4.64
N SER B 968 11.42 -13.21 -4.58
CA SER B 968 11.01 -11.86 -4.25
C SER B 968 9.77 -11.91 -3.37
N LYS B 969 9.77 -11.10 -2.31
CA LYS B 969 8.68 -11.09 -1.35
C LYS B 969 7.55 -10.16 -1.82
N PHE B 970 6.95 -10.51 -2.96
CA PHE B 970 5.98 -9.62 -3.60
C PHE B 970 4.67 -9.58 -2.83
N GLY B 971 4.67 -9.02 -1.62
CA GLY B 971 3.49 -8.97 -0.79
C GLY B 971 3.02 -10.31 -0.29
N ALA B 972 3.86 -11.34 -0.39
CA ALA B 972 3.46 -12.70 -0.05
C ALA B 972 4.19 -13.17 1.19
N ILE B 973 3.63 -14.21 1.81
CA ILE B 973 4.27 -14.84 2.96
C ILE B 973 5.59 -15.49 2.54
N SER B 974 5.58 -16.19 1.40
CA SER B 974 6.79 -16.78 0.86
C SER B 974 6.79 -16.62 -0.65
N SER B 975 7.98 -16.58 -1.23
CA SER B 975 8.12 -16.51 -2.68
C SER B 975 7.97 -17.87 -3.34
N VAL B 976 8.06 -18.95 -2.57
CA VAL B 976 7.85 -20.29 -3.11
C VAL B 976 6.37 -20.51 -3.35
N LEU B 977 6.03 -21.19 -4.43
CA LEU B 977 4.63 -21.40 -4.76
C LEU B 977 4.09 -22.68 -4.12
N ASN B 978 4.94 -23.70 -3.96
CA ASN B 978 4.46 -24.99 -3.48
C ASN B 978 4.11 -24.94 -1.99
N ASP B 979 4.92 -24.25 -1.18
CA ASP B 979 4.66 -24.22 0.25
C ASP B 979 3.42 -23.40 0.59
N ILE B 980 3.07 -22.43 -0.25
CA ILE B 980 1.83 -21.69 -0.08
C ILE B 980 0.63 -22.60 -0.28
N LEU B 981 0.74 -23.53 -1.23
CA LEU B 981 -0.33 -24.49 -1.48
C LEU B 981 -0.54 -25.41 -0.27
N SER B 982 0.55 -25.81 0.38
CA SER B 982 0.47 -26.58 1.61
C SER B 982 0.16 -25.74 2.83
N ARG B 983 0.11 -24.41 2.69
CA ARG B 983 -0.10 -23.51 3.80
C ARG B 983 -1.56 -23.15 4.04
N LEU B 984 -2.27 -22.71 3.01
CA LEU B 984 -3.52 -22.00 3.18
C LEU B 984 -4.62 -22.62 2.33
N ASP B 985 -5.85 -22.22 2.63
CA ASP B 985 -7.06 -22.67 1.96
C ASP B 985 -7.14 -22.07 0.57
N PRO B 986 -7.90 -22.68 -0.34
CA PRO B 986 -8.06 -22.11 -1.69
C PRO B 986 -8.92 -20.84 -1.79
N PRO B 987 -9.85 -20.50 -0.89
CA PRO B 987 -10.45 -19.15 -1.02
C PRO B 987 -9.48 -18.03 -0.69
N GLU B 988 -8.85 -18.09 0.48
CA GLU B 988 -7.83 -17.12 0.87
C GLU B 988 -6.53 -17.46 0.12
N ALA B 989 -5.56 -16.53 0.20
CA ALA B 989 -4.21 -16.64 -0.37
C ALA B 989 -4.20 -16.55 -1.89
N GLU B 990 -5.38 -16.43 -2.50
CA GLU B 990 -5.44 -16.00 -3.89
C GLU B 990 -4.99 -14.56 -3.97
N VAL B 991 -5.24 -13.80 -2.89
CA VAL B 991 -4.74 -12.45 -2.76
C VAL B 991 -3.23 -12.40 -2.62
N GLN B 992 -2.59 -13.51 -2.23
CA GLN B 992 -1.14 -13.60 -2.24
C GLN B 992 -0.60 -14.16 -3.54
N ILE B 993 -1.38 -15.03 -4.20
CA ILE B 993 -0.95 -15.58 -5.47
C ILE B 993 -0.97 -14.51 -6.56
N ASP B 994 -2.07 -13.74 -6.64
CA ASP B 994 -2.27 -12.86 -7.80
C ASP B 994 -1.29 -11.69 -7.80
N ARG B 995 -0.91 -11.21 -6.62
CA ARG B 995 0.08 -10.15 -6.55
C ARG B 995 1.45 -10.64 -7.03
N LEU B 996 1.78 -11.89 -6.70
CA LEU B 996 2.99 -12.50 -7.24
C LEU B 996 2.90 -12.72 -8.74
N ILE B 997 1.69 -13.00 -9.25
CA ILE B 997 1.50 -13.12 -10.69
C ILE B 997 1.76 -11.78 -11.36
N THR B 998 1.19 -10.70 -10.81
CA THR B 998 1.33 -9.38 -11.39
C THR B 998 2.76 -8.88 -11.33
N GLY B 999 3.44 -9.12 -10.20
CA GLY B 999 4.82 -8.71 -10.06
C GLY B 999 5.78 -9.45 -10.98
N ARG B 1000 5.41 -10.65 -11.41
CA ARG B 1000 6.25 -11.39 -12.35
C ARG B 1000 5.92 -11.01 -13.79
N LEU B 1001 4.65 -10.78 -14.10
CA LEU B 1001 4.31 -10.40 -15.47
C LEU B 1001 4.77 -8.98 -15.77
N GLN B 1002 4.82 -8.11 -14.76
CA GLN B 1002 5.41 -6.79 -14.97
C GLN B 1002 6.90 -6.89 -15.20
N SER B 1003 7.57 -7.87 -14.56
CA SER B 1003 8.98 -8.11 -14.84
C SER B 1003 9.18 -8.60 -16.27
N LEU B 1004 8.29 -9.48 -16.74
CA LEU B 1004 8.32 -9.89 -18.14
C LEU B 1004 8.11 -8.71 -19.08
N GLN B 1005 7.18 -7.82 -18.72
CA GLN B 1005 6.91 -6.64 -19.54
C GLN B 1005 8.12 -5.72 -19.60
N THR B 1006 8.79 -5.50 -18.48
CA THR B 1006 9.99 -4.67 -18.48
C THR B 1006 11.13 -5.35 -19.24
N TYR B 1007 11.20 -6.68 -19.20
CA TYR B 1007 12.25 -7.38 -19.92
C TYR B 1007 12.06 -7.29 -21.43
N VAL B 1008 10.85 -7.59 -21.91
CA VAL B 1008 10.65 -7.66 -23.35
C VAL B 1008 10.60 -6.27 -23.96
N THR B 1009 10.19 -5.28 -23.16
CA THR B 1009 10.26 -3.90 -23.64
C THR B 1009 11.71 -3.47 -23.85
N GLN B 1010 12.59 -3.82 -22.90
CA GLN B 1010 14.01 -3.54 -23.06
C GLN B 1010 14.60 -4.35 -24.21
N GLN B 1011 14.09 -5.55 -24.43
CA GLN B 1011 14.58 -6.37 -25.55
C GLN B 1011 14.18 -5.75 -26.89
N LEU B 1012 12.95 -5.27 -27.01
CA LEU B 1012 12.53 -4.60 -28.23
C LEU B 1012 13.26 -3.27 -28.41
N ILE B 1013 13.62 -2.61 -27.31
CA ILE B 1013 14.49 -1.44 -27.42
C ILE B 1013 15.84 -1.84 -27.98
N ARG B 1014 16.47 -2.86 -27.39
CA ARG B 1014 17.83 -3.25 -27.75
C ARG B 1014 17.92 -3.84 -29.15
N ALA B 1015 16.84 -4.44 -29.65
CA ALA B 1015 16.84 -4.95 -31.02
C ALA B 1015 16.86 -3.82 -32.05
N ALA B 1016 16.38 -2.64 -31.69
CA ALA B 1016 16.26 -1.54 -32.65
C ALA B 1016 17.63 -1.06 -33.11
N GLU B 1017 18.54 -0.78 -32.17
CA GLU B 1017 19.86 -0.31 -32.61
C GLU B 1017 20.70 -1.45 -33.18
N ILE B 1018 20.42 -2.69 -32.78
CA ILE B 1018 21.12 -3.83 -33.38
C ILE B 1018 20.72 -3.96 -34.84
N ARG B 1019 19.44 -3.77 -35.15
CA ARG B 1019 19.01 -3.77 -36.55
C ARG B 1019 19.60 -2.62 -37.33
N ALA B 1020 19.68 -1.43 -36.72
CA ALA B 1020 20.28 -0.28 -37.40
C ALA B 1020 21.77 -0.50 -37.65
N SER B 1021 22.46 -1.08 -36.67
CA SER B 1021 23.89 -1.36 -36.82
C SER B 1021 24.12 -2.44 -37.86
N ALA B 1022 23.23 -3.44 -37.92
CA ALA B 1022 23.34 -4.47 -38.95
C ALA B 1022 23.07 -3.89 -40.33
N ASN B 1023 22.12 -2.97 -40.45
CA ASN B 1023 21.86 -2.31 -41.72
C ASN B 1023 23.04 -1.47 -42.16
N LEU B 1024 23.66 -0.75 -41.21
CA LEU B 1024 24.84 0.03 -41.52
C LEU B 1024 26.01 -0.86 -41.91
N ALA B 1025 26.15 -2.01 -41.23
CA ALA B 1025 27.20 -2.95 -41.58
C ALA B 1025 26.97 -3.56 -42.95
N ALA B 1026 25.71 -3.80 -43.31
CA ALA B 1026 25.41 -4.30 -44.66
C ALA B 1026 25.68 -3.23 -45.71
N THR B 1027 25.41 -1.96 -45.37
CA THR B 1027 25.73 -0.87 -46.28
C THR B 1027 27.23 -0.76 -46.49
N LYS B 1028 28.01 -0.90 -45.42
CA LYS B 1028 29.46 -0.90 -45.56
C LYS B 1028 29.98 -2.17 -46.24
N MET B 1029 29.25 -3.28 -46.10
CA MET B 1029 29.55 -4.48 -46.88
C MET B 1029 29.38 -4.22 -48.36
N SER B 1030 28.31 -3.52 -48.73
CA SER B 1030 28.08 -3.09 -50.10
C SER B 1030 29.13 -2.11 -50.60
N GLU B 1031 29.52 -1.13 -49.80
CA GLU B 1031 30.33 -0.03 -50.28
C GLU B 1031 31.83 -0.26 -50.14
N CYS B 1032 32.30 -0.55 -48.92
CA CYS B 1032 33.73 -0.69 -48.68
C CYS B 1032 34.33 -1.96 -49.26
N VAL B 1033 33.52 -2.97 -49.56
CA VAL B 1033 34.00 -4.24 -50.08
C VAL B 1033 33.75 -4.36 -51.58
N LEU B 1034 32.48 -4.27 -52.00
CA LEU B 1034 32.14 -4.48 -53.40
C LEU B 1034 32.47 -3.29 -54.28
N GLY B 1035 32.91 -2.17 -53.71
CA GLY B 1035 33.29 -1.02 -54.48
C GLY B 1035 34.40 -0.26 -53.79
N GLN B 1036 34.82 0.83 -54.41
CA GLN B 1036 35.81 1.74 -53.85
C GLN B 1036 35.11 3.09 -53.66
N SER B 1037 34.48 3.25 -52.50
CA SER B 1037 33.71 4.47 -52.24
C SER B 1037 34.64 5.65 -51.97
N LYS B 1038 34.36 6.77 -52.62
CA LYS B 1038 35.09 8.01 -52.41
C LYS B 1038 34.49 8.86 -51.30
N ARG B 1039 33.45 8.35 -50.62
CA ARG B 1039 32.92 9.03 -49.46
C ARG B 1039 33.96 9.03 -48.34
N VAL B 1040 34.43 10.22 -47.97
CA VAL B 1040 35.51 10.31 -47.01
C VAL B 1040 35.03 9.93 -45.62
N ASP B 1041 35.84 9.15 -44.91
CA ASP B 1041 35.66 8.66 -43.54
C ASP B 1041 34.54 7.61 -43.43
N PHE B 1042 33.81 7.35 -44.51
CA PHE B 1042 32.77 6.32 -44.46
C PHE B 1042 33.36 4.93 -44.44
N CYS B 1043 34.52 4.74 -45.08
CA CYS B 1043 35.20 3.44 -45.13
C CYS B 1043 36.51 3.46 -44.36
N GLY B 1044 36.53 4.15 -43.21
CA GLY B 1044 37.73 4.22 -42.41
C GLY B 1044 38.20 5.64 -42.15
N LYS B 1045 39.49 5.89 -42.39
CA LYS B 1045 40.07 7.22 -42.21
C LYS B 1045 40.88 7.58 -43.44
N GLY B 1046 40.60 8.76 -44.00
CA GLY B 1046 41.33 9.21 -45.16
C GLY B 1046 40.81 8.62 -46.46
N TYR B 1047 41.61 8.79 -47.51
CA TYR B 1047 41.28 8.24 -48.81
C TYR B 1047 41.34 6.72 -48.76
N HIS B 1048 40.23 6.08 -49.11
CA HIS B 1048 40.06 4.65 -48.92
C HIS B 1048 40.42 3.89 -50.18
N LEU B 1049 41.24 2.84 -50.02
CA LEU B 1049 41.53 1.92 -51.12
C LEU B 1049 40.59 0.74 -51.14
N MET B 1050 40.62 -0.12 -50.11
CA MET B 1050 39.85 -1.36 -50.19
C MET B 1050 39.70 -1.87 -48.76
N SER B 1051 38.84 -2.88 -48.57
CA SER B 1051 38.60 -3.42 -47.25
C SER B 1051 38.50 -4.93 -47.30
N PHE B 1052 38.87 -5.55 -46.17
CA PHE B 1052 38.77 -6.98 -45.90
C PHE B 1052 37.74 -7.23 -44.81
N PRO B 1053 36.75 -8.09 -45.05
CA PRO B 1053 35.84 -8.50 -43.99
C PRO B 1053 36.30 -9.77 -43.30
N GLN B 1054 36.09 -9.82 -41.99
CA GLN B 1054 36.33 -11.03 -41.22
C GLN B 1054 35.18 -11.22 -40.25
N SER B 1055 34.74 -12.47 -40.10
CA SER B 1055 33.65 -12.77 -39.18
C SER B 1055 34.14 -12.73 -37.75
N ALA B 1056 33.18 -12.68 -36.82
CA ALA B 1056 33.46 -12.65 -35.39
C ALA B 1056 32.22 -13.16 -34.68
N PRO B 1057 32.38 -13.65 -33.42
CA PRO B 1057 31.20 -14.08 -32.66
C PRO B 1057 30.16 -12.99 -32.52
N HIS B 1058 29.02 -13.20 -33.18
CA HIS B 1058 27.90 -12.27 -33.25
C HIS B 1058 28.30 -10.92 -33.84
N GLY B 1059 29.31 -10.89 -34.73
CA GLY B 1059 29.73 -9.60 -35.23
C GLY B 1059 30.62 -9.71 -36.45
N VAL B 1060 30.98 -8.53 -36.98
CA VAL B 1060 31.88 -8.44 -38.12
C VAL B 1060 32.99 -7.47 -37.78
N VAL B 1061 34.14 -7.66 -38.42
CA VAL B 1061 35.25 -6.73 -38.28
C VAL B 1061 35.80 -6.44 -39.68
N PHE B 1062 36.19 -5.19 -39.91
CA PHE B 1062 36.67 -4.73 -41.20
C PHE B 1062 38.09 -4.22 -41.06
N LEU B 1063 38.95 -4.68 -41.96
CA LEU B 1063 40.31 -4.19 -42.11
C LEU B 1063 40.30 -3.24 -43.31
N HIS B 1064 40.26 -1.95 -43.04
CA HIS B 1064 40.28 -0.93 -44.07
C HIS B 1064 41.73 -0.59 -44.42
N VAL B 1065 42.12 -0.77 -45.67
CA VAL B 1065 43.40 -0.27 -46.13
C VAL B 1065 43.12 1.01 -46.90
N THR B 1066 43.69 2.09 -46.37
CA THR B 1066 43.51 3.47 -46.80
C THR B 1066 44.89 4.09 -47.06
N TYR B 1067 44.88 5.38 -47.38
CA TYR B 1067 46.04 6.04 -47.96
C TYR B 1067 46.26 7.40 -47.30
N VAL B 1068 47.45 7.60 -46.72
CA VAL B 1068 47.76 8.93 -46.18
C VAL B 1068 49.15 9.38 -46.61
N PRO B 1069 49.33 10.65 -46.97
CA PRO B 1069 50.65 11.14 -47.34
C PRO B 1069 51.57 11.26 -46.13
N ALA B 1070 52.88 11.21 -46.39
CA ALA B 1070 53.88 11.25 -45.33
C ALA B 1070 54.74 12.50 -45.38
N GLN B 1071 55.42 12.75 -46.49
CA GLN B 1071 56.34 13.88 -46.61
C GLN B 1071 55.83 14.88 -47.63
N GLU B 1072 56.00 16.16 -47.30
CA GLU B 1072 55.46 17.24 -48.13
C GLU B 1072 56.44 18.41 -48.13
N LYS B 1073 56.30 19.25 -49.15
CA LYS B 1073 57.14 20.44 -49.29
C LYS B 1073 56.30 21.60 -49.79
N ASN B 1074 56.75 22.81 -49.48
CA ASN B 1074 56.08 24.03 -49.88
C ASN B 1074 56.69 24.57 -51.18
N PHE B 1075 55.83 25.10 -52.04
CA PHE B 1075 56.21 25.62 -53.34
C PHE B 1075 55.40 26.87 -53.63
N THR B 1076 55.70 27.51 -54.75
CA THR B 1076 54.98 28.70 -55.20
C THR B 1076 54.08 28.34 -56.38
N THR B 1077 52.82 28.75 -56.30
CA THR B 1077 51.82 28.36 -57.28
C THR B 1077 51.26 29.60 -57.99
N ALA B 1078 50.54 29.34 -59.09
CA ALA B 1078 49.90 30.37 -59.89
C ALA B 1078 48.78 29.73 -60.69
N PRO B 1079 47.68 30.46 -60.94
CA PRO B 1079 46.56 29.84 -61.67
C PRO B 1079 46.81 29.59 -63.15
N ALA B 1080 47.36 30.56 -63.88
CA ALA B 1080 47.48 30.45 -65.33
C ALA B 1080 48.84 31.00 -65.78
N ILE B 1081 49.14 30.83 -67.07
CA ILE B 1081 50.40 31.27 -67.65
C ILE B 1081 50.12 32.09 -68.90
N CYS B 1082 50.74 33.27 -69.00
CA CYS B 1082 50.71 34.02 -70.25
C CYS B 1082 51.87 33.66 -71.16
N HIS B 1083 51.53 33.33 -72.41
CA HIS B 1083 52.51 33.24 -73.49
C HIS B 1083 51.84 33.73 -74.75
N ASP B 1084 52.61 34.48 -75.56
CA ASP B 1084 52.10 35.20 -76.73
C ASP B 1084 50.94 36.12 -76.36
N GLY B 1085 51.01 36.70 -75.17
CA GLY B 1085 49.92 37.52 -74.68
C GLY B 1085 48.64 36.79 -74.37
N LYS B 1086 48.68 35.46 -74.28
CA LYS B 1086 47.48 34.66 -74.18
C LYS B 1086 47.59 33.77 -72.94
N ALA B 1087 46.50 33.61 -72.21
CA ALA B 1087 46.53 32.82 -70.98
C ALA B 1087 46.34 31.33 -71.28
N HIS B 1088 46.87 30.49 -70.39
CA HIS B 1088 46.80 29.04 -70.51
C HIS B 1088 46.53 28.46 -69.13
N PHE B 1089 45.62 27.48 -69.07
CA PHE B 1089 45.11 26.87 -67.85
C PHE B 1089 45.44 25.37 -67.81
N PRO B 1090 45.64 24.80 -66.62
CA PRO B 1090 45.93 23.35 -66.55
C PRO B 1090 44.68 22.53 -66.76
N ARG B 1091 44.80 21.42 -67.50
CA ARG B 1091 43.66 20.52 -67.64
C ARG B 1091 43.45 19.72 -66.36
N GLU B 1092 44.55 19.27 -65.73
CA GLU B 1092 44.46 18.47 -64.52
C GLU B 1092 45.83 18.58 -63.82
N GLY B 1093 45.90 19.41 -62.80
CA GLY B 1093 47.15 19.56 -62.07
C GLY B 1093 47.30 20.96 -61.52
N VAL B 1094 48.46 21.18 -60.90
CA VAL B 1094 48.78 22.44 -60.23
C VAL B 1094 50.08 22.98 -60.82
N PHE B 1095 50.08 24.27 -61.15
CA PHE B 1095 51.30 24.96 -61.49
C PHE B 1095 52.14 25.18 -60.22
N VAL B 1096 53.39 24.75 -60.26
CA VAL B 1096 54.34 24.95 -59.16
C VAL B 1096 55.65 25.45 -59.75
N SER B 1097 56.55 25.87 -58.87
CA SER B 1097 57.88 26.28 -59.30
C SER B 1097 58.86 26.14 -58.14
N ASN B 1098 60.10 25.84 -58.47
CA ASN B 1098 61.18 25.83 -57.49
C ASN B 1098 61.89 27.17 -57.40
N GLY B 1099 61.38 28.19 -58.10
CA GLY B 1099 62.01 29.48 -58.20
C GLY B 1099 62.83 29.68 -59.47
N THR B 1100 63.18 28.60 -60.17
CA THR B 1100 63.95 28.67 -61.39
C THR B 1100 63.10 28.35 -62.61
N HIS B 1101 62.36 27.24 -62.58
CA HIS B 1101 61.53 26.81 -63.68
C HIS B 1101 60.11 26.56 -63.19
N TRP B 1102 59.15 26.77 -64.08
CA TRP B 1102 57.75 26.54 -63.78
C TRP B 1102 57.30 25.20 -64.35
N PHE B 1103 56.81 24.35 -63.45
CA PHE B 1103 56.44 22.98 -63.74
C PHE B 1103 54.97 22.79 -63.40
N VAL B 1104 54.37 21.71 -63.89
CA VAL B 1104 53.00 21.34 -63.53
C VAL B 1104 53.04 19.95 -62.93
N THR B 1105 52.25 19.74 -61.87
CA THR B 1105 52.27 18.48 -61.15
C THR B 1105 50.85 18.02 -60.89
N GLN B 1106 50.74 16.84 -60.28
CA GLN B 1106 49.46 16.27 -59.89
C GLN B 1106 49.02 16.90 -58.57
N ARG B 1107 47.74 16.72 -58.25
CA ARG B 1107 47.14 17.32 -57.07
C ARG B 1107 47.41 16.53 -55.80
N ASN B 1108 48.12 15.40 -55.89
CA ASN B 1108 48.49 14.65 -54.69
C ASN B 1108 49.92 14.13 -54.71
N PHE B 1109 50.70 14.42 -55.74
CA PHE B 1109 52.11 14.04 -55.78
C PHE B 1109 52.96 15.15 -56.35
N TYR B 1110 54.27 14.93 -56.38
CA TYR B 1110 55.22 15.86 -56.98
C TYR B 1110 55.86 15.17 -58.18
N GLU B 1111 55.19 15.25 -59.34
CA GLU B 1111 55.80 14.89 -60.62
C GLU B 1111 55.89 16.15 -61.46
N PRO B 1112 57.09 16.72 -61.59
CA PRO B 1112 57.27 17.88 -62.46
C PRO B 1112 57.09 17.52 -63.94
N GLN B 1113 56.27 18.31 -64.63
CA GLN B 1113 56.11 18.20 -66.07
C GLN B 1113 56.36 19.55 -66.72
N ILE B 1114 57.09 19.51 -67.84
CA ILE B 1114 57.38 20.71 -68.60
C ILE B 1114 56.14 21.15 -69.35
N ILE B 1115 55.82 22.44 -69.29
CA ILE B 1115 54.62 22.97 -69.94
C ILE B 1115 54.77 22.88 -71.45
N THR B 1116 53.88 22.14 -72.09
CA THR B 1116 53.75 22.13 -73.54
C THR B 1116 52.30 22.45 -73.90
N THR B 1117 52.04 22.49 -75.21
CA THR B 1117 50.69 22.79 -75.68
C THR B 1117 49.71 21.68 -75.29
N ASP B 1118 50.22 20.45 -75.12
CA ASP B 1118 49.40 19.35 -74.64
C ASP B 1118 49.16 19.41 -73.15
N ASN B 1119 50.00 20.14 -72.39
CA ASN B 1119 49.88 20.16 -70.94
C ASN B 1119 48.98 21.27 -70.43
N THR B 1120 48.36 22.05 -71.30
CA THR B 1120 47.49 23.14 -70.89
C THR B 1120 46.46 23.36 -71.99
N PHE B 1121 45.52 24.28 -71.73
CA PHE B 1121 44.55 24.63 -72.75
C PHE B 1121 44.33 26.14 -72.76
N VAL B 1122 43.73 26.59 -73.85
CA VAL B 1122 43.76 27.98 -74.30
C VAL B 1122 42.36 28.58 -74.21
N SER B 1123 42.18 29.55 -73.33
CA SER B 1123 40.90 30.24 -73.18
C SER B 1123 41.12 31.54 -72.39
N GLY B 1124 40.72 32.66 -72.97
CA GLY B 1124 40.78 33.93 -72.26
C GLY B 1124 41.78 34.93 -72.81
N ASN B 1125 42.36 35.73 -71.92
CA ASN B 1125 43.43 36.66 -72.26
C ASN B 1125 44.23 36.97 -70.98
N CYS B 1126 45.08 37.99 -71.03
CA CYS B 1126 46.04 38.28 -69.98
C CYS B 1126 45.79 39.60 -69.26
N ASP B 1127 44.53 39.97 -69.07
CA ASP B 1127 44.22 41.09 -68.17
C ASP B 1127 42.98 40.88 -67.32
N VAL B 1128 42.16 39.87 -67.60
CA VAL B 1128 40.95 39.67 -66.81
C VAL B 1128 41.25 38.81 -65.57
N VAL B 1129 42.35 38.07 -65.58
CA VAL B 1129 42.64 37.12 -64.52
C VAL B 1129 43.89 37.55 -63.76
N ILE B 1130 43.85 37.39 -62.44
CA ILE B 1130 44.88 37.90 -61.55
C ILE B 1130 45.88 36.79 -61.22
N GLY B 1131 47.10 37.20 -60.86
CA GLY B 1131 48.10 36.25 -60.39
C GLY B 1131 48.82 35.47 -61.47
N ILE B 1132 49.04 36.07 -62.63
CA ILE B 1132 49.56 35.30 -63.76
C ILE B 1132 51.04 35.59 -63.95
N VAL B 1133 51.79 34.54 -64.26
CA VAL B 1133 53.24 34.61 -64.45
C VAL B 1133 53.54 34.45 -65.94
N ASN B 1134 54.25 35.42 -66.50
CA ASN B 1134 54.68 35.32 -67.89
C ASN B 1134 55.75 34.24 -68.03
N ASN B 1135 55.52 33.30 -68.93
CA ASN B 1135 56.44 32.19 -69.10
C ASN B 1135 56.31 31.64 -70.52
N THR B 1136 57.33 30.91 -70.94
CA THR B 1136 57.34 30.25 -72.25
C THR B 1136 56.61 28.91 -72.20
N VAL B 1137 56.24 28.43 -73.38
CA VAL B 1137 55.64 27.12 -73.55
C VAL B 1137 56.26 26.49 -74.79
N TYR B 1138 56.35 25.16 -74.80
CA TYR B 1138 57.04 24.43 -75.84
C TYR B 1138 56.05 23.77 -76.80
N ASP B 1139 56.36 23.86 -78.09
CA ASP B 1139 55.58 23.40 -79.22
C ASP B 1139 56.13 22.09 -79.77
N PRO B 1140 55.37 20.98 -79.67
CA PRO B 1140 55.79 19.69 -80.21
C PRO B 1140 55.69 19.64 -81.74
N GLN C 14 -43.71 44.98 16.22
CA GLN C 14 -45.07 44.86 15.72
C GLN C 14 -45.07 44.23 14.32
N CYS C 15 -46.21 44.30 13.64
CA CYS C 15 -46.35 43.68 12.31
C CYS C 15 -47.46 44.39 11.56
N VAL C 16 -47.10 45.13 10.52
CA VAL C 16 -48.06 45.76 9.62
C VAL C 16 -47.64 45.46 8.19
N ASN C 17 -48.57 44.95 7.39
CA ASN C 17 -48.32 44.59 6.00
C ASN C 17 -49.07 45.52 5.07
N LEU C 18 -48.45 45.81 3.92
CA LEU C 18 -49.09 46.63 2.88
C LEU C 18 -49.91 45.71 1.98
N ILE C 19 -51.23 45.96 1.92
CA ILE C 19 -52.14 45.05 1.24
C ILE C 19 -51.94 45.10 -0.26
N THR C 20 -51.73 46.28 -0.82
CA THR C 20 -51.64 46.43 -2.28
C THR C 20 -50.31 45.90 -2.80
N ARG C 21 -50.29 44.62 -3.18
CA ARG C 21 -49.09 43.98 -3.71
C ARG C 21 -49.09 44.14 -5.22
N THR C 22 -48.09 44.85 -5.74
CA THR C 22 -47.98 45.07 -7.18
C THR C 22 -46.59 44.65 -7.68
N GLN C 26 -38.21 39.80 -13.79
CA GLN C 26 -37.92 41.05 -13.07
C GLN C 26 -36.67 41.70 -13.65
N SER C 27 -36.81 42.31 -14.83
CA SER C 27 -35.80 43.13 -15.50
C SER C 27 -34.44 42.42 -15.59
N TYR C 28 -34.44 41.33 -16.36
CA TYR C 28 -33.25 40.50 -16.51
C TYR C 28 -32.15 41.25 -17.25
N THR C 29 -30.90 40.99 -16.87
CA THR C 29 -29.76 41.58 -17.54
C THR C 29 -28.61 40.58 -17.50
N ASN C 30 -27.43 41.00 -17.94
CA ASN C 30 -26.29 40.12 -18.14
C ASN C 30 -25.19 40.42 -17.13
N SER C 31 -24.50 39.37 -16.69
CA SER C 31 -23.30 39.50 -15.87
C SER C 31 -22.10 39.07 -16.68
N PHE C 32 -21.13 39.97 -16.84
CA PHE C 32 -20.06 39.72 -17.81
C PHE C 32 -18.97 38.81 -17.25
N THR C 33 -18.23 39.30 -16.26
CA THR C 33 -17.11 38.55 -15.68
C THR C 33 -17.07 38.73 -14.17
N ARG C 34 -18.21 38.71 -13.52
CA ARG C 34 -18.28 38.93 -12.08
C ARG C 34 -18.33 37.60 -11.34
N GLY C 35 -17.95 37.66 -10.06
CA GLY C 35 -18.00 36.50 -9.20
C GLY C 35 -16.86 35.53 -9.36
N VAL C 36 -15.63 36.01 -9.12
CA VAL C 36 -14.44 35.16 -9.11
C VAL C 36 -13.70 35.41 -7.80
N TYR C 37 -13.58 34.39 -6.97
CA TYR C 37 -12.84 34.48 -5.72
C TYR C 37 -11.67 33.52 -5.73
N TYR C 38 -10.81 33.67 -4.73
CA TYR C 38 -9.72 32.73 -4.53
C TYR C 38 -10.31 31.42 -4.06
N PRO C 39 -10.15 30.32 -4.80
CA PRO C 39 -10.89 29.09 -4.49
C PRO C 39 -10.43 28.37 -3.24
N ASP C 40 -9.33 28.82 -2.63
CA ASP C 40 -8.74 28.16 -1.48
C ASP C 40 -7.90 29.18 -0.71
N LYS C 41 -7.04 28.70 0.17
CA LYS C 41 -6.35 29.56 1.12
C LYS C 41 -4.86 29.51 0.78
N VAL C 42 -4.54 29.73 -0.49
CA VAL C 42 -3.18 29.52 -0.98
C VAL C 42 -2.69 30.81 -1.63
N PHE C 43 -1.37 30.94 -1.72
CA PHE C 43 -0.69 31.95 -2.53
C PHE C 43 0.10 31.26 -3.64
N ARG C 44 -0.09 31.75 -4.86
CA ARG C 44 0.71 31.31 -6.00
C ARG C 44 1.24 32.54 -6.73
N SER C 45 2.38 32.40 -7.40
CA SER C 45 3.09 33.53 -7.99
C SER C 45 3.23 33.33 -9.50
N SER C 46 2.39 34.05 -10.26
CA SER C 46 2.49 34.18 -11.71
C SER C 46 2.42 32.84 -12.43
N VAL C 47 1.54 31.97 -11.98
CA VAL C 47 1.35 30.66 -12.61
C VAL C 47 -0.10 30.51 -13.03
N LEU C 48 -0.44 29.35 -13.61
CA LEU C 48 -1.78 29.04 -14.02
C LEU C 48 -2.24 27.78 -13.30
N HIS C 49 -3.41 27.85 -12.68
CA HIS C 49 -3.96 26.74 -11.90
C HIS C 49 -5.42 26.56 -12.25
N SER C 50 -5.88 25.30 -12.23
CA SER C 50 -7.23 24.95 -12.61
C SER C 50 -7.93 24.26 -11.44
N THR C 51 -9.22 24.55 -11.29
CA THR C 51 -10.02 23.98 -10.21
C THR C 51 -11.45 23.75 -10.69
N GLN C 52 -12.16 22.91 -9.96
CA GLN C 52 -13.57 22.59 -10.24
C GLN C 52 -14.38 23.04 -9.03
N ASP C 53 -15.21 24.07 -9.22
CA ASP C 53 -15.95 24.62 -8.08
C ASP C 53 -17.14 25.43 -8.57
N LEU C 54 -17.82 26.06 -7.61
CA LEU C 54 -19.08 26.76 -7.82
C LEU C 54 -18.82 28.25 -7.97
N PHE C 55 -18.79 28.75 -9.20
CA PHE C 55 -18.76 30.20 -9.38
C PHE C 55 -20.02 30.63 -10.14
N LEU C 56 -20.01 31.89 -10.58
CA LEU C 56 -20.97 32.37 -11.55
C LEU C 56 -20.50 32.00 -12.95
N PRO C 57 -21.33 31.36 -13.77
CA PRO C 57 -20.95 31.15 -15.18
C PRO C 57 -20.84 32.49 -15.90
N PHE C 58 -19.93 32.54 -16.88
CA PHE C 58 -19.73 33.76 -17.65
C PHE C 58 -20.92 34.02 -18.56
N PHE C 59 -21.23 35.31 -18.74
CA PHE C 59 -22.33 35.77 -19.60
C PHE C 59 -23.66 35.17 -19.16
N SER C 60 -23.91 35.17 -17.86
CA SER C 60 -25.12 34.56 -17.32
C SER C 60 -26.19 35.62 -17.07
N ASN C 61 -27.44 35.15 -16.97
CA ASN C 61 -28.57 36.01 -16.72
C ASN C 61 -28.67 36.31 -15.23
N VAL C 62 -28.92 37.56 -14.90
CA VAL C 62 -28.96 38.02 -13.52
C VAL C 62 -30.16 38.95 -13.35
N THR C 63 -30.83 38.83 -12.20
CA THR C 63 -32.07 39.56 -11.95
C THR C 63 -31.76 40.90 -11.27
N TRP C 64 -31.95 41.99 -12.01
CA TRP C 64 -31.92 43.34 -11.45
C TRP C 64 -33.30 43.64 -10.89
N PHE C 65 -33.37 43.96 -9.60
CA PHE C 65 -34.65 44.23 -8.98
C PHE C 65 -35.05 45.69 -9.22
N HIS C 66 -36.08 46.14 -8.51
CA HIS C 66 -36.75 47.42 -8.79
C HIS C 66 -35.79 48.58 -8.52
N ALA C 67 -35.47 49.34 -9.56
CA ALA C 67 -34.41 50.34 -9.47
C ALA C 67 -34.91 51.70 -8.97
N ILE C 68 -35.64 51.70 -7.86
CA ILE C 68 -35.96 52.92 -7.11
C ILE C 68 -35.75 52.61 -5.63
N HIS C 69 -35.01 53.48 -4.94
CA HIS C 69 -34.69 53.35 -3.52
C HIS C 69 -34.01 52.01 -3.20
N LYS C 77 -41.93 55.39 -0.05
CA LYS C 77 -41.93 55.33 -1.50
C LYS C 77 -42.00 53.89 -2.07
N ARG C 78 -41.03 53.03 -1.78
CA ARG C 78 -40.98 51.67 -2.30
C ARG C 78 -40.68 50.69 -1.16
N PHE C 79 -41.55 49.70 -0.98
CA PHE C 79 -41.41 48.76 0.13
C PHE C 79 -42.14 47.48 -0.24
N ASP C 80 -41.39 46.42 -0.48
CA ASP C 80 -41.87 45.19 -1.12
C ASP C 80 -41.74 43.99 -0.19
N ASN C 81 -42.48 42.94 -0.53
CA ASN C 81 -42.35 41.61 0.08
C ASN C 81 -42.27 40.53 -0.99
N PRO C 82 -41.11 40.41 -1.68
CA PRO C 82 -40.99 39.37 -2.71
C PRO C 82 -40.74 37.98 -2.13
N ALA C 83 -40.51 37.00 -3.00
CA ALA C 83 -40.18 35.64 -2.58
C ALA C 83 -38.97 35.17 -3.39
N LEU C 84 -37.85 34.93 -2.72
CA LEU C 84 -36.61 34.53 -3.38
C LEU C 84 -36.12 33.20 -2.86
N PRO C 85 -35.95 32.19 -3.71
CA PRO C 85 -35.44 30.89 -3.25
C PRO C 85 -33.92 30.87 -3.19
N PHE C 86 -33.41 29.83 -2.54
CA PHE C 86 -31.98 29.62 -2.36
C PHE C 86 -31.55 28.29 -2.97
N ASN C 87 -30.40 28.29 -3.64
CA ASN C 87 -29.85 27.07 -4.23
C ASN C 87 -28.33 27.13 -4.39
N ASP C 88 -27.63 26.59 -3.38
CA ASP C 88 -26.20 26.29 -3.43
C ASP C 88 -25.35 27.55 -3.69
N GLY C 89 -25.40 28.48 -2.75
CA GLY C 89 -24.62 29.69 -2.83
C GLY C 89 -25.30 30.76 -3.67
N VAL C 90 -24.90 32.00 -3.42
CA VAL C 90 -25.54 33.15 -4.07
C VAL C 90 -24.53 34.29 -4.15
N TYR C 91 -24.71 35.14 -5.16
CA TYR C 91 -23.89 36.33 -5.36
C TYR C 91 -24.78 37.56 -5.23
N PHE C 92 -24.40 38.48 -4.35
CA PHE C 92 -25.12 39.73 -4.14
C PHE C 92 -24.29 40.88 -4.69
N ALA C 93 -24.95 41.81 -5.38
CA ALA C 93 -24.25 43.00 -5.88
C ALA C 93 -25.23 44.15 -5.95
N SER C 94 -25.01 45.17 -5.12
CA SER C 94 -25.89 46.34 -5.13
C SER C 94 -25.12 47.54 -4.59
N THR C 95 -24.82 48.48 -5.46
CA THR C 95 -24.33 49.78 -4.99
C THR C 95 -25.49 50.57 -4.40
N GLU C 96 -25.20 51.29 -3.32
CA GLU C 96 -26.21 52.08 -2.64
C GLU C 96 -25.52 53.11 -1.77
N LYS C 97 -25.82 54.39 -1.99
CA LYS C 97 -25.22 55.44 -1.18
C LYS C 97 -25.94 55.53 0.16
N SER C 98 -25.19 55.98 1.17
CA SER C 98 -25.61 56.18 2.56
C SER C 98 -26.02 54.89 3.26
N ASN C 99 -25.71 53.71 2.69
CA ASN C 99 -25.75 52.41 3.38
C ASN C 99 -27.12 52.10 3.99
N ILE C 100 -28.17 52.33 3.21
CA ILE C 100 -29.53 52.17 3.72
C ILE C 100 -29.83 50.70 3.96
N ILE C 101 -29.33 49.81 3.11
CA ILE C 101 -29.54 48.38 3.30
C ILE C 101 -28.75 47.90 4.51
N ARG C 102 -29.40 47.14 5.39
CA ARG C 102 -28.73 46.72 6.62
C ARG C 102 -28.98 45.26 7.01
N GLY C 103 -30.05 44.62 6.56
CA GLY C 103 -30.40 43.31 7.06
C GLY C 103 -30.08 42.16 6.12
N TRP C 104 -29.87 40.97 6.69
CA TRP C 104 -29.66 39.76 5.92
C TRP C 104 -30.37 38.63 6.66
N ILE C 105 -31.61 38.33 6.29
CA ILE C 105 -32.37 37.25 6.90
C ILE C 105 -32.35 36.04 5.97
N PHE C 106 -31.88 34.92 6.51
CA PHE C 106 -31.83 33.64 5.82
C PHE C 106 -32.66 32.66 6.63
N GLY C 107 -33.28 31.69 5.95
CA GLY C 107 -34.03 30.68 6.69
C GLY C 107 -34.80 29.78 5.77
N THR C 108 -35.64 28.95 6.39
CA THR C 108 -36.48 27.99 5.68
C THR C 108 -37.96 28.37 5.75
N THR C 109 -38.49 28.56 6.96
CA THR C 109 -39.91 28.89 7.13
C THR C 109 -40.15 30.29 7.68
N LEU C 110 -39.24 30.80 8.52
CA LEU C 110 -39.34 32.14 9.13
C LEU C 110 -40.62 32.32 9.92
N ASP C 111 -41.14 31.24 10.52
CA ASP C 111 -42.39 31.27 11.26
C ASP C 111 -42.28 30.46 12.54
N SER C 112 -41.11 30.56 13.19
CA SER C 112 -40.80 29.88 14.45
C SER C 112 -40.97 28.36 14.36
N LYS C 113 -40.60 27.78 13.22
CA LYS C 113 -40.68 26.35 13.02
C LYS C 113 -39.33 25.69 12.76
N THR C 114 -38.49 26.29 11.91
CA THR C 114 -37.16 25.77 11.62
C THR C 114 -36.12 26.83 11.94
N GLN C 115 -34.87 26.41 11.97
CA GLN C 115 -33.77 27.32 12.27
C GLN C 115 -33.57 28.33 11.15
N SER C 116 -33.05 29.50 11.52
CA SER C 116 -32.83 30.61 10.60
C SER C 116 -31.62 31.39 11.04
N LEU C 117 -31.09 32.21 10.15
CA LEU C 117 -29.89 33.00 10.39
C LEU C 117 -30.18 34.46 10.08
N LEU C 118 -29.45 35.37 10.74
CA LEU C 118 -29.55 36.78 10.39
C LEU C 118 -28.23 37.48 10.64
N ILE C 119 -27.91 38.40 9.74
CA ILE C 119 -26.75 39.28 9.84
C ILE C 119 -27.25 40.72 9.82
N VAL C 120 -26.84 41.51 10.81
CA VAL C 120 -27.17 42.92 10.89
C VAL C 120 -25.88 43.70 10.80
N ASN C 121 -25.81 44.65 9.87
CA ASN C 121 -24.56 45.36 9.60
C ASN C 121 -24.69 46.82 9.99
N ASN C 122 -25.24 47.08 11.18
CA ASN C 122 -25.50 48.43 11.65
C ASN C 122 -24.20 49.19 11.88
N ALA C 123 -24.36 50.49 12.17
CA ALA C 123 -23.21 51.38 12.28
C ALA C 123 -22.33 51.05 13.48
N THR C 124 -22.95 50.65 14.60
CA THR C 124 -22.18 50.40 15.81
C THR C 124 -21.37 49.11 15.69
N ASN C 125 -21.98 48.04 15.19
CA ASN C 125 -21.34 46.72 15.16
C ASN C 125 -22.04 45.86 14.13
N VAL C 126 -21.56 44.62 13.98
CA VAL C 126 -22.25 43.60 13.19
C VAL C 126 -22.77 42.53 14.14
N VAL C 127 -24.02 42.12 13.93
CA VAL C 127 -24.72 41.22 14.82
C VAL C 127 -25.05 39.96 14.04
N ILE C 128 -24.63 38.80 14.57
CA ILE C 128 -24.75 37.52 13.87
C ILE C 128 -25.57 36.60 14.76
N LYS C 129 -26.75 36.18 14.28
CA LYS C 129 -27.64 35.31 15.03
C LYS C 129 -28.01 34.09 14.21
N VAL C 130 -28.27 32.99 14.92
CA VAL C 130 -29.13 31.92 14.41
C VAL C 130 -30.28 31.76 15.40
N CYS C 131 -31.50 31.94 14.91
CA CYS C 131 -32.67 31.97 15.79
C CYS C 131 -33.86 31.36 15.07
N GLU C 132 -35.00 31.37 15.76
CA GLU C 132 -36.26 30.85 15.25
C GLU C 132 -37.31 31.94 15.30
N PHE C 133 -36.95 33.11 14.80
CA PHE C 133 -37.78 34.30 14.92
C PHE C 133 -39.05 34.15 14.09
N GLN C 134 -40.07 34.91 14.48
CA GLN C 134 -41.34 34.98 13.75
C GLN C 134 -41.26 36.19 12.83
N PHE C 135 -40.93 35.93 11.56
CA PHE C 135 -40.82 36.99 10.56
C PHE C 135 -42.10 37.10 9.77
N CYS C 136 -42.58 38.32 9.61
CA CYS C 136 -43.85 38.59 8.94
C CYS C 136 -43.68 38.50 7.42
N ASN C 137 -44.75 38.89 6.71
CA ASN C 137 -44.68 38.99 5.26
C ASN C 137 -43.66 40.06 4.84
N ASP C 138 -43.66 41.20 5.51
CA ASP C 138 -42.71 42.26 5.23
C ASP C 138 -42.35 43.01 6.51
N PRO C 139 -41.19 42.71 7.11
CA PRO C 139 -40.78 43.47 8.31
C PRO C 139 -40.31 44.88 7.96
N PHE C 140 -39.86 45.62 8.99
CA PHE C 140 -39.40 47.00 8.88
C PHE C 140 -40.49 47.91 8.28
N LEU C 141 -41.56 48.14 9.04
CA LEU C 141 -42.45 49.26 8.76
C LEU C 141 -42.01 50.44 9.58
N ASP C 142 -41.72 51.56 8.91
CA ASP C 142 -41.36 52.79 9.58
C ASP C 142 -42.38 53.86 9.21
N VAL C 143 -43.02 54.43 10.23
CA VAL C 143 -43.91 55.56 10.03
C VAL C 143 -43.08 56.76 9.62
N TYR C 145 -43.23 60.49 9.30
CA TYR C 145 -42.32 59.85 8.36
C TYR C 145 -40.94 59.72 9.00
N GLN C 146 -40.88 59.96 10.30
CA GLN C 146 -39.61 60.09 11.00
C GLN C 146 -39.63 59.38 12.36
N LYS C 147 -38.62 58.52 12.55
CA LYS C 147 -38.36 57.78 13.78
C LYS C 147 -36.90 57.32 13.81
N ASN C 148 -36.07 57.90 14.69
CA ASN C 148 -34.63 57.72 14.50
C ASN C 148 -33.96 56.62 15.32
N ASN C 149 -33.74 56.81 16.63
CA ASN C 149 -33.12 55.76 17.41
C ASN C 149 -33.91 55.49 18.70
N LYS C 150 -34.00 56.44 19.62
CA LYS C 150 -34.45 56.23 21.00
C LYS C 150 -34.74 57.58 21.63
N SER C 151 -35.44 57.55 22.76
CA SER C 151 -35.68 58.69 23.65
C SER C 151 -36.31 59.88 22.94
N TRP C 152 -35.54 60.98 22.80
CA TRP C 152 -36.01 62.18 22.13
C TRP C 152 -36.01 62.04 20.61
N MET C 153 -35.52 60.92 20.10
CA MET C 153 -35.54 60.59 18.68
C MET C 153 -35.99 59.15 18.45
N GLU C 154 -37.07 58.73 19.13
CA GLU C 154 -37.42 57.32 19.29
C GLU C 154 -37.82 56.66 17.98
N SER C 155 -37.31 55.45 17.75
CA SER C 155 -37.68 54.62 16.62
C SER C 155 -38.22 53.29 17.12
N GLU C 156 -39.41 52.94 16.67
CA GLU C 156 -39.98 51.63 16.95
C GLU C 156 -39.26 50.56 16.13
N PHE C 157 -39.10 49.38 16.73
CA PHE C 157 -38.32 48.29 16.17
C PHE C 157 -39.25 47.11 15.88
N ARG C 158 -39.46 46.81 14.59
CA ARG C 158 -40.25 45.63 14.19
C ARG C 158 -39.47 44.88 13.11
N VAL C 159 -38.80 43.80 13.50
CA VAL C 159 -38.32 42.84 12.52
C VAL C 159 -38.84 41.44 12.87
N TYR C 160 -38.81 41.07 14.16
CA TYR C 160 -39.36 39.80 14.60
C TYR C 160 -40.50 39.98 15.60
N SER C 161 -40.30 40.82 16.63
CA SER C 161 -41.27 41.17 17.67
C SER C 161 -41.74 40.00 18.53
N SER C 162 -41.21 38.79 18.30
CA SER C 162 -41.62 37.58 19.03
C SER C 162 -40.63 36.47 18.71
N ALA C 163 -40.85 35.31 19.34
CA ALA C 163 -40.15 34.05 19.09
C ALA C 163 -38.65 34.17 19.34
N ASN C 164 -38.31 34.52 20.58
CA ASN C 164 -36.93 34.80 21.00
C ASN C 164 -36.29 33.60 21.68
N ASN C 165 -36.56 32.39 21.16
CA ASN C 165 -36.17 31.13 21.78
C ASN C 165 -34.75 30.68 21.42
N CYS C 166 -33.83 31.59 21.15
CA CYS C 166 -32.52 31.24 20.64
C CYS C 166 -31.39 31.63 21.59
N THR C 167 -30.31 30.83 21.55
CA THR C 167 -29.11 31.03 22.36
C THR C 167 -27.90 30.91 21.44
N PHE C 168 -27.39 32.05 20.98
CA PHE C 168 -26.21 32.11 20.12
C PHE C 168 -25.65 33.52 20.16
N GLU C 169 -24.35 33.65 19.89
CA GLU C 169 -23.73 34.96 19.77
C GLU C 169 -22.49 34.87 18.89
N TYR C 170 -22.23 35.96 18.17
CA TYR C 170 -21.03 36.14 17.37
C TYR C 170 -20.84 37.62 17.03
N VAL C 171 -19.72 38.20 17.42
CA VAL C 171 -19.44 39.62 17.24
C VAL C 171 -18.12 39.77 16.49
N SER C 172 -18.11 40.63 15.48
CA SER C 172 -16.90 40.89 14.70
C SER C 172 -16.95 42.35 14.23
N GLN C 173 -16.13 42.67 13.23
CA GLN C 173 -16.13 44.00 12.61
C GLN C 173 -17.19 44.06 11.52
N PRO C 174 -17.95 45.16 11.43
CA PRO C 174 -18.95 45.29 10.35
C PRO C 174 -18.30 45.30 8.97
N PHE C 175 -18.96 44.64 8.02
CA PHE C 175 -18.41 44.49 6.67
C PHE C 175 -18.58 45.75 5.84
N LEU C 176 -19.65 46.51 6.07
CA LEU C 176 -19.99 47.61 5.19
C LEU C 176 -19.22 48.87 5.56
N MET C 177 -19.20 49.81 4.62
CA MET C 177 -18.52 51.09 4.78
C MET C 177 -19.53 52.11 5.33
N ASP C 178 -19.05 53.27 5.78
CA ASP C 178 -19.86 54.27 6.46
C ASP C 178 -20.91 54.86 5.53
N LEU C 179 -21.74 55.74 6.11
CA LEU C 179 -22.96 56.19 5.45
C LEU C 179 -22.95 57.72 5.32
N GLU C 180 -24.05 58.24 4.77
CA GLU C 180 -24.32 59.66 4.55
C GLU C 180 -23.22 60.30 3.68
N GLY C 181 -23.17 59.81 2.44
CA GLY C 181 -22.29 60.36 1.44
C GLY C 181 -23.06 60.94 0.27
N LYS C 182 -22.87 62.23 -0.01
CA LYS C 182 -23.68 62.92 -1.00
C LYS C 182 -22.84 63.49 -2.13
N GLU C 183 -21.92 62.69 -2.68
CA GLU C 183 -21.16 63.12 -3.84
C GLU C 183 -22.05 63.17 -5.08
N GLY C 184 -21.61 63.94 -6.08
CA GLY C 184 -22.39 64.10 -7.28
C GLY C 184 -22.49 62.83 -8.10
N ASN C 185 -21.38 62.10 -8.22
CA ASN C 185 -21.35 60.88 -9.02
C ASN C 185 -21.36 59.65 -8.12
N PHE C 186 -21.58 58.49 -8.75
CA PHE C 186 -21.48 57.22 -8.04
C PHE C 186 -20.03 56.95 -7.68
N LYS C 187 -19.81 56.43 -6.48
CA LYS C 187 -18.45 56.22 -5.98
C LYS C 187 -18.13 54.77 -5.64
N ASN C 188 -19.03 54.05 -4.99
CA ASN C 188 -18.70 52.76 -4.40
C ASN C 188 -19.73 51.70 -4.74
N LEU C 189 -19.27 50.45 -4.80
CA LEU C 189 -20.13 49.29 -4.93
C LEU C 189 -19.62 48.20 -3.98
N ARG C 190 -20.55 47.39 -3.49
CA ARG C 190 -20.24 46.30 -2.57
C ARG C 190 -20.74 45.00 -3.16
N GLU C 191 -19.88 43.98 -3.21
CA GLU C 191 -20.25 42.71 -3.80
C GLU C 191 -19.87 41.57 -2.87
N PHE C 192 -20.83 40.67 -2.66
CA PHE C 192 -20.70 39.59 -1.69
C PHE C 192 -21.00 38.26 -2.36
N VAL C 193 -20.41 37.19 -1.81
CA VAL C 193 -20.78 35.82 -2.15
C VAL C 193 -21.05 35.07 -0.85
N PHE C 194 -22.25 34.50 -0.75
CA PHE C 194 -22.67 33.73 0.41
C PHE C 194 -22.68 32.25 0.01
N LYS C 195 -21.87 31.44 0.67
CA LYS C 195 -21.79 30.02 0.33
C LYS C 195 -22.02 29.18 1.58
N ASN C 196 -23.06 28.37 1.56
CA ASN C 196 -23.43 27.51 2.67
C ASN C 196 -23.23 26.06 2.24
N ILE C 197 -22.02 25.55 2.44
CA ILE C 197 -21.67 24.18 2.06
C ILE C 197 -21.02 23.49 3.24
N ASP C 198 -21.41 22.22 3.45
CA ASP C 198 -20.82 21.32 4.46
C ASP C 198 -20.95 21.87 5.88
N GLY C 199 -21.96 22.71 6.12
CA GLY C 199 -22.07 23.38 7.39
C GLY C 199 -20.93 24.31 7.70
N TYR C 200 -20.38 24.96 6.68
CA TYR C 200 -19.16 25.76 6.77
C TYR C 200 -19.37 27.10 6.06
N PHE C 201 -20.42 27.81 6.49
CA PHE C 201 -20.89 29.01 5.82
C PHE C 201 -19.80 30.07 5.70
N LYS C 202 -19.42 30.38 4.46
CA LYS C 202 -18.37 31.32 4.16
C LYS C 202 -18.98 32.54 3.47
N ILE C 203 -18.44 33.72 3.77
CA ILE C 203 -18.80 34.94 3.06
C ILE C 203 -17.54 35.51 2.42
N TYR C 204 -17.66 35.92 1.16
CA TYR C 204 -16.57 36.52 0.41
C TYR C 204 -16.97 37.94 0.03
N SER C 205 -16.13 38.91 0.40
CA SER C 205 -16.50 40.32 0.29
C SER C 205 -15.54 41.06 -0.63
N LYS C 206 -16.07 42.07 -1.32
CA LYS C 206 -15.23 43.02 -2.04
C LYS C 206 -15.92 44.36 -2.07
N HIS C 207 -15.16 45.40 -1.77
CA HIS C 207 -15.61 46.79 -1.87
C HIS C 207 -14.85 47.46 -2.99
N THR C 208 -15.55 47.87 -4.04
CA THR C 208 -14.88 48.42 -5.19
C THR C 208 -15.24 49.89 -5.40
N PRO C 209 -14.27 50.72 -5.73
CA PRO C 209 -14.58 52.09 -6.15
C PRO C 209 -14.87 52.16 -7.65
N ILE C 210 -16.08 52.60 -8.00
CA ILE C 210 -16.48 52.73 -9.40
C ILE C 210 -17.03 54.13 -9.62
N ASN C 211 -16.53 54.80 -10.67
CA ASN C 211 -17.11 56.07 -11.14
C ASN C 211 -17.33 55.92 -12.64
N LEU C 212 -18.45 55.28 -13.00
CA LEU C 212 -18.92 55.27 -14.38
C LEU C 212 -20.43 55.37 -14.50
N GLU C 213 -21.18 55.18 -13.41
CA GLU C 213 -22.61 55.48 -13.31
C GLU C 213 -23.45 54.69 -14.30
N ARG C 214 -23.15 53.40 -14.46
CA ARG C 214 -23.95 52.55 -15.34
C ARG C 214 -23.88 51.11 -14.82
N ASP C 215 -24.88 50.73 -14.01
CA ASP C 215 -25.20 49.35 -13.65
C ASP C 215 -24.02 48.54 -13.13
N LEU C 216 -23.92 47.29 -13.56
CA LEU C 216 -22.74 46.48 -13.28
C LEU C 216 -21.60 46.94 -14.19
N PRO C 217 -20.45 47.29 -13.65
CA PRO C 217 -19.34 47.74 -14.50
C PRO C 217 -18.75 46.61 -15.32
N GLN C 218 -18.19 46.98 -16.47
CA GLN C 218 -17.50 46.03 -17.33
C GLN C 218 -16.03 45.97 -16.91
N GLY C 219 -15.59 44.80 -16.49
CA GLY C 219 -14.22 44.64 -16.04
C GLY C 219 -14.04 43.32 -15.34
N PHE C 220 -12.94 43.24 -14.58
CA PHE C 220 -12.61 42.02 -13.84
C PHE C 220 -12.05 42.41 -12.49
N SER C 221 -12.52 41.73 -11.44
CA SER C 221 -12.07 42.01 -10.08
C SER C 221 -12.00 40.71 -9.30
N ALA C 222 -11.19 40.72 -8.24
CA ALA C 222 -11.01 39.55 -7.40
C ALA C 222 -12.01 39.58 -6.24
N LEU C 223 -11.86 38.66 -5.29
CA LEU C 223 -12.80 38.52 -4.18
C LEU C 223 -12.13 37.70 -3.10
N GLU C 224 -12.08 38.23 -1.88
CA GLU C 224 -11.30 37.61 -0.82
C GLU C 224 -12.20 36.90 0.20
N PRO C 225 -11.72 35.81 0.80
CA PRO C 225 -12.46 35.20 1.92
C PRO C 225 -12.09 35.87 3.24
N LEU C 226 -13.09 36.15 4.05
CA LEU C 226 -12.78 36.79 5.33
C LEU C 226 -13.40 36.11 6.53
N VAL C 227 -14.64 35.61 6.43
CA VAL C 227 -15.39 35.13 7.58
C VAL C 227 -16.04 33.79 7.26
N ASP C 228 -15.72 32.78 8.07
CA ASP C 228 -16.31 31.45 8.00
C ASP C 228 -16.93 31.11 9.34
N LEU C 229 -18.12 30.49 9.31
CA LEU C 229 -18.79 30.00 10.50
C LEU C 229 -19.17 28.53 10.30
N PRO C 230 -18.72 27.63 11.18
CA PRO C 230 -19.23 26.25 11.18
C PRO C 230 -20.56 26.18 11.92
N ILE C 231 -21.64 25.95 11.17
CA ILE C 231 -22.97 25.97 11.77
C ILE C 231 -23.81 24.75 11.40
N GLY C 232 -24.01 24.51 10.10
CA GLY C 232 -24.88 23.41 9.68
C GLY C 232 -26.35 23.74 9.70
N ILE C 233 -26.77 24.70 8.87
CA ILE C 233 -28.14 25.18 8.84
C ILE C 233 -28.66 25.02 7.41
N ASN C 234 -29.99 24.92 7.29
CA ASN C 234 -30.66 24.78 6.01
C ASN C 234 -31.41 26.08 5.68
N ILE C 235 -31.13 26.64 4.51
CA ILE C 235 -31.71 27.89 4.06
C ILE C 235 -32.48 27.63 2.77
N THR C 236 -33.72 28.10 2.71
CA THR C 236 -34.55 27.97 1.53
C THR C 236 -34.98 29.31 0.94
N ARG C 237 -35.49 30.22 1.76
CA ARG C 237 -35.95 31.52 1.30
C ARG C 237 -35.30 32.62 2.13
N PHE C 238 -34.73 33.61 1.44
CA PHE C 238 -33.99 34.67 2.12
C PHE C 238 -34.40 36.02 1.59
N GLN C 239 -34.38 37.02 2.48
CA GLN C 239 -34.66 38.41 2.13
C GLN C 239 -33.63 39.30 2.81
N THR C 240 -33.88 40.60 2.78
CA THR C 240 -32.98 41.59 3.35
C THR C 240 -33.80 42.77 3.87
N LEU C 241 -33.21 43.54 4.77
CA LEU C 241 -33.93 44.59 5.49
C LEU C 241 -33.25 45.94 5.32
N LEU C 242 -34.01 46.99 5.61
CA LEU C 242 -33.61 48.37 5.37
C LEU C 242 -33.62 49.15 6.68
N ALA C 243 -33.18 50.41 6.61
CA ALA C 243 -33.14 51.28 7.79
C ALA C 243 -33.28 52.74 7.35
N LEU C 244 -34.27 53.43 7.92
CA LEU C 244 -34.54 54.84 7.60
C LEU C 244 -34.85 55.55 8.92
N HIS C 245 -33.94 56.40 9.37
CA HIS C 245 -33.96 56.94 10.73
C HIS C 245 -33.58 58.42 10.74
N ARG C 246 -34.57 59.31 10.86
CA ARG C 246 -34.25 60.74 10.83
C ARG C 246 -34.66 61.57 12.07
N SER C 247 -35.94 61.57 12.46
CA SER C 247 -36.43 62.55 13.44
C SER C 247 -37.55 62.02 14.33
N TYR C 248 -38.31 62.90 14.99
CA TYR C 248 -39.23 62.48 16.07
C TYR C 248 -40.62 63.10 15.92
N LEU C 249 -41.45 62.52 15.05
CA LEU C 249 -42.90 62.81 15.03
C LEU C 249 -43.68 61.52 14.75
N THR C 250 -43.44 60.48 15.56
CA THR C 250 -43.95 59.13 15.24
C THR C 250 -45.45 59.06 15.03
N PRO C 251 -46.34 59.59 15.92
CA PRO C 251 -47.77 59.41 15.58
C PRO C 251 -48.38 60.55 14.77
N VAL C 252 -47.97 60.69 13.51
CA VAL C 252 -48.61 61.71 12.66
C VAL C 252 -49.30 61.08 11.44
N ASP C 253 -48.70 60.07 10.83
CA ASP C 253 -49.24 59.52 9.59
C ASP C 253 -49.04 58.01 9.55
N SER C 254 -49.27 57.43 8.37
CA SER C 254 -49.07 56.03 8.11
C SER C 254 -48.01 55.86 7.01
N SER C 255 -47.76 54.61 6.61
CA SER C 255 -46.79 54.31 5.57
C SER C 255 -47.46 53.84 4.27
N SER C 256 -48.60 54.42 3.92
CA SER C 256 -49.30 54.04 2.70
C SER C 256 -48.66 54.63 1.44
N GLY C 257 -47.67 55.52 1.59
CA GLY C 257 -46.99 56.09 0.44
C GLY C 257 -45.94 55.17 -0.15
N TRP C 258 -45.74 54.01 0.48
CA TRP C 258 -44.84 52.99 0.01
C TRP C 258 -45.61 51.99 -0.84
N THR C 259 -44.88 51.22 -1.65
CA THR C 259 -45.48 50.21 -2.51
C THR C 259 -44.44 49.14 -2.81
N ALA C 260 -44.90 48.04 -3.43
CA ALA C 260 -44.08 46.84 -3.56
C ALA C 260 -42.96 46.98 -4.59
N GLY C 261 -41.98 47.84 -4.30
CA GLY C 261 -40.85 48.03 -5.19
C GLY C 261 -39.52 48.28 -4.50
N ALA C 262 -39.31 47.67 -3.33
CA ALA C 262 -38.46 48.16 -2.25
C ALA C 262 -37.11 48.76 -2.66
N ALA C 263 -36.24 47.94 -3.27
CA ALA C 263 -34.88 48.41 -3.54
C ALA C 263 -34.33 47.62 -4.72
N ALA C 264 -33.13 48.01 -5.15
CA ALA C 264 -32.45 47.43 -6.30
C ALA C 264 -31.25 46.63 -5.84
N TYR C 265 -31.13 45.40 -6.33
CA TYR C 265 -30.03 44.52 -5.99
C TYR C 265 -29.95 43.39 -7.01
N TYR C 266 -28.73 42.97 -7.31
CA TYR C 266 -28.45 41.91 -8.27
C TYR C 266 -28.16 40.61 -7.52
N VAL C 267 -28.83 39.54 -7.93
CA VAL C 267 -28.67 38.23 -7.33
C VAL C 267 -28.27 37.24 -8.42
N GLY C 268 -27.15 36.54 -8.20
CA GLY C 268 -26.66 35.59 -9.16
C GLY C 268 -26.57 34.19 -8.56
N TYR C 269 -26.87 33.21 -9.40
CA TYR C 269 -26.92 31.80 -9.03
C TYR C 269 -25.65 31.09 -9.49
N LEU C 270 -25.25 30.06 -8.76
CA LEU C 270 -23.93 29.46 -8.91
C LEU C 270 -24.01 28.13 -9.64
N GLN C 271 -22.92 27.77 -10.31
CA GLN C 271 -22.77 26.50 -11.01
C GLN C 271 -21.38 25.93 -10.78
N PRO C 272 -21.27 24.59 -10.65
CA PRO C 272 -19.96 23.95 -10.54
C PRO C 272 -19.34 23.57 -11.89
N ARG C 273 -18.25 24.22 -12.26
CA ARG C 273 -17.51 23.86 -13.48
C ARG C 273 -16.02 24.12 -13.25
N THR C 274 -15.25 24.04 -14.34
CA THR C 274 -13.79 24.23 -14.31
C THR C 274 -13.44 25.59 -14.89
N PHE C 275 -12.77 26.41 -14.08
CA PHE C 275 -12.66 27.87 -14.22
C PHE C 275 -11.21 28.33 -14.09
N LEU C 276 -10.34 27.77 -14.94
CA LEU C 276 -8.91 28.05 -15.04
C LEU C 276 -8.58 29.53 -14.85
N LEU C 277 -7.58 29.79 -14.00
CA LEU C 277 -7.30 31.12 -13.48
C LEU C 277 -5.81 31.42 -13.62
N LYS C 278 -5.50 32.72 -13.74
CA LYS C 278 -4.13 33.18 -13.92
C LYS C 278 -3.71 34.04 -12.73
N TYR C 279 -2.52 33.78 -12.19
CA TYR C 279 -1.93 34.59 -11.15
C TYR C 279 -0.88 35.53 -11.74
N ASN C 280 -0.43 36.47 -10.92
CA ASN C 280 0.62 37.41 -11.29
C ASN C 280 1.75 37.33 -10.26
N GLU C 281 2.70 38.27 -10.37
CA GLU C 281 3.83 38.27 -9.45
C GLU C 281 3.41 38.66 -8.03
N ASN C 282 2.32 39.40 -7.90
CA ASN C 282 1.77 39.71 -6.59
C ASN C 282 0.76 38.68 -6.12
N GLY C 283 0.41 37.71 -6.97
CA GLY C 283 -0.55 36.68 -6.62
C GLY C 283 -1.99 37.10 -6.78
N THR C 284 -2.25 38.33 -7.19
CA THR C 284 -3.63 38.78 -7.38
C THR C 284 -4.24 38.14 -8.61
N ILE C 285 -5.51 37.79 -8.52
CA ILE C 285 -6.24 37.22 -9.65
C ILE C 285 -6.45 38.31 -10.69
N THR C 286 -5.78 38.17 -11.83
CA THR C 286 -5.85 39.18 -12.88
C THR C 286 -6.74 38.80 -14.04
N ASP C 287 -6.87 37.51 -14.36
CA ASP C 287 -7.73 37.07 -15.45
C ASP C 287 -8.06 35.59 -15.23
N ALA C 288 -9.20 35.18 -15.78
CA ALA C 288 -9.63 33.80 -15.71
C ALA C 288 -10.48 33.50 -16.94
N VAL C 289 -10.57 32.21 -17.28
CA VAL C 289 -11.32 31.76 -18.45
C VAL C 289 -12.23 30.61 -18.07
N ASP C 290 -13.31 30.46 -18.82
CA ASP C 290 -14.24 29.34 -18.67
C ASP C 290 -13.83 28.20 -19.59
N CYS C 291 -14.23 26.99 -19.23
CA CYS C 291 -14.01 25.80 -20.04
C CYS C 291 -15.32 25.29 -20.65
N ALA C 292 -16.36 26.13 -20.67
CA ALA C 292 -17.67 25.73 -21.19
C ALA C 292 -18.30 26.78 -22.09
N LEU C 293 -17.58 27.86 -22.41
CA LEU C 293 -18.03 28.85 -23.38
C LEU C 293 -17.71 28.36 -24.79
N ASP C 294 -17.68 29.28 -25.77
CA ASP C 294 -17.25 29.05 -27.14
C ASP C 294 -15.94 28.27 -27.20
N PRO C 295 -15.75 27.40 -28.21
CA PRO C 295 -14.67 26.40 -28.14
C PRO C 295 -13.25 26.96 -28.11
N LEU C 296 -13.05 28.24 -28.40
CA LEU C 296 -11.74 28.85 -28.14
C LEU C 296 -11.44 28.87 -26.65
N SER C 297 -12.46 29.04 -25.81
CA SER C 297 -12.27 28.93 -24.38
C SER C 297 -11.88 27.52 -23.98
N GLU C 298 -12.45 26.51 -24.65
CA GLU C 298 -12.02 25.12 -24.42
C GLU C 298 -10.59 24.91 -24.91
N THR C 299 -10.18 25.61 -25.97
CA THR C 299 -8.80 25.51 -26.43
C THR C 299 -7.84 26.07 -25.41
N LYS C 300 -8.18 27.23 -24.82
CA LYS C 300 -7.38 27.79 -23.73
C LYS C 300 -7.38 26.86 -22.52
N CYS C 301 -8.52 26.25 -22.22
CA CYS C 301 -8.64 25.34 -21.08
C CYS C 301 -7.77 24.10 -21.25
N THR C 302 -7.75 23.53 -22.45
CA THR C 302 -6.94 22.33 -22.69
C THR C 302 -5.46 22.68 -22.77
N LEU C 303 -5.11 23.76 -23.46
CA LEU C 303 -3.70 24.10 -23.65
C LEU C 303 -3.10 24.81 -22.45
N LYS C 304 -3.91 25.23 -21.48
CA LYS C 304 -3.48 25.94 -20.28
C LYS C 304 -2.68 27.20 -20.62
N SER C 305 -3.15 27.94 -21.63
CA SER C 305 -2.51 29.18 -22.04
C SER C 305 -3.57 30.13 -22.57
N PHE C 306 -3.39 31.43 -22.27
CA PHE C 306 -4.31 32.43 -22.77
C PHE C 306 -4.10 32.73 -24.24
N THR C 307 -2.98 32.30 -24.82
CA THR C 307 -2.71 32.47 -26.24
C THR C 307 -2.45 31.10 -26.87
N VAL C 308 -3.13 30.83 -27.97
CA VAL C 308 -2.88 29.65 -28.78
C VAL C 308 -2.51 30.11 -30.18
N GLU C 309 -1.56 29.41 -30.79
CA GLU C 309 -0.94 29.94 -32.01
C GLU C 309 -1.80 29.67 -33.25
N LYS C 310 -1.93 28.40 -33.63
CA LYS C 310 -2.60 28.03 -34.88
C LYS C 310 -2.71 26.53 -34.93
N GLY C 311 -3.59 26.05 -35.81
CA GLY C 311 -3.64 24.64 -36.14
C GLY C 311 -4.79 23.88 -35.49
N ILE C 312 -4.56 22.58 -35.38
CA ILE C 312 -5.58 21.64 -34.91
C ILE C 312 -5.45 21.48 -33.41
N TYR C 313 -6.55 21.56 -32.69
CA TYR C 313 -6.52 21.26 -31.26
C TYR C 313 -7.68 20.34 -30.91
N GLN C 314 -7.51 19.54 -29.86
CA GLN C 314 -8.43 18.46 -29.54
C GLN C 314 -9.15 18.74 -28.23
N THR C 315 -10.32 18.10 -28.09
CA THR C 315 -11.15 18.18 -26.90
C THR C 315 -11.92 16.86 -26.79
N SER C 316 -12.99 16.86 -26.02
CA SER C 316 -13.79 15.66 -25.80
C SER C 316 -14.65 15.36 -27.03
N ASN C 317 -15.53 14.39 -26.91
CA ASN C 317 -16.35 13.90 -28.01
C ASN C 317 -17.77 14.46 -27.92
N PHE C 318 -18.60 14.07 -28.88
CA PHE C 318 -19.99 14.51 -28.89
C PHE C 318 -20.78 13.89 -27.74
N ARG C 319 -20.84 12.55 -27.72
CA ARG C 319 -21.55 11.77 -26.70
C ARG C 319 -23.03 12.17 -26.65
N VAL C 320 -23.72 11.86 -27.75
CA VAL C 320 -25.15 12.17 -27.84
C VAL C 320 -25.91 11.40 -26.77
N GLN C 321 -26.80 12.09 -26.08
CA GLN C 321 -27.43 11.53 -24.91
C GLN C 321 -28.62 10.64 -25.30
N PRO C 322 -28.87 9.58 -24.53
CA PRO C 322 -30.09 8.81 -24.75
C PRO C 322 -31.34 9.63 -24.41
N THR C 323 -32.41 9.35 -25.14
CA THR C 323 -33.63 10.13 -25.02
C THR C 323 -34.55 9.62 -23.93
N GLU C 324 -34.88 8.32 -23.94
CA GLU C 324 -35.66 7.72 -22.86
C GLU C 324 -35.04 6.37 -22.51
N SER C 325 -35.80 5.58 -21.76
CA SER C 325 -35.46 4.22 -21.39
C SER C 325 -36.66 3.32 -21.64
N ILE C 326 -36.39 2.15 -22.23
CA ILE C 326 -37.42 1.15 -22.52
C ILE C 326 -37.05 -0.11 -21.76
N VAL C 327 -37.97 -0.57 -20.90
CA VAL C 327 -37.81 -1.82 -20.18
C VAL C 327 -38.86 -2.79 -20.69
N ARG C 328 -38.42 -3.96 -21.15
CA ARG C 328 -39.32 -4.94 -21.74
C ARG C 328 -39.37 -6.19 -20.86
N PHE C 329 -40.57 -6.50 -20.36
CA PHE C 329 -40.87 -7.65 -19.52
C PHE C 329 -42.00 -8.46 -20.15
N PRO C 330 -42.05 -9.77 -19.91
CA PRO C 330 -43.18 -10.56 -20.40
C PRO C 330 -44.46 -10.23 -19.65
N ASN C 331 -45.59 -10.47 -20.31
CA ASN C 331 -46.89 -10.20 -19.70
C ASN C 331 -47.23 -11.18 -18.59
N ILE C 332 -46.54 -12.32 -18.52
CA ILE C 332 -46.81 -13.33 -17.51
C ILE C 332 -46.21 -12.89 -16.19
N THR C 333 -47.03 -12.28 -15.33
CA THR C 333 -46.60 -11.82 -14.01
C THR C 333 -47.55 -12.42 -12.96
N ASN C 334 -47.21 -13.61 -12.50
CA ASN C 334 -47.99 -14.29 -11.46
C ASN C 334 -47.44 -13.87 -10.09
N LEU C 335 -47.83 -14.60 -9.05
CA LEU C 335 -47.28 -14.42 -7.72
C LEU C 335 -46.52 -15.67 -7.31
N CYS C 336 -45.24 -15.50 -7.00
CA CYS C 336 -44.44 -16.64 -6.59
C CYS C 336 -44.73 -17.00 -5.14
N PRO C 337 -45.09 -18.25 -4.85
CA PRO C 337 -45.50 -18.63 -3.48
C PRO C 337 -44.32 -18.88 -2.55
N PHE C 338 -43.80 -17.80 -1.98
CA PHE C 338 -42.70 -17.88 -1.02
C PHE C 338 -43.18 -18.11 0.42
N HIS C 339 -44.49 -18.08 0.66
CA HIS C 339 -45.00 -18.29 2.01
C HIS C 339 -44.87 -19.74 2.46
N GLU C 340 -44.71 -20.68 1.53
CA GLU C 340 -44.58 -22.09 1.90
C GLU C 340 -43.29 -22.38 2.65
N VAL C 341 -42.28 -21.52 2.49
CA VAL C 341 -41.03 -21.65 3.23
C VAL C 341 -40.95 -20.66 4.39
N PHE C 342 -41.90 -19.73 4.49
CA PHE C 342 -41.83 -18.67 5.51
C PHE C 342 -42.63 -19.00 6.76
N ASN C 343 -43.94 -19.21 6.64
CA ASN C 343 -44.81 -19.43 7.78
C ASN C 343 -45.52 -20.77 7.69
N ALA C 344 -44.78 -21.83 7.34
CA ALA C 344 -45.30 -23.18 7.34
C ALA C 344 -45.21 -23.77 8.75
N THR C 345 -45.36 -25.10 8.85
CA THR C 345 -45.31 -25.78 10.14
C THR C 345 -43.86 -25.90 10.60
N THR C 346 -43.63 -26.73 11.62
CA THR C 346 -42.30 -26.90 12.22
C THR C 346 -41.30 -27.47 11.21
N PHE C 347 -40.34 -26.64 10.82
CA PHE C 347 -39.37 -27.02 9.80
C PHE C 347 -38.38 -28.04 10.35
N ALA C 348 -37.70 -28.71 9.43
CA ALA C 348 -36.70 -29.70 9.81
C ALA C 348 -35.44 -29.04 10.33
N SER C 349 -34.64 -29.82 11.04
CA SER C 349 -33.37 -29.34 11.59
C SER C 349 -32.29 -29.40 10.50
N VAL C 350 -31.03 -29.28 10.89
CA VAL C 350 -29.94 -29.20 9.92
C VAL C 350 -29.55 -30.56 9.38
N TYR C 351 -30.04 -31.65 9.97
CA TYR C 351 -29.65 -32.99 9.51
C TYR C 351 -30.19 -33.29 8.11
N ALA C 352 -31.36 -32.75 7.77
CA ALA C 352 -31.90 -32.87 6.43
C ALA C 352 -32.43 -31.51 6.00
N TRP C 353 -32.26 -31.21 4.71
CA TRP C 353 -32.62 -29.91 4.17
C TRP C 353 -33.59 -30.08 3.01
N ASN C 354 -34.68 -29.30 3.02
CA ASN C 354 -35.64 -29.32 1.93
C ASN C 354 -35.16 -28.37 0.84
N ARG C 355 -34.27 -28.89 -0.01
CA ARG C 355 -33.67 -28.10 -1.08
C ARG C 355 -34.72 -27.88 -2.17
N LYS C 356 -35.41 -26.75 -2.10
CA LYS C 356 -36.53 -26.46 -2.97
C LYS C 356 -36.07 -25.66 -4.17
N ARG C 357 -36.18 -26.25 -5.36
CA ARG C 357 -35.95 -25.52 -6.60
C ARG C 357 -37.19 -24.70 -6.94
N ILE C 358 -37.01 -23.42 -7.19
CA ILE C 358 -38.10 -22.49 -7.46
C ILE C 358 -38.17 -22.26 -8.96
N SER C 359 -39.34 -22.52 -9.54
CA SER C 359 -39.52 -22.47 -10.99
C SER C 359 -39.80 -21.03 -11.42
N ASN C 360 -40.24 -20.87 -12.67
CA ASN C 360 -40.56 -19.54 -13.20
C ASN C 360 -41.80 -18.98 -12.52
N CYS C 361 -41.67 -17.78 -11.98
CA CYS C 361 -42.70 -17.12 -11.19
C CYS C 361 -42.33 -15.65 -11.09
N VAL C 362 -43.09 -14.89 -10.30
CA VAL C 362 -42.77 -13.49 -10.04
C VAL C 362 -42.93 -13.25 -8.54
N ALA C 363 -41.86 -12.79 -7.89
CA ALA C 363 -41.84 -12.53 -6.47
C ALA C 363 -41.45 -11.08 -6.23
N ASP C 364 -41.31 -10.73 -4.95
CA ASP C 364 -40.92 -9.39 -4.55
C ASP C 364 -40.29 -9.48 -3.17
N TYR C 365 -39.59 -8.41 -2.77
CA TYR C 365 -39.00 -8.37 -1.44
C TYR C 365 -40.05 -8.21 -0.34
N SER C 366 -41.25 -7.78 -0.70
CA SER C 366 -42.30 -7.53 0.30
C SER C 366 -42.77 -8.83 0.95
N VAL C 367 -42.69 -9.95 0.24
CA VAL C 367 -43.09 -11.23 0.81
C VAL C 367 -42.12 -11.64 1.92
N ILE C 368 -40.83 -11.39 1.70
CA ILE C 368 -39.84 -11.58 2.77
C ILE C 368 -40.05 -10.56 3.88
N TYR C 369 -40.39 -9.32 3.52
CA TYR C 369 -40.45 -8.21 4.46
C TYR C 369 -41.58 -8.37 5.47
N ASN C 370 -42.48 -9.34 5.26
CA ASN C 370 -43.62 -9.56 6.15
C ASN C 370 -43.20 -9.96 7.56
N PHE C 371 -42.00 -10.52 7.71
CA PHE C 371 -41.50 -10.93 9.03
C PHE C 371 -40.51 -9.90 9.55
N ALA C 372 -40.89 -9.25 10.65
CA ALA C 372 -40.12 -8.23 11.36
C ALA C 372 -38.95 -8.73 12.21
N PRO C 373 -39.04 -9.86 13.01
CA PRO C 373 -37.97 -10.16 13.97
C PRO C 373 -36.67 -10.71 13.39
N PHE C 374 -36.42 -10.47 12.08
CA PHE C 374 -35.20 -10.83 11.36
C PHE C 374 -33.94 -10.63 12.19
N PHE C 375 -33.09 -11.67 12.24
CA PHE C 375 -31.83 -11.64 12.98
C PHE C 375 -30.62 -11.47 12.09
N ALA C 376 -30.49 -12.29 11.05
CA ALA C 376 -29.36 -12.20 10.12
C ALA C 376 -29.75 -11.32 8.94
N PHE C 377 -28.93 -10.31 8.67
CA PHE C 377 -29.07 -9.46 7.48
C PHE C 377 -27.95 -9.66 6.48
N LYS C 378 -27.22 -10.78 6.55
CA LYS C 378 -26.02 -10.97 5.76
C LYS C 378 -26.38 -11.28 4.31
N CYS C 379 -26.33 -10.25 3.46
CA CYS C 379 -26.54 -10.40 2.02
C CYS C 379 -25.21 -10.26 1.30
N TYR C 380 -24.86 -11.25 0.50
CA TYR C 380 -23.56 -11.33 -0.15
C TYR C 380 -23.74 -11.22 -1.66
N GLY C 381 -22.87 -10.44 -2.31
CA GLY C 381 -22.90 -10.30 -3.74
C GLY C 381 -23.80 -9.19 -4.24
N VAL C 382 -24.97 -9.05 -3.62
CA VAL C 382 -25.94 -8.01 -3.96
C VAL C 382 -26.33 -7.30 -2.66
N SER C 383 -26.28 -5.97 -2.68
CA SER C 383 -26.73 -5.19 -1.53
C SER C 383 -28.24 -5.35 -1.35
N PRO C 384 -28.72 -5.32 -0.10
CA PRO C 384 -30.15 -5.60 0.14
C PRO C 384 -31.10 -4.57 -0.44
N THR C 385 -30.63 -3.37 -0.79
CA THR C 385 -31.52 -2.32 -1.27
C THR C 385 -31.93 -2.51 -2.72
N LYS C 386 -31.28 -3.40 -3.47
CA LYS C 386 -31.59 -3.59 -4.89
C LYS C 386 -31.73 -5.07 -5.21
N LEU C 387 -32.52 -5.79 -4.42
CA LEU C 387 -32.98 -7.12 -4.79
C LEU C 387 -34.18 -7.08 -5.73
N ASN C 388 -34.53 -5.90 -6.24
CA ASN C 388 -35.68 -5.71 -7.10
C ASN C 388 -35.21 -5.16 -8.44
N ASP C 389 -36.10 -5.28 -9.44
CA ASP C 389 -35.89 -4.76 -10.80
C ASP C 389 -34.65 -5.37 -11.46
N LEU C 390 -34.38 -6.64 -11.16
CA LEU C 390 -33.33 -7.41 -11.83
C LEU C 390 -33.74 -8.88 -11.75
N CYS C 391 -33.58 -9.60 -12.86
CA CYS C 391 -34.14 -10.94 -12.98
C CYS C 391 -33.02 -11.97 -13.08
N PHE C 392 -33.21 -13.10 -12.41
CA PHE C 392 -32.15 -14.06 -12.17
C PHE C 392 -32.37 -15.32 -13.02
N THR C 393 -31.50 -16.31 -12.82
CA THR C 393 -31.49 -17.53 -13.63
C THR C 393 -32.28 -18.65 -12.98
N ASN C 394 -31.94 -18.99 -11.73
CA ASN C 394 -32.69 -19.98 -10.96
C ASN C 394 -32.30 -19.80 -9.49
N VAL C 395 -33.30 -19.76 -8.61
CA VAL C 395 -33.06 -19.57 -7.20
C VAL C 395 -33.41 -20.83 -6.42
N TYR C 396 -32.57 -21.15 -5.45
CA TYR C 396 -32.75 -22.32 -4.58
C TYR C 396 -32.92 -21.84 -3.15
N ALA C 397 -34.05 -22.20 -2.53
CA ALA C 397 -34.32 -21.86 -1.15
C ALA C 397 -34.17 -23.11 -0.28
N ASP C 398 -33.41 -22.99 0.79
CA ASP C 398 -33.20 -24.09 1.72
C ASP C 398 -33.48 -23.62 3.14
N SER C 399 -34.38 -24.31 3.82
CA SER C 399 -34.83 -23.94 5.16
C SER C 399 -34.40 -24.98 6.18
N PHE C 400 -33.96 -24.52 7.35
CA PHE C 400 -33.57 -25.42 8.41
C PHE C 400 -33.68 -24.69 9.75
N VAL C 401 -33.47 -25.46 10.82
CA VAL C 401 -33.59 -24.95 12.18
C VAL C 401 -32.30 -25.26 12.93
N ILE C 402 -31.65 -24.23 13.44
CA ILE C 402 -30.41 -24.36 14.21
C ILE C 402 -30.51 -23.45 15.44
N ARG C 403 -29.46 -23.44 16.24
CA ARG C 403 -29.45 -22.62 17.44
C ARG C 403 -28.86 -21.23 17.16
N GLY C 404 -28.97 -20.35 18.16
CA GLY C 404 -28.53 -18.98 17.99
C GLY C 404 -27.03 -18.84 17.83
N ASN C 405 -26.27 -19.64 18.58
CA ASN C 405 -24.81 -19.63 18.41
C ASN C 405 -24.37 -20.30 17.12
N GLU C 406 -25.27 -21.05 16.46
CA GLU C 406 -24.98 -21.69 15.19
C GLU C 406 -25.39 -20.85 13.99
N VAL C 407 -26.00 -19.68 14.21
CA VAL C 407 -26.42 -18.82 13.12
C VAL C 407 -25.20 -18.27 12.37
N SER C 408 -24.17 -17.85 13.10
CA SER C 408 -22.96 -17.35 12.47
C SER C 408 -22.13 -18.44 11.81
N GLN C 409 -22.45 -19.71 12.07
CA GLN C 409 -21.70 -20.81 11.46
C GLN C 409 -22.07 -21.03 10.00
N ILE C 410 -23.10 -20.36 9.49
CA ILE C 410 -23.47 -20.49 8.08
C ILE C 410 -22.59 -19.62 7.19
N ALA C 411 -21.71 -18.81 7.78
CA ALA C 411 -20.81 -17.96 7.02
C ALA C 411 -19.82 -18.83 6.23
N PRO C 412 -19.46 -18.40 5.01
CA PRO C 412 -18.56 -19.21 4.19
C PRO C 412 -17.11 -19.08 4.63
N GLY C 413 -16.30 -20.03 4.17
CA GLY C 413 -14.87 -20.02 4.40
C GLY C 413 -14.44 -20.21 5.84
N GLN C 414 -15.16 -21.05 6.60
CA GLN C 414 -14.86 -21.29 8.00
C GLN C 414 -15.51 -22.60 8.42
N THR C 415 -15.20 -23.03 9.64
CA THR C 415 -15.65 -24.30 10.17
C THR C 415 -16.33 -24.09 11.52
N GLY C 416 -17.52 -24.68 11.66
CA GLY C 416 -18.25 -24.66 12.91
C GLY C 416 -18.99 -25.96 13.14
N ASN C 417 -20.00 -25.96 14.01
CA ASN C 417 -20.80 -27.17 14.21
C ASN C 417 -21.60 -27.51 12.96
N ILE C 418 -22.08 -26.48 12.25
CA ILE C 418 -22.79 -26.72 10.99
C ILE C 418 -21.81 -26.88 9.84
N ALA C 419 -20.74 -26.09 9.83
CA ALA C 419 -19.74 -26.13 8.76
C ALA C 419 -18.73 -27.27 8.94
N ASP C 420 -18.99 -28.20 9.85
CA ASP C 420 -18.30 -29.49 9.93
C ASP C 420 -18.87 -30.46 8.92
N TYR C 421 -18.61 -31.76 9.13
CA TYR C 421 -19.09 -32.82 8.25
C TYR C 421 -20.60 -32.83 8.05
N ASN C 422 -21.36 -32.14 8.91
CA ASN C 422 -22.81 -32.04 8.73
C ASN C 422 -23.16 -31.31 7.43
N TYR C 423 -22.57 -30.14 7.20
CA TYR C 423 -22.90 -29.36 6.03
C TYR C 423 -21.67 -28.66 5.48
N LYS C 424 -21.55 -28.66 4.15
CA LYS C 424 -20.51 -27.92 3.44
C LYS C 424 -21.17 -27.06 2.37
N LEU C 425 -20.64 -25.87 2.15
CA LEU C 425 -21.24 -24.89 1.26
C LEU C 425 -20.16 -24.23 0.41
N PRO C 426 -20.49 -23.87 -0.84
CA PRO C 426 -19.47 -23.33 -1.75
C PRO C 426 -19.01 -21.94 -1.31
N ASP C 427 -17.76 -21.62 -1.63
CA ASP C 427 -17.14 -20.42 -1.07
C ASP C 427 -17.55 -19.15 -1.80
N ASP C 428 -18.12 -19.28 -3.01
CA ASP C 428 -18.54 -18.08 -3.75
C ASP C 428 -19.79 -17.46 -3.12
N PHE C 429 -20.89 -18.21 -3.08
CA PHE C 429 -22.12 -17.89 -2.36
C PHE C 429 -22.70 -16.54 -2.83
N THR C 430 -23.17 -16.54 -4.09
CA THR C 430 -23.89 -15.39 -4.62
C THR C 430 -25.21 -15.16 -3.88
N GLY C 431 -25.76 -16.19 -3.24
CA GLY C 431 -27.02 -16.07 -2.53
C GLY C 431 -26.92 -15.33 -1.20
N CYS C 432 -27.82 -15.67 -0.29
CA CYS C 432 -27.95 -14.93 0.97
C CYS C 432 -28.43 -15.87 2.07
N VAL C 433 -28.27 -15.42 3.31
CA VAL C 433 -28.73 -16.14 4.49
C VAL C 433 -29.58 -15.19 5.32
N ILE C 434 -30.83 -15.58 5.56
CA ILE C 434 -31.78 -14.78 6.33
C ILE C 434 -32.32 -15.69 7.43
N ALA C 435 -32.21 -15.27 8.68
CA ALA C 435 -32.64 -16.11 9.80
C ALA C 435 -33.52 -15.31 10.73
N TRP C 436 -34.49 -15.97 11.36
CA TRP C 436 -35.31 -15.20 12.30
C TRP C 436 -35.61 -16.10 13.49
N ASN C 437 -36.06 -15.47 14.58
CA ASN C 437 -36.44 -16.21 15.78
C ASN C 437 -37.73 -16.99 15.57
N SER C 438 -37.79 -18.18 16.13
CA SER C 438 -39.01 -19.00 16.18
C SER C 438 -39.24 -19.49 17.60
N ASN C 439 -39.02 -18.61 18.58
CA ASN C 439 -39.13 -19.01 19.98
C ASN C 439 -40.56 -19.35 20.38
N LYS C 440 -41.53 -18.59 19.88
CA LYS C 440 -42.93 -18.78 20.26
C LYS C 440 -43.56 -20.01 19.62
N LEU C 441 -42.98 -20.54 18.54
CA LEU C 441 -43.61 -21.62 17.80
C LEU C 441 -42.78 -22.90 17.81
N ASP C 442 -41.47 -22.82 17.56
CA ASP C 442 -40.67 -24.03 17.43
C ASP C 442 -40.41 -24.67 18.79
N SER C 443 -40.07 -23.86 19.80
CA SER C 443 -39.74 -24.40 21.11
C SER C 443 -40.98 -24.89 21.84
N LYS C 444 -40.79 -25.89 22.71
CA LYS C 444 -41.88 -26.49 23.45
C LYS C 444 -41.52 -26.57 24.93
N PRO C 445 -42.48 -26.31 25.82
CA PRO C 445 -42.23 -26.55 27.26
C PRO C 445 -41.94 -27.99 27.60
N SER C 446 -42.51 -28.96 26.87
CA SER C 446 -42.25 -30.36 27.16
C SER C 446 -40.83 -30.76 26.78
N GLY C 447 -40.26 -30.13 25.74
CA GLY C 447 -38.91 -30.45 25.30
C GLY C 447 -38.86 -31.03 23.91
N ASN C 448 -38.41 -30.23 22.94
CA ASN C 448 -38.31 -30.66 21.55
C ASN C 448 -37.04 -31.51 21.41
N TYR C 449 -37.19 -32.80 21.65
CA TYR C 449 -36.09 -33.75 21.52
C TYR C 449 -36.09 -34.48 20.18
N ASN C 450 -36.92 -34.05 19.24
CA ASN C 450 -36.97 -34.63 17.90
C ASN C 450 -36.12 -33.86 16.89
N TYR C 451 -35.48 -32.78 17.31
CA TYR C 451 -34.58 -32.01 16.45
C TYR C 451 -33.16 -32.51 16.64
N LEU C 452 -32.40 -32.56 15.55
CA LEU C 452 -31.25 -33.43 15.47
C LEU C 452 -30.15 -32.80 14.62
N TYR C 453 -28.91 -33.23 14.87
CA TYR C 453 -27.76 -32.85 14.04
C TYR C 453 -26.81 -34.03 13.98
N ARG C 454 -26.13 -34.19 12.83
CA ARG C 454 -25.26 -35.34 12.60
C ARG C 454 -23.84 -34.84 12.39
N LEU C 455 -23.01 -35.04 13.40
CA LEU C 455 -21.73 -34.33 13.48
C LEU C 455 -20.53 -35.25 13.30
N PHE C 456 -20.63 -36.51 13.73
CA PHE C 456 -19.47 -37.36 13.93
C PHE C 456 -19.26 -38.35 12.79
N ARG C 457 -19.49 -37.91 11.56
CA ARG C 457 -19.24 -38.74 10.38
C ARG C 457 -17.74 -38.90 10.18
N LYS C 458 -17.37 -39.87 9.33
CA LYS C 458 -15.95 -40.13 9.07
C LYS C 458 -15.37 -39.13 8.08
N SER C 459 -16.03 -38.94 6.94
CA SER C 459 -15.41 -38.27 5.80
C SER C 459 -15.89 -36.82 5.65
N LYS C 460 -15.21 -36.10 4.76
CA LYS C 460 -15.50 -34.70 4.47
C LYS C 460 -16.63 -34.59 3.44
N LEU C 461 -17.47 -33.57 3.62
CA LEU C 461 -18.57 -33.29 2.72
C LEU C 461 -18.16 -32.30 1.65
N LYS C 462 -18.54 -32.59 0.41
CA LYS C 462 -18.43 -31.68 -0.72
C LYS C 462 -19.64 -30.75 -0.70
N PRO C 463 -19.48 -29.49 -1.14
CA PRO C 463 -20.60 -28.53 -1.08
C PRO C 463 -21.78 -28.94 -1.97
N PHE C 464 -22.98 -28.61 -1.49
CA PHE C 464 -24.25 -28.99 -2.14
C PHE C 464 -24.36 -30.50 -2.33
N GLU C 465 -24.33 -31.21 -1.20
CA GLU C 465 -24.58 -32.65 -1.18
C GLU C 465 -25.54 -32.95 -0.05
N ARG C 466 -26.10 -34.16 -0.07
CA ARG C 466 -27.11 -34.60 0.88
C ARG C 466 -26.49 -35.57 1.90
N ASP C 467 -26.99 -35.52 3.12
CA ASP C 467 -26.51 -36.37 4.21
C ASP C 467 -27.68 -37.14 4.84
N ILE C 468 -28.07 -38.24 4.18
CA ILE C 468 -29.10 -39.15 4.71
C ILE C 468 -28.66 -40.57 4.40
N SER C 469 -28.20 -41.30 5.41
CA SER C 469 -27.89 -42.72 5.31
C SER C 469 -27.82 -43.29 6.72
N THR C 470 -27.55 -44.60 6.83
CA THR C 470 -27.51 -45.25 8.13
C THR C 470 -26.29 -44.80 8.94
N GLU C 471 -25.11 -44.85 8.33
CA GLU C 471 -23.84 -44.43 8.93
C GLU C 471 -23.55 -45.14 10.25
N ILE C 472 -23.31 -46.45 10.15
CA ILE C 472 -22.74 -47.18 11.27
C ILE C 472 -21.38 -46.57 11.60
N TYR C 473 -21.14 -46.32 12.88
CA TYR C 473 -19.96 -45.57 13.31
C TYR C 473 -18.78 -46.52 13.46
N GLN C 474 -17.77 -46.34 12.62
CA GLN C 474 -16.60 -47.23 12.57
C GLN C 474 -15.37 -46.37 12.83
N ALA C 475 -14.94 -46.32 14.09
CA ALA C 475 -13.74 -45.59 14.48
C ALA C 475 -12.97 -46.42 15.50
N GLY C 476 -11.88 -45.85 16.01
CA GLY C 476 -11.03 -46.56 16.94
C GLY C 476 -10.14 -47.56 16.23
N ASN C 477 -9.33 -48.25 17.03
CA ASN C 477 -8.45 -49.29 16.51
C ASN C 477 -9.11 -50.67 16.57
N LYS C 478 -10.36 -50.75 16.09
CA LYS C 478 -11.16 -51.95 16.04
C LYS C 478 -12.41 -51.68 15.20
N PRO C 479 -12.81 -52.62 14.33
CA PRO C 479 -14.09 -52.47 13.62
C PRO C 479 -15.26 -52.57 14.60
N CYS C 480 -15.98 -51.47 14.75
CA CYS C 480 -17.03 -51.40 15.77
C CYS C 480 -18.24 -52.28 15.41
N ASN C 481 -18.66 -52.24 14.15
CA ASN C 481 -19.76 -53.05 13.60
C ASN C 481 -21.11 -52.78 14.28
N GLY C 482 -21.20 -51.76 15.13
CA GLY C 482 -22.44 -51.38 15.78
C GLY C 482 -22.88 -52.22 16.96
N VAL C 483 -22.46 -53.49 17.04
CA VAL C 483 -23.00 -54.43 18.03
C VAL C 483 -21.82 -54.83 18.92
N ALA C 484 -20.94 -53.87 19.21
CA ALA C 484 -19.76 -54.16 20.02
C ALA C 484 -19.51 -53.04 21.03
N GLY C 485 -18.29 -53.00 21.58
CA GLY C 485 -17.93 -52.13 22.68
C GLY C 485 -18.14 -50.64 22.47
N PRO C 486 -17.91 -49.86 23.52
CA PRO C 486 -18.44 -48.48 23.57
C PRO C 486 -17.75 -47.49 22.62
N ASN C 487 -16.88 -47.92 21.72
CA ASN C 487 -16.28 -47.00 20.76
C ASN C 487 -17.32 -46.49 19.76
N CYS C 488 -18.33 -47.30 19.46
CA CYS C 488 -19.36 -46.88 18.52
C CYS C 488 -20.33 -45.91 19.18
N TYR C 489 -20.23 -44.64 18.80
CA TYR C 489 -21.13 -43.60 19.28
C TYR C 489 -21.89 -43.01 18.10
N SER C 490 -23.17 -42.74 18.29
CA SER C 490 -24.00 -42.20 17.23
C SER C 490 -23.60 -40.76 16.92
N PRO C 491 -23.47 -40.39 15.63
CA PRO C 491 -23.21 -38.99 15.29
C PRO C 491 -24.42 -38.09 15.51
N LEU C 492 -25.57 -38.71 15.77
CA LEU C 492 -26.85 -38.04 15.78
C LEU C 492 -27.24 -37.73 17.23
N GLN C 493 -27.36 -36.45 17.56
CA GLN C 493 -27.66 -36.03 18.91
C GLN C 493 -28.80 -35.00 18.90
N SER C 494 -29.58 -35.01 19.99
CA SER C 494 -30.73 -34.11 20.09
C SER C 494 -30.32 -32.74 20.57
N TYR C 495 -31.06 -31.72 20.13
CA TYR C 495 -30.87 -30.36 20.61
C TYR C 495 -31.39 -30.19 22.04
N GLY C 496 -32.70 -30.35 22.21
CA GLY C 496 -33.34 -30.09 23.48
C GLY C 496 -33.79 -28.65 23.56
N PHE C 497 -35.09 -28.40 23.42
CA PHE C 497 -35.64 -27.05 23.33
C PHE C 497 -36.73 -26.86 24.37
N ARG C 498 -36.49 -25.94 25.31
CA ARG C 498 -37.48 -25.41 26.23
C ARG C 498 -37.33 -23.90 26.22
N PRO C 499 -38.43 -23.15 26.37
CA PRO C 499 -38.31 -21.69 26.30
C PRO C 499 -37.90 -21.04 27.60
N THR C 500 -36.94 -21.64 28.33
CA THR C 500 -36.21 -20.96 29.40
C THR C 500 -34.73 -21.29 29.17
N TYR C 501 -34.10 -20.55 28.26
CA TYR C 501 -32.71 -20.78 27.88
C TYR C 501 -31.99 -19.44 27.83
N GLY C 502 -30.74 -19.49 27.37
CA GLY C 502 -30.04 -18.29 27.00
C GLY C 502 -30.44 -17.81 25.61
N VAL C 503 -29.82 -16.71 25.19
CA VAL C 503 -30.12 -16.14 23.88
C VAL C 503 -29.57 -17.01 22.76
N GLY C 504 -28.44 -17.68 22.98
CA GLY C 504 -27.76 -18.41 21.94
C GLY C 504 -28.18 -19.86 21.73
N HIS C 505 -29.19 -20.34 22.44
CA HIS C 505 -29.64 -21.73 22.33
C HIS C 505 -31.11 -21.78 22.01
N GLN C 506 -31.56 -20.91 21.14
CA GLN C 506 -32.95 -20.78 20.75
C GLN C 506 -33.12 -21.31 19.33
N PRO C 507 -34.22 -21.98 19.00
CA PRO C 507 -34.46 -22.37 17.61
C PRO C 507 -34.61 -21.16 16.70
N TYR C 508 -33.96 -21.26 15.53
CA TYR C 508 -33.90 -20.21 14.53
C TYR C 508 -34.33 -20.78 13.19
N ARG C 509 -35.32 -20.18 12.55
CA ARG C 509 -35.65 -20.56 11.19
C ARG C 509 -34.66 -19.86 10.27
N VAL C 510 -33.80 -20.62 9.61
CA VAL C 510 -32.74 -20.06 8.78
C VAL C 510 -32.97 -20.53 7.36
N VAL C 511 -33.05 -19.58 6.43
CA VAL C 511 -33.18 -19.88 5.01
C VAL C 511 -31.95 -19.35 4.28
N VAL C 512 -31.45 -20.15 3.34
CA VAL C 512 -30.33 -19.78 2.48
C VAL C 512 -30.80 -19.85 1.02
N LEU C 513 -30.43 -18.83 0.26
CA LEU C 513 -30.80 -18.71 -1.15
C LEU C 513 -29.55 -18.79 -2.00
N SER C 514 -29.56 -19.70 -2.97
CA SER C 514 -28.44 -19.92 -3.86
C SER C 514 -28.87 -19.67 -5.30
N PHE C 515 -28.11 -18.83 -6.00
CA PHE C 515 -28.41 -18.50 -7.39
C PHE C 515 -27.13 -18.06 -8.07
N GLU C 516 -27.20 -17.91 -9.40
CA GLU C 516 -26.10 -17.42 -10.21
C GLU C 516 -26.64 -16.44 -11.23
N LEU C 517 -25.74 -15.86 -12.03
CA LEU C 517 -26.12 -14.83 -12.99
C LEU C 517 -25.67 -15.19 -14.40
N LEU C 518 -25.96 -14.31 -15.36
CA LEU C 518 -25.48 -14.37 -16.75
C LEU C 518 -25.98 -15.63 -17.47
N HIS C 519 -27.31 -15.71 -17.55
CA HIS C 519 -28.00 -16.66 -18.43
C HIS C 519 -29.16 -15.95 -19.11
N ALA C 520 -29.51 -16.44 -20.30
CA ALA C 520 -30.53 -15.78 -21.12
C ALA C 520 -31.95 -15.78 -20.52
N PRO C 521 -32.53 -16.92 -20.09
CA PRO C 521 -33.92 -16.86 -19.62
C PRO C 521 -34.05 -16.19 -18.25
N ALA C 522 -35.19 -15.54 -18.03
CA ALA C 522 -35.51 -14.97 -16.72
C ALA C 522 -36.48 -15.88 -16.00
N THR C 523 -36.30 -16.00 -14.68
CA THR C 523 -37.07 -16.94 -13.87
C THR C 523 -37.97 -16.23 -12.88
N VAL C 524 -37.42 -15.38 -12.02
CA VAL C 524 -38.22 -14.69 -11.00
C VAL C 524 -37.60 -13.33 -10.71
N CYS C 525 -38.46 -12.31 -10.68
CA CYS C 525 -38.09 -10.93 -10.34
C CYS C 525 -39.37 -10.14 -10.11
N GLY C 526 -39.19 -8.89 -9.71
CA GLY C 526 -40.28 -8.06 -9.26
C GLY C 526 -41.07 -7.46 -10.41
N PRO C 527 -42.21 -6.87 -10.07
CA PRO C 527 -43.03 -6.22 -11.09
C PRO C 527 -42.36 -4.99 -11.67
N LYS C 528 -42.65 -4.74 -12.95
CA LYS C 528 -42.08 -3.60 -13.67
C LYS C 528 -43.01 -3.27 -14.83
N LYS C 529 -43.40 -2.01 -14.91
CA LYS C 529 -44.31 -1.56 -15.96
C LYS C 529 -43.56 -1.52 -17.29
N SER C 530 -43.76 -2.55 -18.11
CA SER C 530 -43.12 -2.60 -19.41
C SER C 530 -43.76 -1.59 -20.36
N THR C 531 -43.00 -1.21 -21.38
CA THR C 531 -43.44 -0.22 -22.34
C THR C 531 -43.06 -0.68 -23.74
N ASN C 532 -43.68 -0.07 -24.74
CA ASN C 532 -43.42 -0.43 -26.12
C ASN C 532 -42.02 -0.01 -26.55
N LEU C 533 -41.55 -0.63 -27.62
CA LEU C 533 -40.21 -0.39 -28.13
C LEU C 533 -40.18 0.87 -28.98
N VAL C 534 -38.97 1.35 -29.24
CA VAL C 534 -38.73 2.52 -30.08
C VAL C 534 -37.71 2.14 -31.15
N LYS C 535 -37.73 2.91 -32.24
CA LYS C 535 -36.88 2.63 -33.39
C LYS C 535 -36.13 3.89 -33.79
N ASN C 536 -34.83 3.72 -34.07
CA ASN C 536 -33.94 4.80 -34.50
C ASN C 536 -33.88 5.94 -33.49
N LYS C 537 -33.97 5.60 -32.21
CA LYS C 537 -33.91 6.57 -31.12
C LYS C 537 -32.77 6.19 -30.19
N CYS C 538 -31.95 7.18 -29.83
CA CYS C 538 -30.92 6.97 -28.82
C CYS C 538 -31.62 6.72 -27.49
N VAL C 539 -31.55 5.49 -27.00
CA VAL C 539 -32.39 5.05 -25.92
C VAL C 539 -31.64 4.04 -25.05
N ASN C 540 -31.88 4.10 -23.75
CA ASN C 540 -31.46 3.03 -22.87
C ASN C 540 -32.51 1.93 -22.86
N PHE C 541 -32.08 0.70 -22.59
CA PHE C 541 -33.04 -0.40 -22.59
C PHE C 541 -32.61 -1.45 -21.58
N ASN C 542 -33.62 -2.06 -20.96
CA ASN C 542 -33.46 -3.19 -20.05
C ASN C 542 -34.34 -4.32 -20.55
N PHE C 543 -33.71 -5.39 -21.04
CA PHE C 543 -34.43 -6.51 -21.63
C PHE C 543 -34.25 -7.72 -20.71
N ASN C 544 -35.07 -7.76 -19.65
CA ASN C 544 -35.15 -8.86 -18.70
C ASN C 544 -33.79 -9.26 -18.14
N GLY C 545 -33.22 -8.33 -17.38
CA GLY C 545 -31.85 -8.52 -16.91
C GLY C 545 -30.86 -7.61 -17.57
N LEU C 546 -30.13 -8.13 -18.57
CA LEU C 546 -29.07 -7.38 -19.24
C LEU C 546 -29.61 -6.10 -19.88
N THR C 547 -28.81 -5.05 -19.80
CA THR C 547 -29.20 -3.71 -20.24
C THR C 547 -28.33 -3.28 -21.42
N GLY C 548 -28.57 -2.06 -21.87
CA GLY C 548 -27.74 -1.49 -22.92
C GLY C 548 -28.23 -0.10 -23.28
N THR C 549 -27.51 0.52 -24.21
CA THR C 549 -27.82 1.87 -24.66
C THR C 549 -27.44 2.01 -26.12
N GLY C 550 -28.38 2.48 -26.93
CA GLY C 550 -28.10 2.67 -28.35
C GLY C 550 -29.37 2.91 -29.14
N VAL C 551 -29.29 2.63 -30.43
CA VAL C 551 -30.43 2.74 -31.34
C VAL C 551 -30.74 1.35 -31.91
N LEU C 552 -31.96 1.23 -32.43
CA LEU C 552 -32.54 -0.05 -32.82
C LEU C 552 -32.67 -0.12 -34.34
N THR C 553 -32.53 -1.34 -34.85
CA THR C 553 -32.76 -1.64 -36.26
C THR C 553 -33.61 -2.91 -36.33
N GLU C 554 -34.47 -2.99 -37.35
CA GLU C 554 -35.34 -4.15 -37.49
C GLU C 554 -34.55 -5.34 -38.03
N SER C 555 -35.25 -6.44 -38.30
CA SER C 555 -34.59 -7.70 -38.63
C SER C 555 -34.04 -7.69 -40.05
N ASN C 556 -32.84 -8.25 -40.20
CA ASN C 556 -32.27 -8.52 -41.51
C ASN C 556 -31.82 -9.98 -41.57
N LYS C 557 -31.43 -10.51 -40.41
CA LYS C 557 -31.08 -11.92 -40.29
C LYS C 557 -32.32 -12.70 -39.86
N LYS C 558 -32.13 -13.96 -39.46
CA LYS C 558 -33.25 -14.82 -39.13
C LYS C 558 -33.15 -15.53 -37.79
N PHE C 559 -31.97 -15.57 -37.17
CA PHE C 559 -31.68 -16.36 -35.97
C PHE C 559 -32.03 -17.82 -36.22
N LEU C 560 -32.42 -18.50 -35.15
CA LEU C 560 -32.90 -19.87 -35.14
C LEU C 560 -34.01 -19.90 -34.11
N PRO C 561 -34.97 -20.85 -34.23
CA PRO C 561 -36.17 -20.83 -33.36
C PRO C 561 -35.97 -20.65 -31.85
N PHE C 562 -34.91 -21.21 -31.25
CA PHE C 562 -34.63 -20.89 -29.86
C PHE C 562 -33.43 -19.96 -29.68
N GLN C 563 -32.98 -19.31 -30.75
CA GLN C 563 -31.81 -18.44 -30.71
C GLN C 563 -32.23 -16.99 -30.49
N GLN C 564 -31.59 -16.32 -29.53
CA GLN C 564 -32.07 -15.00 -29.14
C GLN C 564 -31.00 -13.94 -28.87
N PHE C 565 -29.73 -14.28 -28.73
CA PHE C 565 -28.69 -13.25 -28.62
C PHE C 565 -27.93 -13.08 -29.92
N GLY C 566 -27.13 -12.02 -29.97
CA GLY C 566 -26.40 -11.64 -31.17
C GLY C 566 -24.93 -11.33 -30.99
N ARG C 567 -24.24 -12.08 -30.13
CA ARG C 567 -22.83 -11.82 -29.83
C ARG C 567 -21.98 -11.92 -31.09
N ASP C 568 -21.31 -10.81 -31.42
CA ASP C 568 -20.55 -10.70 -32.65
C ASP C 568 -19.10 -11.09 -32.42
N ILE C 569 -18.24 -10.78 -33.40
CA ILE C 569 -16.81 -11.04 -33.27
C ILE C 569 -16.19 -10.13 -32.21
N ALA C 570 -16.79 -8.98 -31.96
CA ALA C 570 -16.27 -8.01 -30.99
C ALA C 570 -16.75 -8.29 -29.58
N ASP C 571 -17.47 -9.39 -29.36
CA ASP C 571 -18.00 -9.80 -28.05
C ASP C 571 -18.93 -8.74 -27.46
N THR C 572 -19.81 -8.19 -28.30
CA THR C 572 -20.77 -7.19 -27.90
C THR C 572 -22.18 -7.68 -28.15
N THR C 573 -23.10 -7.35 -27.26
CA THR C 573 -24.50 -7.68 -27.43
C THR C 573 -25.13 -6.69 -28.40
N ASP C 574 -25.39 -7.14 -29.63
CA ASP C 574 -25.90 -6.25 -30.68
C ASP C 574 -27.15 -6.74 -31.36
N ALA C 575 -27.69 -7.91 -31.01
CA ALA C 575 -28.91 -8.41 -31.59
C ALA C 575 -29.68 -9.21 -30.54
N VAL C 576 -31.00 -9.06 -30.54
CA VAL C 576 -31.84 -9.60 -29.47
C VAL C 576 -33.26 -9.80 -29.98
N ARG C 577 -33.99 -10.71 -29.34
CA ARG C 577 -35.40 -10.93 -29.63
C ARG C 577 -36.27 -10.33 -28.53
N ASP C 578 -37.53 -10.10 -28.87
CA ASP C 578 -38.50 -9.59 -27.91
C ASP C 578 -38.81 -10.67 -26.87
N PRO C 579 -38.83 -10.32 -25.58
CA PRO C 579 -39.32 -11.29 -24.58
C PRO C 579 -40.78 -11.68 -24.74
N GLN C 580 -41.60 -10.88 -25.41
CA GLN C 580 -43.01 -11.17 -25.57
C GLN C 580 -43.36 -11.75 -26.93
N THR C 581 -42.89 -11.15 -28.01
CA THR C 581 -43.15 -11.61 -29.37
C THR C 581 -41.85 -12.13 -29.98
N LEU C 582 -41.94 -12.55 -31.24
CA LEU C 582 -40.75 -12.88 -32.02
C LEU C 582 -40.42 -11.65 -32.87
N GLU C 583 -39.32 -10.99 -32.49
CA GLU C 583 -38.91 -9.74 -33.11
C GLU C 583 -37.40 -9.63 -33.05
N ILE C 584 -36.73 -10.02 -34.13
CA ILE C 584 -35.28 -9.87 -34.24
C ILE C 584 -34.93 -8.40 -34.38
N LEU C 585 -34.07 -7.90 -33.49
CA LEU C 585 -33.69 -6.50 -33.47
C LEU C 585 -32.18 -6.41 -33.38
N ASP C 586 -31.63 -5.40 -34.04
CA ASP C 586 -30.19 -5.16 -34.08
C ASP C 586 -29.89 -3.93 -33.23
N ILE C 587 -29.00 -4.09 -32.26
CA ILE C 587 -28.57 -3.00 -31.40
C ILE C 587 -27.31 -2.39 -32.01
N THR C 588 -27.35 -1.10 -32.33
CA THR C 588 -26.15 -0.40 -32.76
C THR C 588 -26.00 0.81 -31.85
N PRO C 589 -24.83 1.01 -31.24
CA PRO C 589 -24.70 2.10 -30.26
C PRO C 589 -24.81 3.47 -30.91
N CYS C 590 -25.28 4.44 -30.12
CA CYS C 590 -25.32 5.82 -30.58
C CYS C 590 -23.92 6.32 -30.89
N SER C 591 -23.78 6.97 -32.04
CA SER C 591 -22.46 7.37 -32.53
C SER C 591 -21.85 8.44 -31.63
N PHE C 592 -20.55 8.30 -31.37
CA PHE C 592 -19.82 9.26 -30.58
C PHE C 592 -19.39 10.42 -31.47
N GLY C 593 -18.50 11.27 -30.96
CA GLY C 593 -17.97 12.34 -31.76
C GLY C 593 -16.49 12.24 -32.05
N GLY C 594 -15.70 13.00 -31.29
CA GLY C 594 -14.32 13.27 -31.62
C GLY C 594 -14.30 14.66 -32.22
N VAL C 595 -13.98 15.66 -31.41
CA VAL C 595 -14.20 17.05 -31.76
C VAL C 595 -12.86 17.75 -31.85
N SER C 596 -12.62 18.42 -32.97
CA SER C 596 -11.42 19.21 -33.17
C SER C 596 -11.81 20.66 -33.37
N VAL C 597 -10.87 21.55 -33.06
CA VAL C 597 -11.07 22.99 -33.23
C VAL C 597 -9.94 23.54 -34.07
N ILE C 598 -10.30 24.43 -35.00
CA ILE C 598 -9.38 25.10 -35.91
C ILE C 598 -9.45 26.59 -35.63
N THR C 599 -8.30 27.21 -35.42
CA THR C 599 -8.29 28.63 -35.11
C THR C 599 -7.13 29.30 -35.83
N PRO C 600 -7.27 30.56 -36.20
CA PRO C 600 -6.10 31.37 -36.56
C PRO C 600 -5.44 31.93 -35.32
N GLY C 601 -4.47 32.82 -35.49
CA GLY C 601 -3.77 33.44 -34.38
C GLY C 601 -4.67 34.20 -33.42
N THR C 602 -4.51 33.91 -32.12
CA THR C 602 -5.24 34.67 -31.11
C THR C 602 -4.79 36.12 -31.08
N ASN C 603 -3.51 36.37 -31.40
CA ASN C 603 -3.02 37.72 -31.61
C ASN C 603 -3.56 38.34 -32.88
N THR C 604 -4.20 37.56 -33.75
CA THR C 604 -4.78 38.05 -35.00
C THR C 604 -6.31 38.13 -34.95
N SER C 605 -6.97 37.04 -34.60
CA SER C 605 -8.43 37.00 -34.64
C SER C 605 -8.94 36.15 -33.47
N ASN C 606 -10.26 36.08 -33.34
CA ASN C 606 -10.90 35.27 -32.31
C ASN C 606 -11.98 34.33 -32.83
N GLN C 607 -12.45 34.49 -34.07
CA GLN C 607 -13.39 33.55 -34.63
C GLN C 607 -12.70 32.23 -34.95
N VAL C 608 -13.43 31.13 -34.76
CA VAL C 608 -12.88 29.78 -34.89
C VAL C 608 -13.81 28.95 -35.77
N ALA C 609 -13.42 27.68 -35.95
CA ALA C 609 -14.29 26.70 -36.59
C ALA C 609 -14.10 25.38 -35.85
N VAL C 610 -15.12 24.52 -35.92
CA VAL C 610 -15.06 23.24 -35.23
C VAL C 610 -15.39 22.12 -36.20
N LEU C 611 -14.98 20.91 -35.81
CA LEU C 611 -15.08 19.72 -36.63
C LEU C 611 -15.49 18.54 -35.77
N TYR C 612 -16.40 17.73 -36.30
CA TYR C 612 -16.79 16.46 -35.70
C TYR C 612 -16.27 15.34 -36.60
N GLN C 613 -15.65 14.34 -35.99
CA GLN C 613 -15.00 13.27 -36.73
C GLN C 613 -15.97 12.12 -36.95
N GLY C 614 -16.15 11.73 -38.21
CA GLY C 614 -16.96 10.58 -38.53
C GLY C 614 -18.46 10.78 -38.42
N VAL C 615 -18.94 12.02 -38.41
CA VAL C 615 -20.36 12.33 -38.28
C VAL C 615 -20.84 12.89 -39.60
N ASN C 616 -21.89 12.29 -40.15
CA ASN C 616 -22.49 12.72 -41.42
C ASN C 616 -23.58 13.73 -41.09
N CYS C 617 -23.26 15.01 -41.21
CA CYS C 617 -24.23 16.05 -40.89
C CYS C 617 -25.36 16.10 -41.92
N THR C 618 -25.00 16.01 -43.21
CA THR C 618 -25.93 16.10 -44.35
C THR C 618 -26.77 17.37 -44.32
N TRP C 633 -27.20 16.31 -39.24
CA TRP C 633 -27.79 15.19 -38.51
C TRP C 633 -27.28 15.13 -37.08
N ARG C 634 -28.22 15.17 -36.14
CA ARG C 634 -28.02 15.10 -34.68
C ARG C 634 -26.78 15.86 -34.21
N VAL C 635 -26.74 17.15 -34.55
CA VAL C 635 -25.65 18.02 -34.14
C VAL C 635 -26.19 19.22 -33.37
N TYR C 636 -27.29 18.99 -32.62
CA TYR C 636 -27.95 19.98 -31.78
C TYR C 636 -28.40 21.18 -32.60
N SER C 637 -27.60 22.23 -32.63
CA SER C 637 -27.90 23.44 -33.39
C SER C 637 -26.87 23.63 -34.49
N THR C 638 -27.18 24.55 -35.40
CA THR C 638 -26.34 24.82 -36.56
C THR C 638 -25.66 26.19 -36.39
N GLY C 639 -24.91 26.57 -37.41
CA GLY C 639 -24.22 27.85 -37.41
C GLY C 639 -24.40 28.62 -38.70
N SER C 640 -23.30 29.10 -39.27
CA SER C 640 -23.38 29.85 -40.52
C SER C 640 -23.51 28.91 -41.72
N ASN C 641 -22.53 28.04 -41.92
CA ASN C 641 -22.57 27.09 -43.02
C ASN C 641 -22.02 25.76 -42.55
N VAL C 642 -22.44 24.69 -43.22
CA VAL C 642 -22.08 23.33 -42.88
C VAL C 642 -21.37 22.71 -44.09
N PHE C 643 -20.21 22.11 -43.85
CA PHE C 643 -19.50 21.37 -44.89
C PHE C 643 -19.40 19.90 -44.50
N GLN C 644 -19.36 19.04 -45.51
CA GLN C 644 -19.44 17.59 -45.34
C GLN C 644 -18.28 16.93 -46.10
N THR C 645 -17.07 17.37 -45.78
CA THR C 645 -15.86 16.75 -46.31
C THR C 645 -15.74 15.28 -45.92
N ARG C 646 -14.85 14.54 -46.58
CA ARG C 646 -14.76 13.11 -46.36
C ARG C 646 -14.14 12.75 -45.02
N ALA C 647 -13.47 13.69 -44.36
CA ALA C 647 -12.92 13.43 -43.04
C ALA C 647 -14.01 13.45 -41.97
N GLY C 648 -15.01 14.30 -42.16
CA GLY C 648 -16.09 14.41 -41.18
C GLY C 648 -16.92 15.65 -41.45
N CYS C 649 -17.59 16.12 -40.40
CA CYS C 649 -18.42 17.31 -40.50
C CYS C 649 -17.65 18.51 -40.00
N LEU C 650 -17.76 19.63 -40.72
CA LEU C 650 -17.04 20.85 -40.36
C LEU C 650 -18.02 22.01 -40.39
N ILE C 651 -18.03 22.81 -39.32
CA ILE C 651 -18.88 23.99 -39.25
C ILE C 651 -18.05 25.16 -38.72
N GLY C 652 -18.57 26.36 -38.96
CA GLY C 652 -17.86 27.57 -38.62
C GLY C 652 -16.93 28.09 -39.69
N ALA C 653 -16.92 27.49 -40.88
CA ALA C 653 -16.07 27.95 -41.97
C ALA C 653 -16.81 27.81 -43.28
N GLU C 654 -16.39 28.61 -44.25
CA GLU C 654 -17.00 28.62 -45.58
C GLU C 654 -16.05 27.97 -46.58
N TYR C 655 -16.58 27.03 -47.36
CA TYR C 655 -15.80 26.35 -48.37
C TYR C 655 -15.71 27.20 -49.64
N VAL C 656 -14.53 27.24 -50.24
CA VAL C 656 -14.33 27.99 -51.47
C VAL C 656 -13.91 27.04 -52.58
N ASN C 657 -14.07 27.47 -53.83
CA ASN C 657 -13.72 26.66 -54.99
C ASN C 657 -12.36 27.04 -55.57
N ASN C 658 -11.65 27.99 -54.95
CA ASN C 658 -10.34 28.39 -55.43
C ASN C 658 -9.29 27.42 -54.91
N SER C 659 -8.03 27.71 -55.20
CA SER C 659 -6.93 26.85 -54.77
C SER C 659 -5.87 27.70 -54.08
N TYR C 660 -5.45 27.27 -52.90
CA TYR C 660 -4.39 27.94 -52.15
C TYR C 660 -3.49 26.88 -51.55
N GLU C 661 -2.28 27.29 -51.19
CA GLU C 661 -1.37 26.38 -50.50
C GLU C 661 -1.86 26.14 -49.08
N CYS C 662 -1.40 25.04 -48.50
CA CYS C 662 -1.89 24.61 -47.20
C CYS C 662 -1.05 25.19 -46.08
N ASP C 663 -1.73 25.78 -45.10
CA ASP C 663 -1.11 26.26 -43.87
C ASP C 663 -1.67 25.56 -42.64
N ILE C 664 -2.98 25.47 -42.52
CA ILE C 664 -3.64 24.74 -41.44
C ILE C 664 -4.37 23.55 -42.07
N PRO C 665 -3.85 22.33 -41.91
CA PRO C 665 -4.49 21.16 -42.52
C PRO C 665 -5.79 20.78 -41.81
N ILE C 666 -6.63 20.06 -42.55
CA ILE C 666 -7.89 19.53 -42.05
C ILE C 666 -7.94 18.02 -42.16
N GLY C 667 -7.82 17.49 -43.36
CA GLY C 667 -7.89 16.06 -43.61
C GLY C 667 -8.43 15.81 -45.00
N ALA C 668 -7.92 14.76 -45.65
CA ALA C 668 -8.32 14.34 -47.00
C ALA C 668 -8.15 15.47 -48.02
N GLY C 669 -7.02 16.14 -47.98
CA GLY C 669 -6.71 17.17 -48.96
C GLY C 669 -7.48 18.46 -48.79
N ILE C 670 -7.96 18.75 -47.58
CA ILE C 670 -8.65 20.00 -47.28
C ILE C 670 -7.80 20.77 -46.29
N CYS C 671 -7.72 22.09 -46.49
CA CYS C 671 -6.93 22.95 -45.63
C CYS C 671 -7.66 24.26 -45.40
N ALA C 672 -7.57 24.78 -44.17
CA ALA C 672 -8.25 26.00 -43.78
C ALA C 672 -7.24 27.14 -43.63
N SER C 673 -7.74 28.36 -43.83
CA SER C 673 -6.89 29.56 -43.76
C SER C 673 -7.78 30.76 -43.51
N TYR C 674 -7.17 31.95 -43.53
CA TYR C 674 -7.84 33.21 -43.28
C TYR C 674 -7.96 34.00 -44.58
N GLN C 675 -9.03 34.77 -44.70
CA GLN C 675 -9.25 35.60 -45.88
C GLN C 675 -8.28 36.78 -45.90
N GLN C 690 -11.51 38.27 -42.81
CA GLN C 690 -12.66 38.42 -41.92
C GLN C 690 -13.49 37.14 -41.89
N SER C 691 -12.95 36.07 -42.45
CA SER C 691 -13.65 34.79 -42.47
C SER C 691 -12.62 33.67 -42.49
N ILE C 692 -13.06 32.48 -42.11
CA ILE C 692 -12.24 31.27 -42.14
C ILE C 692 -12.67 30.47 -43.37
N ILE C 693 -11.73 30.20 -44.27
CA ILE C 693 -12.03 29.62 -45.56
C ILE C 693 -11.36 28.25 -45.65
N ALA C 694 -12.10 27.26 -46.13
CA ALA C 694 -11.59 25.91 -46.35
C ALA C 694 -11.53 25.63 -47.84
N TYR C 695 -10.42 25.06 -48.29
CA TYR C 695 -10.19 24.83 -49.70
C TYR C 695 -9.54 23.48 -49.91
N THR C 696 -9.60 23.00 -51.15
CA THR C 696 -8.91 21.79 -51.53
C THR C 696 -7.42 22.04 -51.70
N MET C 697 -6.64 20.96 -51.67
CA MET C 697 -5.20 21.07 -51.72
C MET C 697 -4.74 21.46 -53.12
N SER C 698 -3.78 22.39 -53.18
CA SER C 698 -3.10 22.75 -54.42
C SER C 698 -1.63 22.38 -54.28
N LEU C 699 -1.10 21.66 -55.26
CA LEU C 699 0.24 21.11 -55.15
C LEU C 699 1.32 22.12 -55.51
N GLY C 700 0.95 23.30 -56.00
CA GLY C 700 1.88 24.33 -56.40
C GLY C 700 1.56 24.83 -57.78
N ALA C 701 2.52 25.55 -58.36
CA ALA C 701 2.35 26.06 -59.72
C ALA C 701 2.41 24.92 -60.73
N GLU C 702 1.46 24.91 -61.65
CA GLU C 702 1.43 23.91 -62.72
C GLU C 702 2.35 24.37 -63.84
N ASN C 703 3.33 23.53 -64.18
CA ASN C 703 4.32 23.87 -65.19
C ASN C 703 4.39 22.77 -66.23
N SER C 704 4.44 23.18 -67.48
CA SER C 704 4.69 22.29 -68.60
C SER C 704 5.86 22.82 -69.41
N VAL C 705 6.83 21.95 -69.69
CA VAL C 705 8.05 22.32 -70.39
C VAL C 705 7.99 21.71 -71.79
N ALA C 706 8.31 22.53 -72.79
CA ALA C 706 8.28 22.06 -74.17
C ALA C 706 9.39 21.04 -74.41
N TYR C 707 9.05 19.97 -75.12
CA TYR C 707 9.96 18.87 -75.37
C TYR C 707 10.06 18.62 -76.86
N SER C 708 11.27 18.34 -77.33
CA SER C 708 11.51 17.96 -78.71
C SER C 708 12.66 16.95 -78.74
N ASN C 709 12.74 16.22 -79.85
CA ASN C 709 13.81 15.25 -80.05
C ASN C 709 15.10 15.90 -80.55
N ASN C 710 15.09 17.21 -80.77
CA ASN C 710 16.28 17.90 -81.25
C ASN C 710 16.51 19.23 -80.55
N SER C 711 15.90 19.45 -79.39
CA SER C 711 15.99 20.71 -78.67
C SER C 711 16.82 20.54 -77.40
N ILE C 712 17.50 21.61 -77.00
CA ILE C 712 18.39 21.62 -75.84
C ILE C 712 18.09 22.84 -75.00
N ALA C 713 17.97 22.64 -73.70
CA ALA C 713 17.87 23.72 -72.73
C ALA C 713 19.19 23.81 -71.99
N ILE C 714 19.83 24.98 -72.04
CA ILE C 714 21.19 25.13 -71.54
C ILE C 714 21.26 26.42 -70.73
N PRO C 715 21.77 26.40 -69.50
CA PRO C 715 21.87 27.63 -68.73
C PRO C 715 23.05 28.50 -69.16
N THR C 716 22.95 29.78 -68.81
CA THR C 716 23.99 30.76 -69.14
C THR C 716 24.54 31.51 -67.94
N ASN C 717 23.72 31.87 -66.97
CA ASN C 717 24.18 32.53 -65.76
C ASN C 717 23.82 31.63 -64.57
N PHE C 718 24.34 31.99 -63.41
CA PHE C 718 24.17 31.15 -62.23
C PHE C 718 24.19 32.01 -60.99
N THR C 719 23.74 31.42 -59.89
CA THR C 719 23.95 31.97 -58.56
C THR C 719 24.39 30.85 -57.64
N ILE C 720 25.07 31.22 -56.56
CA ILE C 720 25.28 30.31 -55.44
C ILE C 720 24.25 30.67 -54.38
N SER C 721 23.90 29.70 -53.55
CA SER C 721 22.91 29.93 -52.51
C SER C 721 23.38 29.27 -51.23
N VAL C 722 23.17 29.98 -50.12
CA VAL C 722 23.44 29.44 -48.80
C VAL C 722 22.10 29.11 -48.15
N THR C 723 21.99 27.89 -47.66
CA THR C 723 20.81 27.40 -46.96
C THR C 723 21.22 26.92 -45.58
N THR C 724 20.23 26.80 -44.70
CA THR C 724 20.45 26.35 -43.33
C THR C 724 19.68 25.06 -43.08
N GLU C 725 20.31 24.16 -42.34
CA GLU C 725 19.55 23.07 -41.74
C GLU C 725 20.01 22.89 -40.30
N ILE C 726 19.10 22.42 -39.46
CA ILE C 726 19.31 22.43 -38.01
C ILE C 726 19.10 21.01 -37.50
N LEU C 727 20.13 20.45 -36.87
CA LEU C 727 20.09 19.08 -36.41
C LEU C 727 20.28 19.00 -34.91
N PRO C 728 19.36 18.37 -34.17
CA PRO C 728 19.61 18.07 -32.77
C PRO C 728 20.68 16.99 -32.65
N VAL C 729 21.56 17.17 -31.67
CA VAL C 729 22.64 16.22 -31.40
C VAL C 729 22.58 15.69 -29.98
N SER C 730 22.01 16.46 -29.06
CA SER C 730 22.06 16.11 -27.66
C SER C 730 20.78 16.51 -26.96
N MET C 731 20.50 15.81 -25.86
CA MET C 731 19.48 16.21 -24.90
C MET C 731 20.09 16.15 -23.51
N THR C 732 19.51 16.92 -22.59
CA THR C 732 20.09 17.07 -21.26
C THR C 732 20.01 15.75 -20.49
N LYS C 733 21.15 15.34 -19.93
CA LYS C 733 21.21 14.10 -19.18
C LYS C 733 20.45 14.24 -17.87
N THR C 734 20.01 13.10 -17.34
CA THR C 734 19.27 13.10 -16.09
C THR C 734 19.57 11.83 -15.32
N SER C 735 19.43 11.92 -14.01
CA SER C 735 19.51 10.78 -13.12
C SER C 735 18.46 10.93 -12.05
N VAL C 736 17.95 9.81 -11.56
CA VAL C 736 16.92 9.80 -10.53
C VAL C 736 17.36 8.85 -9.42
N ASP C 737 17.26 9.32 -8.18
CA ASP C 737 17.59 8.47 -7.05
C ASP C 737 16.52 7.40 -6.88
N CYS C 738 16.95 6.20 -6.47
CA CYS C 738 16.00 5.10 -6.27
C CYS C 738 15.10 5.36 -5.06
N THR C 739 15.69 5.49 -3.88
CA THR C 739 14.94 5.42 -2.63
C THR C 739 14.21 6.71 -2.29
N MET C 740 14.83 7.88 -2.46
CA MET C 740 14.24 9.11 -1.92
C MET C 740 13.05 9.57 -2.74
N TYR C 741 12.99 9.21 -4.03
CA TYR C 741 11.85 9.59 -4.85
C TYR C 741 10.61 8.78 -4.47
N ILE C 742 10.76 7.47 -4.32
CA ILE C 742 9.61 6.62 -4.03
C ILE C 742 9.15 6.79 -2.58
N CYS C 743 10.10 6.96 -1.66
CA CYS C 743 9.80 7.08 -0.24
C CYS C 743 10.51 8.29 0.34
N GLY C 744 9.84 9.01 1.23
CA GLY C 744 10.43 10.15 1.88
C GLY C 744 11.42 9.77 2.97
N ASP C 745 11.61 10.67 3.94
CA ASP C 745 12.53 10.41 5.05
C ASP C 745 11.83 9.58 6.13
N SER C 746 11.53 8.34 5.77
CA SER C 746 10.96 7.37 6.69
C SER C 746 11.61 6.02 6.44
N THR C 747 12.02 5.35 7.50
CA THR C 747 12.75 4.10 7.36
C THR C 747 11.86 2.97 6.87
N GLU C 748 10.62 2.89 7.39
CA GLU C 748 9.77 1.74 7.11
C GLU C 748 9.28 1.73 5.67
N CYS C 749 9.22 2.89 5.01
CA CYS C 749 8.91 2.87 3.58
C CYS C 749 10.07 2.25 2.78
N SER C 750 11.30 2.49 3.22
CA SER C 750 12.44 1.82 2.60
C SER C 750 12.49 0.34 2.94
N ASN C 751 12.02 -0.03 4.13
CA ASN C 751 11.91 -1.45 4.47
C ASN C 751 10.86 -2.14 3.60
N LEU C 752 9.70 -1.50 3.42
CA LEU C 752 8.68 -2.02 2.51
C LEU C 752 9.09 -1.89 1.05
N LEU C 753 10.12 -1.11 0.75
CA LEU C 753 10.61 -0.94 -0.60
C LEU C 753 11.45 -2.13 -1.06
N LEU C 754 12.16 -2.77 -0.12
CA LEU C 754 13.16 -3.78 -0.46
C LEU C 754 12.57 -5.13 -0.88
N GLN C 755 11.25 -5.31 -0.75
CA GLN C 755 10.64 -6.57 -1.17
C GLN C 755 10.76 -6.77 -2.67
N TYR C 756 10.51 -5.72 -3.45
CA TYR C 756 10.81 -5.79 -4.88
C TYR C 756 12.32 -5.80 -5.09
N GLY C 757 13.04 -4.90 -4.43
CA GLY C 757 14.48 -5.01 -4.26
C GLY C 757 15.33 -4.75 -5.48
N SER C 758 15.26 -5.66 -6.45
CA SER C 758 16.12 -5.61 -7.64
C SER C 758 15.44 -4.93 -8.81
N PHE C 759 14.63 -3.90 -8.55
CA PHE C 759 13.87 -3.22 -9.59
C PHE C 759 14.47 -1.90 -10.03
N CYS C 760 15.04 -1.12 -9.10
CA CYS C 760 15.58 0.18 -9.45
C CYS C 760 17.06 0.12 -9.79
N THR C 761 17.70 -1.02 -9.59
CA THR C 761 19.10 -1.19 -9.96
C THR C 761 19.28 -1.08 -11.47
N GLN C 762 18.46 -1.80 -12.24
CA GLN C 762 18.54 -1.66 -13.70
C GLN C 762 18.07 -0.29 -14.17
N LEU C 763 17.18 0.36 -13.41
CA LEU C 763 16.82 1.73 -13.75
C LEU C 763 17.99 2.69 -13.60
N LYS C 764 18.73 2.59 -12.49
CA LYS C 764 19.92 3.44 -12.30
C LYS C 764 20.98 3.11 -13.34
N ARG C 765 21.16 1.82 -13.63
CA ARG C 765 22.13 1.41 -14.64
C ARG C 765 21.74 1.95 -16.01
N ALA C 766 20.44 1.96 -16.33
CA ALA C 766 20.00 2.46 -17.61
C ALA C 766 20.14 3.98 -17.71
N LEU C 767 19.89 4.70 -16.61
CA LEU C 767 20.06 6.15 -16.66
C LEU C 767 21.52 6.54 -16.78
N THR C 768 22.42 5.83 -16.08
CA THR C 768 23.84 6.04 -16.31
C THR C 768 24.24 5.65 -17.71
N GLY C 769 23.61 4.63 -18.29
CA GLY C 769 23.86 4.30 -19.68
C GLY C 769 23.51 5.44 -20.61
N ILE C 770 22.26 5.92 -20.54
CA ILE C 770 21.78 6.98 -21.42
C ILE C 770 22.63 8.24 -21.24
N ALA C 771 23.06 8.48 -20.01
CA ALA C 771 24.00 9.57 -19.77
C ALA C 771 25.35 9.35 -20.46
N VAL C 772 25.87 8.11 -20.43
CA VAL C 772 27.22 7.93 -20.94
C VAL C 772 27.22 7.90 -22.47
N GLU C 773 26.24 7.26 -23.14
CA GLU C 773 26.31 7.42 -24.60
C GLU C 773 25.84 8.79 -25.03
N GLN C 774 25.01 9.48 -24.26
CA GLN C 774 24.64 10.83 -24.63
C GLN C 774 25.84 11.78 -24.55
N ASP C 775 26.66 11.64 -23.51
CA ASP C 775 27.91 12.41 -23.46
C ASP C 775 28.89 11.93 -24.53
N LYS C 776 28.82 10.66 -24.92
CA LYS C 776 29.69 10.15 -25.97
C LYS C 776 29.32 10.69 -27.35
N ASN C 777 28.03 11.00 -27.57
CA ASN C 777 27.53 11.37 -28.89
C ASN C 777 28.18 12.61 -29.48
N THR C 778 28.72 13.50 -28.64
CA THR C 778 29.32 14.72 -29.15
C THR C 778 30.69 14.47 -29.78
N GLN C 779 31.33 13.36 -29.45
CA GLN C 779 32.72 13.14 -29.89
C GLN C 779 32.81 12.88 -31.39
N GLU C 780 31.98 11.99 -31.92
CA GLU C 780 32.07 11.66 -33.33
C GLU C 780 31.47 12.73 -34.23
N VAL C 781 30.79 13.73 -33.66
CA VAL C 781 30.23 14.82 -34.45
C VAL C 781 31.03 16.11 -34.27
N PHE C 782 31.84 16.23 -33.21
CA PHE C 782 32.64 17.42 -32.97
C PHE C 782 34.13 17.13 -32.97
N ALA C 783 34.57 16.12 -32.22
CA ALA C 783 35.99 15.77 -32.14
C ALA C 783 36.38 14.81 -33.26
N GLN C 784 36.06 15.20 -34.49
CA GLN C 784 36.42 14.41 -35.65
C GLN C 784 37.91 14.52 -35.97
N VAL C 785 38.53 15.64 -35.64
CA VAL C 785 39.95 15.84 -35.87
C VAL C 785 40.65 15.99 -34.54
N LYS C 786 41.93 15.58 -34.51
CA LYS C 786 42.72 15.69 -33.28
C LYS C 786 43.92 16.58 -33.53
N GLN C 787 43.69 17.70 -34.24
CA GLN C 787 44.76 18.65 -34.53
C GLN C 787 44.10 20.03 -34.61
N ILE C 788 44.09 20.75 -33.49
CA ILE C 788 43.43 22.04 -33.43
C ILE C 788 44.26 23.07 -34.18
N TYR C 789 43.57 23.95 -34.90
CA TYR C 789 44.21 24.98 -35.72
C TYR C 789 43.76 26.36 -35.26
N LYS C 790 44.44 27.38 -35.78
CA LYS C 790 44.08 28.76 -35.53
C LYS C 790 44.04 29.50 -36.86
N THR C 791 43.26 30.56 -36.89
CA THR C 791 43.20 31.36 -38.11
C THR C 791 44.42 32.27 -38.22
N PRO C 792 44.87 32.55 -39.45
CA PRO C 792 45.92 33.55 -39.62
C PRO C 792 45.42 34.92 -39.26
N PRO C 793 46.31 35.84 -38.86
CA PRO C 793 45.86 37.18 -38.49
C PRO C 793 45.35 38.00 -39.66
N ILE C 794 46.04 37.96 -40.80
CA ILE C 794 45.61 38.71 -41.97
C ILE C 794 44.61 37.88 -42.76
N LYS C 795 43.72 38.56 -43.49
CA LYS C 795 42.67 37.90 -44.27
C LYS C 795 42.67 38.48 -45.68
N TYR C 796 43.59 37.99 -46.51
CA TYR C 796 43.58 38.29 -47.95
C TYR C 796 42.87 37.19 -48.71
N PHE C 797 41.61 36.97 -48.36
CA PHE C 797 40.86 35.82 -48.89
C PHE C 797 40.13 36.15 -50.19
N GLY C 798 40.86 36.76 -51.14
CA GLY C 798 40.29 37.06 -52.45
C GLY C 798 39.08 37.98 -52.43
N GLY C 799 38.95 38.81 -51.40
CA GLY C 799 37.77 39.64 -51.25
C GLY C 799 36.60 38.97 -50.55
N PHE C 800 36.72 37.70 -50.20
CA PHE C 800 35.66 37.02 -49.46
C PHE C 800 35.62 37.54 -48.03
N ASN C 801 34.42 37.80 -47.53
CA ASN C 801 34.26 38.27 -46.16
C ASN C 801 33.77 37.13 -45.29
N PHE C 802 34.58 36.73 -44.30
CA PHE C 802 34.22 35.67 -43.37
C PHE C 802 34.09 36.19 -41.94
N SER C 803 33.79 37.47 -41.77
CA SER C 803 33.68 38.05 -40.44
C SER C 803 32.51 37.48 -39.64
N GLN C 804 31.51 36.95 -40.32
CA GLN C 804 30.33 36.43 -39.62
C GLN C 804 30.58 35.06 -39.00
N ILE C 805 31.48 34.26 -39.56
CA ILE C 805 31.74 32.93 -39.02
C ILE C 805 32.95 32.90 -38.10
N LEU C 806 33.90 33.81 -38.27
CA LEU C 806 35.14 33.74 -37.51
C LEU C 806 34.88 34.19 -36.07
N PRO C 807 35.32 33.43 -35.07
CA PRO C 807 35.16 33.86 -33.68
C PRO C 807 35.92 35.15 -33.41
N ASP C 808 35.27 36.07 -32.69
CA ASP C 808 35.78 37.42 -32.54
C ASP C 808 36.56 37.54 -31.24
N PRO C 809 37.85 37.87 -31.29
CA PRO C 809 38.63 37.97 -30.05
C PRO C 809 38.22 39.12 -29.15
N SER C 810 37.61 40.19 -29.70
CA SER C 810 37.19 41.30 -28.85
C SER C 810 35.98 40.92 -28.00
N LYS C 811 35.16 39.99 -28.47
CA LYS C 811 34.09 39.46 -27.65
C LYS C 811 34.67 38.64 -26.50
N PRO C 812 34.22 38.85 -25.26
CA PRO C 812 34.73 38.03 -24.14
C PRO C 812 34.42 36.56 -24.28
N SER C 813 33.30 36.21 -24.90
CA SER C 813 33.00 34.84 -25.26
C SER C 813 33.57 34.55 -26.65
N LYS C 814 34.41 33.51 -26.74
CA LYS C 814 35.10 33.19 -27.99
C LYS C 814 34.12 32.52 -28.94
N ARG C 815 33.28 33.34 -29.57
CA ARG C 815 32.23 32.85 -30.46
C ARG C 815 32.05 33.83 -31.62
N SER C 816 31.52 33.30 -32.71
CA SER C 816 31.16 34.12 -33.87
C SER C 816 29.87 34.89 -33.58
N PRO C 817 29.58 35.96 -34.33
CA PRO C 817 28.27 36.61 -34.20
C PRO C 817 27.11 35.69 -34.51
N ILE C 818 27.29 34.74 -35.43
CA ILE C 818 26.25 33.73 -35.69
C ILE C 818 26.04 32.88 -34.45
N GLU C 819 27.13 32.51 -33.76
CA GLU C 819 27.01 31.78 -32.50
C GLU C 819 26.29 32.62 -31.44
N ASP C 820 26.55 33.93 -31.42
CA ASP C 820 25.86 34.80 -30.48
C ASP C 820 24.36 34.86 -30.75
N LEU C 821 23.98 34.99 -32.03
CA LEU C 821 22.56 35.00 -32.38
C LEU C 821 21.90 33.66 -32.07
N LEU C 822 22.58 32.55 -32.35
CA LEU C 822 22.02 31.24 -32.03
C LEU C 822 21.88 31.02 -30.53
N PHE C 823 22.84 31.51 -29.73
CA PHE C 823 22.75 31.37 -28.29
C PHE C 823 21.67 32.27 -27.70
N ASN C 824 21.49 33.46 -28.27
CA ASN C 824 20.51 34.40 -27.74
C ASN C 824 19.09 33.97 -28.12
N LYS C 825 18.89 33.53 -29.37
CA LYS C 825 17.56 33.15 -29.82
C LYS C 825 17.05 31.87 -29.16
N VAL C 826 17.95 31.04 -28.65
CA VAL C 826 17.56 29.82 -27.94
C VAL C 826 17.55 30.10 -26.45
N THR C 827 16.42 29.83 -25.81
CA THR C 827 16.28 30.06 -24.38
C THR C 827 17.09 29.05 -23.58
N LEU C 849 12.37 27.40 -11.66
CA LEU C 849 11.77 26.12 -11.96
C LEU C 849 12.82 25.01 -11.95
N ILE C 850 14.07 25.38 -12.26
CA ILE C 850 15.15 24.41 -12.34
C ILE C 850 15.49 23.88 -10.95
N CYS C 851 15.56 24.77 -9.96
CA CYS C 851 15.91 24.36 -8.61
C CYS C 851 14.82 23.50 -7.97
N ALA C 852 13.56 23.84 -8.22
CA ALA C 852 12.45 23.05 -7.66
C ALA C 852 12.42 21.64 -8.23
N GLN C 853 12.67 21.51 -9.53
CA GLN C 853 12.76 20.18 -10.14
C GLN C 853 14.00 19.43 -9.68
N LYS C 854 15.11 20.15 -9.47
CA LYS C 854 16.32 19.51 -8.98
C LYS C 854 16.14 18.97 -7.57
N PHE C 855 15.44 19.71 -6.71
CA PHE C 855 15.39 19.43 -5.28
C PHE C 855 14.58 18.19 -4.93
N ASN C 856 13.86 17.61 -5.90
CA ASN C 856 13.16 16.34 -5.68
C ASN C 856 13.98 15.14 -6.13
N GLY C 857 15.31 15.29 -6.22
CA GLY C 857 16.16 14.17 -6.60
C GLY C 857 16.28 13.94 -8.09
N LEU C 858 15.63 14.75 -8.90
CA LEU C 858 15.74 14.64 -10.36
C LEU C 858 16.97 15.41 -10.82
N THR C 859 18.13 14.78 -10.62
CA THR C 859 19.39 15.47 -10.80
C THR C 859 19.73 15.59 -12.28
N VAL C 860 19.92 16.81 -12.74
CA VAL C 860 20.42 17.05 -14.09
C VAL C 860 21.94 16.97 -14.03
N LEU C 861 22.53 16.41 -15.09
CA LEU C 861 23.97 16.23 -15.08
C LEU C 861 24.60 17.08 -16.18
N PRO C 862 25.68 17.81 -15.86
CA PRO C 862 26.34 18.60 -16.89
C PRO C 862 27.06 17.71 -17.87
N PRO C 863 27.15 18.11 -19.14
CA PRO C 863 27.93 17.34 -20.11
C PRO C 863 29.43 17.49 -19.85
N LEU C 864 30.21 16.59 -20.45
CA LEU C 864 31.65 16.70 -20.37
C LEU C 864 32.13 17.94 -21.12
N LEU C 865 31.42 18.32 -22.17
CA LEU C 865 31.82 19.41 -23.05
C LEU C 865 31.00 20.65 -22.72
N THR C 866 31.67 21.76 -22.45
CA THR C 866 30.97 23.03 -22.32
C THR C 866 31.08 23.76 -23.66
N ASP C 867 30.63 25.02 -23.68
CA ASP C 867 30.56 25.76 -24.93
C ASP C 867 31.94 26.18 -25.42
N GLU C 868 32.91 26.30 -24.51
CA GLU C 868 34.19 26.92 -24.86
C GLU C 868 35.02 26.04 -25.78
N MET C 869 35.33 24.82 -25.35
CA MET C 869 36.16 23.98 -26.21
C MET C 869 35.40 23.41 -27.41
N ILE C 870 34.06 23.35 -27.37
CA ILE C 870 33.37 22.97 -28.60
C ILE C 870 33.37 24.14 -29.58
N ALA C 871 33.37 25.38 -29.07
CA ALA C 871 33.57 26.54 -29.94
C ALA C 871 34.97 26.53 -30.53
N GLN C 872 35.96 26.11 -29.73
CA GLN C 872 37.32 25.95 -30.25
C GLN C 872 37.39 24.84 -31.29
N TYR C 873 36.62 23.76 -31.09
CA TYR C 873 36.55 22.68 -32.07
C TYR C 873 35.96 23.18 -33.39
N THR C 874 34.88 23.96 -33.32
CA THR C 874 34.29 24.52 -34.53
C THR C 874 35.23 25.50 -35.21
N SER C 875 35.96 26.29 -34.41
CA SER C 875 36.94 27.21 -34.98
C SER C 875 38.05 26.44 -35.69
N ALA C 876 38.50 25.33 -35.10
CA ALA C 876 39.51 24.49 -35.74
C ALA C 876 38.98 23.88 -37.02
N LEU C 877 37.71 23.47 -37.03
CA LEU C 877 37.12 22.89 -38.24
C LEU C 877 37.04 23.92 -39.36
N LEU C 878 36.56 25.13 -39.05
CA LEU C 878 36.50 26.18 -40.06
C LEU C 878 37.89 26.58 -40.53
N ALA C 879 38.87 26.64 -39.62
CA ALA C 879 40.24 26.96 -40.01
C ALA C 879 40.80 25.89 -40.94
N GLY C 880 40.58 24.61 -40.61
CA GLY C 880 41.07 23.53 -41.45
C GLY C 880 40.41 23.51 -42.82
N THR C 881 39.14 23.88 -42.89
CA THR C 881 38.51 23.90 -44.20
C THR C 881 38.71 25.21 -44.96
N ILE C 882 39.26 26.24 -44.33
CA ILE C 882 39.49 27.49 -45.07
C ILE C 882 40.94 27.63 -45.49
N THR C 883 41.90 27.13 -44.71
CA THR C 883 43.30 27.34 -45.06
C THR C 883 44.00 26.07 -45.53
N SER C 884 43.36 24.91 -45.38
CA SER C 884 43.96 23.66 -45.83
C SER C 884 43.04 22.85 -46.73
N GLY C 885 41.87 23.38 -47.06
CA GLY C 885 40.96 22.64 -47.92
C GLY C 885 40.35 21.45 -47.20
N TRP C 886 40.20 20.35 -47.92
CA TRP C 886 39.68 19.12 -47.34
C TRP C 886 40.73 18.04 -47.20
N THR C 887 41.99 18.31 -47.56
CA THR C 887 43.04 17.32 -47.43
C THR C 887 43.42 17.05 -45.99
N PHE C 888 43.06 17.95 -45.07
CA PHE C 888 43.35 17.74 -43.65
C PHE C 888 42.47 16.67 -43.03
N GLY C 889 41.41 16.24 -43.71
CA GLY C 889 40.60 15.16 -43.20
C GLY C 889 41.23 13.78 -43.32
N ALA C 890 42.35 13.67 -44.04
CA ALA C 890 43.03 12.39 -44.22
C ALA C 890 44.29 12.31 -43.37
N GLY C 891 45.23 13.24 -43.56
CA GLY C 891 46.47 13.23 -42.84
C GLY C 891 46.88 14.62 -42.41
N PRO C 892 48.12 15.01 -42.71
CA PRO C 892 48.57 16.37 -42.38
C PRO C 892 47.90 17.40 -43.28
N ALA C 893 47.67 18.58 -42.71
CA ALA C 893 47.03 19.65 -43.46
C ALA C 893 47.97 20.21 -44.51
N LEU C 894 47.43 20.49 -45.68
CA LEU C 894 48.19 21.05 -46.79
C LEU C 894 47.59 22.40 -47.17
N GLN C 895 48.40 23.46 -47.08
CA GLN C 895 47.93 24.82 -47.27
C GLN C 895 47.54 25.06 -48.73
N ILE C 896 46.33 25.59 -48.91
CA ILE C 896 45.75 25.84 -50.22
C ILE C 896 45.27 27.28 -50.29
N PRO C 897 45.49 27.99 -51.40
CA PRO C 897 44.77 29.24 -51.61
C PRO C 897 43.29 29.00 -51.80
N PHE C 898 42.49 29.95 -51.30
CA PHE C 898 41.04 29.81 -51.40
C PHE C 898 40.50 29.82 -52.83
N PRO C 899 40.91 30.71 -53.75
CA PRO C 899 40.47 30.55 -55.15
C PRO C 899 40.93 29.26 -55.80
N MET C 900 42.09 28.72 -55.39
CA MET C 900 42.48 27.39 -55.86
C MET C 900 41.48 26.33 -55.38
N GLN C 901 41.03 26.45 -54.14
CA GLN C 901 40.06 25.50 -53.61
C GLN C 901 38.71 25.63 -54.32
N MET C 902 38.30 26.86 -54.63
CA MET C 902 37.04 27.03 -55.36
C MET C 902 37.17 26.51 -56.79
N ALA C 903 38.35 26.64 -57.39
CA ALA C 903 38.61 26.02 -58.68
C ALA C 903 38.52 24.50 -58.60
N TYR C 904 39.03 23.93 -57.51
CA TYR C 904 38.89 22.49 -57.26
C TYR C 904 37.43 22.09 -57.16
N ARG C 905 36.64 22.87 -56.43
CA ARG C 905 35.24 22.53 -56.21
C ARG C 905 34.42 22.67 -57.49
N PHE C 906 34.74 23.68 -58.32
CA PHE C 906 34.09 23.79 -59.62
C PHE C 906 34.51 22.66 -60.55
N ASN C 907 35.77 22.23 -60.48
CA ASN C 907 36.22 21.08 -61.23
C ASN C 907 35.46 19.82 -60.81
N GLY C 908 35.14 19.71 -59.53
CA GLY C 908 34.36 18.60 -59.04
C GLY C 908 32.92 18.57 -59.54
N ILE C 909 32.38 19.70 -59.97
CA ILE C 909 30.98 19.76 -60.40
C ILE C 909 31.01 19.80 -61.93
N GLY C 910 32.16 19.47 -62.51
CA GLY C 910 32.30 19.49 -63.95
C GLY C 910 32.25 20.87 -64.55
N VAL C 911 32.80 21.86 -63.85
CA VAL C 911 32.89 23.23 -64.35
C VAL C 911 34.36 23.56 -64.48
N THR C 912 34.76 24.01 -65.67
CA THR C 912 36.15 24.39 -65.89
C THR C 912 36.53 25.60 -65.04
N GLN C 913 37.78 25.60 -64.57
CA GLN C 913 38.24 26.58 -63.59
C GLN C 913 38.28 27.99 -64.16
N ASN C 914 38.48 28.12 -65.48
CA ASN C 914 38.62 29.43 -66.11
C ASN C 914 37.38 30.30 -65.99
N VAL C 915 36.22 29.68 -65.75
CA VAL C 915 35.01 30.45 -65.47
C VAL C 915 35.17 31.24 -64.19
N LEU C 916 35.64 30.58 -63.13
CA LEU C 916 35.66 31.18 -61.78
C LEU C 916 36.52 32.42 -61.74
N TYR C 917 37.77 32.30 -62.22
CA TYR C 917 38.68 33.44 -62.25
C TYR C 917 38.23 34.53 -63.20
N GLU C 918 37.27 34.25 -64.08
CA GLU C 918 36.72 35.30 -64.93
C GLU C 918 35.76 36.20 -64.17
N ASN C 919 35.18 35.73 -63.06
CA ASN C 919 34.14 36.50 -62.39
C ASN C 919 34.16 36.40 -60.87
N GLN C 920 35.25 35.88 -60.28
CA GLN C 920 35.25 35.51 -58.86
C GLN C 920 34.98 36.70 -57.95
N LYS C 921 35.49 37.88 -58.30
CA LYS C 921 35.24 39.09 -57.53
C LYS C 921 33.74 39.35 -57.43
N LEU C 922 33.04 39.29 -58.56
CA LEU C 922 31.58 39.36 -58.56
C LEU C 922 31.01 38.30 -57.63
N ILE C 923 31.44 37.04 -57.82
CA ILE C 923 31.01 35.94 -56.96
C ILE C 923 31.32 36.26 -55.51
N ALA C 924 32.52 36.81 -55.26
CA ALA C 924 32.92 37.17 -53.91
C ALA C 924 31.91 38.14 -53.30
N ASN C 925 31.61 39.22 -54.01
CA ASN C 925 30.64 40.18 -53.52
C ASN C 925 29.27 39.53 -53.39
N GLN C 926 28.92 38.71 -54.38
CA GLN C 926 27.63 38.04 -54.36
C GLN C 926 27.59 37.03 -53.21
N PHE C 927 28.73 36.38 -52.95
CA PHE C 927 28.82 35.49 -51.79
C PHE C 927 28.55 36.26 -50.50
N ASN C 928 29.12 37.46 -50.39
CA ASN C 928 28.89 38.29 -49.22
C ASN C 928 27.42 38.61 -49.08
N SER C 929 26.77 38.88 -50.22
CA SER C 929 25.34 39.20 -50.19
C SER C 929 24.54 38.02 -49.66
N ALA C 930 24.98 36.80 -50.01
CA ALA C 930 24.34 35.61 -49.46
C ALA C 930 24.43 35.60 -47.94
N ILE C 931 25.63 35.82 -47.40
CA ILE C 931 25.77 35.91 -45.96
C ILE C 931 25.08 37.16 -45.45
N GLY C 932 25.01 38.20 -46.29
CA GLY C 932 24.30 39.41 -45.94
C GLY C 932 22.81 39.21 -45.75
N LYS C 933 22.28 38.09 -46.22
CA LYS C 933 20.89 37.76 -45.93
C LYS C 933 20.75 36.88 -44.71
N ILE C 934 21.75 36.02 -44.44
CA ILE C 934 21.48 34.80 -43.69
C ILE C 934 21.15 35.10 -42.23
N GLN C 935 21.79 36.12 -41.64
CA GLN C 935 21.48 36.50 -40.27
C GLN C 935 20.04 36.99 -40.16
N ASP C 936 19.60 37.78 -41.14
CA ASP C 936 18.20 38.19 -41.19
C ASP C 936 17.31 36.97 -41.35
N SER C 937 17.77 35.98 -42.13
CA SER C 937 17.03 34.73 -42.26
C SER C 937 16.96 33.97 -40.95
N LEU C 938 17.94 34.17 -40.07
CA LEU C 938 17.84 33.62 -38.73
C LEU C 938 16.96 34.48 -37.83
N SER C 939 16.91 35.78 -38.07
CA SER C 939 16.20 36.70 -37.19
C SER C 939 14.82 37.09 -37.71
N SER C 940 14.42 36.60 -38.89
CA SER C 940 13.10 36.94 -39.43
C SER C 940 12.00 36.26 -38.61
N THR C 941 12.15 34.98 -38.33
CA THR C 941 11.16 34.21 -37.60
C THR C 941 11.86 33.25 -36.66
N PRO C 942 11.25 32.95 -35.51
CA PRO C 942 11.75 31.87 -34.66
C PRO C 942 11.19 30.49 -34.98
N SER C 943 10.46 30.35 -36.10
CA SER C 943 9.94 29.04 -36.48
C SER C 943 11.04 28.14 -37.02
N ALA C 944 12.13 28.73 -37.54
CA ALA C 944 13.24 27.94 -38.05
C ALA C 944 14.02 27.26 -36.93
N LEU C 945 13.95 27.78 -35.71
CA LEU C 945 14.64 27.20 -34.57
C LEU C 945 13.79 26.22 -33.79
N GLY C 946 12.70 25.73 -34.39
CA GLY C 946 11.82 24.81 -33.69
C GLY C 946 12.40 23.42 -33.50
N LYS C 947 13.47 23.09 -34.22
CA LYS C 947 14.05 21.75 -34.14
C LYS C 947 14.82 21.51 -32.86
N LEU C 948 15.10 22.55 -32.07
CA LEU C 948 15.79 22.41 -30.79
C LEU C 948 14.98 22.87 -29.60
N GLN C 949 14.01 23.77 -29.81
CA GLN C 949 13.12 24.14 -28.72
C GLN C 949 12.25 22.97 -28.30
N ASP C 950 11.84 22.14 -29.26
CA ASP C 950 11.02 20.98 -28.96
C ASP C 950 11.78 19.95 -28.14
N VAL C 951 13.11 19.85 -28.33
CA VAL C 951 13.89 18.93 -27.53
C VAL C 951 13.92 19.38 -26.07
N VAL C 952 14.08 20.68 -25.84
CA VAL C 952 14.20 21.20 -24.48
C VAL C 952 12.86 21.15 -23.75
N ASN C 953 11.79 21.64 -24.41
CA ASN C 953 10.52 21.78 -23.68
C ASN C 953 9.86 20.43 -23.45
N HIS C 954 10.14 19.45 -24.31
CA HIS C 954 9.64 18.09 -24.08
C HIS C 954 10.26 17.49 -22.84
N ASN C 955 11.57 17.67 -22.65
CA ASN C 955 12.24 17.19 -21.45
C ASN C 955 11.70 17.93 -20.22
N ALA C 956 11.48 19.24 -20.36
CA ALA C 956 10.96 20.04 -19.26
C ALA C 956 9.57 19.59 -18.85
N GLN C 957 8.69 19.35 -19.83
CA GLN C 957 7.34 18.91 -19.49
C GLN C 957 7.31 17.46 -19.03
N ALA C 958 8.28 16.64 -19.48
CA ALA C 958 8.38 15.29 -18.96
C ALA C 958 8.78 15.28 -17.49
N LEU C 959 9.68 16.20 -17.11
CA LEU C 959 10.00 16.33 -15.69
C LEU C 959 8.82 16.92 -14.91
N ASN C 960 8.10 17.87 -15.51
CA ASN C 960 6.96 18.49 -14.83
C ASN C 960 5.82 17.49 -14.61
N THR C 961 5.53 16.66 -15.61
CA THR C 961 4.48 15.66 -15.45
C THR C 961 4.92 14.51 -14.54
N LEU C 962 6.22 14.38 -14.27
CA LEU C 962 6.67 13.42 -13.28
C LEU C 962 6.54 13.99 -11.88
N VAL C 963 6.89 15.27 -11.70
CA VAL C 963 6.89 15.85 -10.35
C VAL C 963 5.47 16.08 -9.87
N LYS C 964 4.49 16.14 -10.77
CA LYS C 964 3.10 16.27 -10.35
C LYS C 964 2.50 14.93 -9.97
N GLN C 965 3.19 13.82 -10.21
CA GLN C 965 2.67 12.52 -9.85
C GLN C 965 2.75 12.25 -8.35
N LEU C 966 3.53 13.03 -7.61
CA LEU C 966 3.62 12.82 -6.16
C LEU C 966 2.30 13.14 -5.48
N SER C 967 1.62 14.21 -5.90
CA SER C 967 0.32 14.58 -5.35
C SER C 967 -0.76 13.83 -6.11
N SER C 968 -0.89 12.55 -5.80
CA SER C 968 -1.83 11.66 -6.47
C SER C 968 -2.55 10.80 -5.44
N LYS C 969 -3.84 10.58 -5.69
CA LYS C 969 -4.69 9.82 -4.77
C LYS C 969 -4.75 8.36 -5.20
N PHE C 970 -3.60 7.68 -5.15
CA PHE C 970 -3.51 6.34 -5.73
C PHE C 970 -4.22 5.30 -4.90
N GLY C 971 -5.55 5.34 -4.88
CA GLY C 971 -6.35 4.40 -4.13
C GLY C 971 -6.25 4.53 -2.62
N ALA C 972 -5.63 5.60 -2.12
CA ALA C 972 -5.41 5.78 -0.70
C ALA C 972 -6.15 7.02 -0.21
N ILE C 973 -5.93 7.37 1.05
CA ILE C 973 -6.59 8.53 1.64
C ILE C 973 -5.81 9.81 1.38
N SER C 974 -4.50 9.79 1.58
CA SER C 974 -3.68 10.97 1.42
C SER C 974 -2.43 10.62 0.62
N SER C 975 -1.96 11.59 -0.17
CA SER C 975 -0.73 11.42 -0.93
C SER C 975 0.51 11.67 -0.11
N VAL C 976 0.38 12.33 1.03
CA VAL C 976 1.51 12.54 1.94
C VAL C 976 1.86 11.22 2.58
N LEU C 977 3.16 10.93 2.68
CA LEU C 977 3.59 9.69 3.32
C LEU C 977 3.44 9.77 4.83
N ASN C 978 3.69 10.94 5.42
CA ASN C 978 3.85 11.03 6.87
C ASN C 978 2.51 10.99 7.59
N ASP C 979 1.46 11.58 7.01
CA ASP C 979 0.18 11.60 7.72
C ASP C 979 -0.52 10.24 7.69
N ILE C 980 -0.14 9.36 6.77
CA ILE C 980 -0.59 7.98 6.85
C ILE C 980 0.01 7.29 8.07
N LEU C 981 1.29 7.56 8.32
CA LEU C 981 1.95 7.04 9.53
C LEU C 981 1.32 7.61 10.79
N SER C 982 1.08 8.91 10.80
CA SER C 982 0.47 9.57 11.96
C SER C 982 -1.02 9.33 12.08
N ARG C 983 -1.64 8.73 11.06
CA ARG C 983 -3.08 8.48 11.03
C ARG C 983 -3.43 7.02 11.33
N LEU C 984 -2.60 6.08 10.87
CA LEU C 984 -2.91 4.68 10.99
C LEU C 984 -1.74 3.94 11.65
N ASP C 985 -2.09 2.90 12.38
CA ASP C 985 -1.21 1.95 13.05
C ASP C 985 -0.48 1.10 12.02
N PRO C 986 0.68 0.53 12.35
CA PRO C 986 1.45 -0.26 11.37
C PRO C 986 0.77 -1.49 10.77
N PRO C 987 -0.10 -2.26 11.46
CA PRO C 987 -0.64 -3.43 10.76
C PRO C 987 -1.79 -3.13 9.80
N GLU C 988 -2.07 -1.86 9.49
CA GLU C 988 -3.05 -1.54 8.46
C GLU C 988 -2.59 -0.47 7.48
N ALA C 989 -1.47 0.21 7.72
CA ALA C 989 -1.02 1.26 6.81
C ALA C 989 -0.34 0.73 5.57
N GLU C 990 0.09 -0.54 5.58
CA GLU C 990 0.82 -1.08 4.44
C GLU C 990 -0.06 -1.20 3.19
N VAL C 991 -1.37 -1.41 3.37
CA VAL C 991 -2.27 -1.49 2.23
C VAL C 991 -2.48 -0.11 1.61
N GLN C 992 -2.21 0.96 2.35
CA GLN C 992 -2.23 2.31 1.80
C GLN C 992 -0.87 2.75 1.28
N ILE C 993 0.21 2.15 1.76
CA ILE C 993 1.54 2.47 1.24
C ILE C 993 1.80 1.78 -0.10
N ASP C 994 1.53 0.47 -0.18
CA ASP C 994 1.98 -0.32 -1.33
C ASP C 994 1.31 0.10 -2.63
N ARG C 995 0.07 0.59 -2.55
CA ARG C 995 -0.61 1.11 -3.73
C ARG C 995 0.10 2.35 -4.28
N LEU C 996 0.54 3.25 -3.40
CA LEU C 996 1.31 4.41 -3.84
C LEU C 996 2.68 3.99 -4.36
N ILE C 997 3.27 2.98 -3.74
CA ILE C 997 4.55 2.44 -4.21
C ILE C 997 4.42 1.95 -5.64
N THR C 998 3.38 1.15 -5.90
CA THR C 998 3.17 0.59 -7.24
C THR C 998 2.85 1.69 -8.25
N GLY C 999 2.05 2.69 -7.85
CA GLY C 999 1.71 3.76 -8.77
C GLY C 999 2.90 4.60 -9.17
N ARG C 1000 3.71 5.00 -8.19
CA ARG C 1000 4.90 5.78 -8.51
C ARG C 1000 5.93 4.95 -9.26
N LEU C 1001 6.00 3.63 -8.98
CA LEU C 1001 6.89 2.77 -9.73
C LEU C 1001 6.46 2.67 -11.19
N GLN C 1002 5.14 2.57 -11.44
CA GLN C 1002 4.65 2.52 -12.81
C GLN C 1002 4.91 3.83 -13.53
N SER C 1003 4.77 4.95 -12.83
CA SER C 1003 5.12 6.25 -13.41
C SER C 1003 6.60 6.32 -13.78
N LEU C 1004 7.47 5.80 -12.91
CA LEU C 1004 8.89 5.79 -13.19
C LEU C 1004 9.23 4.88 -14.37
N GLN C 1005 8.53 3.74 -14.47
CA GLN C 1005 8.72 2.85 -15.62
C GLN C 1005 8.31 3.52 -16.92
N THR C 1006 7.17 4.23 -16.90
CA THR C 1006 6.74 4.97 -18.08
C THR C 1006 7.76 6.05 -18.46
N TYR C 1007 8.30 6.74 -17.45
CA TYR C 1007 9.28 7.79 -17.72
C TYR C 1007 10.55 7.22 -18.34
N VAL C 1008 11.08 6.12 -17.79
CA VAL C 1008 12.34 5.59 -18.31
C VAL C 1008 12.12 4.97 -19.69
N THR C 1009 10.93 4.40 -19.93
CA THR C 1009 10.61 3.86 -21.24
C THR C 1009 10.54 4.97 -22.29
N GLN C 1010 9.86 6.06 -21.96
CA GLN C 1010 9.75 7.18 -22.90
C GLN C 1010 11.11 7.83 -23.12
N GLN C 1011 11.95 7.86 -22.07
CA GLN C 1011 13.32 8.36 -22.23
C GLN C 1011 14.12 7.48 -23.17
N LEU C 1012 13.92 6.16 -23.10
CA LEU C 1012 14.59 5.26 -24.04
C LEU C 1012 14.12 5.51 -25.48
N ILE C 1013 12.81 5.72 -25.65
CA ILE C 1013 12.25 5.99 -26.97
C ILE C 1013 12.85 7.26 -27.56
N ARG C 1014 12.94 8.32 -26.76
CA ARG C 1014 13.55 9.56 -27.24
C ARG C 1014 15.04 9.39 -27.49
N ALA C 1015 15.73 8.64 -26.62
CA ALA C 1015 17.17 8.46 -26.73
C ALA C 1015 17.56 7.75 -28.01
N ALA C 1016 16.80 6.72 -28.39
CA ALA C 1016 17.11 5.98 -29.61
C ALA C 1016 17.06 6.87 -30.85
N GLU C 1017 15.99 7.66 -30.99
CA GLU C 1017 15.86 8.47 -32.19
C GLU C 1017 16.81 9.67 -32.17
N ILE C 1018 17.09 10.23 -30.99
CA ILE C 1018 18.04 11.35 -30.97
C ILE C 1018 19.46 10.85 -31.24
N ARG C 1019 19.77 9.61 -30.86
CA ARG C 1019 21.07 9.05 -31.18
C ARG C 1019 21.17 8.73 -32.67
N ALA C 1020 20.06 8.29 -33.27
CA ALA C 1020 20.04 8.11 -34.72
C ALA C 1020 20.25 9.43 -35.45
N SER C 1021 19.61 10.50 -34.97
CA SER C 1021 19.80 11.82 -35.55
C SER C 1021 21.23 12.31 -35.35
N ALA C 1022 21.83 12.01 -34.19
CA ALA C 1022 23.21 12.39 -33.95
C ALA C 1022 24.17 11.63 -34.85
N ASN C 1023 23.87 10.36 -35.12
CA ASN C 1023 24.68 9.59 -36.05
C ASN C 1023 24.58 10.16 -37.47
N LEU C 1024 23.38 10.58 -37.87
CA LEU C 1024 23.22 11.23 -39.17
C LEU C 1024 23.97 12.56 -39.21
N ALA C 1025 23.97 13.29 -38.09
CA ALA C 1025 24.72 14.55 -38.02
C ALA C 1025 26.22 14.31 -38.11
N ALA C 1026 26.71 13.23 -37.47
CA ALA C 1026 28.12 12.89 -37.59
C ALA C 1026 28.47 12.47 -39.01
N THR C 1027 27.54 11.77 -39.67
CA THR C 1027 27.74 11.43 -41.08
C THR C 1027 27.83 12.69 -41.94
N LYS C 1028 26.99 13.69 -41.65
CA LYS C 1028 27.06 14.95 -42.38
C LYS C 1028 28.32 15.72 -42.07
N MET C 1029 28.82 15.60 -40.83
CA MET C 1029 30.13 16.15 -40.48
C MET C 1029 31.23 15.51 -41.31
N SER C 1030 31.17 14.19 -41.46
CA SER C 1030 32.18 13.50 -42.26
C SER C 1030 32.09 13.86 -43.74
N GLU C 1031 30.87 13.95 -44.28
CA GLU C 1031 30.66 14.09 -45.71
C GLU C 1031 30.66 15.54 -46.17
N CYS C 1032 29.73 16.34 -45.66
CA CYS C 1032 29.52 17.69 -46.17
C CYS C 1032 30.65 18.64 -45.79
N VAL C 1033 31.34 18.40 -44.68
CA VAL C 1033 32.34 19.33 -44.16
C VAL C 1033 33.74 18.92 -44.59
N LEU C 1034 34.10 17.66 -44.43
CA LEU C 1034 35.43 17.20 -44.75
C LEU C 1034 35.62 16.85 -46.22
N GLY C 1035 34.59 17.03 -47.04
CA GLY C 1035 34.71 16.78 -48.46
C GLY C 1035 33.58 17.41 -49.21
N GLN C 1036 33.65 17.29 -50.54
CA GLN C 1036 32.58 17.72 -51.43
C GLN C 1036 31.85 16.46 -51.87
N SER C 1037 30.80 16.09 -51.13
CA SER C 1037 30.07 14.86 -51.41
C SER C 1037 29.30 14.98 -52.72
N LYS C 1038 29.45 13.97 -53.57
CA LYS C 1038 28.83 13.97 -54.90
C LYS C 1038 27.37 13.58 -54.85
N ARG C 1039 26.86 13.19 -53.69
CA ARG C 1039 25.46 12.84 -53.56
C ARG C 1039 24.57 14.07 -53.70
N VAL C 1040 23.42 13.88 -54.33
CA VAL C 1040 22.50 14.97 -54.62
C VAL C 1040 21.50 15.09 -53.47
N ASP C 1041 21.18 16.33 -53.10
CA ASP C 1041 20.22 16.70 -52.08
C ASP C 1041 20.54 16.13 -50.71
N PHE C 1042 21.81 15.81 -50.44
CA PHE C 1042 22.23 15.37 -49.12
C PHE C 1042 23.02 16.43 -48.38
N CYS C 1043 23.82 17.23 -49.10
CA CYS C 1043 24.57 18.33 -48.52
C CYS C 1043 23.99 19.67 -48.94
N GLY C 1044 22.67 19.78 -49.00
CA GLY C 1044 22.01 21.01 -49.36
C GLY C 1044 20.98 20.81 -50.45
N LYS C 1045 20.79 21.82 -51.29
CA LYS C 1045 19.87 21.73 -52.42
C LYS C 1045 20.68 21.86 -53.70
N GLY C 1046 20.51 20.90 -54.60
CA GLY C 1046 21.22 20.92 -55.85
C GLY C 1046 22.67 20.49 -55.72
N TYR C 1047 23.49 20.91 -56.69
CA TYR C 1047 24.91 20.61 -56.67
C TYR C 1047 25.56 21.34 -55.51
N HIS C 1048 26.18 20.57 -54.61
CA HIS C 1048 26.73 21.11 -53.39
C HIS C 1048 28.20 21.50 -53.59
N LEU C 1049 28.52 22.73 -53.22
CA LEU C 1049 29.91 23.18 -53.18
C LEU C 1049 30.57 22.95 -51.83
N MET C 1050 30.05 23.55 -50.77
CA MET C 1050 30.84 23.61 -49.55
C MET C 1050 29.89 23.87 -48.38
N SER C 1051 30.37 23.57 -47.17
CA SER C 1051 29.54 23.64 -45.97
C SER C 1051 30.30 24.24 -44.80
N PHE C 1052 29.54 24.87 -43.91
CA PHE C 1052 29.91 25.56 -42.69
C PHE C 1052 29.17 24.96 -41.50
N PRO C 1053 29.89 24.37 -40.54
CA PRO C 1053 29.26 23.94 -39.29
C PRO C 1053 29.33 25.01 -38.22
N GLN C 1054 28.22 25.18 -37.51
CA GLN C 1054 28.19 26.11 -36.40
C GLN C 1054 27.49 25.44 -35.23
N SER C 1055 28.02 25.66 -34.02
CA SER C 1055 27.48 25.02 -32.84
C SER C 1055 26.16 25.68 -32.42
N ALA C 1056 25.44 25.00 -31.53
CA ALA C 1056 24.21 25.51 -30.96
C ALA C 1056 23.98 24.77 -29.65
N PRO C 1057 23.22 25.36 -28.70
CA PRO C 1057 22.91 24.65 -27.46
C PRO C 1057 22.16 23.35 -27.71
N HIS C 1058 22.85 22.24 -27.46
CA HIS C 1058 22.38 20.88 -27.75
C HIS C 1058 22.06 20.69 -29.23
N GLY C 1059 22.82 21.30 -30.12
CA GLY C 1059 22.53 21.11 -31.53
C GLY C 1059 23.62 21.65 -32.43
N VAL C 1060 23.46 21.38 -33.73
CA VAL C 1060 24.33 21.94 -34.76
C VAL C 1060 23.47 22.59 -35.83
N VAL C 1061 24.04 23.59 -36.49
CA VAL C 1061 23.41 24.19 -37.66
C VAL C 1061 24.41 24.17 -38.81
N PHE C 1062 23.92 23.87 -39.99
CA PHE C 1062 24.75 23.73 -41.18
C PHE C 1062 24.36 24.82 -42.17
N LEU C 1063 25.35 25.60 -42.58
CA LEU C 1063 25.25 26.50 -43.71
C LEU C 1063 25.78 25.75 -44.93
N HIS C 1064 25.02 25.73 -46.00
CA HIS C 1064 25.42 25.04 -47.22
C HIS C 1064 25.44 26.02 -48.37
N VAL C 1065 26.59 26.18 -49.01
CA VAL C 1065 26.69 26.96 -50.24
C VAL C 1065 26.72 25.97 -51.41
N THR C 1066 25.81 26.19 -52.34
CA THR C 1066 25.55 25.30 -53.47
C THR C 1066 25.68 26.08 -54.76
N TYR C 1067 25.17 25.51 -55.85
CA TYR C 1067 25.26 26.12 -57.17
C TYR C 1067 23.97 25.86 -57.93
N VAL C 1068 23.27 26.92 -58.33
CA VAL C 1068 22.04 26.79 -59.09
C VAL C 1068 22.15 27.67 -60.34
N PRO C 1069 21.54 27.27 -61.46
CA PRO C 1069 21.52 28.15 -62.63
C PRO C 1069 20.55 29.32 -62.42
N ALA C 1070 20.80 30.41 -63.14
CA ALA C 1070 19.98 31.60 -63.04
C ALA C 1070 18.96 31.70 -64.18
N GLN C 1071 19.44 31.74 -65.42
CA GLN C 1071 18.56 31.70 -66.58
C GLN C 1071 19.12 30.72 -67.61
N GLU C 1072 18.31 30.41 -68.61
CA GLU C 1072 18.66 29.39 -69.59
C GLU C 1072 18.04 29.76 -70.93
N LYS C 1073 18.53 29.11 -71.98
CA LYS C 1073 18.03 29.34 -73.33
C LYS C 1073 17.90 28.00 -74.05
N ASN C 1074 16.99 27.98 -75.02
CA ASN C 1074 16.71 26.78 -75.81
C ASN C 1074 17.27 26.92 -77.21
N PHE C 1075 17.88 25.84 -77.71
CA PHE C 1075 18.50 25.81 -79.01
C PHE C 1075 18.24 24.45 -79.65
N THR C 1076 18.82 24.24 -80.82
CA THR C 1076 18.73 22.98 -81.55
C THR C 1076 20.03 22.21 -81.40
N THR C 1077 19.94 20.96 -80.95
CA THR C 1077 21.10 20.12 -80.67
C THR C 1077 21.23 19.02 -81.72
N ALA C 1078 22.34 18.28 -81.62
CA ALA C 1078 22.62 17.12 -82.46
C ALA C 1078 23.61 16.23 -81.75
N PRO C 1079 23.42 14.91 -81.77
CA PRO C 1079 24.28 14.05 -80.95
C PRO C 1079 25.66 13.79 -81.55
N ALA C 1080 25.86 14.07 -82.83
CA ALA C 1080 27.14 13.79 -83.49
C ALA C 1080 27.27 14.69 -84.71
N ILE C 1081 28.32 14.46 -85.49
CA ILE C 1081 28.60 15.29 -86.66
C ILE C 1081 29.27 14.43 -87.73
N CYS C 1082 29.13 14.86 -88.99
CA CYS C 1082 29.74 14.17 -90.12
C CYS C 1082 30.86 15.01 -90.70
N HIS C 1083 31.91 14.33 -91.16
CA HIS C 1083 32.97 14.97 -91.95
C HIS C 1083 33.67 13.90 -92.76
N ASP C 1084 33.74 14.13 -94.08
CA ASP C 1084 34.21 13.15 -95.07
C ASP C 1084 33.44 11.83 -94.96
N GLY C 1085 32.13 11.94 -94.72
CA GLY C 1085 31.31 10.75 -94.50
C GLY C 1085 31.63 10.00 -93.23
N LYS C 1086 32.30 10.64 -92.28
CA LYS C 1086 32.80 9.99 -91.08
C LYS C 1086 32.13 10.58 -89.86
N ALA C 1087 31.74 9.72 -88.92
CA ALA C 1087 31.03 10.14 -87.72
C ALA C 1087 32.00 10.58 -86.64
N HIS C 1088 31.68 11.69 -85.98
CA HIS C 1088 32.48 12.22 -84.89
C HIS C 1088 31.55 12.60 -83.75
N PHE C 1089 32.00 12.35 -82.52
CA PHE C 1089 31.24 12.44 -81.27
C PHE C 1089 31.94 13.38 -80.30
N PRO C 1090 31.22 14.05 -79.41
CA PRO C 1090 31.87 14.99 -78.49
C PRO C 1090 32.70 14.26 -77.45
N ARG C 1091 33.92 14.78 -77.22
CA ARG C 1091 34.77 14.25 -76.16
C ARG C 1091 34.13 14.44 -74.80
N GLU C 1092 33.64 15.65 -74.53
CA GLU C 1092 32.86 15.94 -73.32
C GLU C 1092 32.05 17.20 -73.58
N GLY C 1093 30.73 17.08 -73.50
CA GLY C 1093 29.87 18.22 -73.75
C GLY C 1093 28.80 17.93 -74.77
N VAL C 1094 28.00 18.94 -75.12
CA VAL C 1094 26.90 18.80 -76.05
C VAL C 1094 27.12 19.75 -77.23
N PHE C 1095 26.83 19.25 -78.43
CA PHE C 1095 26.80 20.10 -79.60
C PHE C 1095 25.59 21.03 -79.55
N VAL C 1096 25.68 22.17 -80.23
CA VAL C 1096 24.64 23.18 -80.21
C VAL C 1096 24.80 24.03 -81.46
N SER C 1097 23.70 24.66 -81.88
CA SER C 1097 23.74 25.55 -83.04
C SER C 1097 22.93 26.80 -82.75
N ASN C 1098 23.36 27.92 -83.35
CA ASN C 1098 22.63 29.17 -83.28
C ASN C 1098 21.79 29.42 -84.52
N GLY C 1099 21.63 28.41 -85.37
CA GLY C 1099 20.95 28.56 -86.64
C GLY C 1099 21.86 28.86 -87.80
N THR C 1100 23.09 29.32 -87.55
CA THR C 1100 24.06 29.62 -88.59
C THR C 1100 25.28 28.69 -88.52
N HIS C 1101 25.89 28.57 -87.35
CA HIS C 1101 27.07 27.74 -87.19
C HIS C 1101 26.86 26.71 -86.09
N TRP C 1102 27.81 25.81 -85.92
CA TRP C 1102 27.74 24.78 -84.89
C TRP C 1102 28.90 24.95 -83.91
N PHE C 1103 28.58 24.89 -82.63
CA PHE C 1103 29.56 24.99 -81.56
C PHE C 1103 29.35 23.82 -80.60
N VAL C 1104 30.29 23.67 -79.67
CA VAL C 1104 30.20 22.62 -78.65
C VAL C 1104 30.41 23.27 -77.29
N THR C 1105 29.64 22.84 -76.30
CA THR C 1105 29.72 23.42 -74.97
C THR C 1105 29.78 22.30 -73.93
N GLN C 1106 29.92 22.71 -72.68
CA GLN C 1106 29.96 21.78 -71.56
C GLN C 1106 28.55 21.62 -70.99
N ARG C 1107 28.46 20.93 -69.84
CA ARG C 1107 27.16 20.46 -69.36
C ARG C 1107 26.31 21.57 -68.73
N ASN C 1108 26.93 22.62 -68.20
CA ASN C 1108 26.16 23.59 -67.40
C ASN C 1108 26.41 25.04 -67.82
N PHE C 1109 27.12 25.28 -68.92
CA PHE C 1109 27.36 26.64 -69.38
C PHE C 1109 27.37 26.71 -70.89
N TYR C 1110 26.97 27.86 -71.40
CA TYR C 1110 27.05 28.17 -72.83
C TYR C 1110 28.38 28.88 -73.09
N GLU C 1111 29.34 28.14 -73.61
CA GLU C 1111 30.53 28.74 -74.17
C GLU C 1111 30.68 28.13 -75.56
N PRO C 1112 30.83 28.94 -76.60
CA PRO C 1112 30.98 28.41 -77.94
C PRO C 1112 32.43 28.04 -78.26
N GLN C 1113 32.57 26.84 -78.82
CA GLN C 1113 33.88 26.38 -79.26
C GLN C 1113 33.72 25.69 -80.61
N ILE C 1114 34.59 26.05 -81.54
CA ILE C 1114 34.56 25.44 -82.87
C ILE C 1114 34.97 23.97 -82.75
N ILE C 1115 34.30 23.11 -83.49
CA ILE C 1115 34.58 21.68 -83.44
C ILE C 1115 35.93 21.42 -84.09
N THR C 1116 36.84 20.84 -83.33
CA THR C 1116 38.21 20.59 -83.79
C THR C 1116 38.53 19.16 -83.37
N THR C 1117 39.56 18.58 -84.00
CA THR C 1117 39.95 17.20 -83.75
C THR C 1117 40.28 16.95 -82.27
N ASP C 1118 40.82 17.95 -81.58
CA ASP C 1118 41.05 17.83 -80.15
C ASP C 1118 39.81 18.09 -79.30
N ASN C 1119 38.70 18.51 -79.89
CA ASN C 1119 37.45 18.67 -79.17
C ASN C 1119 36.51 17.47 -79.33
N THR C 1120 36.75 16.61 -80.32
CA THR C 1120 35.85 15.51 -80.63
C THR C 1120 36.68 14.23 -80.79
N PHE C 1121 35.99 13.12 -81.05
CA PHE C 1121 36.69 11.88 -81.34
C PHE C 1121 35.90 11.10 -82.37
N VAL C 1122 36.60 10.20 -83.07
CA VAL C 1122 36.08 9.54 -84.25
C VAL C 1122 35.74 8.08 -83.91
N SER C 1123 34.55 7.65 -84.34
CA SER C 1123 34.13 6.26 -84.24
C SER C 1123 32.92 6.07 -85.16
N GLY C 1124 33.00 5.11 -86.07
CA GLY C 1124 31.86 4.74 -86.87
C GLY C 1124 31.66 5.59 -88.11
N ASN C 1125 30.44 5.53 -88.64
CA ASN C 1125 30.11 6.19 -89.89
C ASN C 1125 28.77 6.91 -89.82
N CYS C 1126 28.33 7.50 -90.93
CA CYS C 1126 27.20 8.42 -90.93
C CYS C 1126 25.90 7.79 -91.43
N ASP C 1127 25.66 6.52 -91.13
CA ASP C 1127 24.38 5.92 -91.47
C ASP C 1127 23.77 5.14 -90.31
N VAL C 1128 24.61 4.73 -89.35
CA VAL C 1128 24.12 3.90 -88.26
C VAL C 1128 23.62 4.73 -87.08
N VAL C 1129 23.82 6.03 -87.09
CA VAL C 1129 23.45 6.90 -85.98
C VAL C 1129 22.29 7.79 -86.42
N ILE C 1130 21.47 8.20 -85.46
CA ILE C 1130 20.25 8.96 -85.71
C ILE C 1130 20.41 10.37 -85.17
N GLY C 1131 20.02 11.36 -85.97
CA GLY C 1131 20.10 12.75 -85.56
C GLY C 1131 21.36 13.47 -85.98
N ILE C 1132 22.24 12.81 -86.72
CA ILE C 1132 23.51 13.41 -87.11
C ILE C 1132 23.28 14.35 -88.29
N VAL C 1133 24.09 15.41 -88.35
CA VAL C 1133 23.96 16.42 -89.39
C VAL C 1133 25.32 16.64 -90.06
N ASN C 1134 25.28 17.14 -91.29
CA ASN C 1134 26.49 17.35 -92.06
C ASN C 1134 27.07 18.74 -91.79
N ASN C 1135 28.38 18.78 -91.58
CA ASN C 1135 29.10 20.03 -91.37
C ASN C 1135 30.57 19.78 -91.67
N THR C 1136 31.40 20.79 -91.45
CA THR C 1136 32.83 20.67 -91.60
C THR C 1136 33.52 20.76 -90.24
N VAL C 1137 34.77 20.31 -90.21
CA VAL C 1137 35.58 20.34 -88.99
C VAL C 1137 36.90 21.01 -89.35
N TYR C 1138 37.55 21.60 -88.34
CA TYR C 1138 38.80 22.32 -88.54
C TYR C 1138 39.98 21.41 -88.22
N ASP C 1139 40.95 21.39 -89.12
CA ASP C 1139 42.18 20.60 -88.94
C ASP C 1139 43.29 21.49 -88.39
N PRO C 1140 43.77 21.23 -87.17
CA PRO C 1140 44.84 22.03 -86.56
C PRO C 1140 46.19 21.85 -87.25
N SER D 1 -49.05 1.47 48.83
CA SER D 1 -48.45 2.12 49.98
C SER D 1 -49.03 1.58 51.28
N THR D 2 -48.28 0.69 51.93
CA THR D 2 -48.69 0.11 53.20
C THR D 2 -48.33 1.06 54.34
N ILE D 3 -48.55 0.63 55.58
CA ILE D 3 -48.26 1.49 56.72
C ILE D 3 -46.75 1.55 56.96
N GLU D 4 -46.00 0.53 56.54
CA GLU D 4 -44.55 0.52 56.74
C GLU D 4 -43.84 1.43 55.75
N GLU D 5 -44.34 1.50 54.51
CA GLU D 5 -43.69 2.32 53.49
C GLU D 5 -43.86 3.81 53.80
N GLN D 6 -45.02 4.21 54.33
CA GLN D 6 -45.16 5.58 54.80
C GLN D 6 -44.52 5.78 56.17
N ALA D 7 -44.42 4.72 56.98
CA ALA D 7 -43.79 4.81 58.29
C ALA D 7 -42.30 5.08 58.19
N LYS D 8 -41.62 4.47 57.21
CA LYS D 8 -40.19 4.71 57.05
C LYS D 8 -39.91 6.14 56.58
N THR D 9 -40.80 6.70 55.74
CA THR D 9 -40.65 8.08 55.32
C THR D 9 -40.89 9.05 56.47
N PHE D 10 -41.94 8.78 57.27
CA PHE D 10 -42.19 9.57 58.47
C PHE D 10 -41.04 9.48 59.45
N LEU D 11 -40.45 8.29 59.59
CA LEU D 11 -39.33 8.09 60.48
C LEU D 11 -38.08 8.82 60.00
N ASP D 12 -37.84 8.83 58.69
CA ASP D 12 -36.66 9.54 58.16
C ASP D 12 -36.82 11.05 58.29
N LYS D 13 -38.01 11.58 58.01
CA LYS D 13 -38.26 13.01 58.19
C LYS D 13 -38.12 13.40 59.67
N PHE D 14 -38.69 12.57 60.56
CA PHE D 14 -38.50 12.77 62.00
C PHE D 14 -37.04 12.72 62.40
N ASN D 15 -36.26 11.81 61.82
CA ASN D 15 -34.85 11.68 62.18
C ASN D 15 -34.08 12.94 61.78
N HIS D 16 -34.37 13.48 60.60
CA HIS D 16 -33.70 14.71 60.16
C HIS D 16 -34.05 15.90 61.05
N GLU D 17 -35.36 16.15 61.26
CA GLU D 17 -35.73 17.32 62.05
C GLU D 17 -35.37 17.14 63.53
N ALA D 18 -35.40 15.91 64.03
CA ALA D 18 -35.07 15.64 65.41
C ALA D 18 -33.56 15.75 65.64
N GLU D 19 -32.73 15.37 64.66
CA GLU D 19 -31.30 15.58 64.83
C GLU D 19 -30.96 17.06 64.73
N ASP D 20 -31.70 17.83 63.93
CA ASP D 20 -31.50 19.29 63.92
C ASP D 20 -31.83 19.90 65.29
N LEU D 21 -33.00 19.58 65.83
CA LEU D 21 -33.40 20.13 67.12
C LEU D 21 -32.54 19.59 68.26
N PHE D 22 -32.06 18.36 68.14
CA PHE D 22 -31.16 17.79 69.14
C PHE D 22 -29.81 18.48 69.11
N TYR D 23 -29.32 18.83 67.92
CA TYR D 23 -28.08 19.61 67.82
C TYR D 23 -28.25 20.99 68.45
N GLN D 24 -29.41 21.63 68.21
CA GLN D 24 -29.66 22.93 68.82
C GLN D 24 -29.69 22.84 70.34
N SER D 25 -30.45 21.88 70.88
CA SER D 25 -30.55 21.71 72.33
C SER D 25 -29.21 21.32 72.94
N SER D 26 -28.43 20.50 72.24
CA SER D 26 -27.17 20.04 72.81
C SER D 26 -26.08 21.12 72.75
N LEU D 27 -26.09 21.97 71.72
CA LEU D 27 -25.16 23.10 71.73
C LEU D 27 -25.56 24.11 72.81
N ALA D 28 -26.86 24.27 73.03
CA ALA D 28 -27.32 25.08 74.16
C ALA D 28 -26.82 24.50 75.48
N SER D 29 -26.93 23.17 75.63
CA SER D 29 -26.53 22.54 76.88
C SER D 29 -25.02 22.62 77.07
N TRP D 30 -24.26 22.57 75.98
CA TRP D 30 -22.82 22.75 76.09
C TRP D 30 -22.46 24.17 76.52
N ASN D 31 -23.04 25.19 75.88
CA ASN D 31 -22.59 26.53 76.24
C ASN D 31 -23.22 27.04 77.53
N TYR D 32 -24.19 26.32 78.10
CA TYR D 32 -24.54 26.56 79.50
C TYR D 32 -23.60 25.80 80.44
N ASN D 33 -23.30 24.54 80.13
CA ASN D 33 -22.46 23.76 81.05
C ASN D 33 -21.00 24.18 81.00
N THR D 34 -20.62 25.02 80.05
CA THR D 34 -19.31 25.67 80.08
C THR D 34 -19.39 27.13 80.49
N ASN D 35 -20.58 27.71 80.58
CA ASN D 35 -20.74 29.12 80.93
C ASN D 35 -22.10 29.30 81.60
N ILE D 36 -22.10 29.48 82.93
CA ILE D 36 -23.33 29.70 83.69
C ILE D 36 -23.71 31.17 83.49
N THR D 37 -24.66 31.42 82.60
CA THR D 37 -25.09 32.78 82.28
C THR D 37 -26.59 32.74 82.01
N GLU D 38 -27.29 33.82 82.40
CA GLU D 38 -28.75 33.86 82.29
C GLU D 38 -29.23 33.79 80.85
N GLU D 39 -28.43 34.25 79.89
CA GLU D 39 -28.79 34.07 78.48
C GLU D 39 -28.76 32.59 78.12
N ASN D 40 -27.83 31.82 78.69
CA ASN D 40 -27.84 30.38 78.49
C ASN D 40 -28.97 29.73 79.27
N VAL D 41 -29.46 30.38 80.34
CA VAL D 41 -30.63 29.88 81.05
C VAL D 41 -31.88 30.04 80.19
N GLN D 42 -32.03 31.18 79.52
CA GLN D 42 -33.16 31.34 78.62
C GLN D 42 -33.01 30.45 77.39
N ASN D 43 -31.76 30.12 77.03
CA ASN D 43 -31.51 29.13 75.99
C ASN D 43 -31.97 27.74 76.42
N MET D 44 -31.71 27.38 77.70
CA MET D 44 -32.30 26.18 78.30
C MET D 44 -33.81 26.15 78.18
N ASN D 45 -34.48 27.24 78.60
CA ASN D 45 -35.94 27.26 78.58
C ASN D 45 -36.48 27.10 77.16
N ASN D 46 -35.97 27.91 76.22
CA ASN D 46 -36.49 27.85 74.86
C ASN D 46 -36.20 26.52 74.18
N ALA D 47 -34.96 26.01 74.30
CA ALA D 47 -34.61 24.76 73.63
C ALA D 47 -35.35 23.58 74.23
N GLY D 48 -35.43 23.50 75.56
CA GLY D 48 -36.16 22.40 76.17
C GLY D 48 -37.64 22.44 75.89
N ASP D 49 -38.24 23.64 75.89
CA ASP D 49 -39.67 23.76 75.63
C ASP D 49 -40.00 23.39 74.17
N LYS D 50 -39.17 23.86 73.23
CA LYS D 50 -39.46 23.53 71.83
C LYS D 50 -39.19 22.06 71.54
N TRP D 51 -38.19 21.46 72.21
CA TRP D 51 -37.94 20.03 72.02
C TRP D 51 -39.06 19.20 72.62
N SER D 52 -39.59 19.58 73.79
CA SER D 52 -40.71 18.87 74.37
C SER D 52 -41.97 18.99 73.52
N ALA D 53 -42.25 20.20 73.01
CA ALA D 53 -43.41 20.39 72.15
C ALA D 53 -43.28 19.61 70.85
N PHE D 54 -42.08 19.60 70.26
CA PHE D 54 -41.83 18.83 69.05
C PHE D 54 -41.98 17.33 69.28
N LEU D 55 -41.45 16.84 70.41
CA LEU D 55 -41.58 15.42 70.72
C LEU D 55 -43.03 15.02 70.95
N LYS D 56 -43.79 15.85 71.67
CA LYS D 56 -45.21 15.55 71.90
C LYS D 56 -46.00 15.57 70.61
N GLU D 57 -45.76 16.58 69.75
CA GLU D 57 -46.48 16.68 68.48
C GLU D 57 -46.17 15.52 67.56
N GLN D 58 -44.89 15.12 67.47
CA GLN D 58 -44.55 14.00 66.60
C GLN D 58 -44.97 12.67 67.21
N SER D 59 -45.06 12.58 68.54
CA SER D 59 -45.63 11.38 69.16
C SER D 59 -47.11 11.25 68.84
N THR D 60 -47.85 12.37 68.88
CA THR D 60 -49.25 12.33 68.47
C THR D 60 -49.40 11.98 67.00
N LEU D 61 -48.48 12.43 66.14
CA LEU D 61 -48.51 12.01 64.74
C LEU D 61 -48.15 10.54 64.58
N ALA D 62 -47.29 10.02 65.46
CA ALA D 62 -46.86 8.63 65.36
C ALA D 62 -47.84 7.65 65.97
N GLN D 63 -48.76 8.11 66.82
CA GLN D 63 -49.75 7.22 67.42
C GLN D 63 -50.71 6.58 66.41
N MET D 64 -50.87 7.16 65.22
CA MET D 64 -51.86 6.63 64.29
C MET D 64 -51.33 5.41 63.53
N TYR D 65 -50.02 5.18 63.58
CA TYR D 65 -49.45 4.01 62.92
C TYR D 65 -49.60 2.78 63.82
N PRO D 66 -50.26 1.72 63.34
CA PRO D 66 -50.30 0.48 64.12
C PRO D 66 -48.94 -0.21 64.12
N LEU D 67 -48.61 -0.83 65.26
CA LEU D 67 -47.34 -1.50 65.43
C LEU D 67 -47.39 -2.99 65.14
N GLN D 68 -48.53 -3.51 64.68
CA GLN D 68 -48.68 -4.94 64.46
C GLN D 68 -48.52 -5.36 63.00
N GLU D 69 -48.85 -4.48 62.05
CA GLU D 69 -48.72 -4.80 60.63
C GLU D 69 -47.30 -4.61 60.13
N ILE D 70 -46.53 -3.72 60.75
CA ILE D 70 -45.15 -3.48 60.35
C ILE D 70 -44.31 -4.70 60.65
N GLN D 71 -43.41 -5.06 59.73
CA GLN D 71 -42.55 -6.22 59.87
C GLN D 71 -41.09 -5.86 60.17
N ASN D 72 -40.58 -4.75 59.62
CA ASN D 72 -39.19 -4.37 59.82
C ASN D 72 -38.93 -4.01 61.28
N LEU D 73 -37.88 -4.60 61.85
CA LEU D 73 -37.66 -4.52 63.29
C LEU D 73 -37.23 -3.13 63.73
N THR D 74 -36.41 -2.45 62.91
CA THR D 74 -35.99 -1.10 63.25
C THR D 74 -37.18 -0.14 63.26
N VAL D 75 -38.08 -0.29 62.30
CA VAL D 75 -39.29 0.53 62.26
C VAL D 75 -40.16 0.23 63.47
N LYS D 76 -40.26 -1.05 63.85
CA LYS D 76 -41.00 -1.45 65.05
C LYS D 76 -40.46 -0.76 66.28
N LEU D 77 -39.14 -0.85 66.51
CA LEU D 77 -38.54 -0.28 67.72
C LEU D 77 -38.63 1.24 67.74
N GLN D 78 -38.39 1.88 66.58
CA GLN D 78 -38.39 3.33 66.56
C GLN D 78 -39.80 3.90 66.71
N LEU D 79 -40.80 3.27 66.09
CA LEU D 79 -42.16 3.74 66.28
C LEU D 79 -42.71 3.36 67.64
N GLN D 80 -42.20 2.28 68.25
CA GLN D 80 -42.60 1.93 69.61
C GLN D 80 -42.06 2.96 70.61
N ALA D 81 -40.81 3.40 70.43
CA ALA D 81 -40.29 4.47 71.27
C ALA D 81 -40.95 5.80 70.93
N LEU D 82 -41.45 5.94 69.70
CA LEU D 82 -42.19 7.14 69.34
C LEU D 82 -43.59 7.14 69.93
N GLN D 83 -44.21 5.97 70.07
CA GLN D 83 -45.57 5.87 70.57
C GLN D 83 -45.65 5.81 72.09
N GLN D 84 -44.58 6.20 72.79
CA GLN D 84 -44.62 6.32 74.24
C GLN D 84 -45.41 7.57 74.61
N ASN D 85 -46.56 7.39 75.24
CA ASN D 85 -47.39 8.54 75.60
C ASN D 85 -46.76 9.35 76.74
N GLY D 86 -46.20 8.66 77.73
CA GLY D 86 -45.54 9.37 78.83
C GLY D 86 -46.56 10.01 79.74
N SER D 87 -46.29 11.26 80.13
CA SER D 87 -47.18 12.01 81.01
C SER D 87 -48.39 12.59 80.29
N SER D 88 -48.43 12.50 78.96
CA SER D 88 -49.56 13.02 78.18
C SER D 88 -50.81 12.17 78.31
N VAL D 89 -50.71 10.95 78.85
CA VAL D 89 -51.88 10.10 79.02
C VAL D 89 -52.76 10.59 80.17
N LEU D 90 -52.23 11.44 81.05
CA LEU D 90 -52.95 11.86 82.24
C LEU D 90 -53.97 12.95 81.90
N SER D 91 -54.61 13.48 82.94
CA SER D 91 -55.28 14.76 82.81
C SER D 91 -54.24 15.88 82.83
N GLU D 92 -54.66 17.07 82.39
CA GLU D 92 -53.76 18.22 82.38
C GLU D 92 -53.37 18.61 83.80
N ASP D 93 -54.36 18.71 84.70
CA ASP D 93 -54.07 19.06 86.08
C ASP D 93 -53.30 17.97 86.80
N LYS D 94 -53.60 16.69 86.48
CA LYS D 94 -52.84 15.59 87.07
C LYS D 94 -51.39 15.59 86.61
N SER D 95 -51.16 15.87 85.32
CA SER D 95 -49.79 15.95 84.81
C SER D 95 -49.04 17.13 85.42
N LYS D 96 -49.72 18.27 85.56
CA LYS D 96 -49.09 19.43 86.20
C LYS D 96 -48.76 19.15 87.66
N ARG D 97 -49.66 18.45 88.36
CA ARG D 97 -49.41 18.07 89.75
C ARG D 97 -48.22 17.14 89.86
N LEU D 98 -48.11 16.15 88.97
CA LEU D 98 -46.99 15.22 89.03
C LEU D 98 -45.67 15.91 88.67
N ASN D 99 -45.69 16.81 87.68
CA ASN D 99 -44.48 17.54 87.34
C ASN D 99 -44.03 18.46 88.47
N THR D 100 -44.98 19.14 89.13
CA THR D 100 -44.62 19.97 90.28
C THR D 100 -44.13 19.12 91.44
N ILE D 101 -44.68 17.92 91.63
CA ILE D 101 -44.21 17.01 92.66
C ILE D 101 -42.77 16.60 92.39
N LEU D 102 -42.46 16.26 91.14
CA LEU D 102 -41.09 15.90 90.77
C LEU D 102 -40.13 17.07 90.97
N ASN D 103 -40.54 18.26 90.55
CA ASN D 103 -39.67 19.44 90.68
C ASN D 103 -39.43 19.79 92.14
N THR D 104 -40.47 19.75 92.98
CA THR D 104 -40.27 20.11 94.37
C THR D 104 -39.54 19.02 95.14
N MET D 105 -39.65 17.75 94.72
CA MET D 105 -38.82 16.71 95.31
C MET D 105 -37.36 16.92 94.96
N SER D 106 -37.08 17.33 93.71
CA SER D 106 -35.72 17.65 93.29
C SER D 106 -35.17 18.82 94.09
N THR D 107 -35.97 19.86 94.31
CA THR D 107 -35.49 21.01 95.07
C THR D 107 -35.32 20.70 96.55
N ILE D 108 -36.17 19.84 97.12
CA ILE D 108 -35.98 19.42 98.52
C ILE D 108 -34.69 18.62 98.67
N TYR D 109 -34.42 17.70 97.72
CA TYR D 109 -33.18 16.93 97.82
C TYR D 109 -31.95 17.82 97.58
N SER D 110 -32.04 18.76 96.64
CA SER D 110 -30.90 19.61 96.33
C SER D 110 -30.62 20.63 97.42
N THR D 111 -31.66 21.23 98.00
CA THR D 111 -31.51 22.28 99.00
C THR D 111 -31.65 21.77 100.43
N GLY D 112 -31.72 20.46 100.63
CA GLY D 112 -31.81 19.94 101.98
C GLY D 112 -30.50 20.09 102.73
N LYS D 113 -30.47 21.02 103.66
CA LYS D 113 -29.28 21.32 104.46
C LYS D 113 -29.59 21.07 105.92
N VAL D 114 -28.70 20.36 106.60
CA VAL D 114 -28.90 20.05 108.02
C VAL D 114 -28.54 21.27 108.86
N CYS D 115 -29.46 21.66 109.75
CA CYS D 115 -29.22 22.77 110.68
C CYS D 115 -29.47 22.34 112.12
N ASN D 116 -29.64 21.04 112.36
CA ASN D 116 -29.88 20.53 113.71
C ASN D 116 -28.74 20.77 114.71
N PRO D 117 -27.45 20.49 114.42
CA PRO D 117 -26.44 20.55 115.49
C PRO D 117 -26.21 21.96 116.01
N ASP D 118 -26.31 22.11 117.33
CA ASP D 118 -26.06 23.33 118.12
C ASP D 118 -27.04 24.42 117.64
N ASN D 119 -26.65 25.69 117.68
CA ASN D 119 -27.50 26.77 117.25
C ASN D 119 -27.62 26.77 115.72
N PRO D 120 -28.72 27.33 115.16
CA PRO D 120 -28.96 27.19 113.72
C PRO D 120 -28.08 28.04 112.80
N GLN D 121 -27.04 28.71 113.32
CA GLN D 121 -26.08 29.35 112.42
C GLN D 121 -25.26 28.30 111.67
N GLU D 122 -24.84 27.25 112.37
CA GLU D 122 -24.05 26.19 111.75
C GLU D 122 -24.97 25.29 110.93
N CYS D 123 -25.07 25.58 109.64
CA CYS D 123 -25.85 24.77 108.70
C CYS D 123 -24.87 24.16 107.70
N LEU D 124 -24.39 22.96 108.00
CA LEU D 124 -23.42 22.27 107.16
C LEU D 124 -24.06 21.80 105.86
N LEU D 125 -23.35 22.02 104.76
CA LEU D 125 -23.89 21.69 103.45
C LEU D 125 -23.87 20.17 103.23
N LEU D 126 -24.68 19.75 102.25
CA LEU D 126 -24.84 18.32 101.98
C LEU D 126 -23.70 17.77 101.14
N GLU D 127 -23.47 18.35 99.96
CA GLU D 127 -22.52 17.76 99.02
C GLU D 127 -21.06 17.99 99.41
N PRO D 128 -20.58 19.23 99.70
CA PRO D 128 -19.17 19.33 100.10
C PRO D 128 -18.94 19.04 101.58
N GLY D 129 -19.96 19.20 102.40
CA GLY D 129 -19.81 19.07 103.84
C GLY D 129 -20.11 17.72 104.44
N LEU D 130 -21.31 17.20 104.16
CA LEU D 130 -21.79 16.03 104.89
C LEU D 130 -21.09 14.75 104.44
N ASN D 131 -20.90 14.58 103.14
CA ASN D 131 -20.20 13.40 102.63
C ASN D 131 -18.74 13.40 103.05
N GLU D 132 -18.13 14.59 103.14
CA GLU D 132 -16.76 14.68 103.61
C GLU D 132 -16.65 14.33 105.09
N ILE D 133 -17.60 14.81 105.90
CA ILE D 133 -17.48 14.60 107.35
C ILE D 133 -17.88 13.19 107.75
N MET D 134 -18.71 12.50 106.95
CA MET D 134 -18.93 11.07 107.16
C MET D 134 -17.89 10.17 106.52
N ALA D 135 -17.24 10.61 105.44
CA ALA D 135 -16.27 9.75 104.77
C ALA D 135 -15.03 9.53 105.62
N ASN D 136 -14.57 10.57 106.31
CA ASN D 136 -13.39 10.50 107.16
C ASN D 136 -13.75 11.01 108.55
N SER D 137 -14.04 10.08 109.46
CA SER D 137 -14.38 10.41 110.83
C SER D 137 -14.08 9.20 111.72
N LEU D 138 -14.09 9.43 113.03
CA LEU D 138 -13.80 8.38 113.99
C LEU D 138 -14.78 8.40 115.17
N ASP D 139 -15.88 9.15 115.06
CA ASP D 139 -16.83 9.31 116.15
C ASP D 139 -18.16 8.66 115.77
N TYR D 140 -18.64 7.76 116.63
CA TYR D 140 -19.92 7.11 116.41
C TYR D 140 -21.08 8.07 116.64
N ASN D 141 -20.98 8.91 117.67
CA ASN D 141 -22.11 9.75 118.09
C ASN D 141 -22.41 10.84 117.06
N GLU D 142 -21.37 11.46 116.52
CA GLU D 142 -21.56 12.49 115.49
C GLU D 142 -22.16 11.90 114.22
N ARG D 143 -21.69 10.72 113.82
CA ARG D 143 -22.25 10.04 112.65
C ARG D 143 -23.72 9.69 112.87
N LEU D 144 -24.05 9.19 114.06
CA LEU D 144 -25.44 8.87 114.38
C LEU D 144 -26.32 10.12 114.37
N TRP D 145 -25.82 11.22 114.94
CA TRP D 145 -26.58 12.47 114.96
C TRP D 145 -26.81 13.01 113.55
N ALA D 146 -25.77 12.99 112.71
CA ALA D 146 -25.93 13.50 111.34
C ALA D 146 -26.85 12.60 110.53
N TRP D 147 -26.76 11.28 110.72
CA TRP D 147 -27.68 10.35 110.07
C TRP D 147 -29.13 10.65 110.44
N GLU D 148 -29.40 10.72 111.74
CA GLU D 148 -30.77 10.95 112.21
C GLU D 148 -31.28 12.31 111.76
N SER D 149 -30.42 13.33 111.78
CA SER D 149 -30.83 14.67 111.37
C SER D 149 -31.22 14.70 109.89
N TRP D 150 -30.36 14.19 109.01
CA TRP D 150 -30.65 14.20 107.58
C TRP D 150 -31.88 13.36 107.27
N ARG D 151 -31.95 12.15 107.83
CA ARG D 151 -33.04 11.25 107.52
C ARG D 151 -34.38 11.81 108.01
N SER D 152 -34.39 12.45 109.19
CA SER D 152 -35.60 13.07 109.69
C SER D 152 -36.03 14.25 108.82
N GLU D 153 -35.10 15.18 108.54
CA GLU D 153 -35.53 16.40 107.85
C GLU D 153 -35.80 16.17 106.37
N VAL D 154 -35.40 15.03 105.81
CA VAL D 154 -35.81 14.66 104.48
C VAL D 154 -37.09 13.85 104.48
N GLY D 155 -37.21 12.86 105.37
CA GLY D 155 -38.39 12.00 105.37
C GLY D 155 -39.66 12.71 105.79
N LYS D 156 -39.59 13.56 106.82
CA LYS D 156 -40.76 14.28 107.28
C LYS D 156 -41.29 15.26 106.24
N GLN D 157 -40.42 15.81 105.40
CA GLN D 157 -40.84 16.68 104.33
C GLN D 157 -41.23 15.93 103.06
N LEU D 158 -40.75 14.70 102.87
CA LEU D 158 -40.96 14.02 101.60
C LEU D 158 -42.03 12.94 101.64
N ARG D 159 -42.47 12.48 102.82
CA ARG D 159 -43.36 11.32 102.87
C ARG D 159 -44.74 11.51 102.23
N PRO D 160 -45.50 12.61 102.40
CA PRO D 160 -46.79 12.65 101.68
C PRO D 160 -46.63 12.97 100.21
N LEU D 161 -45.60 13.73 99.86
CA LEU D 161 -45.22 13.91 98.46
C LEU D 161 -44.84 12.60 97.82
N TYR D 162 -44.14 11.73 98.57
CA TYR D 162 -43.80 10.40 98.06
C TYR D 162 -45.05 9.55 97.90
N GLU D 163 -46.02 9.69 98.81
CA GLU D 163 -47.31 9.00 98.65
C GLU D 163 -48.00 9.38 97.35
N GLU D 164 -48.17 10.69 97.13
CA GLU D 164 -48.83 11.16 95.91
C GLU D 164 -48.02 10.80 94.67
N TYR D 165 -46.69 10.87 94.79
CA TYR D 165 -45.79 10.53 93.70
C TYR D 165 -45.95 9.08 93.29
N VAL D 166 -45.92 8.16 94.26
CA VAL D 166 -46.03 6.73 93.99
C VAL D 166 -47.39 6.39 93.39
N VAL D 167 -48.47 6.95 93.95
CA VAL D 167 -49.80 6.58 93.42
C VAL D 167 -50.01 7.17 92.02
N LEU D 168 -49.51 8.38 91.74
CA LEU D 168 -49.65 8.95 90.41
C LEU D 168 -48.86 8.16 89.37
N LYS D 169 -47.65 7.71 89.74
CA LYS D 169 -46.85 6.90 88.84
C LYS D 169 -47.51 5.56 88.55
N ASN D 170 -48.06 4.92 89.60
CA ASN D 170 -48.73 3.64 89.42
C ASN D 170 -49.95 3.78 88.51
N GLU D 171 -50.74 4.85 88.70
CA GLU D 171 -51.95 4.98 87.88
C GLU D 171 -51.62 5.40 86.45
N MET D 172 -50.54 6.18 86.23
CA MET D 172 -50.22 6.52 84.85
C MET D 172 -49.63 5.33 84.10
N ALA D 173 -48.87 4.48 84.80
CA ALA D 173 -48.33 3.31 84.13
C ALA D 173 -49.42 2.26 83.91
N ARG D 174 -50.43 2.22 84.78
CA ARG D 174 -51.61 1.41 84.51
C ARG D 174 -52.41 1.98 83.34
N ALA D 175 -52.35 3.30 83.14
CA ALA D 175 -53.02 3.94 82.01
C ALA D 175 -52.20 3.88 80.73
N ASN D 176 -50.94 3.49 80.78
CA ASN D 176 -50.09 3.38 79.60
C ASN D 176 -49.94 1.94 79.12
N HIS D 177 -50.98 1.12 79.33
CA HIS D 177 -51.13 -0.28 78.93
C HIS D 177 -50.20 -1.20 79.75
N TYR D 178 -49.34 -0.66 80.60
CA TYR D 178 -48.44 -1.47 81.39
C TYR D 178 -49.09 -1.83 82.73
N GLU D 179 -48.43 -2.73 83.46
CA GLU D 179 -48.97 -3.21 84.73
C GLU D 179 -48.46 -2.40 85.91
N ASP D 180 -47.30 -1.77 85.76
CA ASP D 180 -46.66 -1.09 86.87
C ASP D 180 -45.70 -0.03 86.34
N TYR D 181 -45.37 0.95 87.19
CA TYR D 181 -44.27 1.85 86.85
C TYR D 181 -42.94 1.12 86.97
N GLY D 182 -42.82 0.22 87.95
CA GLY D 182 -41.70 -0.70 87.95
C GLY D 182 -41.64 -1.51 86.67
N ASP D 183 -42.81 -1.93 86.16
CA ASP D 183 -42.87 -2.56 84.84
C ASP D 183 -42.46 -1.59 83.74
N TYR D 184 -42.72 -0.29 83.92
CA TYR D 184 -42.30 0.68 82.90
C TYR D 184 -40.79 0.84 82.88
N TRP D 185 -40.15 0.88 84.05
CA TRP D 185 -38.69 0.87 84.10
C TRP D 185 -38.09 -0.44 83.59
N ARG D 186 -38.78 -1.57 83.85
CA ARG D 186 -38.32 -2.83 83.29
C ARG D 186 -38.56 -2.93 81.79
N GLY D 187 -39.44 -2.09 81.25
CA GLY D 187 -39.69 -2.04 79.83
C GLY D 187 -38.60 -1.37 79.02
N ASP D 188 -37.60 -0.77 79.67
CA ASP D 188 -36.45 -0.26 78.94
C ASP D 188 -35.63 -1.39 78.33
N TYR D 189 -35.50 -2.52 79.04
CA TYR D 189 -34.74 -3.68 78.55
C TYR D 189 -35.68 -4.69 77.91
N GLU D 190 -36.40 -4.24 76.88
CA GLU D 190 -37.46 -5.02 76.27
C GLU D 190 -37.03 -5.47 74.87
N VAL D 191 -37.15 -6.77 74.62
CA VAL D 191 -36.87 -7.37 73.31
C VAL D 191 -38.06 -8.24 72.93
N ASN D 192 -38.74 -7.90 71.84
CA ASN D 192 -39.86 -8.69 71.34
C ASN D 192 -39.75 -8.82 69.83
N GLY D 193 -40.34 -9.89 69.29
CA GLY D 193 -40.37 -10.16 67.87
C GLY D 193 -39.24 -11.04 67.38
N VAL D 194 -38.21 -11.24 68.21
CA VAL D 194 -37.05 -12.02 67.80
C VAL D 194 -37.22 -13.44 68.32
N ASP D 195 -37.26 -14.41 67.40
CA ASP D 195 -37.30 -15.81 67.79
C ASP D 195 -35.90 -16.31 68.10
N GLY D 196 -35.78 -17.10 69.16
CA GLY D 196 -34.50 -17.59 69.65
C GLY D 196 -33.90 -16.73 70.74
N TYR D 197 -34.07 -15.40 70.64
CA TYR D 197 -33.63 -14.45 71.66
C TYR D 197 -34.84 -13.58 72.01
N ASP D 198 -35.63 -14.06 72.97
CA ASP D 198 -36.85 -13.39 73.40
C ASP D 198 -36.69 -12.91 74.83
N TYR D 199 -37.40 -11.83 75.17
CA TYR D 199 -37.25 -11.20 76.48
C TYR D 199 -38.57 -10.53 76.84
N SER D 200 -38.69 -10.12 78.10
CA SER D 200 -39.91 -9.47 78.58
C SER D 200 -39.60 -8.50 79.71
N ARG D 201 -40.57 -7.66 80.06
CA ARG D 201 -40.43 -6.64 81.08
C ARG D 201 -40.24 -7.24 82.47
N GLY D 202 -41.25 -7.98 82.96
CA GLY D 202 -41.23 -8.55 84.29
C GLY D 202 -40.13 -9.57 84.52
N GLN D 203 -39.52 -10.03 83.43
CA GLN D 203 -38.35 -10.89 83.49
C GLN D 203 -37.22 -10.24 84.28
N LEU D 204 -37.11 -8.91 84.24
CA LEU D 204 -36.09 -8.22 85.04
C LEU D 204 -36.25 -8.53 86.54
N ILE D 205 -37.48 -8.76 86.99
CA ILE D 205 -37.74 -9.13 88.39
C ILE D 205 -36.95 -10.37 88.77
N GLU D 206 -36.90 -11.36 87.88
CA GLU D 206 -36.13 -12.55 88.21
C GLU D 206 -34.70 -12.44 87.69
N ASP D 207 -34.44 -11.49 86.77
CA ASP D 207 -33.18 -11.46 86.03
C ASP D 207 -31.99 -11.23 86.95
N VAL D 208 -32.12 -10.28 87.88
CA VAL D 208 -31.12 -10.15 88.92
C VAL D 208 -31.16 -11.29 89.93
N GLU D 209 -32.37 -11.75 90.30
CA GLU D 209 -32.58 -12.49 91.56
C GLU D 209 -31.75 -13.76 91.62
N HIS D 210 -31.94 -14.66 90.65
CA HIS D 210 -31.18 -15.91 90.62
C HIS D 210 -29.69 -15.62 90.49
N THR D 211 -29.32 -14.63 89.68
CA THR D 211 -27.91 -14.28 89.56
C THR D 211 -27.38 -13.69 90.85
N PHE D 212 -28.25 -12.98 91.60
CA PHE D 212 -27.84 -12.52 92.92
C PHE D 212 -27.62 -13.69 93.86
N GLU D 213 -28.40 -14.77 93.68
CA GLU D 213 -28.19 -15.97 94.49
C GLU D 213 -26.89 -16.67 94.11
N GLU D 214 -26.29 -16.29 92.97
CA GLU D 214 -24.97 -16.81 92.64
C GLU D 214 -23.88 -15.81 93.03
N ILE D 215 -24.25 -14.56 93.34
CA ILE D 215 -23.26 -13.58 93.79
C ILE D 215 -23.37 -13.31 95.29
N LYS D 216 -24.40 -13.86 95.94
CA LYS D 216 -24.58 -13.71 97.38
C LYS D 216 -23.40 -14.19 98.24
N PRO D 217 -22.77 -15.35 98.01
CA PRO D 217 -21.68 -15.76 98.93
C PRO D 217 -20.46 -14.86 98.92
N LEU D 218 -19.96 -14.50 97.73
CA LEU D 218 -18.70 -13.75 97.63
C LEU D 218 -18.80 -12.40 98.32
N TYR D 219 -19.90 -11.67 98.06
CA TYR D 219 -20.17 -10.42 98.77
C TYR D 219 -20.24 -10.67 100.27
N GLU D 220 -20.92 -11.76 100.67
CA GLU D 220 -20.95 -12.18 102.07
C GLU D 220 -19.55 -12.30 102.64
N HIS D 221 -18.63 -12.95 101.90
CA HIS D 221 -17.25 -13.07 102.36
C HIS D 221 -16.63 -11.70 102.52
N LEU D 222 -16.82 -10.82 101.52
CA LEU D 222 -16.37 -9.44 101.65
C LEU D 222 -17.01 -8.77 102.85
N HIS D 223 -18.32 -8.99 103.02
CA HIS D 223 -19.04 -8.48 104.17
C HIS D 223 -18.40 -8.97 105.47
N ALA D 224 -18.09 -10.26 105.54
CA ALA D 224 -17.46 -10.80 106.74
C ALA D 224 -16.12 -10.12 106.97
N TYR D 225 -15.35 -9.94 105.89
CA TYR D 225 -14.03 -9.34 106.02
C TYR D 225 -14.14 -7.92 106.54
N VAL D 226 -15.16 -7.16 106.07
CA VAL D 226 -15.17 -5.77 106.47
C VAL D 226 -15.57 -5.66 107.94
N ARG D 227 -16.44 -6.56 108.44
CA ARG D 227 -16.74 -6.45 109.86
C ARG D 227 -15.56 -6.99 110.67
N ALA D 228 -14.80 -7.91 110.08
CA ALA D 228 -13.58 -8.37 110.73
C ALA D 228 -12.55 -7.25 110.81
N LYS D 229 -12.68 -6.24 109.96
CA LYS D 229 -11.81 -5.08 110.06
C LYS D 229 -12.53 -3.86 110.60
N LEU D 230 -13.76 -3.99 111.08
CA LEU D 230 -14.46 -2.82 111.62
C LEU D 230 -14.83 -2.95 113.09
N MET D 231 -14.46 -4.04 113.75
CA MET D 231 -14.57 -4.09 115.20
C MET D 231 -13.28 -3.65 115.89
N ASN D 232 -12.21 -3.41 115.12
CA ASN D 232 -10.97 -2.91 115.70
C ASN D 232 -11.11 -1.43 116.10
N ALA D 233 -11.65 -0.61 115.20
CA ALA D 233 -11.73 0.83 115.44
C ALA D 233 -13.03 1.25 116.13
N TYR D 234 -14.01 0.34 116.26
CA TYR D 234 -15.31 0.66 116.84
C TYR D 234 -15.63 -0.38 117.90
N PRO D 235 -15.16 -0.20 119.13
CA PRO D 235 -15.38 -1.21 120.17
C PRO D 235 -16.74 -1.06 120.83
N SER D 236 -17.26 -2.18 121.35
CA SER D 236 -18.48 -2.31 122.12
C SER D 236 -19.74 -1.91 121.36
N TYR D 237 -19.65 -1.68 120.05
CA TYR D 237 -20.79 -1.33 119.22
C TYR D 237 -21.05 -2.33 118.10
N ILE D 238 -20.16 -3.30 117.90
CA ILE D 238 -20.14 -4.11 116.69
C ILE D 238 -20.18 -5.58 117.09
N SER D 239 -21.01 -6.37 116.42
CA SER D 239 -21.12 -7.79 116.70
C SER D 239 -21.02 -8.58 115.40
N PRO D 240 -20.17 -9.61 115.34
CA PRO D 240 -20.03 -10.38 114.09
C PRO D 240 -21.29 -11.11 113.66
N ILE D 241 -22.09 -11.60 114.61
CA ILE D 241 -23.35 -12.25 114.26
C ILE D 241 -24.35 -11.22 113.76
N GLY D 242 -24.20 -9.97 114.20
CA GLY D 242 -25.15 -8.94 113.84
C GLY D 242 -24.63 -7.87 112.90
N CYS D 243 -23.38 -8.01 112.46
CA CYS D 243 -22.70 -7.09 111.54
C CYS D 243 -22.58 -5.70 112.16
N LEU D 244 -23.06 -4.65 111.46
CA LEU D 244 -22.80 -3.28 111.90
C LEU D 244 -23.84 -2.31 111.33
N PRO D 245 -24.05 -1.15 111.96
CA PRO D 245 -25.07 -0.21 111.48
C PRO D 245 -24.74 0.40 110.12
N ALA D 246 -25.80 0.83 109.42
CA ALA D 246 -25.72 1.24 108.02
C ALA D 246 -25.06 2.60 107.82
N HIS D 247 -24.89 3.40 108.86
CA HIS D 247 -24.25 4.70 108.70
C HIS D 247 -22.74 4.61 108.56
N LEU D 248 -22.15 3.42 108.78
CA LEU D 248 -20.72 3.22 108.67
C LEU D 248 -20.31 2.70 107.29
N LEU D 249 -21.25 2.58 106.35
CA LEU D 249 -20.97 2.00 105.04
C LEU D 249 -20.45 3.04 104.05
N GLY D 250 -19.46 3.83 104.46
CA GLY D 250 -18.78 4.74 103.55
C GLY D 250 -19.56 5.99 103.23
N ASP D 251 -20.62 5.86 102.43
CA ASP D 251 -21.44 6.98 102.03
C ASP D 251 -22.74 7.02 102.84
N MET D 252 -23.65 7.89 102.41
CA MET D 252 -24.89 8.10 103.13
C MET D 252 -25.84 6.90 103.03
N TRP D 253 -25.84 6.19 101.90
CA TRP D 253 -26.84 5.18 101.63
C TRP D 253 -26.28 3.78 101.41
N GLY D 254 -25.00 3.54 101.70
CA GLY D 254 -24.39 2.26 101.41
C GLY D 254 -24.07 2.03 99.95
N ARG D 255 -24.13 3.06 99.11
CA ARG D 255 -23.85 2.92 97.69
C ARG D 255 -22.40 2.55 97.44
N PHE D 256 -21.48 3.27 98.08
CA PHE D 256 -20.04 3.06 97.91
C PHE D 256 -19.41 2.61 99.22
N TRP D 257 -18.58 1.58 99.14
CA TRP D 257 -17.70 1.22 100.25
C TRP D 257 -16.26 1.61 99.97
N THR D 258 -16.04 2.48 98.98
CA THR D 258 -14.71 2.96 98.65
C THR D 258 -14.13 3.90 99.70
N ASN D 259 -14.95 4.37 100.64
CA ASN D 259 -14.49 5.21 101.74
C ASN D 259 -13.91 4.42 102.89
N LEU D 260 -13.94 3.08 102.81
CA LEU D 260 -13.40 2.22 103.85
C LEU D 260 -12.05 1.61 103.47
N TYR D 261 -11.40 2.12 102.42
CA TYR D 261 -10.13 1.55 101.99
C TYR D 261 -9.04 1.73 103.05
N SER D 262 -8.98 2.91 103.66
CA SER D 262 -7.95 3.19 104.66
C SER D 262 -8.18 2.41 105.96
N LEU D 263 -9.42 2.13 106.31
CA LEU D 263 -9.74 1.40 107.53
C LEU D 263 -9.84 -0.11 107.30
N THR D 264 -9.71 -0.55 106.06
CA THR D 264 -9.70 -1.96 105.69
C THR D 264 -8.55 -2.23 104.73
N VAL D 265 -7.36 -1.79 105.12
CA VAL D 265 -6.16 -2.04 104.30
C VAL D 265 -5.82 -3.52 104.35
N PRO D 266 -5.34 -4.11 103.24
CA PRO D 266 -4.93 -5.52 103.28
C PRO D 266 -3.70 -5.72 104.13
N PHE D 267 -2.64 -4.97 103.84
CA PHE D 267 -1.42 -4.95 104.64
C PHE D 267 -0.85 -3.54 104.58
N GLY D 268 -0.63 -2.95 105.76
CA GLY D 268 -0.40 -1.52 105.84
C GLY D 268 1.00 -1.05 105.50
N GLN D 269 1.97 -1.96 105.42
CA GLN D 269 3.36 -1.54 105.20
C GLN D 269 3.59 -1.07 103.77
N LYS D 270 3.08 -1.81 102.79
CA LYS D 270 3.23 -1.44 101.39
C LYS D 270 2.03 -0.59 100.97
N PRO D 271 2.23 0.66 100.54
CA PRO D 271 1.11 1.45 100.03
C PRO D 271 0.67 0.96 98.65
N ASN D 272 -0.49 1.44 98.23
CA ASN D 272 -0.99 1.11 96.91
C ASN D 272 -0.15 1.80 95.84
N ILE D 273 -0.25 1.30 94.61
CA ILE D 273 0.50 1.86 93.50
C ILE D 273 -0.05 3.23 93.15
N ASP D 274 0.83 4.23 93.11
CA ASP D 274 0.45 5.60 92.79
C ASP D 274 1.40 6.18 91.76
N VAL D 275 0.87 7.05 90.92
CA VAL D 275 1.60 7.63 89.81
C VAL D 275 1.46 9.15 89.74
N THR D 276 0.92 9.78 90.78
CA THR D 276 0.76 11.24 90.79
C THR D 276 2.12 11.94 90.74
N ASP D 277 3.10 11.43 91.49
CA ASP D 277 4.45 11.99 91.47
C ASP D 277 5.10 11.85 90.10
N ALA D 278 4.91 10.70 89.45
CA ALA D 278 5.50 10.48 88.14
C ALA D 278 4.85 11.35 87.07
N MET D 279 3.55 11.65 87.22
CA MET D 279 2.89 12.53 86.25
C MET D 279 3.28 13.98 86.47
N VAL D 280 3.41 14.41 87.73
CA VAL D 280 3.74 15.80 87.99
C VAL D 280 5.22 16.07 87.77
N ASP D 281 6.06 15.03 87.79
CA ASP D 281 7.49 15.21 87.56
C ASP D 281 7.79 15.68 86.15
N GLN D 282 7.13 15.09 85.15
CA GLN D 282 7.44 15.36 83.75
C GLN D 282 6.45 16.31 83.09
N ALA D 283 5.56 16.95 83.86
CA ALA D 283 4.65 18.02 83.41
C ALA D 283 3.75 17.52 82.28
N TRP D 284 2.87 16.59 82.65
CA TRP D 284 1.93 15.98 81.70
C TRP D 284 0.66 16.80 81.49
N ASP D 285 0.69 18.10 81.84
CA ASP D 285 -0.36 19.12 81.78
C ASP D 285 -1.81 18.63 81.68
N ALA D 286 -2.60 19.22 80.78
CA ALA D 286 -3.99 18.83 80.60
C ALA D 286 -4.27 18.10 79.30
N GLN D 287 -3.46 18.31 78.27
CA GLN D 287 -3.72 17.70 76.97
C GLN D 287 -2.91 16.43 76.72
N ARG D 288 -1.76 16.29 77.36
CA ARG D 288 -0.91 15.11 77.15
C ARG D 288 -1.59 13.83 77.61
N ILE D 289 -2.41 13.92 78.66
CA ILE D 289 -3.22 12.79 79.10
C ILE D 289 -4.15 12.35 77.97
N PHE D 290 -4.81 13.32 77.32
CA PHE D 290 -5.72 13.01 76.23
C PHE D 290 -4.97 12.45 75.01
N LYS D 291 -3.79 12.99 74.71
CA LYS D 291 -3.02 12.48 73.57
C LYS D 291 -2.56 11.05 73.80
N GLU D 292 -2.06 10.73 75.00
CA GLU D 292 -1.67 9.36 75.27
C GLU D 292 -2.88 8.43 75.35
N ALA D 293 -4.02 8.95 75.83
CA ALA D 293 -5.24 8.15 75.87
C ALA D 293 -5.71 7.80 74.47
N GLU D 294 -5.70 8.77 73.55
CA GLU D 294 -6.12 8.47 72.19
C GLU D 294 -5.09 7.63 71.45
N LYS D 295 -3.82 7.74 71.83
CA LYS D 295 -2.80 6.83 71.30
C LYS D 295 -3.08 5.39 71.73
N PHE D 296 -3.44 5.20 73.00
CA PHE D 296 -3.82 3.87 73.48
C PHE D 296 -5.08 3.38 72.78
N PHE D 297 -6.06 4.27 72.58
CA PHE D 297 -7.32 3.90 71.97
C PHE D 297 -7.15 3.51 70.51
N VAL D 298 -6.25 4.17 69.78
CA VAL D 298 -5.99 3.78 68.40
C VAL D 298 -5.07 2.56 68.37
N SER D 299 -4.31 2.33 69.45
CA SER D 299 -3.59 1.07 69.56
C SER D 299 -4.53 -0.11 69.75
N VAL D 300 -5.70 0.13 70.34
CA VAL D 300 -6.74 -0.89 70.35
C VAL D 300 -7.23 -1.17 68.93
N GLY D 301 -7.45 -0.12 68.15
CA GLY D 301 -7.95 -0.26 66.79
C GLY D 301 -9.14 0.64 66.50
N LEU D 302 -9.53 1.44 67.49
CA LEU D 302 -10.62 2.38 67.30
C LEU D 302 -10.17 3.56 66.45
N PRO D 303 -11.07 4.09 65.61
CA PRO D 303 -10.68 5.19 64.71
C PRO D 303 -10.42 6.49 65.46
N ASN D 304 -9.73 7.40 64.76
CA ASN D 304 -9.34 8.67 65.34
C ASN D 304 -10.54 9.60 65.51
N MET D 305 -10.37 10.58 66.39
CA MET D 305 -11.38 11.61 66.63
C MET D 305 -11.12 12.82 65.73
N THR D 306 -12.19 13.57 65.49
CA THR D 306 -12.12 14.70 64.56
C THR D 306 -11.39 15.88 65.18
N GLN D 307 -11.00 16.82 64.31
CA GLN D 307 -10.43 18.07 64.77
C GLN D 307 -11.46 18.92 65.49
N GLY D 308 -12.74 18.78 65.12
CA GLY D 308 -13.82 19.48 65.78
C GLY D 308 -14.04 19.10 67.23
N PHE D 309 -13.47 17.99 67.68
CA PHE D 309 -13.50 17.64 69.09
C PHE D 309 -12.43 18.38 69.89
N TRP D 310 -11.23 18.52 69.31
CA TRP D 310 -10.10 19.10 70.04
C TRP D 310 -10.26 20.60 70.25
N GLU D 311 -10.71 21.33 69.21
CA GLU D 311 -10.81 22.77 69.32
C GLU D 311 -12.02 23.20 70.15
N ASN D 312 -13.03 22.34 70.28
CA ASN D 312 -14.28 22.74 70.89
C ASN D 312 -14.42 22.28 72.33
N SER D 313 -13.92 21.10 72.68
CA SER D 313 -14.12 20.56 74.01
C SER D 313 -13.27 21.32 75.03
N MET D 314 -13.85 21.55 76.21
CA MET D 314 -13.19 22.29 77.27
C MET D 314 -12.36 21.32 78.11
N LEU D 315 -11.04 21.48 78.07
CA LEU D 315 -10.09 20.47 78.51
C LEU D 315 -9.29 20.89 79.74
N THR D 316 -9.72 21.92 80.45
CA THR D 316 -8.94 22.45 81.56
C THR D 316 -9.90 23.00 82.62
N ASP D 317 -9.38 23.83 83.52
CA ASP D 317 -10.22 24.48 84.50
C ASP D 317 -11.12 25.51 83.83
N PRO D 318 -12.34 25.72 84.34
CA PRO D 318 -13.18 26.80 83.81
C PRO D 318 -12.68 28.19 84.17
N GLY D 319 -11.84 28.31 85.20
CA GLY D 319 -11.26 29.58 85.57
C GLY D 319 -12.13 30.36 86.53
N ASN D 320 -11.59 31.50 86.96
CA ASN D 320 -12.32 32.40 87.85
C ASN D 320 -13.51 33.04 87.14
N VAL D 321 -13.31 33.52 85.92
CA VAL D 321 -14.40 34.00 85.08
C VAL D 321 -14.93 32.77 84.35
N GLN D 322 -16.13 32.87 83.76
CA GLN D 322 -16.79 31.79 83.01
C GLN D 322 -17.02 30.57 83.90
N LYS D 323 -17.92 30.77 84.87
CA LYS D 323 -18.32 29.70 85.78
C LYS D 323 -18.96 28.55 85.00
N ALA D 324 -18.69 27.33 85.43
CA ALA D 324 -19.18 26.14 84.76
C ALA D 324 -19.40 25.06 85.81
N VAL D 325 -19.55 23.81 85.36
CA VAL D 325 -19.69 22.67 86.24
C VAL D 325 -18.48 21.76 86.04
N CYS D 326 -17.94 21.24 87.15
CA CYS D 326 -16.81 20.32 87.10
C CYS D 326 -17.29 18.88 87.25
N HIS D 327 -18.10 18.44 86.29
CA HIS D 327 -18.59 17.09 86.25
C HIS D 327 -18.18 16.42 84.95
N PRO D 328 -17.72 15.17 85.00
CA PRO D 328 -17.32 14.48 83.76
C PRO D 328 -18.52 14.13 82.87
N THR D 329 -18.55 14.70 81.67
CA THR D 329 -19.62 14.45 80.71
C THR D 329 -19.03 14.20 79.33
N ALA D 330 -19.55 13.18 78.65
CA ALA D 330 -19.15 12.88 77.28
C ALA D 330 -20.28 13.33 76.36
N TRP D 331 -20.22 14.60 75.95
CA TRP D 331 -21.31 15.21 75.21
C TRP D 331 -21.30 14.78 73.75
N ASP D 332 -22.43 14.24 73.32
CA ASP D 332 -22.71 13.96 71.91
C ASP D 332 -23.72 14.99 71.44
N LEU D 333 -23.25 16.00 70.71
CA LEU D 333 -24.16 17.03 70.23
C LEU D 333 -24.91 16.62 68.97
N GLY D 334 -24.50 15.55 68.30
CA GLY D 334 -25.17 15.20 67.06
C GLY D 334 -24.26 15.12 65.85
N LYS D 335 -24.36 16.12 64.97
CA LYS D 335 -23.80 16.10 63.63
C LYS D 335 -22.28 16.18 63.68
N GLY D 336 -21.66 15.06 64.04
CA GLY D 336 -20.21 14.94 63.98
C GLY D 336 -19.45 15.69 65.06
N ASP D 337 -20.14 16.21 66.08
CA ASP D 337 -19.51 16.98 67.14
C ASP D 337 -19.47 16.15 68.41
N PHE D 338 -18.27 15.92 68.93
CA PHE D 338 -18.05 15.12 70.13
C PHE D 338 -17.22 15.96 71.09
N ARG D 339 -17.64 16.02 72.36
CA ARG D 339 -16.92 16.84 73.32
C ARG D 339 -16.81 16.11 74.66
N ILE D 340 -15.79 16.48 75.42
CA ILE D 340 -15.58 15.97 76.77
C ILE D 340 -15.54 17.17 77.72
N LEU D 341 -16.54 17.30 78.58
CA LEU D 341 -16.58 18.35 79.58
C LEU D 341 -16.05 17.79 80.90
N MET D 342 -14.86 18.26 81.29
CA MET D 342 -14.23 17.83 82.52
C MET D 342 -13.20 18.87 82.94
N CYS D 343 -13.00 19.01 84.25
CA CYS D 343 -11.99 19.90 84.80
C CYS D 343 -10.75 19.07 85.09
N THR D 344 -9.68 19.30 84.33
CA THR D 344 -8.50 18.45 84.38
C THR D 344 -7.71 18.70 85.66
N LYS D 345 -7.32 17.63 86.34
CA LYS D 345 -6.50 17.68 87.54
C LYS D 345 -5.41 16.63 87.40
N VAL D 346 -4.29 16.83 88.09
CA VAL D 346 -3.17 15.88 88.04
C VAL D 346 -3.50 14.78 89.06
N THR D 347 -4.19 13.75 88.57
CA THR D 347 -4.68 12.68 89.44
C THR D 347 -4.73 11.38 88.65
N MET D 348 -4.45 10.25 89.32
CA MET D 348 -4.76 8.94 88.76
C MET D 348 -6.25 8.78 88.51
N ASP D 349 -7.08 9.23 89.45
CA ASP D 349 -8.53 9.15 89.26
C ASP D 349 -8.97 10.03 88.10
N ASP D 350 -8.24 11.12 87.84
CA ASP D 350 -8.49 11.91 86.64
C ASP D 350 -8.16 11.13 85.37
N PHE D 351 -7.09 10.33 85.39
CA PHE D 351 -6.75 9.47 84.25
C PHE D 351 -7.86 8.44 84.00
N LEU D 352 -8.32 7.79 85.07
CA LEU D 352 -9.40 6.81 84.95
C LEU D 352 -10.69 7.49 84.47
N THR D 353 -10.98 8.68 84.98
CA THR D 353 -12.15 9.43 84.55
C THR D 353 -12.07 9.82 83.09
N ALA D 354 -10.89 10.26 82.64
CA ALA D 354 -10.72 10.64 81.24
C ALA D 354 -10.92 9.44 80.33
N HIS D 355 -10.33 8.29 80.68
CA HIS D 355 -10.52 7.08 79.87
C HIS D 355 -11.98 6.65 79.85
N HIS D 356 -12.65 6.73 81.01
CA HIS D 356 -14.08 6.42 81.08
C HIS D 356 -14.92 7.39 80.26
N GLU D 357 -14.45 8.63 80.08
CA GLU D 357 -15.25 9.65 79.42
C GLU D 357 -14.86 9.93 77.97
N MET D 358 -13.84 9.26 77.42
CA MET D 358 -13.87 9.10 75.97
C MET D 358 -14.16 7.67 75.54
N GLY D 359 -14.29 6.72 76.46
CA GLY D 359 -14.91 5.45 76.11
C GLY D 359 -16.35 5.63 75.66
N HIS D 360 -17.08 6.52 76.33
CA HIS D 360 -18.44 6.84 75.91
C HIS D 360 -18.45 7.53 74.54
N ILE D 361 -17.46 8.38 74.28
CA ILE D 361 -17.37 9.06 72.99
C ILE D 361 -17.07 8.06 71.87
N GLN D 362 -16.19 7.10 72.13
CA GLN D 362 -15.90 6.07 71.14
C GLN D 362 -17.08 5.12 70.95
N TYR D 363 -17.90 4.92 71.97
CA TYR D 363 -19.17 4.23 71.73
C TYR D 363 -20.12 5.09 70.91
N ASP D 364 -20.11 6.40 71.13
CA ASP D 364 -21.04 7.31 70.47
C ASP D 364 -20.76 7.40 68.97
N MET D 365 -19.49 7.46 68.58
CA MET D 365 -19.19 7.68 67.17
C MET D 365 -19.42 6.43 66.32
N ALA D 366 -19.60 5.26 66.96
CA ALA D 366 -19.78 4.03 66.19
C ALA D 366 -21.22 3.87 65.72
N TYR D 367 -22.19 4.18 66.57
CA TYR D 367 -23.59 4.12 66.17
C TYR D 367 -24.08 5.44 65.58
N ALA D 368 -23.18 6.33 65.16
CA ALA D 368 -23.58 7.55 64.47
C ALA D 368 -24.17 7.25 63.10
N ALA D 369 -23.73 6.16 62.46
CA ALA D 369 -24.32 5.73 61.20
C ALA D 369 -25.75 5.25 61.35
N GLN D 370 -26.14 4.80 62.55
CA GLN D 370 -27.51 4.43 62.83
C GLN D 370 -28.39 5.69 62.83
N PRO D 371 -29.69 5.53 62.60
CA PRO D 371 -30.60 6.68 62.68
C PRO D 371 -30.70 7.24 64.10
N PHE D 372 -31.45 8.34 64.22
CA PHE D 372 -31.40 9.20 65.40
C PHE D 372 -31.86 8.48 66.65
N LEU D 373 -32.94 7.70 66.56
CA LEU D 373 -33.42 7.00 67.74
C LEU D 373 -32.57 5.78 68.08
N LEU D 374 -31.84 5.23 67.11
CA LEU D 374 -30.91 4.14 67.36
C LEU D 374 -29.52 4.64 67.76
N ARG D 375 -29.40 5.92 68.09
CA ARG D 375 -28.13 6.48 68.54
C ARG D 375 -27.95 6.35 70.05
N ASN D 376 -28.15 5.14 70.54
CA ASN D 376 -28.04 4.83 71.96
C ASN D 376 -27.65 3.36 72.10
N GLY D 377 -27.45 2.93 73.35
CA GLY D 377 -27.29 1.52 73.61
C GLY D 377 -28.62 0.78 73.55
N ALA D 378 -28.55 -0.48 73.13
CA ALA D 378 -29.77 -1.31 73.06
C ALA D 378 -30.36 -1.54 74.44
N ASN D 379 -29.52 -1.55 75.47
CA ASN D 379 -29.95 -1.34 76.85
C ASN D 379 -29.12 -0.19 77.41
N GLU D 380 -29.57 0.37 78.53
CA GLU D 380 -28.92 1.54 79.11
C GLU D 380 -27.58 1.22 79.76
N GLY D 381 -27.24 -0.06 79.91
CA GLY D 381 -26.02 -0.45 80.60
C GLY D 381 -24.78 -0.60 79.75
N PHE D 382 -24.89 -0.54 78.42
CA PHE D 382 -23.71 -0.70 77.57
C PHE D 382 -22.75 0.48 77.64
N HIS D 383 -23.27 1.71 77.82
CA HIS D 383 -22.46 2.91 77.76
C HIS D 383 -21.40 2.94 78.86
N GLU D 384 -21.87 2.86 80.12
CA GLU D 384 -20.94 2.90 81.24
C GLU D 384 -20.09 1.64 81.30
N ALA D 385 -20.59 0.52 80.80
CA ALA D 385 -19.78 -0.70 80.73
C ALA D 385 -18.60 -0.52 79.78
N VAL D 386 -18.84 0.08 78.61
CA VAL D 386 -17.76 0.34 77.66
C VAL D 386 -16.78 1.35 78.24
N GLY D 387 -17.30 2.42 78.85
CA GLY D 387 -16.42 3.42 79.45
C GLY D 387 -15.57 2.85 80.57
N GLU D 388 -16.14 1.99 81.40
CA GLU D 388 -15.40 1.44 82.52
C GLU D 388 -14.47 0.30 82.12
N ILE D 389 -14.75 -0.43 81.02
CA ILE D 389 -13.72 -1.38 80.58
C ILE D 389 -12.57 -0.63 79.90
N MET D 390 -12.85 0.52 79.29
CA MET D 390 -11.74 1.36 78.83
C MET D 390 -10.94 1.91 79.99
N SER D 391 -11.62 2.27 81.10
CA SER D 391 -10.91 2.72 82.29
C SER D 391 -10.11 1.60 82.93
N LEU D 392 -10.65 0.38 82.95
CA LEU D 392 -9.96 -0.75 83.56
C LEU D 392 -8.78 -1.19 82.71
N SER D 393 -8.89 -1.03 81.39
CA SER D 393 -7.76 -1.30 80.50
C SER D 393 -6.59 -0.36 80.76
N ALA D 394 -6.87 0.86 81.23
CA ALA D 394 -5.84 1.81 81.60
C ALA D 394 -5.43 1.71 83.07
N ALA D 395 -6.15 0.91 83.86
CA ALA D 395 -5.86 0.77 85.28
C ALA D 395 -4.88 -0.33 85.61
N THR D 396 -4.50 -1.16 84.63
CA THR D 396 -3.54 -2.22 84.88
C THR D 396 -2.13 -1.63 85.03
N PRO D 397 -1.32 -2.16 85.96
CA PRO D 397 0.07 -1.71 86.05
C PRO D 397 0.91 -2.06 84.82
N LYS D 398 0.50 -3.06 84.04
CA LYS D 398 1.18 -3.33 82.77
C LYS D 398 1.01 -2.18 81.79
N HIS D 399 -0.18 -1.59 81.74
CA HIS D 399 -0.41 -0.42 80.90
C HIS D 399 0.40 0.77 81.39
N LEU D 400 0.54 0.93 82.71
CA LEU D 400 1.36 2.02 83.24
C LEU D 400 2.84 1.79 82.96
N LYS D 401 3.26 0.52 82.88
CA LYS D 401 4.63 0.23 82.50
C LYS D 401 4.87 0.52 81.03
N SER D 402 3.91 0.16 80.17
CA SER D 402 4.09 0.36 78.73
C SER D 402 3.94 1.83 78.36
N ILE D 403 3.16 2.59 79.13
CA ILE D 403 2.92 4.00 78.83
C ILE D 403 4.09 4.89 79.22
N GLY D 404 5.07 4.36 79.94
CA GLY D 404 6.21 5.14 80.38
C GLY D 404 6.08 5.77 81.74
N LEU D 405 4.90 5.72 82.36
CA LEU D 405 4.70 6.26 83.70
C LEU D 405 4.87 5.18 84.76
N LEU D 406 5.99 4.48 84.73
CA LEU D 406 6.35 3.50 85.75
C LEU D 406 7.83 3.21 85.65
N SER D 407 8.48 3.03 86.79
CA SER D 407 9.87 2.60 86.78
C SER D 407 9.96 1.17 86.28
N PRO D 408 10.78 0.88 85.26
CA PRO D 408 10.85 -0.48 84.73
C PRO D 408 11.40 -1.50 85.71
N ASP D 409 12.13 -1.07 86.74
CA ASP D 409 12.62 -1.99 87.76
C ASP D 409 11.54 -2.43 88.74
N PHE D 410 10.42 -1.71 88.80
CA PHE D 410 9.32 -2.10 89.66
C PHE D 410 8.66 -3.37 89.11
N GLN D 411 8.29 -4.28 90.00
CA GLN D 411 7.68 -5.54 89.63
C GLN D 411 6.36 -5.73 90.37
N GLU D 412 5.51 -6.59 89.81
CA GLU D 412 4.23 -6.90 90.42
C GLU D 412 4.31 -8.27 91.09
N ASP D 413 3.72 -8.35 92.28
CA ASP D 413 3.67 -9.59 93.04
C ASP D 413 2.23 -9.81 93.51
N ASN D 414 2.03 -10.82 94.35
CA ASN D 414 0.69 -11.17 94.81
C ASN D 414 0.08 -10.08 95.70
N GLU D 415 0.92 -9.38 96.47
CA GLU D 415 0.42 -8.37 97.39
C GLU D 415 -0.21 -7.19 96.65
N THR D 416 0.43 -6.72 95.59
CA THR D 416 -0.13 -5.63 94.79
C THR D 416 -1.42 -6.06 94.11
N GLU D 417 -1.46 -7.30 93.62
CA GLU D 417 -2.67 -7.83 92.98
C GLU D 417 -3.83 -7.90 93.96
N ILE D 418 -3.61 -8.42 95.16
CA ILE D 418 -4.71 -8.54 96.11
C ILE D 418 -5.11 -7.17 96.64
N ASN D 419 -4.17 -6.23 96.74
CA ASN D 419 -4.52 -4.86 97.13
C ASN D 419 -5.40 -4.19 96.08
N PHE D 420 -5.05 -4.35 94.79
CA PHE D 420 -5.88 -3.76 93.74
C PHE D 420 -7.25 -4.42 93.67
N LEU D 421 -7.30 -5.75 93.84
CA LEU D 421 -8.58 -6.44 93.84
C LEU D 421 -9.44 -6.04 95.02
N LEU D 422 -8.83 -5.83 96.19
CA LEU D 422 -9.60 -5.39 97.36
C LEU D 422 -10.09 -3.96 97.18
N LYS D 423 -9.29 -3.11 96.53
CA LYS D 423 -9.75 -1.75 96.24
C LYS D 423 -10.89 -1.75 95.23
N GLN D 424 -10.80 -2.60 94.21
CA GLN D 424 -11.83 -2.64 93.18
C GLN D 424 -13.12 -3.28 93.71
N ALA D 425 -13.00 -4.23 94.63
CA ALA D 425 -14.19 -4.84 95.24
C ALA D 425 -14.92 -3.84 96.12
N LEU D 426 -14.24 -2.78 96.58
CA LEU D 426 -14.93 -1.69 97.27
C LEU D 426 -15.70 -0.81 96.30
N THR D 427 -15.45 -0.94 94.99
CA THR D 427 -16.12 -0.17 93.97
C THR D 427 -17.17 -0.96 93.20
N ILE D 428 -16.82 -2.16 92.73
CA ILE D 428 -17.75 -2.99 91.97
C ILE D 428 -18.82 -3.55 92.89
N VAL D 429 -18.40 -4.25 93.93
CA VAL D 429 -19.29 -5.05 94.77
C VAL D 429 -20.11 -4.10 95.66
N GLY D 430 -19.57 -2.90 95.90
CA GLY D 430 -20.20 -1.93 96.79
C GLY D 430 -21.60 -1.49 96.41
N THR D 431 -21.87 -1.37 95.11
CA THR D 431 -23.15 -0.88 94.62
C THR D 431 -24.19 -1.99 94.43
N LEU D 432 -23.73 -3.23 94.18
CA LEU D 432 -24.63 -4.27 93.67
C LEU D 432 -25.74 -4.70 94.63
N PRO D 433 -25.49 -5.03 95.90
CA PRO D 433 -26.63 -5.42 96.76
C PRO D 433 -27.58 -4.28 97.05
N PHE D 434 -27.07 -3.06 97.20
CA PHE D 434 -27.94 -1.89 97.33
C PHE D 434 -28.77 -1.69 96.07
N THR D 435 -28.16 -1.90 94.90
CA THR D 435 -28.88 -1.79 93.64
C THR D 435 -30.04 -2.79 93.58
N TYR D 436 -29.75 -4.06 93.88
CA TYR D 436 -30.77 -5.10 93.80
C TYR D 436 -31.89 -4.86 94.82
N MET D 437 -31.51 -4.50 96.06
CA MET D 437 -32.51 -4.19 97.07
C MET D 437 -33.39 -3.00 96.69
N LEU D 438 -32.79 -1.90 96.24
CA LEU D 438 -33.56 -0.70 95.99
C LEU D 438 -34.46 -0.88 94.77
N GLU D 439 -33.95 -1.56 93.73
CA GLU D 439 -34.78 -1.82 92.55
C GLU D 439 -35.93 -2.77 92.88
N LYS D 440 -35.66 -3.83 93.65
CA LYS D 440 -36.72 -4.76 94.03
C LYS D 440 -37.73 -4.09 94.95
N TRP D 441 -37.26 -3.25 95.88
CA TRP D 441 -38.15 -2.51 96.77
C TRP D 441 -39.08 -1.59 95.98
N ARG D 442 -38.52 -0.82 95.04
CA ARG D 442 -39.34 0.06 94.24
C ARG D 442 -40.32 -0.71 93.37
N TRP D 443 -39.88 -1.85 92.82
CA TRP D 443 -40.76 -2.69 92.01
C TRP D 443 -41.95 -3.19 92.83
N MET D 444 -41.71 -3.69 94.04
CA MET D 444 -42.79 -4.33 94.78
C MET D 444 -43.63 -3.33 95.56
N VAL D 445 -43.11 -2.13 95.83
CA VAL D 445 -43.96 -1.04 96.32
C VAL D 445 -44.87 -0.54 95.21
N PHE D 446 -44.32 -0.31 94.01
CA PHE D 446 -45.12 0.17 92.90
C PHE D 446 -46.15 -0.86 92.45
N LYS D 447 -45.81 -2.15 92.54
CA LYS D 447 -46.71 -3.21 92.09
C LYS D 447 -47.97 -3.30 92.93
N GLY D 448 -47.83 -3.17 94.25
CA GLY D 448 -48.97 -3.23 95.15
C GLY D 448 -48.95 -4.35 96.17
N GLU D 449 -47.90 -5.17 96.20
CA GLU D 449 -47.77 -6.20 97.23
C GLU D 449 -47.24 -5.65 98.54
N ILE D 450 -46.76 -4.41 98.55
CA ILE D 450 -46.49 -3.67 99.79
C ILE D 450 -47.61 -2.66 99.96
N PRO D 451 -48.49 -2.80 100.96
CA PRO D 451 -49.57 -1.82 101.17
C PRO D 451 -49.06 -0.46 101.61
N LYS D 452 -49.95 0.52 101.61
CA LYS D 452 -49.58 1.88 102.01
C LYS D 452 -49.24 1.95 103.49
N ASP D 453 -49.91 1.15 104.31
CA ASP D 453 -49.82 1.25 105.76
C ASP D 453 -48.42 0.96 106.29
N GLN D 454 -47.66 0.07 105.64
CA GLN D 454 -46.29 -0.20 106.04
C GLN D 454 -45.39 -0.16 104.81
N TRP D 455 -44.32 0.64 104.89
CA TRP D 455 -43.25 0.65 103.91
C TRP D 455 -41.87 0.40 104.51
N MET D 456 -41.64 0.79 105.75
CA MET D 456 -40.27 0.90 106.26
C MET D 456 -39.90 -0.23 107.21
N LYS D 457 -40.89 -0.83 107.87
CA LYS D 457 -40.61 -2.04 108.64
C LYS D 457 -40.18 -3.18 107.72
N LYS D 458 -40.86 -3.31 106.57
CA LYS D 458 -40.43 -4.27 105.57
C LYS D 458 -39.08 -3.87 104.97
N TRP D 459 -38.81 -2.57 104.88
CA TRP D 459 -37.51 -2.10 104.42
C TRP D 459 -36.39 -2.54 105.37
N TRP D 460 -36.62 -2.45 106.68
CA TRP D 460 -35.57 -2.83 107.62
C TRP D 460 -35.43 -4.34 107.76
N GLU D 461 -36.53 -5.09 107.70
CA GLU D 461 -36.39 -6.55 107.75
C GLU D 461 -35.92 -7.10 106.41
N MET D 462 -36.03 -6.29 105.36
CA MET D 462 -35.67 -6.73 104.02
C MET D 462 -34.22 -6.38 103.73
N LYS D 463 -33.73 -5.32 104.38
CA LYS D 463 -32.32 -4.94 104.29
C LYS D 463 -31.42 -5.94 104.98
N ARG D 464 -31.98 -6.72 105.91
CA ARG D 464 -31.13 -7.53 106.74
C ARG D 464 -30.67 -8.77 105.97
N GLU D 465 -31.48 -9.29 105.05
CA GLU D 465 -31.07 -10.52 104.40
C GLU D 465 -30.40 -10.27 103.05
N ILE D 466 -30.35 -9.01 102.61
CA ILE D 466 -29.60 -8.65 101.41
C ILE D 466 -28.37 -7.82 101.78
N VAL D 467 -28.59 -6.60 102.27
CA VAL D 467 -27.48 -5.74 102.66
C VAL D 467 -26.84 -6.24 103.96
N GLY D 468 -27.67 -6.60 104.93
CA GLY D 468 -27.18 -7.16 106.18
C GLY D 468 -26.61 -6.16 107.16
N VAL D 469 -27.37 -5.12 107.47
CA VAL D 469 -26.92 -4.09 108.40
C VAL D 469 -28.01 -3.80 109.42
N VAL D 470 -27.60 -3.28 110.57
CA VAL D 470 -28.50 -2.95 111.67
C VAL D 470 -29.11 -1.57 111.40
N GLU D 471 -30.33 -1.36 111.87
CA GLU D 471 -30.86 -0.01 111.92
C GLU D 471 -30.06 0.79 112.93
N PRO D 472 -29.50 1.95 112.55
CA PRO D 472 -28.75 2.76 113.52
C PRO D 472 -29.62 3.29 114.66
N VAL D 473 -30.86 3.65 114.36
CA VAL D 473 -31.85 4.08 115.35
C VAL D 473 -33.11 3.28 115.09
N PRO D 474 -33.83 2.80 116.14
CA PRO D 474 -35.14 2.16 115.91
C PRO D 474 -36.12 3.09 115.21
N HIS D 475 -36.71 2.61 114.12
CA HIS D 475 -37.34 3.46 113.13
C HIS D 475 -38.81 3.10 112.94
N ASP D 476 -39.66 4.11 112.91
CA ASP D 476 -41.10 3.97 112.77
C ASP D 476 -41.50 4.08 111.30
N GLU D 477 -42.80 4.26 111.06
CA GLU D 477 -43.32 4.30 109.69
C GLU D 477 -43.30 5.72 109.11
N THR D 478 -43.29 6.73 109.97
CA THR D 478 -43.55 8.12 109.61
C THR D 478 -42.55 8.70 108.60
N TYR D 479 -41.26 8.42 108.72
CA TYR D 479 -40.25 8.99 107.85
C TYR D 479 -40.33 8.39 106.44
N CYS D 480 -39.44 8.85 105.56
CA CYS D 480 -39.38 8.42 104.17
C CYS D 480 -37.93 8.16 103.78
N ASP D 481 -37.25 7.33 104.57
CA ASP D 481 -35.79 7.17 104.44
C ASP D 481 -35.30 6.66 103.09
N PRO D 482 -35.88 5.63 102.45
CA PRO D 482 -35.32 5.20 101.15
C PRO D 482 -35.59 6.15 99.99
N ALA D 483 -36.23 7.30 100.22
CA ALA D 483 -36.43 8.29 99.19
C ALA D 483 -35.41 9.42 99.25
N SER D 484 -34.38 9.29 100.09
CA SER D 484 -33.38 10.33 100.29
C SER D 484 -32.16 10.16 99.41
N LEU D 485 -32.31 9.56 98.23
CA LEU D 485 -31.23 9.33 97.29
C LEU D 485 -31.44 10.17 96.03
N PHE D 486 -30.33 10.52 95.39
CA PHE D 486 -30.39 11.30 94.16
C PHE D 486 -31.09 10.54 93.04
N HIS D 487 -30.97 9.21 93.01
CA HIS D 487 -31.56 8.40 91.96
C HIS D 487 -33.01 8.01 92.25
N VAL D 488 -33.52 8.32 93.44
CA VAL D 488 -34.90 8.03 93.81
C VAL D 488 -35.73 9.30 93.86
N SER D 489 -35.15 10.38 94.40
CA SER D 489 -35.85 11.66 94.48
C SER D 489 -35.89 12.39 93.15
N ASN D 490 -35.19 11.90 92.13
CA ASN D 490 -35.20 12.50 90.80
C ASN D 490 -35.73 11.55 89.74
N ASP D 491 -36.31 10.42 90.14
CA ASP D 491 -36.98 9.46 89.26
C ASP D 491 -36.03 8.92 88.18
N TYR D 492 -35.02 8.19 88.65
CA TYR D 492 -34.02 7.60 87.78
C TYR D 492 -33.92 6.10 88.02
N SER D 493 -33.67 5.37 86.94
CA SER D 493 -33.45 3.94 87.03
C SER D 493 -32.10 3.65 87.68
N PHE D 494 -32.04 2.55 88.43
CA PHE D 494 -30.86 2.24 89.22
C PHE D 494 -30.26 0.87 88.91
N ILE D 495 -30.99 0.01 88.18
CA ILE D 495 -30.47 -1.30 87.80
C ILE D 495 -29.39 -1.22 86.72
N ARG D 496 -29.20 -0.03 86.15
CA ARG D 496 -28.19 0.19 85.12
C ARG D 496 -26.78 -0.12 85.63
N TYR D 497 -26.50 0.11 86.92
CA TYR D 497 -25.17 -0.17 87.46
C TYR D 497 -24.93 -1.67 87.61
N TYR D 498 -25.95 -2.42 88.04
CA TYR D 498 -25.85 -3.88 88.09
C TYR D 498 -25.63 -4.47 86.70
N THR D 499 -26.44 -4.01 85.73
CA THR D 499 -26.27 -4.44 84.34
C THR D 499 -24.90 -4.05 83.82
N ARG D 500 -24.43 -2.85 84.19
CA ARG D 500 -23.12 -2.35 83.78
C ARG D 500 -22.00 -3.25 84.26
N THR D 501 -22.00 -3.59 85.56
CA THR D 501 -20.93 -4.42 86.11
C THR D 501 -20.95 -5.83 85.51
N LEU D 502 -22.12 -6.47 85.51
CA LEU D 502 -22.14 -7.85 85.07
C LEU D 502 -22.17 -8.01 83.55
N TYR D 503 -22.22 -6.92 82.79
CA TYR D 503 -21.93 -7.01 81.37
C TYR D 503 -20.53 -6.54 81.02
N GLN D 504 -19.95 -5.64 81.81
CA GLN D 504 -18.59 -5.21 81.55
C GLN D 504 -17.60 -6.30 81.91
N PHE D 505 -17.92 -7.15 82.89
CA PHE D 505 -17.03 -8.27 83.16
C PHE D 505 -17.12 -9.34 82.08
N GLN D 506 -18.32 -9.55 81.51
CA GLN D 506 -18.46 -10.41 80.34
C GLN D 506 -17.64 -9.86 79.17
N PHE D 507 -17.73 -8.56 78.93
CA PHE D 507 -16.96 -7.93 77.86
C PHE D 507 -15.46 -8.06 78.10
N GLN D 508 -15.03 -7.87 79.35
CA GLN D 508 -13.62 -7.95 79.71
C GLN D 508 -13.06 -9.35 79.48
N GLU D 509 -13.77 -10.38 79.97
CA GLU D 509 -13.29 -11.74 79.78
C GLU D 509 -13.32 -12.15 78.31
N ALA D 510 -14.34 -11.70 77.57
CA ALA D 510 -14.41 -12.01 76.14
C ALA D 510 -13.26 -11.37 75.38
N LEU D 511 -12.96 -10.09 75.66
CA LEU D 511 -11.88 -9.42 74.93
C LEU D 511 -10.52 -9.99 75.28
N CYS D 512 -10.27 -10.30 76.56
CA CYS D 512 -8.93 -10.75 76.93
C CYS D 512 -8.78 -12.26 76.87
N GLN D 513 -9.83 -13.00 76.50
CA GLN D 513 -9.66 -14.36 76.02
C GLN D 513 -9.56 -14.42 74.51
N ALA D 514 -10.15 -13.45 73.80
CA ALA D 514 -9.98 -13.32 72.37
C ALA D 514 -8.68 -12.63 71.97
N ALA D 515 -7.95 -12.07 72.93
CA ALA D 515 -6.67 -11.41 72.66
C ALA D 515 -5.47 -12.30 72.92
N LYS D 516 -5.69 -13.59 73.14
CA LYS D 516 -4.64 -14.60 73.41
C LYS D 516 -3.78 -14.19 74.60
N HIS D 517 -4.43 -13.91 75.72
CA HIS D 517 -3.77 -13.51 76.95
C HIS D 517 -3.74 -14.69 77.93
N GLU D 518 -2.59 -14.92 78.54
CA GLU D 518 -2.39 -16.00 79.50
C GLU D 518 -2.19 -15.40 80.88
N GLY D 519 -3.03 -15.82 81.84
CA GLY D 519 -2.93 -15.34 83.19
C GLY D 519 -4.27 -15.08 83.82
N PRO D 520 -4.28 -14.49 85.02
CA PRO D 520 -5.54 -14.14 85.68
C PRO D 520 -6.26 -13.02 84.94
N LEU D 521 -7.54 -12.86 85.27
CA LEU D 521 -8.41 -11.98 84.52
C LEU D 521 -8.23 -10.51 84.91
N HIS D 522 -7.61 -10.22 86.05
CA HIS D 522 -7.39 -8.83 86.40
C HIS D 522 -6.18 -8.22 85.71
N LYS D 523 -5.37 -9.04 85.01
CA LYS D 523 -4.21 -8.57 84.28
C LYS D 523 -4.49 -8.36 82.81
N CYS D 524 -5.75 -8.45 82.38
CA CYS D 524 -6.10 -8.34 80.97
C CYS D 524 -5.90 -6.91 80.46
N ASP D 525 -5.33 -6.79 79.27
CA ASP D 525 -5.10 -5.51 78.64
C ASP D 525 -5.37 -5.61 77.14
N ILE D 526 -5.60 -4.46 76.53
CA ILE D 526 -5.91 -4.36 75.10
C ILE D 526 -4.87 -3.55 74.34
N SER D 527 -3.64 -3.46 74.85
CA SER D 527 -2.58 -2.84 74.09
C SER D 527 -2.13 -3.76 72.97
N ASN D 528 -2.00 -3.20 71.76
CA ASN D 528 -1.53 -3.91 70.55
C ASN D 528 -2.39 -5.13 70.23
N SER D 529 -3.71 -4.98 70.29
CA SER D 529 -4.65 -6.07 70.00
C SER D 529 -5.71 -5.53 69.03
N THR D 530 -5.45 -5.67 67.74
CA THR D 530 -6.35 -5.14 66.72
C THR D 530 -7.61 -5.99 66.53
N GLU D 531 -7.49 -7.32 66.69
CA GLU D 531 -8.64 -8.19 66.50
C GLU D 531 -9.69 -7.97 67.59
N ALA D 532 -9.25 -7.79 68.83
CA ALA D 532 -10.18 -7.47 69.91
C ALA D 532 -10.82 -6.10 69.68
N GLY D 533 -10.07 -5.15 69.12
CA GLY D 533 -10.66 -3.88 68.76
C GLY D 533 -11.70 -3.98 67.68
N GLN D 534 -11.47 -4.84 66.68
CA GLN D 534 -12.46 -5.06 65.63
C GLN D 534 -13.72 -5.72 66.18
N LYS D 535 -13.56 -6.72 67.04
CA LYS D 535 -14.72 -7.35 67.67
C LYS D 535 -15.42 -6.42 68.64
N LEU D 536 -14.70 -5.45 69.22
CA LEU D 536 -15.34 -4.42 70.03
C LEU D 536 -16.16 -3.49 69.17
N PHE D 537 -15.59 -3.03 68.05
CA PHE D 537 -16.31 -2.15 67.14
C PHE D 537 -17.51 -2.84 66.51
N ASN D 538 -17.48 -4.18 66.42
CA ASN D 538 -18.63 -4.92 65.89
C ASN D 538 -19.88 -4.72 66.76
N MET D 539 -19.73 -4.70 68.08
CA MET D 539 -20.87 -4.44 68.95
C MET D 539 -21.08 -2.95 69.24
N LEU D 540 -20.03 -2.13 69.13
CA LEU D 540 -20.21 -0.69 69.22
C LEU D 540 -20.99 -0.12 68.04
N ARG D 541 -20.84 -0.71 66.85
CA ARG D 541 -21.48 -0.18 65.66
C ARG D 541 -23.00 -0.40 65.67
N LEU D 542 -23.45 -1.53 66.23
CA LEU D 542 -24.85 -1.93 66.09
C LEU D 542 -25.80 -1.00 66.83
N GLY D 543 -25.49 -0.71 68.09
CA GLY D 543 -26.35 0.20 68.86
C GLY D 543 -27.69 -0.44 69.17
N LYS D 544 -28.77 0.29 68.87
CA LYS D 544 -30.12 -0.18 69.12
C LYS D 544 -30.73 -0.91 67.92
N SER D 545 -29.96 -1.13 66.86
CA SER D 545 -30.48 -1.84 65.69
C SER D 545 -30.75 -3.31 66.04
N GLU D 546 -29.70 -4.04 66.39
CA GLU D 546 -29.90 -5.38 66.91
C GLU D 546 -30.29 -5.32 68.38
N PRO D 547 -31.11 -6.27 68.84
CA PRO D 547 -31.43 -6.32 70.27
C PRO D 547 -30.22 -6.69 71.11
N TRP D 548 -30.19 -6.18 72.34
CA TRP D 548 -29.08 -6.48 73.25
C TRP D 548 -29.07 -7.96 73.65
N THR D 549 -30.23 -8.62 73.62
CA THR D 549 -30.27 -10.07 73.81
C THR D 549 -29.51 -10.78 72.69
N LEU D 550 -29.63 -10.30 71.46
CA LEU D 550 -28.82 -10.79 70.36
C LEU D 550 -27.39 -10.27 70.41
N ALA D 551 -27.21 -9.01 70.86
CA ALA D 551 -25.89 -8.40 70.86
C ALA D 551 -25.00 -8.92 71.99
N LEU D 552 -25.55 -9.65 72.95
CA LEU D 552 -24.74 -10.13 74.06
C LEU D 552 -23.78 -11.24 73.62
N GLU D 553 -24.28 -12.22 72.86
CA GLU D 553 -23.42 -13.31 72.43
C GLU D 553 -22.56 -12.96 71.22
N ASN D 554 -22.74 -11.77 70.64
CA ASN D 554 -21.92 -11.36 69.51
C ASN D 554 -20.48 -11.13 69.91
N VAL D 555 -20.23 -10.85 71.19
CA VAL D 555 -18.86 -10.66 71.67
C VAL D 555 -18.53 -11.70 72.74
N VAL D 556 -19.55 -12.15 73.48
CA VAL D 556 -19.33 -13.03 74.62
C VAL D 556 -19.55 -14.48 74.24
N GLY D 557 -20.76 -14.81 73.81
CA GLY D 557 -21.09 -16.17 73.44
C GLY D 557 -22.32 -16.72 74.17
N ALA D 558 -22.92 -15.91 75.03
CA ALA D 558 -24.06 -16.32 75.83
C ALA D 558 -25.18 -15.28 75.70
N LYS D 559 -26.41 -15.74 75.94
CA LYS D 559 -27.58 -14.87 75.86
C LYS D 559 -28.11 -14.45 77.24
N ASN D 560 -27.90 -15.27 78.26
CA ASN D 560 -28.55 -15.07 79.55
C ASN D 560 -27.65 -14.23 80.45
N MET D 561 -28.19 -13.90 81.63
CA MET D 561 -27.53 -13.01 82.57
C MET D 561 -26.43 -13.77 83.29
N ASN D 562 -25.23 -13.19 83.37
CA ASN D 562 -24.06 -13.94 83.80
C ASN D 562 -23.39 -13.31 85.02
N VAL D 563 -22.93 -14.17 85.93
CA VAL D 563 -22.06 -13.78 87.03
C VAL D 563 -20.72 -14.48 86.98
N ARG D 564 -20.56 -15.51 86.14
CA ARG D 564 -19.30 -16.23 86.04
C ARG D 564 -18.09 -15.38 85.65
N PRO D 565 -18.17 -14.40 84.74
CA PRO D 565 -17.02 -13.48 84.57
C PRO D 565 -16.64 -12.72 85.83
N LEU D 566 -17.61 -12.33 86.66
CA LEU D 566 -17.26 -11.68 87.93
C LEU D 566 -16.63 -12.67 88.90
N LEU D 567 -17.05 -13.94 88.84
CA LEU D 567 -16.39 -14.98 89.63
C LEU D 567 -14.95 -15.18 89.19
N ASN D 568 -14.71 -15.14 87.88
CA ASN D 568 -13.36 -15.34 87.37
C ASN D 568 -12.47 -14.12 87.62
N TYR D 569 -13.05 -12.92 87.64
CA TYR D 569 -12.27 -11.73 87.98
C TYR D 569 -11.89 -11.74 89.45
N PHE D 570 -12.77 -12.23 90.32
CA PHE D 570 -12.58 -12.15 91.76
C PHE D 570 -12.18 -13.48 92.39
N GLU D 571 -11.79 -14.47 91.60
CA GLU D 571 -11.42 -15.76 92.19
C GLU D 571 -10.15 -15.78 93.04
N PRO D 572 -9.07 -15.01 92.76
CA PRO D 572 -7.96 -15.04 93.74
C PRO D 572 -8.33 -14.37 95.05
N LEU D 573 -9.02 -13.23 94.97
CA LEU D 573 -9.57 -12.58 96.14
C LEU D 573 -10.52 -13.49 96.90
N PHE D 574 -11.35 -14.25 96.18
CA PHE D 574 -12.25 -15.20 96.83
C PHE D 574 -11.49 -16.29 97.57
N THR D 575 -10.43 -16.83 96.95
CA THR D 575 -9.66 -17.89 97.60
C THR D 575 -8.92 -17.38 98.83
N TRP D 576 -8.25 -16.22 98.73
CA TRP D 576 -7.52 -15.75 99.90
C TRP D 576 -8.43 -15.13 100.96
N LEU D 577 -9.66 -14.75 100.62
CA LEU D 577 -10.60 -14.36 101.67
C LEU D 577 -11.23 -15.57 102.34
N LYS D 578 -11.37 -16.68 101.62
CA LYS D 578 -11.70 -17.94 102.28
C LYS D 578 -10.58 -18.38 103.21
N ASP D 579 -9.33 -18.17 102.77
CA ASP D 579 -8.18 -18.52 103.61
C ASP D 579 -8.10 -17.63 104.85
N GLN D 580 -8.32 -16.32 104.68
CA GLN D 580 -8.14 -15.40 105.80
C GLN D 580 -9.26 -15.49 106.81
N ASN D 581 -10.51 -15.60 106.34
CA ASN D 581 -11.67 -15.64 107.24
C ASN D 581 -11.82 -17.06 107.78
N LYS D 582 -11.11 -17.32 108.88
CA LYS D 582 -11.16 -18.63 109.53
C LYS D 582 -11.64 -18.57 110.98
N ASN D 583 -11.15 -17.62 111.77
CA ASN D 583 -11.56 -17.50 113.17
C ASN D 583 -12.68 -16.49 113.37
N SER D 584 -13.22 -15.93 112.29
CA SER D 584 -14.34 -15.01 112.35
C SER D 584 -15.55 -15.65 111.70
N PHE D 585 -16.71 -15.49 112.35
CA PHE D 585 -17.92 -16.17 111.88
C PHE D 585 -18.42 -15.56 110.58
N VAL D 586 -18.93 -16.41 109.69
CA VAL D 586 -19.48 -15.98 108.42
C VAL D 586 -21.00 -16.01 108.50
N GLY D 587 -21.64 -15.23 107.65
CA GLY D 587 -23.09 -15.17 107.59
C GLY D 587 -23.66 -14.07 108.46
N TRP D 588 -24.85 -13.63 108.06
CA TRP D 588 -25.59 -12.62 108.81
C TRP D 588 -26.97 -13.14 109.16
N SER D 589 -27.47 -12.76 110.34
CA SER D 589 -28.77 -13.23 110.80
C SER D 589 -29.31 -12.22 111.81
N THR D 590 -30.60 -12.36 112.11
CA THR D 590 -31.34 -11.33 112.86
C THR D 590 -31.29 -11.64 114.36
N ASP D 591 -30.14 -12.14 114.81
CA ASP D 591 -29.93 -12.43 116.22
C ASP D 591 -29.67 -11.17 117.05
N TRP D 592 -29.32 -10.05 116.41
CA TRP D 592 -29.14 -8.81 117.14
C TRP D 592 -30.48 -8.29 117.63
N SER D 593 -30.54 -7.99 118.93
CA SER D 593 -31.68 -7.35 119.55
C SER D 593 -31.31 -5.95 120.02
N PRO D 594 -31.96 -4.91 119.48
CA PRO D 594 -31.63 -3.53 119.85
C PRO D 594 -32.35 -3.08 121.13
#